data_7YG2
#
_entry.id   7YG2
#
loop_
_entity.id
_entity.type
_entity.pdbx_description
1 polymer DBLMSP2
2 polymer 'Immunoglobulin heavy constant mu'
3 polymer 'Immunoglobulin J chain'
4 branched 2-acetamido-2-deoxy-beta-D-glucopyranose-(1-4)-2-acetamido-2-deoxy-beta-D-glucopyranose
5 non-polymer 2-acetamido-2-deoxy-beta-D-glucopyranose
#
loop_
_entity_poly.entity_id
_entity_poly.type
_entity_poly.pdbx_seq_one_letter_code
_entity_poly.pdbx_strand_id
1 'polypeptide(L)'
;TINLGFNKCPTEEICKDFSNLPQCRKNVHERNNWLGSSVKNFSSDNKGVLVPPRRQSLCLRITLQDFRTKKKKEGDFEKF
IYSYASSEARKLRTIHNNNLEKAHQAIRYSFADIGNIIRGDDMMDTPTSKETITYLEKVLKIYNENNDKPKDAKKWWTEN
RHHVWEAMMCGYQSAQKDNQCTGYGNIDDIPQFLRWFREWGTYVCEESEKNMNTLKAVCFPKQPRTEANPALTVHENEMC
SSTLKKYEEWYNKRKTEWTEQSIKYNNDKINYTDIKTLSPSEYLIEKCPECKCTKKNLQDVFELTFD
;
M
2 'polypeptide(L)'
;ASAWSHPQFEKGGGSGGGSGGSAWSHPQFEKIDTTIAELPPKVSVFVPPRDGFFGNPRKSKLICQATGFSPRQIQVSWLR
EGKQVGSGVTTDQVQAEAKESGPTTYKVTSTLTIKESDWLGQSMFTCRVDHRGLTFQQNASSMCVPDQDTAIRVFAIPPS
FASIFLTKSTKLTCLVTDLTTYDSVTISWTRQNGEAVKTHTNISESHPNATFSAVGEASICEDDWNSGERFTCTVTHTDL
PSPLKQTISRPKGVALHRPDVYLLPPAREQLNLRESATITCLVTGFSPADVFVQWMQRGQPLSPEKYVTSAPMPEPQAPG
RYFAHSILTVSEEEWNTGETYTCVVAHEALPNRVTERTVDKSTGKPTLYNVSLVMSDTAGTCY
;
A,B,C,D,E,F,G,H,K,L
3 'polypeptide(L)'
;EDERIVLVDNKCKCARITSRIIRSSEDPNEDIVERNIRIIVPLNNRENISDPTSPLRTRFVYHLSDLCKKCDPTEVELDN
QIVTATQSNICDEDSATETCYTYDRNKCYTAVVPLVYGGETKMVETALTPDACYPD
;
J
#
# COMPACT_ATOMS: atom_id res chain seq x y z
N LYS A 8 -42.90 22.66 -11.91
CA LYS A 8 -41.67 23.41 -11.62
C LYS A 8 -40.49 22.48 -11.35
N CYS A 9 -40.37 21.44 -12.17
CA CYS A 9 -39.27 20.51 -12.03
C CYS A 9 -37.94 21.21 -12.30
N PRO A 10 -36.87 20.85 -11.58
CA PRO A 10 -35.60 21.55 -11.75
C PRO A 10 -34.95 21.24 -13.09
N THR A 11 -34.02 22.12 -13.48
CA THR A 11 -33.29 21.94 -14.71
C THR A 11 -32.34 20.74 -14.60
N GLU A 12 -31.90 20.26 -15.76
CA GLU A 12 -31.14 19.02 -15.80
C GLU A 12 -29.70 19.20 -15.33
N GLU A 13 -29.11 20.37 -15.59
CA GLU A 13 -27.69 20.56 -15.29
C GLU A 13 -27.43 20.60 -13.79
N ILE A 14 -28.32 21.22 -13.01
CA ILE A 14 -28.15 21.18 -11.56
C ILE A 14 -28.40 19.76 -11.04
N CYS A 15 -29.27 19.00 -11.70
CA CYS A 15 -29.48 17.61 -11.31
C CYS A 15 -28.21 16.79 -11.54
N LYS A 16 -27.50 17.05 -12.64
CA LYS A 16 -26.18 16.43 -12.84
C LYS A 16 -25.19 16.90 -11.78
N ASP A 17 -25.21 18.20 -11.44
CA ASP A 17 -24.31 18.72 -10.43
C ASP A 17 -24.61 18.12 -9.06
N PHE A 18 -25.89 17.96 -8.73
CA PHE A 18 -26.28 17.40 -7.45
C PHE A 18 -26.86 16.00 -7.62
N ARG A 31 -37.08 -1.72 11.82
CA ARG A 31 -36.98 -0.98 13.07
C ARG A 31 -38.33 -0.35 13.44
N ASN A 32 -38.57 0.86 12.92
CA ASN A 32 -39.79 1.62 13.17
C ASN A 32 -40.03 1.82 14.67
N ASN A 33 -38.97 2.15 15.39
CA ASN A 33 -39.04 2.38 16.83
C ASN A 33 -38.98 3.89 17.08
N TRP A 34 -40.11 4.46 17.50
CA TRP A 34 -40.15 5.89 17.76
C TRP A 34 -39.41 6.25 19.05
N LEU A 35 -39.54 5.40 20.08
CA LEU A 35 -38.90 5.64 21.35
C LEU A 35 -37.44 5.19 21.32
N GLY A 36 -36.69 5.61 22.34
CA GLY A 36 -35.29 5.25 22.48
C GLY A 36 -34.32 6.21 21.83
N SER A 37 -34.79 7.21 21.10
CA SER A 37 -33.90 8.16 20.46
C SER A 37 -33.39 9.19 21.47
N SER A 38 -32.35 9.92 21.07
CA SER A 38 -31.71 10.90 21.93
C SER A 38 -32.27 12.29 21.66
N VAL A 39 -32.73 12.95 22.72
CA VAL A 39 -33.29 14.30 22.65
C VAL A 39 -32.53 15.19 23.62
N LYS A 40 -32.21 16.40 23.18
CA LYS A 40 -31.48 17.35 24.01
C LYS A 40 -32.32 17.76 25.21
N ASN A 41 -31.82 17.51 26.41
CA ASN A 41 -32.46 17.91 27.67
C ASN A 41 -33.89 17.36 27.76
N PHE A 42 -33.97 16.02 27.82
CA PHE A 42 -35.25 15.34 27.76
C PHE A 42 -36.15 15.71 28.94
N SER A 43 -35.57 15.90 30.12
CA SER A 43 -36.38 16.18 31.30
C SER A 43 -36.60 17.67 31.53
N SER A 44 -35.63 18.50 31.17
CA SER A 44 -35.79 19.95 31.33
C SER A 44 -36.90 20.48 30.42
N ASP A 45 -36.94 20.00 29.18
CA ASP A 45 -37.98 20.39 28.23
C ASP A 45 -38.19 19.24 27.26
N ASN A 46 -39.12 19.42 26.32
CA ASN A 46 -39.41 18.42 25.29
C ASN A 46 -39.77 17.06 25.91
N LYS A 47 -40.56 17.10 26.99
CA LYS A 47 -40.92 15.89 27.72
C LYS A 47 -42.03 15.17 26.98
N GLY A 48 -41.70 14.05 26.33
CA GLY A 48 -42.66 13.25 25.61
C GLY A 48 -42.59 13.32 24.10
N VAL A 49 -41.60 13.99 23.54
CA VAL A 49 -41.46 14.06 22.09
C VAL A 49 -40.84 12.77 21.58
N LEU A 50 -41.29 12.32 20.41
CA LEU A 50 -40.83 11.08 19.81
C LEU A 50 -40.21 11.38 18.44
N VAL A 51 -38.99 10.88 18.23
CA VAL A 51 -38.30 11.10 16.96
C VAL A 51 -38.79 10.07 15.95
N PRO A 52 -39.22 10.51 14.75
CA PRO A 52 -39.68 9.55 13.75
C PRO A 52 -38.54 8.67 13.27
N PRO A 53 -38.84 7.45 12.82
CA PRO A 53 -37.77 6.59 12.26
C PRO A 53 -37.10 7.19 11.04
N ARG A 54 -37.83 7.97 10.24
CA ARG A 54 -37.21 8.65 9.10
C ARG A 54 -36.16 9.64 9.55
N ARG A 55 -36.45 10.40 10.61
CA ARG A 55 -35.45 11.30 11.18
C ARG A 55 -34.31 10.53 11.84
N GLN A 56 -34.62 9.39 12.46
CA GLN A 56 -33.57 8.55 13.03
C GLN A 56 -32.63 8.02 11.96
N SER A 57 -33.19 7.62 10.82
CA SER A 57 -32.40 7.12 9.70
C SER A 57 -32.12 8.20 8.66
N LEU A 58 -32.05 9.45 9.08
CA LEU A 58 -31.78 10.54 8.16
C LEU A 58 -30.35 10.45 7.63
N CYS A 59 -30.20 10.69 6.32
CA CYS A 59 -28.89 10.63 5.67
C CYS A 59 -28.22 12.01 5.74
N LEU A 60 -27.86 12.38 6.96
CA LEU A 60 -27.19 13.67 7.21
C LEU A 60 -26.24 13.47 8.38
N ARG A 61 -24.95 13.30 8.07
CA ARG A 61 -23.92 13.14 9.09
C ARG A 61 -22.76 14.08 8.75
N ILE A 62 -22.56 15.09 9.59
CA ILE A 62 -21.49 16.08 9.41
C ILE A 62 -20.49 15.91 10.54
N THR A 63 -19.24 15.66 10.19
CA THR A 63 -18.16 15.45 11.14
C THR A 63 -17.10 16.54 10.97
N LEU A 64 -16.14 16.54 11.91
CA LEU A 64 -15.05 17.50 11.84
C LEU A 64 -14.17 17.27 10.62
N GLN A 65 -13.91 16.00 10.28
CA GLN A 65 -13.08 15.70 9.12
C GLN A 65 -13.73 16.17 7.82
N ASP A 66 -15.03 15.92 7.67
CA ASP A 66 -15.74 16.36 6.47
C ASP A 66 -15.75 17.88 6.36
N PHE A 67 -16.00 18.57 7.49
CA PHE A 67 -16.00 20.03 7.48
C PHE A 67 -14.62 20.59 7.14
N ARG A 68 -13.56 19.98 7.67
CA ARG A 68 -12.21 20.44 7.39
C ARG A 68 -11.83 20.19 5.93
N THR A 69 -12.26 19.06 5.36
CA THR A 69 -11.94 18.77 3.98
C THR A 69 -12.77 19.60 3.02
N LYS A 70 -13.96 20.03 3.42
CA LYS A 70 -14.85 20.79 2.55
C LYS A 70 -14.74 22.30 2.78
N LYS A 71 -13.83 22.75 3.63
CA LYS A 71 -13.62 24.19 3.85
C LYS A 71 -12.41 24.73 3.10
N LYS A 72 -11.67 23.88 2.39
CA LYS A 72 -10.49 24.34 1.67
C LYS A 72 -10.85 25.08 0.40
N LYS A 73 -11.89 24.65 -0.30
CA LYS A 73 -12.30 25.24 -1.57
C LYS A 73 -13.74 25.73 -1.45
N GLU A 74 -14.01 26.87 -2.07
CA GLU A 74 -15.32 27.51 -1.99
C GLU A 74 -16.40 26.62 -2.61
N GLY A 75 -17.53 26.51 -1.90
CA GLY A 75 -18.69 25.80 -2.41
C GLY A 75 -18.77 24.33 -2.08
N ASP A 76 -17.80 23.77 -1.35
CA ASP A 76 -17.82 22.34 -1.08
C ASP A 76 -18.83 21.97 0.00
N PHE A 77 -19.00 22.83 1.01
CA PHE A 77 -19.88 22.49 2.13
C PHE A 77 -21.35 22.49 1.71
N GLU A 78 -21.76 23.53 0.97
CA GLU A 78 -23.15 23.58 0.50
C GLU A 78 -23.45 22.44 -0.45
N LYS A 79 -22.53 22.15 -1.38
CA LYS A 79 -22.73 21.02 -2.31
C LYS A 79 -22.74 19.69 -1.56
N PHE A 80 -21.96 19.57 -0.49
CA PHE A 80 -21.99 18.38 0.35
C PHE A 80 -23.36 18.23 1.00
N ILE A 81 -23.93 19.33 1.48
CA ILE A 81 -25.27 19.32 2.07
C ILE A 81 -26.30 18.90 1.02
N TYR A 82 -26.18 19.45 -0.19
CA TYR A 82 -27.10 19.05 -1.27
C TYR A 82 -26.94 17.57 -1.62
N SER A 83 -25.71 17.06 -1.62
CA SER A 83 -25.50 15.64 -1.93
C SER A 83 -26.15 14.74 -0.88
N TYR A 84 -25.99 15.09 0.40
CA TYR A 84 -26.67 14.31 1.44
C TYR A 84 -28.19 14.43 1.34
N ALA A 85 -28.71 15.62 1.01
CA ALA A 85 -30.15 15.77 0.82
C ALA A 85 -30.65 14.89 -0.32
N SER A 86 -29.89 14.86 -1.42
CA SER A 86 -30.26 14.02 -2.56
C SER A 86 -30.21 12.54 -2.19
N SER A 87 -29.20 12.13 -1.43
CA SER A 87 -29.12 10.73 -1.01
C SER A 87 -30.29 10.37 -0.10
N GLU A 88 -30.66 11.27 0.82
CA GLU A 88 -31.81 11.02 1.69
C GLU A 88 -33.10 10.94 0.89
N ALA A 89 -33.25 11.81 -0.11
CA ALA A 89 -34.44 11.75 -0.97
C ALA A 89 -34.51 10.44 -1.74
N ARG A 90 -33.37 9.99 -2.28
CA ARG A 90 -33.34 8.73 -3.01
C ARG A 90 -33.70 7.56 -2.08
N LYS A 91 -33.16 7.56 -0.86
CA LYS A 91 -33.48 6.50 0.10
C LYS A 91 -34.97 6.51 0.44
N LEU A 92 -35.53 7.70 0.67
CA LEU A 92 -36.95 7.80 0.99
C LEU A 92 -37.81 7.30 -0.16
N ARG A 93 -37.45 7.65 -1.40
CA ARG A 93 -38.24 7.22 -2.54
C ARG A 93 -38.12 5.71 -2.76
N THR A 94 -36.93 5.14 -2.53
CA THR A 94 -36.79 3.69 -2.64
C THR A 94 -37.49 2.97 -1.50
N ILE A 95 -37.70 3.63 -0.36
CA ILE A 95 -38.43 2.99 0.74
C ILE A 95 -39.94 3.08 0.50
N HIS A 96 -40.45 4.28 0.27
CA HIS A 96 -41.88 4.49 0.04
C HIS A 96 -42.20 4.51 -1.46
N ASN A 97 -41.84 3.42 -2.13
CA ASN A 97 -42.06 3.33 -3.57
C ASN A 97 -43.52 3.05 -3.92
N ASN A 98 -44.26 2.42 -3.02
CA ASN A 98 -45.62 1.98 -3.33
C ASN A 98 -46.57 3.16 -3.48
N ASN A 99 -46.55 4.10 -2.54
CA ASN A 99 -47.48 5.20 -2.51
C ASN A 99 -46.74 6.50 -2.80
N LEU A 100 -47.27 7.30 -3.72
CA LEU A 100 -46.64 8.55 -4.10
C LEU A 100 -46.86 9.63 -3.04
N GLU A 101 -48.05 9.69 -2.46
CA GLU A 101 -48.35 10.72 -1.47
C GLU A 101 -47.50 10.57 -0.22
N LYS A 102 -47.35 9.33 0.28
CA LYS A 102 -46.52 9.10 1.46
C LYS A 102 -45.06 9.43 1.18
N ALA A 103 -44.56 9.07 -0.01
CA ALA A 103 -43.19 9.42 -0.38
C ALA A 103 -43.00 10.92 -0.45
N HIS A 104 -43.95 11.64 -1.06
CA HIS A 104 -43.85 13.08 -1.16
C HIS A 104 -43.89 13.75 0.22
N GLN A 105 -44.74 13.25 1.12
CA GLN A 105 -44.79 13.82 2.46
C GLN A 105 -43.53 13.49 3.25
N ALA A 106 -42.94 12.31 3.03
CA ALA A 106 -41.65 12.00 3.65
C ALA A 106 -40.56 12.93 3.13
N ILE A 107 -40.58 13.23 1.83
CA ILE A 107 -39.64 14.20 1.27
C ILE A 107 -39.82 15.57 1.93
N ARG A 108 -41.08 16.00 2.07
CA ARG A 108 -41.36 17.29 2.69
C ARG A 108 -40.87 17.33 4.13
N TYR A 109 -41.14 16.25 4.88
CA TYR A 109 -40.73 16.19 6.28
C TYR A 109 -39.21 16.20 6.41
N SER A 110 -38.50 15.45 5.56
CA SER A 110 -37.05 15.43 5.63
C SER A 110 -36.44 16.76 5.22
N PHE A 111 -37.05 17.43 4.23
CA PHE A 111 -36.58 18.76 3.85
C PHE A 111 -36.74 19.75 4.98
N ALA A 112 -37.90 19.74 5.66
CA ALA A 112 -38.08 20.65 6.77
C ALA A 112 -37.19 20.27 7.95
N ASP A 113 -36.92 18.97 8.14
CA ASP A 113 -36.01 18.53 9.19
C ASP A 113 -34.60 19.05 8.95
N ILE A 114 -34.08 18.88 7.73
CA ILE A 114 -32.73 19.34 7.44
C ILE A 114 -32.67 20.86 7.47
N GLY A 115 -33.77 21.54 7.11
CA GLY A 115 -33.81 22.99 7.26
C GLY A 115 -33.73 23.42 8.71
N ASN A 116 -34.46 22.74 9.59
CA ASN A 116 -34.39 23.05 11.03
C ASN A 116 -33.01 22.75 11.59
N ILE A 117 -32.38 21.67 11.13
CA ILE A 117 -31.03 21.34 11.57
C ILE A 117 -30.05 22.42 11.13
N ILE A 118 -30.20 22.91 9.89
CA ILE A 118 -29.36 24.00 9.41
C ILE A 118 -29.57 25.25 10.25
N ARG A 119 -30.84 25.57 10.55
CA ARG A 119 -31.14 26.73 11.39
C ARG A 119 -30.77 26.50 12.85
N GLY A 120 -30.41 25.29 13.24
CA GLY A 120 -29.99 25.01 14.60
C GLY A 120 -31.11 24.84 15.60
N ASP A 121 -32.35 24.70 15.15
CA ASP A 121 -33.49 24.53 16.03
C ASP A 121 -33.79 23.07 16.33
N ASP A 122 -32.95 22.15 15.86
CA ASP A 122 -33.17 20.73 16.10
C ASP A 122 -33.00 20.40 17.58
N MET A 123 -33.89 19.56 18.09
CA MET A 123 -33.86 19.12 19.48
C MET A 123 -33.09 17.81 19.67
N MET A 124 -32.51 17.27 18.62
CA MET A 124 -31.77 16.01 18.73
C MET A 124 -30.48 16.22 19.50
N ASP A 125 -30.07 15.20 20.25
CA ASP A 125 -28.85 15.25 21.04
C ASP A 125 -27.61 14.91 20.22
N THR A 126 -27.78 14.61 18.94
CA THR A 126 -26.65 14.28 18.09
C THR A 126 -25.75 15.50 17.90
N PRO A 127 -24.43 15.29 17.83
CA PRO A 127 -23.52 16.42 17.60
C PRO A 127 -23.73 17.12 16.27
N THR A 128 -24.30 16.42 15.27
CA THR A 128 -24.55 17.05 13.98
C THR A 128 -25.53 18.21 14.10
N SER A 129 -26.61 18.02 14.85
CA SER A 129 -27.63 19.06 14.99
C SER A 129 -27.07 20.29 15.70
N LYS A 130 -26.23 20.08 16.71
CA LYS A 130 -25.66 21.19 17.48
C LYS A 130 -24.39 21.75 16.89
N GLU A 131 -23.83 21.13 15.84
CA GLU A 131 -22.57 21.55 15.27
C GLU A 131 -22.63 22.03 13.84
N THR A 132 -23.65 21.63 13.07
CA THR A 132 -23.71 22.06 11.68
C THR A 132 -24.01 23.55 11.58
N ILE A 133 -24.71 24.11 12.56
CA ILE A 133 -24.93 25.56 12.59
C ILE A 133 -23.61 26.30 12.79
N THR A 134 -22.76 25.80 13.70
CA THR A 134 -21.46 26.40 13.91
C THR A 134 -20.57 26.25 12.67
N TYR A 135 -20.65 25.09 12.02
CA TYR A 135 -19.88 24.88 10.79
C TYR A 135 -20.31 25.84 9.70
N LEU A 136 -21.63 26.04 9.55
CA LEU A 136 -22.12 26.97 8.54
C LEU A 136 -21.74 28.42 8.87
N GLU A 137 -21.81 28.79 10.15
CA GLU A 137 -21.36 30.12 10.56
C GLU A 137 -19.89 30.34 10.21
N LYS A 138 -19.05 29.35 10.52
CA LYS A 138 -17.63 29.48 10.24
C LYS A 138 -17.35 29.55 8.74
N VAL A 139 -18.05 28.72 7.95
CA VAL A 139 -17.85 28.71 6.51
C VAL A 139 -18.28 30.04 5.90
N LEU A 140 -19.43 30.57 6.33
CA LEU A 140 -19.90 31.84 5.79
C LEU A 140 -19.02 33.00 6.26
N LYS A 141 -18.42 32.87 7.45
CA LYS A 141 -17.55 33.93 7.95
C LYS A 141 -16.22 33.96 7.22
N ILE A 142 -15.63 32.80 6.96
CA ILE A 142 -14.31 32.77 6.34
C ILE A 142 -14.34 33.03 4.84
N TYR A 143 -15.51 33.01 4.22
CA TYR A 143 -15.61 33.13 2.77
C TYR A 143 -16.45 34.30 2.29
N ASN A 144 -17.35 34.84 3.10
CA ASN A 144 -18.24 35.92 2.71
C ASN A 144 -17.98 37.19 3.53
N GLU A 145 -16.70 37.53 3.72
CA GLU A 145 -16.35 38.74 4.46
C GLU A 145 -16.82 39.99 3.72
N ASN A 146 -16.64 40.03 2.41
CA ASN A 146 -17.05 41.17 1.60
C ASN A 146 -18.00 40.78 0.47
N ASN A 147 -18.54 39.56 0.50
CA ASN A 147 -19.45 39.11 -0.54
C ASN A 147 -20.84 39.70 -0.41
N ASP A 148 -21.15 40.29 0.75
CA ASP A 148 -22.43 40.92 1.12
C ASP A 148 -23.56 39.90 1.28
N LYS A 149 -23.30 38.61 1.06
CA LYS A 149 -24.30 37.60 1.32
C LYS A 149 -24.50 37.44 2.83
N PRO A 150 -25.69 37.03 3.28
CA PRO A 150 -25.91 36.81 4.71
C PRO A 150 -24.96 35.75 5.25
N LYS A 151 -24.46 36.00 6.46
CA LYS A 151 -23.48 35.12 7.08
C LYS A 151 -24.06 34.24 8.17
N ASP A 152 -25.29 34.49 8.61
CA ASP A 152 -25.93 33.69 9.63
C ASP A 152 -26.74 32.56 9.00
N ALA A 153 -26.97 31.51 9.80
CA ALA A 153 -27.62 30.30 9.28
C ALA A 153 -29.08 30.55 8.93
N LYS A 154 -29.78 31.37 9.72
CA LYS A 154 -31.20 31.57 9.51
C LYS A 154 -31.48 32.27 8.18
N LYS A 155 -30.80 33.38 7.93
CA LYS A 155 -31.00 34.08 6.66
C LYS A 155 -30.44 33.30 5.48
N TRP A 156 -29.37 32.53 5.69
CA TRP A 156 -28.86 31.69 4.63
C TRP A 156 -29.88 30.63 4.22
N TRP A 157 -30.57 30.04 5.20
CA TRP A 157 -31.64 29.11 4.88
C TRP A 157 -32.81 29.83 4.23
N THR A 158 -33.10 31.05 4.68
CA THR A 158 -34.23 31.80 4.13
C THR A 158 -34.02 32.11 2.65
N GLU A 159 -32.83 32.57 2.27
CA GLU A 159 -32.57 32.91 0.88
C GLU A 159 -32.34 31.66 0.01
N ASN A 160 -31.73 30.62 0.58
CA ASN A 160 -31.33 29.45 -0.19
C ASN A 160 -32.20 28.23 0.08
N ARG A 161 -33.44 28.43 0.54
CA ARG A 161 -34.34 27.29 0.74
C ARG A 161 -34.76 26.68 -0.59
N HIS A 162 -34.79 27.47 -1.66
CA HIS A 162 -35.18 26.95 -2.96
C HIS A 162 -34.09 26.08 -3.56
N HIS A 163 -32.82 26.43 -3.36
CA HIS A 163 -31.72 25.65 -3.92
C HIS A 163 -31.68 24.25 -3.32
N VAL A 164 -31.85 24.14 -2.00
CA VAL A 164 -31.89 22.83 -1.36
C VAL A 164 -33.07 22.02 -1.88
N TRP A 165 -34.22 22.68 -2.07
CA TRP A 165 -35.40 22.00 -2.60
C TRP A 165 -35.13 21.45 -3.99
N GLU A 166 -34.56 22.26 -4.88
CA GLU A 166 -34.30 21.79 -6.24
C GLU A 166 -33.28 20.67 -6.26
N ALA A 167 -32.22 20.78 -5.45
CA ALA A 167 -31.23 19.72 -5.40
C ALA A 167 -31.81 18.40 -4.90
N MET A 168 -32.63 18.46 -3.85
CA MET A 168 -33.15 17.23 -3.29
C MET A 168 -34.29 16.68 -4.15
N MET A 169 -34.98 17.53 -4.92
CA MET A 169 -35.91 17.04 -5.93
C MET A 169 -35.16 16.35 -7.07
N CYS A 170 -33.98 16.85 -7.44
CA CYS A 170 -33.13 16.12 -8.39
C CYS A 170 -32.74 14.76 -7.84
N GLY A 171 -32.37 14.71 -6.56
CA GLY A 171 -32.03 13.43 -5.95
C GLY A 171 -33.22 12.47 -5.93
N TYR A 172 -34.42 13.01 -5.70
CA TYR A 172 -35.63 12.21 -5.77
C TYR A 172 -35.88 11.68 -7.18
N GLN A 173 -35.65 12.53 -8.19
CA GLN A 173 -35.96 12.14 -9.56
C GLN A 173 -35.00 11.10 -10.11
N SER A 174 -33.81 10.95 -9.53
CA SER A 174 -32.86 9.99 -10.05
C SER A 174 -33.20 8.56 -9.64
N ALA A 175 -34.07 8.40 -8.64
CA ALA A 175 -34.37 7.06 -8.12
C ALA A 175 -35.16 6.23 -9.13
N GLN A 176 -36.24 6.79 -9.68
CA GLN A 176 -37.10 6.05 -10.61
C GLN A 176 -37.60 6.91 -11.77
N LYS A 177 -37.00 8.07 -12.01
CA LYS A 177 -37.37 8.96 -13.13
C LYS A 177 -38.84 9.37 -13.04
N ASP A 178 -39.18 10.00 -11.93
CA ASP A 178 -40.55 10.45 -11.69
C ASP A 178 -40.76 11.84 -12.27
N ASN A 179 -41.80 11.98 -13.09
CA ASN A 179 -42.11 13.26 -13.71
C ASN A 179 -42.76 14.25 -12.74
N GLN A 180 -43.51 13.74 -11.76
CA GLN A 180 -44.24 14.61 -10.84
C GLN A 180 -43.28 15.41 -9.96
N CYS A 181 -43.59 16.69 -9.78
CA CYS A 181 -42.81 17.58 -8.95
C CYS A 181 -43.75 18.36 -8.03
N THR A 182 -43.25 18.68 -6.84
CA THR A 182 -44.04 19.38 -5.84
C THR A 182 -43.16 20.43 -5.17
N GLY A 183 -43.80 21.53 -4.74
CA GLY A 183 -43.12 22.57 -3.99
C GLY A 183 -43.16 22.28 -2.50
N TYR A 184 -42.34 23.02 -1.75
CA TYR A 184 -42.28 22.84 -0.30
C TYR A 184 -43.58 23.29 0.37
N GLY A 185 -44.18 24.38 -0.13
CA GLY A 185 -45.50 24.79 0.33
C GLY A 185 -45.62 25.13 1.79
N ASN A 186 -44.69 25.94 2.31
CA ASN A 186 -44.70 26.44 3.68
C ASN A 186 -44.67 25.25 4.65
N ILE A 187 -43.49 24.63 4.69
CA ILE A 187 -43.25 23.50 5.59
C ILE A 187 -42.14 23.76 6.60
N ASP A 188 -41.15 24.59 6.27
CA ASP A 188 -39.97 24.74 7.12
C ASP A 188 -40.25 25.55 8.38
N ASP A 189 -41.14 26.55 8.31
CA ASP A 189 -41.39 27.39 9.47
C ASP A 189 -42.18 26.68 10.56
N ILE A 190 -42.82 25.55 10.26
CA ILE A 190 -43.44 24.74 11.32
C ILE A 190 -42.36 24.19 12.24
N PRO A 191 -42.54 24.25 13.56
CA PRO A 191 -41.55 23.70 14.48
C PRO A 191 -41.42 22.19 14.31
N GLN A 192 -40.26 21.67 14.72
CA GLN A 192 -39.95 20.25 14.52
C GLN A 192 -40.91 19.36 15.27
N PHE A 193 -41.31 19.76 16.48
CA PHE A 193 -42.28 18.97 17.24
C PHE A 193 -43.60 18.84 16.49
N LEU A 194 -44.12 19.95 15.95
CA LEU A 194 -45.41 19.90 15.28
C LEU A 194 -45.36 19.01 14.04
N ARG A 195 -44.26 19.09 13.28
CA ARG A 195 -44.12 18.23 12.11
C ARG A 195 -44.00 16.77 12.49
N TRP A 196 -43.22 16.45 13.52
CA TRP A 196 -43.13 15.07 14.00
C TRP A 196 -44.49 14.57 14.48
N PHE A 197 -45.25 15.44 15.16
CA PHE A 197 -46.58 15.11 15.62
C PHE A 197 -47.52 14.83 14.45
N ARG A 198 -47.42 15.63 13.39
CA ARG A 198 -48.24 15.39 12.20
C ARG A 198 -47.89 14.07 11.53
N GLU A 199 -46.59 13.76 11.43
CA GLU A 199 -46.17 12.49 10.83
C GLU A 199 -46.67 11.30 11.66
N TRP A 200 -46.53 11.39 12.97
CA TRP A 200 -47.02 10.35 13.86
C TRP A 200 -48.53 10.20 13.74
N GLY A 201 -49.25 11.32 13.64
CA GLY A 201 -50.69 11.25 13.49
C GLY A 201 -51.12 10.62 12.18
N THR A 202 -50.40 10.93 11.09
CA THR A 202 -50.70 10.31 9.80
C THR A 202 -50.51 8.81 9.86
N TYR A 203 -49.37 8.36 10.40
CA TYR A 203 -49.09 6.93 10.50
C TYR A 203 -50.13 6.24 11.37
N VAL A 204 -50.44 6.84 12.53
CA VAL A 204 -51.38 6.25 13.47
C VAL A 204 -52.78 6.18 12.86
N CYS A 205 -53.20 7.25 12.17
CA CYS A 205 -54.54 7.25 11.57
C CYS A 205 -54.66 6.24 10.45
N GLU A 206 -53.62 6.10 9.61
CA GLU A 206 -53.66 5.10 8.55
C GLU A 206 -53.74 3.69 9.12
N GLU A 207 -52.87 3.40 10.10
CA GLU A 207 -52.88 2.07 10.71
C GLU A 207 -54.18 1.83 11.47
N SER A 208 -54.76 2.86 12.09
CA SER A 208 -56.02 2.71 12.80
C SER A 208 -57.16 2.42 11.84
N GLU A 209 -57.19 3.11 10.70
CA GLU A 209 -58.21 2.82 9.69
C GLU A 209 -58.10 1.38 9.21
N LYS A 210 -56.86 0.92 8.93
CA LYS A 210 -56.67 -0.45 8.48
C LYS A 210 -57.11 -1.46 9.54
N ASN A 211 -56.67 -1.25 10.79
CA ASN A 211 -56.99 -2.21 11.85
C ASN A 211 -58.48 -2.23 12.16
N MET A 212 -59.13 -1.07 12.21
CA MET A 212 -60.55 -1.02 12.49
C MET A 212 -61.37 -1.63 11.34
N ASN A 213 -60.94 -1.41 10.09
CA ASN A 213 -61.61 -2.04 8.97
C ASN A 213 -61.50 -3.57 9.07
N THR A 214 -60.30 -4.08 9.37
CA THR A 214 -60.12 -5.52 9.50
C THR A 214 -60.94 -6.08 10.66
N LEU A 215 -60.95 -5.36 11.79
CA LEU A 215 -61.69 -5.82 12.96
C LEU A 215 -63.20 -5.85 12.69
N LYS A 216 -63.72 -4.81 12.04
CA LYS A 216 -65.14 -4.80 11.70
C LYS A 216 -65.47 -5.87 10.67
N ALA A 217 -64.50 -6.22 9.81
CA ALA A 217 -64.74 -7.27 8.82
C ALA A 217 -64.77 -8.65 9.46
N VAL A 218 -63.87 -8.92 10.41
CA VAL A 218 -63.70 -10.28 10.89
C VAL A 218 -64.49 -10.57 12.16
N CYS A 219 -64.77 -9.55 12.98
CA CYS A 219 -65.39 -9.78 14.29
C CYS A 219 -66.79 -9.20 14.40
N PHE A 220 -67.20 -8.31 13.51
CA PHE A 220 -68.53 -7.68 13.55
C PHE A 220 -69.23 -7.97 12.23
N PRO A 221 -69.84 -9.16 12.10
CA PRO A 221 -70.54 -9.54 10.87
C PRO A 221 -71.99 -9.10 10.87
N GLU A 236 -63.30 -18.86 13.27
CA GLU A 236 -63.82 -17.50 13.43
C GLU A 236 -63.38 -16.92 14.77
N ASN A 237 -63.62 -17.67 15.85
CA ASN A 237 -63.28 -17.19 17.18
C ASN A 237 -61.77 -17.07 17.36
N GLU A 238 -60.99 -18.00 16.80
CA GLU A 238 -59.54 -17.91 16.91
C GLU A 238 -58.99 -16.71 16.15
N MET A 239 -59.56 -16.42 14.97
CA MET A 239 -59.13 -15.25 14.21
C MET A 239 -59.51 -13.97 14.94
N CYS A 240 -60.71 -13.93 15.53
CA CYS A 240 -61.12 -12.77 16.29
C CYS A 240 -60.23 -12.55 17.50
N SER A 241 -59.86 -13.64 18.19
CA SER A 241 -58.95 -13.52 19.34
C SER A 241 -57.57 -13.04 18.90
N SER A 242 -57.06 -13.55 17.78
CA SER A 242 -55.74 -13.13 17.32
C SER A 242 -55.73 -11.65 16.93
N THR A 243 -56.75 -11.21 16.18
CA THR A 243 -56.79 -9.81 15.79
C THR A 243 -57.07 -8.90 16.98
N LEU A 244 -57.82 -9.40 17.99
CA LEU A 244 -58.02 -8.64 19.21
C LEU A 244 -56.72 -8.46 19.99
N LYS A 245 -55.92 -9.54 20.07
CA LYS A 245 -54.63 -9.43 20.74
C LYS A 245 -53.70 -8.47 20.02
N LYS A 246 -53.68 -8.53 18.68
CA LYS A 246 -52.86 -7.60 17.92
C LYS A 246 -53.33 -6.16 18.11
N TYR A 247 -54.64 -5.93 18.11
CA TYR A 247 -55.17 -4.59 18.32
C TYR A 247 -54.86 -4.09 19.72
N GLU A 248 -54.97 -4.95 20.73
CA GLU A 248 -54.65 -4.53 22.10
C GLU A 248 -53.17 -4.18 22.24
N GLU A 249 -52.29 -4.97 21.63
CA GLU A 249 -50.85 -4.64 21.69
C GLU A 249 -50.55 -3.32 21.01
N TRP A 250 -51.11 -3.13 19.80
CA TRP A 250 -50.87 -1.89 19.07
C TRP A 250 -51.44 -0.70 19.83
N TYR A 251 -52.63 -0.86 20.40
CA TYR A 251 -53.26 0.21 21.17
C TYR A 251 -52.45 0.51 22.43
N ASN A 252 -51.90 -0.51 23.07
CA ASN A 252 -51.10 -0.29 24.28
C ASN A 252 -49.84 0.49 23.96
N LYS A 253 -49.19 0.19 22.83
CA LYS A 253 -48.02 1.00 22.44
C LYS A 253 -48.43 2.42 22.08
N ARG A 254 -49.44 2.56 21.21
CA ARG A 254 -49.80 3.87 20.70
C ARG A 254 -50.51 4.75 21.71
N LYS A 255 -51.08 4.17 22.78
CA LYS A 255 -51.66 5.00 23.83
C LYS A 255 -50.59 5.65 24.67
N THR A 256 -49.52 4.92 24.99
CA THR A 256 -48.38 5.52 25.65
C THR A 256 -47.74 6.59 24.78
N GLU A 257 -47.59 6.30 23.48
CA GLU A 257 -47.08 7.32 22.56
C GLU A 257 -47.98 8.55 22.51
N TRP A 258 -49.30 8.32 22.46
CA TRP A 258 -50.29 9.40 22.44
C TRP A 258 -50.19 10.26 23.68
N THR A 259 -50.09 9.63 24.85
CA THR A 259 -49.99 10.38 26.10
C THR A 259 -48.70 11.20 26.14
N GLU A 260 -47.58 10.62 25.72
CA GLU A 260 -46.32 11.36 25.72
C GLU A 260 -46.40 12.58 24.81
N GLN A 261 -46.87 12.38 23.57
CA GLN A 261 -46.97 13.50 22.65
C GLN A 261 -48.01 14.53 23.10
N SER A 262 -49.08 14.08 23.76
CA SER A 262 -50.11 15.01 24.22
C SER A 262 -49.60 15.89 25.36
N ILE A 263 -48.90 15.30 26.33
CA ILE A 263 -48.34 16.12 27.41
C ILE A 263 -47.25 17.04 26.88
N LYS A 264 -46.47 16.58 25.90
CA LYS A 264 -45.49 17.48 25.29
C LYS A 264 -46.17 18.65 24.59
N TYR A 265 -47.25 18.38 23.87
CA TYR A 265 -48.00 19.44 23.21
C TYR A 265 -48.59 20.41 24.24
N ASN A 266 -49.11 19.89 25.35
CA ASN A 266 -49.66 20.73 26.39
C ASN A 266 -48.59 21.62 27.03
N ASN A 267 -47.37 21.11 27.17
CA ASN A 267 -46.28 21.97 27.66
C ASN A 267 -45.81 22.95 26.60
N ASP A 268 -46.05 22.66 25.32
CA ASP A 268 -45.51 23.49 24.23
C ASP A 268 -46.61 23.93 23.28
N LYS A 269 -47.72 24.47 23.83
CA LYS A 269 -48.76 25.07 23.01
C LYS A 269 -49.09 26.50 23.38
N ILE A 270 -48.64 27.00 24.53
CA ILE A 270 -48.97 28.35 24.94
C ILE A 270 -48.16 29.40 24.18
N ASN A 271 -47.06 29.00 23.54
CA ASN A 271 -46.23 29.95 22.82
C ASN A 271 -46.94 30.49 21.58
N TYR A 272 -47.65 29.63 20.86
CA TYR A 272 -48.34 30.01 19.64
C TYR A 272 -49.83 30.13 19.93
N THR A 273 -50.40 31.30 19.61
CA THR A 273 -51.81 31.54 19.87
C THR A 273 -52.72 30.83 18.89
N ASP A 274 -52.21 30.46 17.70
CA ASP A 274 -53.04 29.80 16.71
C ASP A 274 -53.36 28.35 17.09
N ILE A 275 -52.48 27.72 17.86
CA ILE A 275 -52.67 26.34 18.30
C ILE A 275 -52.89 26.24 19.82
N LYS A 276 -53.07 27.38 20.49
CA LYS A 276 -53.22 27.36 21.94
C LYS A 276 -54.60 26.88 22.37
N THR A 277 -55.63 27.16 21.57
CA THR A 277 -57.00 26.86 21.95
C THR A 277 -57.52 25.52 21.44
N LEU A 278 -56.68 24.73 20.77
CA LEU A 278 -57.12 23.48 20.17
C LEU A 278 -56.51 22.28 20.88
N SER A 279 -57.34 21.25 21.09
CA SER A 279 -56.85 19.98 21.60
C SER A 279 -56.01 19.28 20.53
N PRO A 280 -55.11 18.37 20.94
CA PRO A 280 -54.28 17.69 19.93
C PRO A 280 -55.08 16.91 18.89
N SER A 281 -56.14 16.22 19.31
CA SER A 281 -56.92 15.42 18.39
C SER A 281 -57.66 16.29 17.38
N GLU A 282 -58.31 17.36 17.85
CA GLU A 282 -59.01 18.24 16.92
C GLU A 282 -58.05 19.05 16.07
N TYR A 283 -56.84 19.32 16.58
CA TYR A 283 -55.83 19.98 15.76
C TYR A 283 -55.36 19.07 14.63
N LEU A 284 -55.20 17.78 14.92
CA LEU A 284 -54.89 16.82 13.85
C LEU A 284 -56.04 16.67 12.88
N ILE A 285 -57.28 16.70 13.37
CA ILE A 285 -58.44 16.50 12.49
C ILE A 285 -58.63 17.70 11.56
N GLU A 286 -58.52 18.91 12.10
CA GLU A 286 -58.93 20.11 11.36
C GLU A 286 -57.81 20.72 10.54
N LYS A 287 -56.72 21.13 11.19
CA LYS A 287 -55.67 21.87 10.50
C LYS A 287 -54.73 20.99 9.68
N CYS A 288 -54.85 19.67 9.76
CA CYS A 288 -54.02 18.79 8.97
C CYS A 288 -54.83 18.24 7.80
N PRO A 289 -54.58 18.68 6.57
CA PRO A 289 -55.41 18.19 5.45
C PRO A 289 -55.08 16.76 5.06
N GLU A 290 -53.81 16.40 5.03
CA GLU A 290 -53.37 15.08 4.57
C GLU A 290 -53.35 14.04 5.67
N CYS A 291 -53.73 14.40 6.90
CA CYS A 291 -53.72 13.43 7.99
C CYS A 291 -54.79 12.36 7.83
N LYS A 292 -55.90 12.71 7.19
CA LYS A 292 -57.04 11.81 6.99
C LYS A 292 -57.56 11.27 8.32
N CYS A 293 -57.57 12.13 9.34
CA CYS A 293 -57.99 11.76 10.68
C CYS A 293 -59.38 12.32 10.96
N THR A 294 -60.30 11.44 11.35
CA THR A 294 -61.67 11.81 11.67
C THR A 294 -61.92 11.65 13.17
N LYS A 295 -63.17 11.87 13.57
CA LYS A 295 -63.55 11.68 14.97
C LYS A 295 -63.37 10.23 15.39
N LYS A 296 -63.96 9.30 14.63
CA LYS A 296 -63.89 7.89 14.97
C LYS A 296 -62.48 7.33 14.82
N ASN A 297 -61.73 7.81 13.83
CA ASN A 297 -60.39 7.29 13.59
C ASN A 297 -59.44 7.59 14.74
N LEU A 298 -59.50 8.80 15.29
CA LEU A 298 -58.53 9.22 16.30
C LEU A 298 -59.16 9.48 17.66
N GLN A 299 -60.15 10.37 17.74
CA GLN A 299 -60.60 10.85 19.05
C GLN A 299 -61.40 9.78 19.78
N ASP A 300 -62.33 9.11 19.09
CA ASP A 300 -63.18 8.10 19.71
C ASP A 300 -62.40 6.87 20.17
N VAL A 301 -61.17 6.68 19.68
CA VAL A 301 -60.36 5.55 20.11
C VAL A 301 -59.26 5.95 21.09
N PHE A 302 -58.78 7.20 21.05
CA PHE A 302 -57.71 7.63 21.95
C PHE A 302 -58.25 8.45 23.12
N GLU A 303 -58.96 9.55 22.84
CA GLU A 303 -59.44 10.41 23.91
C GLU A 303 -60.67 9.86 24.61
N LEU A 304 -61.37 8.90 23.97
CA LEU A 304 -62.57 8.28 24.53
C LEU A 304 -63.63 9.30 24.91
N ILE B 152 -48.64 -9.27 61.05
CA ILE B 152 -48.90 -10.18 59.94
C ILE B 152 -48.87 -9.42 58.63
N ARG B 153 -47.76 -9.54 57.89
CA ARG B 153 -47.58 -8.89 56.61
C ARG B 153 -47.43 -9.95 55.52
N VAL B 154 -48.19 -9.79 54.44
CA VAL B 154 -48.21 -10.74 53.33
C VAL B 154 -47.53 -10.11 52.13
N PHE B 155 -46.67 -10.89 51.46
CA PHE B 155 -45.97 -10.45 50.26
C PHE B 155 -46.35 -11.39 49.13
N ALA B 156 -46.89 -10.84 48.05
CA ALA B 156 -47.29 -11.62 46.89
C ALA B 156 -46.40 -11.28 45.71
N ILE B 157 -45.79 -12.30 45.12
CA ILE B 157 -44.92 -12.14 43.96
C ILE B 157 -45.73 -12.49 42.71
N PRO B 158 -45.85 -11.58 41.74
CA PRO B 158 -46.58 -11.91 40.52
C PRO B 158 -45.85 -12.96 39.71
N PRO B 159 -46.57 -13.82 38.99
CA PRO B 159 -45.90 -14.84 38.15
C PRO B 159 -45.25 -14.18 36.93
N SER B 160 -43.95 -14.37 36.80
CA SER B 160 -43.23 -13.85 35.64
C SER B 160 -43.58 -14.66 34.40
N PHE B 161 -43.27 -14.08 33.24
CA PHE B 161 -43.57 -14.74 31.97
C PHE B 161 -42.75 -16.02 31.77
N ALA B 162 -41.62 -16.14 32.45
CA ALA B 162 -40.86 -17.38 32.39
C ALA B 162 -41.66 -18.55 32.97
N SER B 163 -42.36 -18.31 34.08
CA SER B 163 -43.24 -19.32 34.63
C SER B 163 -44.45 -19.56 33.72
N ILE B 164 -44.89 -18.54 32.99
CA ILE B 164 -45.99 -18.70 32.06
C ILE B 164 -45.60 -19.62 30.91
N PHE B 165 -44.40 -19.45 30.37
CA PHE B 165 -43.97 -20.16 29.17
C PHE B 165 -43.35 -21.53 29.50
N LEU B 166 -42.32 -21.54 30.34
CA LEU B 166 -41.59 -22.77 30.61
C LEU B 166 -42.45 -23.78 31.35
N THR B 167 -43.09 -23.37 32.44
CA THR B 167 -43.89 -24.29 33.24
C THR B 167 -45.24 -24.60 32.58
N LYS B 168 -45.76 -23.67 31.79
CA LYS B 168 -47.08 -23.74 31.15
C LYS B 168 -48.21 -23.83 32.16
N SER B 169 -47.97 -23.44 33.41
CA SER B 169 -49.00 -23.41 34.45
C SER B 169 -48.66 -22.29 35.40
N THR B 170 -49.56 -21.30 35.51
CA THR B 170 -49.31 -20.13 36.34
C THR B 170 -49.65 -20.47 37.80
N LYS B 171 -48.61 -20.63 38.61
CA LYS B 171 -48.78 -20.84 40.03
C LYS B 171 -48.64 -19.51 40.76
N LEU B 172 -49.63 -19.17 41.57
CA LEU B 172 -49.67 -17.90 42.29
C LEU B 172 -49.48 -18.18 43.77
N THR B 173 -48.51 -17.50 44.39
CA THR B 173 -48.19 -17.68 45.80
C THR B 173 -48.06 -16.32 46.47
N CYS B 174 -48.30 -16.30 47.78
CA CYS B 174 -48.17 -15.09 48.58
C CYS B 174 -47.59 -15.48 49.94
N LEU B 175 -46.26 -15.42 50.06
CA LEU B 175 -45.62 -15.77 51.32
C LEU B 175 -45.92 -14.72 52.37
N VAL B 176 -46.18 -15.17 53.60
CA VAL B 176 -46.58 -14.29 54.70
C VAL B 176 -45.49 -14.38 55.76
N THR B 177 -44.79 -13.28 55.99
CA THR B 177 -43.77 -13.24 57.02
C THR B 177 -44.37 -12.74 58.34
N ASP B 178 -43.56 -12.83 59.40
CA ASP B 178 -43.95 -12.43 60.76
C ASP B 178 -45.23 -13.14 61.21
N LEU B 179 -45.32 -14.43 60.93
CA LEU B 179 -46.49 -15.23 61.26
C LEU B 179 -46.05 -16.50 61.97
N THR B 180 -46.76 -16.84 63.04
CA THR B 180 -46.38 -17.95 63.91
C THR B 180 -46.95 -19.27 63.40
N THR B 181 -46.33 -20.36 63.84
CA THR B 181 -46.65 -21.70 63.34
C THR B 181 -47.92 -22.21 64.04
N TYR B 182 -49.04 -22.19 63.32
CA TYR B 182 -50.30 -22.75 63.80
C TYR B 182 -50.81 -23.92 62.98
N ASP B 183 -50.41 -24.02 61.71
CA ASP B 183 -50.75 -25.14 60.83
C ASP B 183 -52.27 -25.30 60.67
N SER B 184 -52.95 -24.18 60.42
CA SER B 184 -54.38 -24.17 60.13
C SER B 184 -54.64 -23.25 58.95
N VAL B 185 -53.86 -23.42 57.89
CA VAL B 185 -53.89 -22.54 56.71
C VAL B 185 -54.73 -23.18 55.63
N THR B 186 -55.67 -22.42 55.06
CA THR B 186 -56.47 -22.86 53.92
C THR B 186 -56.64 -21.66 52.99
N ILE B 187 -55.74 -21.53 52.02
CA ILE B 187 -55.75 -20.42 51.08
C ILE B 187 -56.54 -20.86 49.85
N SER B 188 -57.71 -20.25 49.66
CA SER B 188 -58.54 -20.49 48.49
C SER B 188 -58.52 -19.24 47.62
N TRP B 189 -57.86 -19.33 46.47
CA TRP B 189 -57.76 -18.19 45.58
C TRP B 189 -59.12 -17.84 44.98
N THR B 190 -59.38 -16.54 44.84
CA THR B 190 -60.66 -16.05 44.37
C THR B 190 -60.49 -15.29 43.06
N ARG B 191 -61.52 -15.33 42.24
CA ARG B 191 -61.54 -14.59 40.98
C ARG B 191 -61.93 -13.13 41.26
N GLN B 192 -62.25 -12.38 40.21
CA GLN B 192 -62.74 -11.02 40.40
C GLN B 192 -64.10 -11.01 41.07
N ASN B 193 -64.87 -12.09 40.92
CA ASN B 193 -66.16 -12.21 41.59
C ASN B 193 -65.94 -12.85 42.96
N GLY B 194 -67.04 -13.22 43.62
CA GLY B 194 -66.98 -13.83 44.94
C GLY B 194 -66.78 -15.32 44.97
N GLU B 195 -66.57 -15.97 43.82
CA GLU B 195 -66.45 -17.41 43.75
C GLU B 195 -64.98 -17.81 43.77
N ALA B 196 -64.56 -18.50 44.83
CA ALA B 196 -63.20 -19.01 44.91
C ALA B 196 -63.04 -20.21 43.99
N VAL B 197 -61.84 -20.34 43.41
CA VAL B 197 -61.62 -21.35 42.37
C VAL B 197 -60.87 -22.58 42.88
N LYS B 198 -59.66 -22.39 43.40
CA LYS B 198 -58.77 -23.48 43.79
C LYS B 198 -58.15 -23.19 45.15
N THR B 199 -57.68 -24.24 45.80
CA THR B 199 -56.95 -24.15 47.05
C THR B 199 -55.49 -24.53 46.84
N HIS B 200 -54.67 -24.27 47.86
CA HIS B 200 -53.24 -24.53 47.74
C HIS B 200 -52.96 -26.03 47.85
N THR B 201 -51.81 -26.43 47.31
CA THR B 201 -51.38 -27.83 47.32
C THR B 201 -50.38 -28.13 48.43
N ASN B 202 -49.30 -27.34 48.52
CA ASN B 202 -48.25 -27.58 49.50
C ASN B 202 -47.90 -26.27 50.20
N ILE B 203 -47.38 -26.39 51.42
CA ILE B 203 -46.99 -25.25 52.23
C ILE B 203 -45.63 -25.52 52.84
N SER B 204 -44.97 -24.45 53.27
CA SER B 204 -43.66 -24.52 53.90
C SER B 204 -43.79 -24.25 55.39
N GLU B 205 -43.19 -25.10 56.20
CA GLU B 205 -43.27 -25.00 57.66
C GLU B 205 -41.96 -24.59 58.31
N SER B 206 -40.84 -25.19 57.91
CA SER B 206 -39.56 -24.89 58.53
C SER B 206 -39.08 -23.48 58.18
N HIS B 207 -38.53 -22.79 59.19
CA HIS B 207 -38.00 -21.45 59.01
C HIS B 207 -36.86 -21.24 59.99
N PRO B 208 -35.79 -20.56 59.57
CA PRO B 208 -34.66 -20.32 60.49
C PRO B 208 -35.04 -19.51 61.72
N ASN B 209 -35.98 -18.57 61.60
CA ASN B 209 -36.37 -17.71 62.70
C ASN B 209 -37.61 -18.22 63.43
N ALA B 210 -37.91 -19.51 63.30
CA ALA B 210 -39.06 -20.14 63.96
C ALA B 210 -40.38 -19.44 63.59
N THR B 211 -40.49 -19.02 62.33
CA THR B 211 -41.69 -18.38 61.83
C THR B 211 -42.46 -19.34 60.93
N PHE B 212 -43.53 -18.84 60.33
CA PHE B 212 -44.37 -19.61 59.43
C PHE B 212 -44.76 -18.77 58.24
N SER B 213 -44.75 -19.38 57.06
CA SER B 213 -45.14 -18.72 55.82
C SER B 213 -46.34 -19.45 55.23
N ALA B 214 -47.40 -18.69 54.94
CA ALA B 214 -48.63 -19.26 54.37
C ALA B 214 -48.59 -19.04 52.86
N VAL B 215 -47.88 -19.92 52.18
CA VAL B 215 -47.75 -19.86 50.73
C VAL B 215 -48.94 -20.59 50.10
N GLY B 216 -49.44 -20.05 48.99
CA GLY B 216 -50.57 -20.62 48.29
C GLY B 216 -50.17 -21.12 46.90
N GLU B 217 -51.14 -21.77 46.25
CA GLU B 217 -50.95 -22.29 44.91
C GLU B 217 -52.30 -22.49 44.26
N ALA B 218 -52.39 -22.16 42.97
CA ALA B 218 -53.64 -22.32 42.22
C ALA B 218 -53.31 -22.47 40.75
N SER B 219 -54.16 -23.20 40.04
CA SER B 219 -53.97 -23.47 38.61
C SER B 219 -55.08 -22.78 37.83
N ILE B 220 -54.72 -21.71 37.13
CA ILE B 220 -55.64 -20.94 36.31
C ILE B 220 -55.17 -21.01 34.86
N CYS B 221 -56.12 -21.10 33.93
CA CYS B 221 -55.78 -21.13 32.52
C CYS B 221 -55.05 -19.86 32.11
N GLU B 222 -54.10 -20.01 31.17
CA GLU B 222 -53.24 -18.89 30.80
C GLU B 222 -54.01 -17.77 30.13
N ASP B 223 -55.05 -18.12 29.36
CA ASP B 223 -55.88 -17.09 28.73
C ASP B 223 -56.61 -16.25 29.78
N ASP B 224 -57.09 -16.89 30.85
CA ASP B 224 -57.72 -16.16 31.93
C ASP B 224 -56.74 -15.22 32.63
N TRP B 225 -55.51 -15.69 32.86
CA TRP B 225 -54.51 -14.83 33.50
C TRP B 225 -54.13 -13.66 32.60
N ASN B 226 -54.06 -13.90 31.29
CA ASN B 226 -53.78 -12.82 30.36
C ASN B 226 -54.97 -11.88 30.18
N SER B 227 -56.18 -12.31 30.54
CA SER B 227 -57.35 -11.44 30.42
C SER B 227 -57.24 -10.24 31.34
N GLY B 228 -56.87 -10.46 32.61
CA GLY B 228 -56.59 -9.35 33.50
C GLY B 228 -57.57 -9.13 34.64
N GLU B 229 -58.18 -10.19 35.15
CA GLU B 229 -59.02 -10.05 36.34
C GLU B 229 -58.15 -10.03 37.59
N ARG B 230 -58.79 -9.70 38.71
CA ARG B 230 -58.09 -9.50 39.98
C ARG B 230 -57.96 -10.84 40.71
N PHE B 231 -56.75 -11.20 41.09
CA PHE B 231 -56.47 -12.41 41.85
C PHE B 231 -55.96 -12.03 43.23
N THR B 232 -56.67 -12.46 44.26
CA THR B 232 -56.30 -12.21 45.65
C THR B 232 -56.28 -13.53 46.40
N CYS B 233 -55.24 -13.75 47.19
CA CYS B 233 -55.15 -14.95 48.03
C CYS B 233 -55.85 -14.66 49.36
N THR B 234 -56.98 -15.34 49.59
CA THR B 234 -57.79 -15.11 50.78
C THR B 234 -57.30 -16.05 51.88
N VAL B 235 -56.43 -15.55 52.75
CA VAL B 235 -55.92 -16.33 53.86
C VAL B 235 -56.92 -16.27 55.01
N THR B 236 -57.20 -17.43 55.60
CA THR B 236 -58.11 -17.54 56.74
C THR B 236 -57.41 -18.16 57.94
N HIS B 237 -56.10 -17.93 58.07
CA HIS B 237 -55.35 -18.48 59.18
C HIS B 237 -55.82 -17.90 60.51
N THR B 238 -55.78 -18.75 61.54
CA THR B 238 -56.21 -18.32 62.87
C THR B 238 -55.24 -17.33 63.50
N ASP B 239 -54.02 -17.22 62.97
CA ASP B 239 -53.06 -16.26 63.52
C ASP B 239 -53.41 -14.83 63.18
N LEU B 240 -54.17 -14.59 62.12
CA LEU B 240 -54.54 -13.24 61.73
C LEU B 240 -55.64 -12.72 62.65
N PRO B 241 -55.44 -11.60 63.35
CA PRO B 241 -56.54 -11.02 64.13
C PRO B 241 -57.72 -10.60 63.28
N SER B 242 -57.48 -10.12 62.06
CA SER B 242 -58.52 -9.72 61.13
C SER B 242 -58.13 -10.14 59.73
N PRO B 243 -59.10 -10.44 58.86
CA PRO B 243 -58.78 -10.76 57.47
C PRO B 243 -58.15 -9.59 56.75
N LEU B 244 -57.22 -9.90 55.84
CA LEU B 244 -56.52 -8.90 55.06
C LEU B 244 -56.56 -9.31 53.59
N LYS B 245 -56.72 -8.33 52.71
CA LYS B 245 -56.80 -8.57 51.27
C LYS B 245 -55.64 -7.87 50.58
N GLN B 246 -54.91 -8.62 49.75
CA GLN B 246 -53.84 -8.07 48.93
C GLN B 246 -54.24 -8.21 47.47
N THR B 247 -54.29 -7.09 46.76
CA THR B 247 -54.79 -7.04 45.39
C THR B 247 -53.63 -6.94 44.42
N ILE B 248 -53.45 -7.98 43.61
CA ILE B 248 -52.44 -8.00 42.56
C ILE B 248 -53.04 -8.63 41.31
N SER B 249 -52.71 -8.07 40.15
CA SER B 249 -53.22 -8.57 38.88
C SER B 249 -52.29 -8.08 37.77
N ARG B 250 -52.53 -8.59 36.57
CA ARG B 250 -51.78 -8.14 35.39
C ARG B 250 -52.15 -6.70 35.08
N PRO B 251 -51.20 -5.77 35.03
CA PRO B 251 -51.54 -4.34 34.84
C PRO B 251 -51.73 -4.02 33.36
N LYS B 252 -52.97 -3.67 33.00
CA LYS B 252 -53.23 -3.23 31.63
C LYS B 252 -52.70 -1.82 31.43
N GLY B 253 -51.86 -1.64 30.41
CA GLY B 253 -51.25 -0.36 30.17
C GLY B 253 -49.75 -0.45 29.96
N VAL B 254 -49.25 -1.67 29.79
CA VAL B 254 -47.83 -1.91 29.53
C VAL B 254 -47.67 -2.35 28.08
N ALA B 255 -46.71 -1.74 27.38
CA ALA B 255 -46.52 -1.99 25.97
C ALA B 255 -45.75 -3.30 25.75
N LEU B 256 -45.53 -3.64 24.48
CA LEU B 256 -44.77 -4.81 24.08
C LEU B 256 -43.68 -4.34 23.13
N HIS B 257 -42.52 -4.00 23.67
CA HIS B 257 -41.38 -3.53 22.89
C HIS B 257 -40.35 -4.65 22.78
N ARG B 258 -39.84 -4.87 21.57
CA ARG B 258 -38.88 -5.93 21.34
C ARG B 258 -37.56 -5.60 22.04
N PRO B 259 -37.05 -6.47 22.90
CA PRO B 259 -35.78 -6.17 23.58
C PRO B 259 -34.61 -6.14 22.63
N ASP B 260 -33.65 -5.28 22.94
CA ASP B 260 -32.41 -5.15 22.16
C ASP B 260 -31.30 -5.83 22.96
N VAL B 261 -31.19 -7.15 22.77
CA VAL B 261 -30.26 -7.95 23.56
C VAL B 261 -28.87 -7.85 22.95
N TYR B 262 -27.91 -7.41 23.76
CA TYR B 262 -26.51 -7.32 23.36
C TYR B 262 -25.64 -7.94 24.44
N LEU B 263 -24.48 -8.46 24.03
CA LEU B 263 -23.53 -9.08 24.95
C LEU B 263 -22.24 -8.25 24.97
N LEU B 264 -21.84 -7.83 26.17
CA LEU B 264 -20.67 -6.99 26.32
C LEU B 264 -19.50 -7.80 26.84
N PRO B 265 -18.40 -7.89 26.10
CA PRO B 265 -17.24 -8.65 26.57
C PRO B 265 -16.57 -7.97 27.75
N PRO B 266 -15.86 -8.72 28.59
CA PRO B 266 -15.15 -8.10 29.72
C PRO B 266 -14.06 -7.16 29.25
N ALA B 267 -13.78 -6.15 30.06
CA ALA B 267 -12.78 -5.16 29.73
C ALA B 267 -11.38 -5.77 29.76
N ARG B 268 -10.47 -5.15 29.00
CA ARG B 268 -9.10 -5.64 28.93
C ARG B 268 -8.36 -5.48 30.26
N GLU B 269 -8.70 -4.45 31.04
CA GLU B 269 -8.06 -4.26 32.33
C GLU B 269 -8.39 -5.40 33.29
N GLN B 270 -9.65 -5.86 33.27
CA GLN B 270 -10.04 -6.96 34.13
C GLN B 270 -9.29 -8.24 33.76
N LEU B 271 -9.07 -8.47 32.47
CA LEU B 271 -8.24 -9.59 32.04
C LEU B 271 -6.78 -9.39 32.44
N ASN B 272 -6.32 -8.13 32.48
CA ASN B 272 -4.94 -7.86 32.89
C ASN B 272 -4.73 -8.11 34.38
N LEU B 273 -5.77 -7.90 35.20
CA LEU B 273 -5.65 -8.18 36.64
C LEU B 273 -5.46 -9.66 36.93
N ARG B 274 -5.81 -10.54 35.99
CA ARG B 274 -5.58 -11.99 36.03
C ARG B 274 -6.38 -12.70 37.12
N GLU B 275 -7.19 -11.98 37.90
CA GLU B 275 -7.95 -12.61 38.98
C GLU B 275 -9.21 -13.27 38.45
N SER B 276 -10.12 -12.47 37.89
CA SER B 276 -11.39 -12.98 37.39
C SER B 276 -11.93 -12.03 36.34
N ALA B 277 -12.91 -12.50 35.58
CA ALA B 277 -13.55 -11.72 34.53
C ALA B 277 -15.06 -11.74 34.72
N THR B 278 -15.70 -10.62 34.43
CA THR B 278 -17.15 -10.49 34.54
C THR B 278 -17.75 -10.26 33.16
N ILE B 279 -18.72 -11.10 32.80
CA ILE B 279 -19.41 -11.01 31.52
C ILE B 279 -20.85 -10.59 31.80
N THR B 280 -21.26 -9.47 31.21
CA THR B 280 -22.60 -8.93 31.41
C THR B 280 -23.36 -8.92 30.09
N CYS B 281 -24.69 -8.95 30.20
CA CYS B 281 -25.58 -8.97 29.05
C CYS B 281 -26.40 -7.69 29.04
N LEU B 282 -26.34 -6.97 27.92
CA LEU B 282 -27.04 -5.69 27.78
C LEU B 282 -28.41 -5.95 27.17
N VAL B 283 -29.40 -6.16 28.04
CA VAL B 283 -30.78 -6.37 27.64
C VAL B 283 -31.51 -5.06 27.91
N THR B 284 -31.86 -4.34 26.86
CA THR B 284 -32.46 -3.01 26.98
C THR B 284 -33.69 -2.90 26.08
N GLY B 285 -34.56 -1.96 26.43
CA GLY B 285 -35.72 -1.67 25.61
C GLY B 285 -36.76 -2.77 25.55
N PHE B 286 -37.09 -3.38 26.68
CA PHE B 286 -38.12 -4.40 26.75
C PHE B 286 -39.28 -3.92 27.61
N SER B 287 -40.49 -4.31 27.21
CA SER B 287 -41.71 -4.04 27.96
C SER B 287 -42.58 -5.28 27.88
N PRO B 288 -43.19 -5.71 29.01
CA PRO B 288 -43.17 -5.12 30.36
C PRO B 288 -41.87 -5.29 31.12
N ALA B 289 -41.88 -4.91 32.40
CA ALA B 289 -40.65 -4.88 33.19
C ALA B 289 -40.11 -6.27 33.47
N ASP B 290 -40.97 -7.29 33.45
CA ASP B 290 -40.54 -8.64 33.77
C ASP B 290 -39.56 -9.18 32.74
N VAL B 291 -38.59 -9.97 33.22
CA VAL B 291 -37.51 -10.50 32.38
C VAL B 291 -36.89 -11.69 33.11
N PHE B 292 -36.34 -12.62 32.32
CA PHE B 292 -35.67 -13.80 32.85
C PHE B 292 -34.54 -14.19 31.92
N VAL B 293 -33.32 -14.24 32.46
CA VAL B 293 -32.12 -14.53 31.68
C VAL B 293 -31.32 -15.62 32.38
N GLN B 294 -30.74 -16.52 31.59
CA GLN B 294 -29.93 -17.61 32.11
C GLN B 294 -28.66 -17.74 31.27
N TRP B 295 -27.54 -17.98 31.94
CA TRP B 295 -26.24 -18.13 31.28
C TRP B 295 -25.87 -19.60 31.17
N MET B 296 -25.06 -19.91 30.15
CA MET B 296 -24.57 -21.27 29.94
C MET B 296 -23.10 -21.20 29.55
N GLN B 297 -22.51 -22.37 29.33
CA GLN B 297 -21.12 -22.48 28.88
C GLN B 297 -20.99 -23.76 28.08
N ARG B 298 -20.87 -23.62 26.76
CA ARG B 298 -20.73 -24.73 25.81
C ARG B 298 -21.95 -25.66 25.81
N GLY B 299 -23.11 -25.17 26.24
CA GLY B 299 -24.34 -25.92 26.09
C GLY B 299 -25.03 -26.34 27.37
N GLN B 300 -24.28 -26.84 28.36
CA GLN B 300 -24.94 -27.19 29.60
C GLN B 300 -25.18 -25.94 30.46
N PRO B 301 -26.28 -25.90 31.19
CA PRO B 301 -26.59 -24.69 31.98
C PRO B 301 -25.63 -24.50 33.14
N LEU B 302 -25.47 -23.23 33.52
CA LEU B 302 -24.65 -22.87 34.67
C LEU B 302 -25.49 -22.81 35.93
N SER B 303 -24.82 -22.85 37.08
CA SER B 303 -25.51 -22.81 38.35
C SER B 303 -26.15 -21.45 38.58
N PRO B 304 -27.32 -21.41 39.23
CA PRO B 304 -27.95 -20.11 39.53
C PRO B 304 -27.11 -19.22 40.42
N GLU B 305 -26.26 -19.79 41.27
CA GLU B 305 -25.41 -19.01 42.16
C GLU B 305 -24.24 -18.35 41.44
N LYS B 306 -23.99 -18.70 40.18
CA LYS B 306 -22.88 -18.13 39.43
C LYS B 306 -23.24 -16.79 38.79
N TYR B 307 -24.48 -16.61 38.34
CA TYR B 307 -24.92 -15.39 37.70
C TYR B 307 -26.03 -14.74 38.53
N VAL B 308 -25.99 -13.42 38.60
CA VAL B 308 -26.96 -12.65 39.38
C VAL B 308 -27.70 -11.71 38.44
N THR B 309 -29.02 -11.62 38.61
CA THR B 309 -29.88 -10.78 37.78
C THR B 309 -30.29 -9.54 38.57
N SER B 310 -30.06 -8.38 37.98
CA SER B 310 -30.42 -7.12 38.62
C SER B 310 -31.90 -6.80 38.40
N ALA B 311 -32.45 -6.00 39.31
CA ALA B 311 -33.85 -5.61 39.21
C ALA B 311 -34.03 -4.68 38.01
N PRO B 312 -35.06 -4.91 37.17
CA PRO B 312 -35.28 -4.03 36.02
C PRO B 312 -35.65 -2.62 36.47
N MET B 313 -35.21 -1.64 35.68
CA MET B 313 -35.47 -0.23 35.95
C MET B 313 -35.97 0.45 34.68
N PRO B 314 -36.80 1.49 34.81
CA PRO B 314 -37.25 2.22 33.63
C PRO B 314 -36.09 2.91 32.91
N GLU B 315 -36.18 2.94 31.58
CA GLU B 315 -35.14 3.54 30.77
C GLU B 315 -35.23 5.05 30.84
N PRO B 316 -34.16 5.77 31.20
CA PRO B 316 -34.23 7.24 31.27
C PRO B 316 -34.55 7.89 29.94
N GLN B 317 -34.06 7.34 28.82
CA GLN B 317 -34.34 7.95 27.52
C GLN B 317 -35.79 7.74 27.10
N ALA B 318 -36.30 6.52 27.27
CA ALA B 318 -37.68 6.20 26.92
C ALA B 318 -38.40 5.64 28.13
N PRO B 319 -39.34 6.37 28.73
CA PRO B 319 -40.06 5.83 29.92
C PRO B 319 -40.86 4.59 29.62
N GLY B 320 -41.27 4.36 28.37
CA GLY B 320 -42.08 3.21 28.04
C GLY B 320 -41.34 1.89 28.08
N ARG B 321 -40.01 1.92 27.94
CA ARG B 321 -39.21 0.70 27.94
C ARG B 321 -38.44 0.56 29.24
N TYR B 322 -37.93 -0.64 29.46
CA TYR B 322 -37.18 -0.98 30.67
C TYR B 322 -35.86 -1.64 30.28
N PHE B 323 -34.89 -1.58 31.18
CA PHE B 323 -33.60 -2.22 30.98
C PHE B 323 -33.26 -3.07 32.19
N ALA B 324 -32.45 -4.11 31.96
CA ALA B 324 -31.98 -4.97 33.03
C ALA B 324 -30.57 -5.41 32.73
N HIS B 325 -29.82 -5.74 33.79
CA HIS B 325 -28.45 -6.21 33.66
C HIS B 325 -28.27 -7.51 34.43
N SER B 326 -27.31 -8.30 33.97
CA SER B 326 -26.98 -9.56 34.63
C SER B 326 -25.53 -9.89 34.30
N ILE B 327 -24.68 -9.94 35.32
CA ILE B 327 -23.26 -10.22 35.13
C ILE B 327 -22.99 -11.69 35.40
N LEU B 328 -21.95 -12.21 34.78
CA LEU B 328 -21.50 -13.57 35.00
C LEU B 328 -20.02 -13.53 35.35
N THR B 329 -19.69 -13.89 36.59
CA THR B 329 -18.32 -13.88 37.07
C THR B 329 -17.64 -15.18 36.68
N VAL B 330 -16.60 -15.10 35.86
CA VAL B 330 -15.86 -16.27 35.40
C VAL B 330 -14.39 -16.07 35.73
N SER B 331 -13.68 -17.18 35.87
CA SER B 331 -12.26 -17.15 36.15
C SER B 331 -11.48 -16.75 34.90
N GLU B 332 -10.27 -16.21 35.11
CA GLU B 332 -9.46 -15.75 33.99
C GLU B 332 -8.97 -16.92 33.13
N GLU B 333 -8.63 -18.05 33.75
CA GLU B 333 -8.20 -19.21 32.96
C GLU B 333 -9.35 -19.77 32.13
N GLU B 334 -10.59 -19.51 32.52
CA GLU B 334 -11.72 -19.87 31.66
C GLU B 334 -11.77 -18.97 30.43
N TRP B 335 -11.47 -17.68 30.60
CA TRP B 335 -11.44 -16.78 29.45
C TRP B 335 -10.26 -17.09 28.53
N ASN B 336 -9.14 -17.52 29.11
CA ASN B 336 -8.03 -18.00 28.29
C ASN B 336 -8.44 -19.30 27.61
N THR B 337 -8.22 -19.37 26.29
CA THR B 337 -8.80 -20.40 25.43
C THR B 337 -10.31 -20.47 25.66
N GLY B 338 -10.94 -19.30 25.52
CA GLY B 338 -12.31 -19.07 25.94
C GLY B 338 -13.36 -19.98 25.34
N GLU B 339 -14.26 -20.46 26.19
CA GLU B 339 -15.41 -21.25 25.77
C GLU B 339 -16.58 -20.34 25.43
N THR B 340 -17.55 -20.91 24.73
CA THR B 340 -18.71 -20.14 24.27
C THR B 340 -19.63 -19.84 25.45
N TYR B 341 -19.70 -18.57 25.85
CA TYR B 341 -20.58 -18.11 26.90
C TYR B 341 -21.81 -17.47 26.27
N THR B 342 -22.99 -17.95 26.63
CA THR B 342 -24.23 -17.57 25.98
C THR B 342 -25.14 -16.81 26.95
N CYS B 343 -25.88 -15.85 26.41
CA CYS B 343 -26.88 -15.09 27.14
C CYS B 343 -28.24 -15.40 26.54
N VAL B 344 -29.02 -16.24 27.24
CA VAL B 344 -30.33 -16.66 26.79
C VAL B 344 -31.37 -15.96 27.67
N VAL B 345 -32.26 -15.19 27.03
CA VAL B 345 -33.28 -14.42 27.74
C VAL B 345 -34.64 -14.71 27.09
N ALA B 346 -35.68 -14.77 27.91
CA ALA B 346 -37.03 -15.04 27.46
C ALA B 346 -37.93 -13.86 27.76
N HIS B 347 -38.72 -13.44 26.77
CA HIS B 347 -39.63 -12.32 26.94
C HIS B 347 -40.78 -12.47 25.95
N GLU B 348 -41.85 -11.72 26.21
CA GLU B 348 -43.05 -11.81 25.38
C GLU B 348 -42.79 -11.31 23.95
N ALA B 349 -42.00 -10.25 23.81
CA ALA B 349 -41.88 -9.55 22.54
C ALA B 349 -40.92 -10.22 21.56
N LEU B 350 -40.22 -11.28 21.95
CA LEU B 350 -39.33 -11.96 21.02
C LEU B 350 -40.16 -12.71 19.98
N PRO B 351 -39.62 -12.89 18.76
CA PRO B 351 -40.35 -13.67 17.75
C PRO B 351 -40.54 -15.12 18.13
N ASN B 352 -39.46 -15.82 18.50
CA ASN B 352 -39.51 -17.22 18.89
C ASN B 352 -39.48 -17.34 20.42
N ARG B 353 -39.70 -16.23 21.13
CA ARG B 353 -39.79 -16.12 22.58
C ARG B 353 -38.45 -16.35 23.29
N VAL B 354 -37.41 -16.74 22.58
CA VAL B 354 -36.08 -16.96 23.16
C VAL B 354 -35.05 -16.48 22.16
N THR B 355 -34.08 -15.69 22.63
CA THR B 355 -32.95 -15.26 21.82
C THR B 355 -31.65 -15.61 22.53
N GLU B 356 -30.57 -15.62 21.76
CA GLU B 356 -29.27 -16.05 22.27
C GLU B 356 -28.17 -15.20 21.67
N ARG B 357 -27.22 -14.81 22.52
CA ARG B 357 -26.02 -14.09 22.10
C ARG B 357 -24.80 -14.81 22.65
N THR B 358 -23.76 -14.94 21.84
CA THR B 358 -22.59 -15.73 22.18
C THR B 358 -21.33 -14.89 22.08
N VAL B 359 -20.48 -14.96 23.11
CA VAL B 359 -19.23 -14.22 23.14
C VAL B 359 -18.12 -15.17 23.57
N ASP B 360 -16.90 -14.85 23.13
CA ASP B 360 -15.69 -15.52 23.59
C ASP B 360 -14.53 -14.54 23.43
N LYS B 361 -13.30 -15.07 23.48
CA LYS B 361 -12.13 -14.22 23.36
C LYS B 361 -12.03 -13.58 21.98
N SER B 362 -12.35 -14.34 20.93
CA SER B 362 -12.10 -13.93 19.55
C SER B 362 -13.29 -13.25 18.89
N THR B 363 -14.37 -13.00 19.63
CA THR B 363 -15.55 -12.34 19.07
C THR B 363 -15.85 -11.00 19.72
N GLY B 364 -15.95 -10.96 21.05
CA GLY B 364 -16.25 -9.72 21.74
C GLY B 364 -15.02 -8.86 21.97
N LYS B 365 -14.91 -7.78 21.20
CA LYS B 365 -13.76 -6.90 21.22
C LYS B 365 -12.44 -7.66 21.06
N PRO B 366 -12.24 -8.35 19.93
CA PRO B 366 -11.04 -9.19 19.79
C PRO B 366 -9.79 -8.34 19.65
N THR B 367 -8.68 -8.88 20.18
CA THR B 367 -7.39 -8.23 19.99
C THR B 367 -6.94 -8.34 18.54
N LEU B 368 -7.18 -9.48 17.91
CA LEU B 368 -6.73 -9.73 16.55
C LEU B 368 -7.83 -10.47 15.77
N TYR B 369 -7.81 -10.28 14.46
CA TYR B 369 -8.74 -10.93 13.53
C TYR B 369 -7.94 -11.92 12.68
N ASN B 370 -7.85 -13.16 13.15
CA ASN B 370 -7.13 -14.20 12.43
C ASN B 370 -8.05 -14.85 11.41
N VAL B 371 -7.86 -14.55 10.13
CA VAL B 371 -8.68 -15.09 9.06
C VAL B 371 -7.77 -15.65 7.96
N SER B 372 -8.19 -16.76 7.36
CA SER B 372 -7.51 -17.35 6.22
C SER B 372 -8.50 -17.37 5.05
N LEU B 373 -8.14 -16.71 3.97
CA LEU B 373 -9.04 -16.43 2.85
C LEU B 373 -8.46 -17.07 1.59
N VAL B 374 -9.06 -18.17 1.14
CA VAL B 374 -8.60 -18.92 -0.02
C VAL B 374 -9.65 -18.81 -1.12
N MET B 375 -9.19 -18.56 -2.35
CA MET B 375 -10.04 -18.63 -3.54
C MET B 375 -9.42 -19.64 -4.49
N SER B 376 -10.26 -20.53 -5.03
CA SER B 376 -9.82 -21.56 -5.95
C SER B 376 -10.73 -21.59 -7.17
N ASP B 377 -10.12 -21.93 -8.31
CA ASP B 377 -10.80 -21.99 -9.61
C ASP B 377 -11.47 -20.64 -9.93
N THR B 378 -10.63 -19.61 -10.05
CA THR B 378 -11.10 -18.29 -10.41
C THR B 378 -11.63 -18.25 -11.84
N ALA B 379 -11.19 -19.18 -12.69
CA ALA B 379 -11.68 -19.25 -14.07
C ALA B 379 -13.18 -19.55 -14.10
N GLY B 380 -13.64 -20.44 -13.23
CA GLY B 380 -15.05 -20.76 -13.15
C GLY B 380 -15.51 -21.71 -14.23
N THR B 381 -16.83 -21.93 -14.25
CA THR B 381 -17.45 -22.82 -15.22
C THR B 381 -18.85 -22.34 -15.58
N ILE C 152 -45.02 8.12 67.07
CA ILE C 152 -43.82 8.94 67.04
C ILE C 152 -42.73 8.21 66.26
N ARG C 153 -42.61 8.49 64.97
CA ARG C 153 -41.63 7.85 64.11
C ARG C 153 -40.51 8.85 63.81
N VAL C 154 -39.54 8.91 64.71
CA VAL C 154 -38.35 9.75 64.51
C VAL C 154 -37.32 8.89 63.79
N PHE C 155 -37.45 8.85 62.47
CA PHE C 155 -36.56 8.04 61.63
C PHE C 155 -35.37 8.91 61.23
N ALA C 156 -34.24 8.74 61.93
CA ALA C 156 -33.04 9.51 61.67
C ALA C 156 -32.09 8.67 60.82
N ILE C 157 -32.36 8.65 59.52
CA ILE C 157 -31.53 7.91 58.57
C ILE C 157 -30.30 8.73 58.24
N PRO C 158 -29.10 8.21 58.46
CA PRO C 158 -27.88 8.95 58.12
C PRO C 158 -27.79 9.18 56.62
N PRO C 159 -27.31 10.35 56.20
CA PRO C 159 -27.16 10.62 54.77
C PRO C 159 -26.15 9.68 54.13
N SER C 160 -26.43 9.30 52.89
CA SER C 160 -25.56 8.36 52.18
C SER C 160 -24.30 9.06 51.70
N PHE C 161 -23.29 8.25 51.37
CA PHE C 161 -22.02 8.78 50.87
C PHE C 161 -22.20 9.50 49.54
N ALA C 162 -23.10 8.98 48.69
CA ALA C 162 -23.43 9.67 47.46
C ALA C 162 -24.04 11.03 47.74
N SER C 163 -24.86 11.14 48.79
CA SER C 163 -25.35 12.44 49.22
C SER C 163 -24.23 13.29 49.80
N ILE C 164 -23.21 12.67 50.38
CA ILE C 164 -22.10 13.45 50.94
C ILE C 164 -21.31 14.12 49.82
N PHE C 165 -21.00 13.39 48.75
CA PHE C 165 -20.26 13.98 47.64
C PHE C 165 -21.17 14.51 46.52
N LEU C 166 -22.48 14.57 46.74
CA LEU C 166 -23.38 15.15 45.74
C LEU C 166 -23.56 16.65 45.97
N THR C 167 -24.01 17.04 47.16
CA THR C 167 -24.19 18.44 47.51
C THR C 167 -22.96 19.06 48.16
N LYS C 168 -21.90 18.27 48.38
CA LYS C 168 -20.67 18.72 49.04
C LYS C 168 -20.95 19.30 50.42
N SER C 169 -21.91 18.73 51.14
CA SER C 169 -22.25 19.18 52.49
C SER C 169 -22.90 18.02 53.23
N THR C 170 -22.54 17.88 54.51
CA THR C 170 -23.08 16.84 55.36
C THR C 170 -24.24 17.41 56.17
N LYS C 171 -25.46 17.02 55.81
CA LYS C 171 -26.67 17.49 56.48
C LYS C 171 -27.26 16.32 57.27
N LEU C 172 -27.22 16.41 58.60
CA LEU C 172 -27.77 15.37 59.44
C LEU C 172 -29.29 15.41 59.41
N THR C 173 -29.91 14.24 59.48
CA THR C 173 -31.36 14.10 59.36
C THR C 173 -31.94 13.62 60.68
N CYS C 174 -32.95 14.34 61.17
CA CYS C 174 -33.74 13.93 62.33
C CYS C 174 -35.16 14.43 62.09
N LEU C 175 -35.99 13.56 61.51
CA LEU C 175 -37.32 13.94 61.03
C LEU C 175 -38.37 13.13 61.78
N VAL C 176 -39.43 13.80 62.20
CA VAL C 176 -40.54 13.17 62.91
C VAL C 176 -41.63 12.80 61.91
N THR C 177 -42.12 11.57 61.99
CA THR C 177 -43.14 11.06 61.08
C THR C 177 -44.34 10.58 61.90
N ASP C 178 -45.54 10.85 61.38
CA ASP C 178 -46.80 10.42 61.99
C ASP C 178 -46.97 10.99 63.39
N LEU C 179 -47.00 12.32 63.45
CA LEU C 179 -47.21 13.03 64.71
C LEU C 179 -47.90 14.36 64.42
N THR C 180 -48.83 14.73 65.29
CA THR C 180 -49.57 15.98 65.13
C THR C 180 -48.62 17.16 65.33
N THR C 181 -48.79 18.19 64.49
CA THR C 181 -47.91 19.35 64.56
C THR C 181 -48.22 20.20 65.79
N TYR C 182 -47.22 20.40 66.63
CA TYR C 182 -47.34 21.18 67.85
C TYR C 182 -46.30 22.31 67.87
N ASP C 183 -46.18 23.00 69.00
CA ASP C 183 -45.21 24.08 69.13
C ASP C 183 -44.24 23.81 70.27
N SER C 184 -43.35 24.77 70.55
CA SER C 184 -42.36 24.68 71.62
C SER C 184 -41.49 23.43 71.48
N VAL C 185 -41.09 23.13 70.25
CA VAL C 185 -40.24 21.97 69.96
C VAL C 185 -38.82 22.51 69.76
N THR C 186 -37.96 22.27 70.74
CA THR C 186 -36.58 22.76 70.72
C THR C 186 -35.66 21.61 70.33
N ILE C 187 -35.52 21.39 69.02
CA ILE C 187 -34.60 20.40 68.52
C ILE C 187 -33.17 20.91 68.62
N SER C 188 -32.23 20.01 68.91
CA SER C 188 -30.82 20.35 68.94
C SER C 188 -30.01 19.07 68.78
N TRP C 189 -28.74 19.24 68.45
CA TRP C 189 -27.79 18.13 68.35
C TRP C 189 -26.76 18.23 69.48
N THR C 190 -26.60 17.13 70.21
CA THR C 190 -25.61 17.03 71.28
C THR C 190 -24.58 15.98 70.89
N ARG C 191 -23.31 16.34 71.00
CA ARG C 191 -22.20 15.46 70.63
C ARG C 191 -21.26 15.31 71.82
N GLN C 192 -20.10 14.71 71.56
CA GLN C 192 -19.09 14.59 72.60
C GLN C 192 -18.57 15.96 73.02
N ASN C 193 -18.19 16.06 74.30
CA ASN C 193 -17.69 17.26 74.95
C ASN C 193 -18.74 18.37 75.04
N GLY C 194 -20.01 18.06 74.79
CA GLY C 194 -21.08 19.02 75.00
C GLY C 194 -21.20 20.12 73.98
N GLU C 195 -20.62 19.95 72.80
CA GLU C 195 -20.73 20.97 71.76
C GLU C 195 -22.15 21.01 71.20
N ALA C 196 -22.62 22.22 70.91
CA ALA C 196 -23.99 22.42 70.40
C ALA C 196 -23.97 23.54 69.36
N VAL C 197 -23.84 23.17 68.09
CA VAL C 197 -23.92 24.09 66.97
C VAL C 197 -24.99 23.58 66.02
N LYS C 198 -25.94 24.46 65.67
CA LYS C 198 -27.08 24.02 64.87
C LYS C 198 -27.70 25.19 64.13
N THR C 199 -28.11 24.93 62.89
CA THR C 199 -29.00 25.80 62.13
C THR C 199 -30.09 24.93 61.52
N HIS C 200 -31.34 25.36 61.66
CA HIS C 200 -32.46 24.55 61.20
C HIS C 200 -33.43 25.40 60.39
N THR C 201 -33.98 24.81 59.33
CA THR C 201 -34.95 25.46 58.45
C THR C 201 -36.00 24.44 58.06
N ASN C 202 -36.80 24.80 57.05
CA ASN C 202 -37.81 23.90 56.45
C ASN C 202 -38.82 23.45 57.49
N ILE C 203 -39.59 24.41 58.02
CA ILE C 203 -40.67 24.11 58.96
C ILE C 203 -42.00 24.39 58.27
N SER C 204 -42.84 23.37 58.17
CA SER C 204 -44.15 23.48 57.54
C SER C 204 -45.23 23.10 58.54
N GLU C 205 -46.18 24.01 58.77
CA GLU C 205 -47.23 23.76 59.74
C GLU C 205 -48.28 22.77 59.23
N SER C 206 -48.65 22.88 57.96
CA SER C 206 -49.73 22.06 57.40
C SER C 206 -49.16 20.94 56.55
N HIS C 207 -49.79 19.76 56.65
CA HIS C 207 -49.40 18.58 55.88
C HIS C 207 -50.65 17.76 55.60
N PRO C 208 -50.78 17.20 54.39
CA PRO C 208 -51.95 16.34 54.10
C PRO C 208 -52.04 15.12 55.00
N ASN C 209 -50.90 14.57 55.41
CA ASN C 209 -50.88 13.40 56.27
C ASN C 209 -50.89 13.74 57.75
N ALA C 210 -51.01 15.04 58.09
CA ALA C 210 -51.02 15.52 59.48
C ALA C 210 -49.76 15.08 60.23
N THR C 211 -48.62 15.15 59.55
CA THR C 211 -47.33 14.82 60.13
C THR C 211 -46.47 16.08 60.20
N PHE C 212 -45.98 16.39 61.40
CA PHE C 212 -45.08 17.54 61.55
C PHE C 212 -43.75 17.25 60.87
N SER C 213 -43.30 18.20 60.04
CA SER C 213 -42.07 18.02 59.28
C SER C 213 -40.86 17.85 60.18
N ALA C 214 -40.49 18.93 60.89
CA ALA C 214 -39.35 18.95 61.80
C ALA C 214 -38.09 18.36 61.15
N VAL C 215 -37.76 18.88 59.96
CA VAL C 215 -36.70 18.29 59.16
C VAL C 215 -35.35 18.42 59.86
N GLY C 216 -35.01 19.64 60.29
CA GLY C 216 -33.80 19.87 61.07
C GLY C 216 -32.50 19.45 60.42
N GLU C 217 -32.11 20.12 59.33
CA GLU C 217 -30.87 19.80 58.62
C GLU C 217 -29.82 20.85 58.97
N ALA C 218 -28.67 20.39 59.49
CA ALA C 218 -27.58 21.27 59.90
C ALA C 218 -26.30 20.84 59.20
N SER C 219 -25.49 21.83 58.82
CA SER C 219 -24.24 21.57 58.12
C SER C 219 -23.12 21.40 59.14
N ILE C 220 -22.53 20.21 59.17
CA ILE C 220 -21.44 19.88 60.09
C ILE C 220 -20.34 19.21 59.28
N CYS C 221 -19.08 19.50 59.65
CA CYS C 221 -17.93 19.03 58.89
C CYS C 221 -17.86 17.50 58.86
N GLU C 222 -17.28 16.98 57.78
CA GLU C 222 -17.16 15.53 57.62
C GLU C 222 -16.18 14.93 58.61
N ASP C 223 -15.16 15.68 59.02
CA ASP C 223 -14.20 15.16 59.99
C ASP C 223 -14.84 14.90 61.35
N ASP C 224 -15.90 15.64 61.68
CA ASP C 224 -16.62 15.36 62.92
C ASP C 224 -17.29 13.99 62.87
N TRP C 225 -17.88 13.64 61.73
CA TRP C 225 -18.39 12.28 61.56
C TRP C 225 -17.27 11.26 61.57
N ASN C 226 -16.13 11.60 60.94
CA ASN C 226 -14.98 10.70 60.92
C ASN C 226 -14.37 10.51 62.31
N SER C 227 -14.67 11.40 63.25
CA SER C 227 -14.14 11.31 64.61
C SER C 227 -15.10 10.63 65.58
N GLY C 228 -16.23 10.13 65.09
CA GLY C 228 -17.18 9.45 65.96
C GLY C 228 -17.82 10.34 67.00
N GLU C 229 -18.30 11.51 66.59
CA GLU C 229 -18.87 12.50 67.50
C GLU C 229 -20.25 12.12 68.02
N ARG C 230 -20.82 10.99 67.58
CA ARG C 230 -22.12 10.46 67.99
C ARG C 230 -23.19 11.54 68.06
N PHE C 231 -23.53 12.13 66.91
CA PHE C 231 -24.53 13.19 66.85
C PHE C 231 -25.88 12.68 67.32
N THR C 232 -26.37 13.22 68.43
CA THR C 232 -27.62 12.77 69.05
C THR C 232 -28.68 13.86 68.88
N CYS C 233 -29.81 13.49 68.28
CA CYS C 233 -30.94 14.41 68.17
C CYS C 233 -31.62 14.53 69.53
N THR C 234 -32.17 15.72 69.81
CA THR C 234 -32.77 16.04 71.11
C THR C 234 -34.11 16.73 70.91
N VAL C 235 -34.99 16.13 70.10
CA VAL C 235 -36.33 16.68 69.88
C VAL C 235 -37.09 16.70 71.19
N THR C 236 -37.42 17.90 71.67
CA THR C 236 -38.14 18.07 72.93
C THR C 236 -39.62 18.31 72.63
N HIS C 237 -40.32 17.21 72.37
CA HIS C 237 -41.75 17.28 72.09
C HIS C 237 -42.53 17.53 73.38
N THR C 238 -43.79 17.96 73.21
CA THR C 238 -44.60 18.32 74.37
C THR C 238 -45.09 17.08 75.11
N ASP C 239 -45.46 16.03 74.39
CA ASP C 239 -46.00 14.83 75.03
C ASP C 239 -44.96 14.13 75.89
N LEU C 240 -43.71 14.06 75.40
CA LEU C 240 -42.63 13.44 76.15
C LEU C 240 -41.70 14.52 76.68
N PRO C 241 -41.69 14.80 77.99
CA PRO C 241 -40.80 15.84 78.51
C PRO C 241 -39.32 15.56 78.28
N SER C 242 -38.91 14.30 78.33
CA SER C 242 -37.53 13.95 78.03
C SER C 242 -37.27 14.09 76.53
N PRO C 243 -36.12 14.63 76.13
CA PRO C 243 -35.81 14.74 74.70
C PRO C 243 -35.69 13.37 74.06
N LEU C 244 -36.11 13.28 72.80
CA LEU C 244 -36.05 12.04 72.03
C LEU C 244 -34.63 11.87 71.52
N LYS C 245 -33.86 11.01 72.17
CA LYS C 245 -32.46 10.83 71.83
C LYS C 245 -32.32 9.85 70.67
N GLN C 246 -31.74 10.33 69.57
CA GLN C 246 -31.47 9.50 68.38
C GLN C 246 -30.05 9.77 67.93
N THR C 247 -29.16 8.81 68.16
CA THR C 247 -27.76 9.00 67.84
C THR C 247 -27.49 8.77 66.35
N ILE C 248 -26.47 9.47 65.84
CA ILE C 248 -26.02 9.32 64.47
C ILE C 248 -24.52 9.06 64.49
N SER C 249 -24.10 7.91 63.96
CA SER C 249 -22.69 7.57 63.90
C SER C 249 -22.49 6.53 62.81
N ARG C 250 -21.28 6.51 62.27
CA ARG C 250 -20.95 5.53 61.25
C ARG C 250 -20.80 4.14 61.88
N PRO C 251 -21.36 3.09 61.27
CA PRO C 251 -21.22 1.75 61.83
C PRO C 251 -19.81 1.21 61.65
N LYS C 252 -18.90 1.61 62.54
CA LYS C 252 -17.51 1.17 62.47
C LYS C 252 -17.42 -0.33 62.71
N GLY C 253 -16.56 -0.99 61.93
CA GLY C 253 -16.36 -2.42 62.05
C GLY C 253 -16.65 -3.17 60.76
N VAL C 254 -17.18 -2.47 59.77
CA VAL C 254 -17.51 -3.08 58.48
C VAL C 254 -16.23 -3.20 57.65
N ALA C 255 -16.27 -4.13 56.70
CA ALA C 255 -15.14 -4.33 55.80
C ALA C 255 -14.99 -3.16 54.85
N LEU C 256 -13.76 -2.92 54.41
CA LEU C 256 -13.42 -1.75 53.60
C LEU C 256 -12.64 -2.23 52.37
N HIS C 257 -13.35 -2.54 51.29
CA HIS C 257 -12.76 -3.03 50.05
C HIS C 257 -13.01 -2.03 48.94
N ARG C 258 -11.95 -1.65 48.24
CA ARG C 258 -12.07 -0.65 47.19
C ARG C 258 -12.72 -1.25 45.94
N PRO C 259 -13.61 -0.51 45.29
CA PRO C 259 -14.24 -1.03 44.06
C PRO C 259 -13.25 -1.11 42.91
N ASP C 260 -13.54 -2.02 41.98
CA ASP C 260 -12.77 -2.18 40.75
C ASP C 260 -13.62 -1.67 39.60
N VAL C 261 -13.28 -0.48 39.11
CA VAL C 261 -14.08 0.16 38.06
C VAL C 261 -13.63 -0.36 36.71
N TYR C 262 -14.60 -0.83 35.91
CA TYR C 262 -14.35 -1.31 34.55
C TYR C 262 -15.34 -0.62 33.62
N LEU C 263 -14.83 0.16 32.68
CA LEU C 263 -15.67 0.90 31.73
C LEU C 263 -15.76 0.08 30.45
N LEU C 264 -16.80 -0.74 30.35
CA LEU C 264 -16.96 -1.63 29.20
C LEU C 264 -17.37 -0.82 27.96
N PRO C 265 -16.82 -1.17 26.80
CA PRO C 265 -17.21 -0.46 25.57
C PRO C 265 -18.60 -0.87 25.11
N PRO C 266 -19.27 -0.05 24.31
CA PRO C 266 -20.58 -0.44 23.78
C PRO C 266 -20.48 -1.62 22.83
N ALA C 267 -21.57 -2.37 22.75
CA ALA C 267 -21.62 -3.54 21.89
C ALA C 267 -21.56 -3.14 20.42
N ARG C 268 -20.96 -4.02 19.60
CA ARG C 268 -20.78 -3.73 18.19
C ARG C 268 -22.10 -3.78 17.44
N GLU C 269 -22.99 -4.70 17.81
CA GLU C 269 -24.28 -4.84 17.12
C GLU C 269 -25.15 -3.60 17.32
N GLN C 270 -25.13 -3.03 18.53
CA GLN C 270 -25.92 -1.82 18.79
C GLN C 270 -25.41 -0.65 17.95
N LEU C 271 -24.09 -0.50 17.83
CA LEU C 271 -23.53 0.53 16.97
C LEU C 271 -23.86 0.26 15.50
N ASN C 272 -23.90 -1.02 15.10
CA ASN C 272 -24.29 -1.36 13.74
C ASN C 272 -25.74 -0.99 13.48
N LEU C 273 -26.61 -1.08 14.51
CA LEU C 273 -27.99 -0.65 14.36
C LEU C 273 -28.11 0.85 14.15
N ARG C 274 -27.09 1.62 14.55
CA ARG C 274 -27.02 3.08 14.32
C ARG C 274 -28.21 3.80 14.94
N GLU C 275 -28.50 3.46 16.20
CA GLU C 275 -29.60 4.08 16.93
C GLU C 275 -29.12 4.82 18.17
N SER C 276 -28.30 4.19 19.01
CA SER C 276 -27.83 4.82 20.23
C SER C 276 -26.50 4.18 20.63
N ALA C 277 -25.91 4.69 21.71
CA ALA C 277 -24.64 4.18 22.20
C ALA C 277 -24.68 4.26 23.73
N THR C 278 -24.95 3.12 24.37
CA THR C 278 -25.03 3.03 25.82
C THR C 278 -23.73 2.44 26.34
N ILE C 279 -22.97 3.24 27.09
CA ILE C 279 -21.71 2.81 27.68
C ILE C 279 -21.96 2.48 29.14
N THR C 280 -21.72 1.22 29.50
CA THR C 280 -21.95 0.76 30.87
C THR C 280 -20.68 0.91 31.71
N CYS C 281 -20.88 1.22 32.98
CA CYS C 281 -19.78 1.37 33.94
C CYS C 281 -19.98 0.32 35.04
N LEU C 282 -19.32 -0.83 34.88
CA LEU C 282 -19.48 -1.93 35.82
C LEU C 282 -18.58 -1.69 37.03
N VAL C 283 -19.20 -1.47 38.19
CA VAL C 283 -18.49 -1.25 39.45
C VAL C 283 -18.72 -2.47 40.32
N THR C 284 -17.63 -3.15 40.69
CA THR C 284 -17.71 -4.38 41.46
C THR C 284 -16.74 -4.33 42.63
N GLY C 285 -17.08 -5.07 43.69
CA GLY C 285 -16.18 -5.27 44.81
C GLY C 285 -16.09 -4.14 45.82
N PHE C 286 -17.21 -3.80 46.46
CA PHE C 286 -17.20 -2.85 47.56
C PHE C 286 -18.10 -3.35 48.67
N SER C 287 -17.57 -3.38 49.90
CA SER C 287 -18.29 -3.92 51.04
C SER C 287 -19.31 -2.96 51.66
N PRO C 288 -18.99 -1.67 51.89
CA PRO C 288 -20.01 -0.78 52.48
C PRO C 288 -21.25 -0.57 51.61
N ALA C 289 -21.17 -0.87 50.31
CA ALA C 289 -22.29 -0.73 49.38
C ALA C 289 -22.83 0.70 49.35
N ASP C 290 -21.93 1.67 49.45
CA ASP C 290 -22.25 3.09 49.35
C ASP C 290 -21.42 3.66 48.21
N VAL C 291 -21.97 3.60 47.00
CA VAL C 291 -21.25 3.99 45.79
C VAL C 291 -22.00 5.13 45.11
N PHE C 292 -21.24 6.04 44.51
CA PHE C 292 -21.78 7.16 43.77
C PHE C 292 -21.15 7.19 42.39
N VAL C 293 -21.98 7.22 41.35
CA VAL C 293 -21.52 7.20 39.97
C VAL C 293 -21.96 8.49 39.28
N GLN C 294 -21.00 9.19 38.69
CA GLN C 294 -21.24 10.43 37.96
C GLN C 294 -20.43 10.42 36.69
N TRP C 295 -20.99 10.97 35.62
CA TRP C 295 -20.37 10.98 34.30
C TRP C 295 -19.99 12.39 33.90
N MET C 296 -18.82 12.53 33.25
CA MET C 296 -18.38 13.79 32.68
C MET C 296 -17.94 13.57 31.24
N GLN C 297 -18.11 14.61 30.42
CA GLN C 297 -17.65 14.62 29.05
C GLN C 297 -16.76 15.83 28.85
N ARG C 298 -15.51 15.60 28.46
CA ARG C 298 -14.50 16.65 28.30
C ARG C 298 -14.31 17.45 29.59
N GLY C 299 -14.44 16.79 30.73
CA GLY C 299 -14.33 17.44 32.02
C GLY C 299 -15.57 18.16 32.50
N GLN C 300 -16.65 18.15 31.73
CA GLN C 300 -17.90 18.80 32.11
C GLN C 300 -18.93 17.76 32.50
N PRO C 301 -19.44 17.79 33.73
CA PRO C 301 -20.46 16.81 34.13
C PRO C 301 -21.74 16.96 33.31
N LEU C 302 -22.38 15.82 33.04
CA LEU C 302 -23.62 15.79 32.28
C LEU C 302 -24.81 15.97 33.21
N SER C 303 -25.99 16.10 32.61
CA SER C 303 -27.22 16.18 33.39
C SER C 303 -27.49 14.84 34.07
N PRO C 304 -28.06 14.87 35.28
CA PRO C 304 -28.30 13.61 36.01
C PRO C 304 -29.28 12.67 35.32
N GLU C 305 -30.12 13.17 34.41
CA GLU C 305 -31.12 12.33 33.78
C GLU C 305 -30.59 11.55 32.58
N LYS C 306 -29.40 11.90 32.07
CA LYS C 306 -28.84 11.16 30.94
C LYS C 306 -28.31 9.80 31.38
N TYR C 307 -27.77 9.72 32.59
CA TYR C 307 -27.23 8.48 33.13
C TYR C 307 -28.06 8.03 34.32
N VAL C 308 -28.26 6.72 34.43
CA VAL C 308 -29.03 6.12 35.51
C VAL C 308 -28.15 5.09 36.21
N THR C 309 -28.17 5.09 37.54
CA THR C 309 -27.34 4.20 38.35
C THR C 309 -28.25 3.27 39.15
N SER C 310 -27.97 1.98 39.08
CA SER C 310 -28.74 0.99 39.81
C SER C 310 -28.29 0.95 41.27
N ALA C 311 -29.22 0.54 42.13
CA ALA C 311 -28.90 0.39 43.55
C ALA C 311 -27.94 -0.78 43.76
N PRO C 312 -27.02 -0.65 44.71
CA PRO C 312 -26.09 -1.76 44.98
C PRO C 312 -26.81 -3.00 45.48
N MET C 313 -26.31 -4.16 45.04
CA MET C 313 -26.84 -5.45 45.44
C MET C 313 -25.68 -6.39 45.70
N PRO C 314 -25.85 -7.37 46.60
CA PRO C 314 -24.72 -8.23 46.98
C PRO C 314 -24.22 -9.08 45.81
N GLU C 315 -22.90 -9.29 45.78
CA GLU C 315 -22.26 -10.15 44.80
C GLU C 315 -22.46 -11.61 45.18
N PRO C 316 -22.79 -12.48 44.22
CA PRO C 316 -23.00 -13.90 44.56
C PRO C 316 -21.73 -14.60 45.01
N GLN C 317 -20.60 -14.38 44.32
CA GLN C 317 -19.36 -15.05 44.70
C GLN C 317 -18.79 -14.47 45.99
N ALA C 318 -18.77 -13.15 46.12
CA ALA C 318 -18.25 -12.51 47.32
C ALA C 318 -19.41 -11.98 48.15
N PRO C 319 -19.74 -12.61 49.28
CA PRO C 319 -20.87 -12.09 50.08
C PRO C 319 -20.63 -10.71 50.66
N GLY C 320 -19.40 -10.42 51.10
CA GLY C 320 -19.11 -9.11 51.65
C GLY C 320 -19.16 -8.01 50.61
N ARG C 321 -18.61 -8.27 49.42
CA ARG C 321 -18.53 -7.26 48.38
C ARG C 321 -19.89 -7.06 47.69
N TYR C 322 -20.09 -5.87 47.16
CA TYR C 322 -21.29 -5.51 46.43
C TYR C 322 -20.89 -4.98 45.05
N PHE C 323 -21.84 -5.03 44.12
CA PHE C 323 -21.60 -4.53 42.77
C PHE C 323 -22.78 -3.69 42.32
N ALA C 324 -22.49 -2.77 41.40
CA ALA C 324 -23.51 -1.89 40.84
C ALA C 324 -23.11 -1.52 39.41
N HIS C 325 -24.10 -1.10 38.63
CA HIS C 325 -23.89 -0.77 37.24
C HIS C 325 -24.64 0.51 36.88
N SER C 326 -24.15 1.20 35.85
CA SER C 326 -24.77 2.41 35.36
C SER C 326 -24.47 2.56 33.88
N ILE C 327 -25.42 3.13 33.14
CA ILE C 327 -25.31 3.29 31.69
C ILE C 327 -25.58 4.74 31.32
N LEU C 328 -24.81 5.24 30.35
CA LEU C 328 -25.02 6.58 29.79
C LEU C 328 -25.37 6.41 28.32
N THR C 329 -26.54 6.90 27.93
CA THR C 329 -27.05 6.72 26.58
C THR C 329 -26.78 7.99 25.76
N VAL C 330 -26.03 7.83 24.67
CA VAL C 330 -25.75 8.90 23.72
C VAL C 330 -26.00 8.39 22.32
N SER C 331 -25.93 9.31 21.35
CA SER C 331 -26.13 8.94 19.96
C SER C 331 -24.96 8.11 19.45
N GLU C 332 -25.24 7.32 18.41
CA GLU C 332 -24.22 6.44 17.86
C GLU C 332 -23.13 7.22 17.13
N GLU C 333 -23.52 8.23 16.34
CA GLU C 333 -22.52 9.08 15.71
C GLU C 333 -21.82 9.98 16.73
N GLU C 334 -22.44 10.25 17.88
CA GLU C 334 -21.73 10.90 18.96
C GLU C 334 -20.57 10.03 19.46
N TRP C 335 -20.80 8.71 19.55
CA TRP C 335 -19.72 7.80 19.87
C TRP C 335 -18.68 7.77 18.74
N ASN C 336 -19.13 7.83 17.48
CA ASN C 336 -18.19 7.84 16.37
C ASN C 336 -17.39 9.13 16.28
N THR C 337 -17.85 10.21 16.93
CA THR C 337 -17.15 11.48 16.86
C THR C 337 -15.75 11.38 17.46
N GLY C 338 -15.62 10.69 18.58
CA GLY C 338 -14.33 10.53 19.21
C GLY C 338 -14.26 11.16 20.59
N GLU C 339 -15.42 11.50 21.14
CA GLU C 339 -15.47 12.09 22.47
C GLU C 339 -15.09 11.08 23.54
N THR C 340 -14.44 11.57 24.59
CA THR C 340 -14.00 10.71 25.69
C THR C 340 -14.95 10.89 26.87
N TYR C 341 -15.47 9.77 27.37
CA TYR C 341 -16.41 9.76 28.48
C TYR C 341 -15.70 9.22 29.73
N THR C 342 -15.84 9.94 30.83
CA THR C 342 -15.21 9.57 32.09
C THR C 342 -16.27 9.16 33.10
N CYS C 343 -16.07 7.99 33.71
CA CYS C 343 -16.98 7.46 34.73
C CYS C 343 -16.34 7.66 36.09
N VAL C 344 -16.98 8.46 36.94
CA VAL C 344 -16.48 8.76 38.27
C VAL C 344 -17.19 7.87 39.27
N VAL C 345 -16.41 7.13 40.06
CA VAL C 345 -16.94 6.22 41.07
C VAL C 345 -16.44 6.68 42.43
N ALA C 346 -17.36 7.05 43.31
CA ALA C 346 -17.03 7.56 44.63
C ALA C 346 -17.33 6.50 45.68
N HIS C 347 -16.33 6.20 46.52
CA HIS C 347 -16.48 5.19 47.56
C HIS C 347 -15.56 5.52 48.71
N GLU C 348 -15.90 4.97 49.89
CA GLU C 348 -15.12 5.25 51.09
C GLU C 348 -13.75 4.57 51.04
N ALA C 349 -13.71 3.34 50.52
CA ALA C 349 -12.50 2.53 50.60
C ALA C 349 -11.42 2.97 49.61
N LEU C 350 -11.76 3.80 48.63
CA LEU C 350 -10.76 4.23 47.67
C LEU C 350 -9.73 5.13 48.34
N PRO C 351 -8.45 5.02 47.95
CA PRO C 351 -7.42 5.87 48.58
C PRO C 351 -7.66 7.36 48.37
N ASN C 352 -8.23 7.75 47.22
CA ASN C 352 -8.57 9.14 46.94
C ASN C 352 -10.08 9.37 46.97
N ARG C 353 -10.84 8.38 47.44
CA ARG C 353 -12.30 8.44 47.62
C ARG C 353 -13.06 8.48 46.29
N VAL C 354 -12.34 8.57 45.16
CA VAL C 354 -12.93 8.55 43.83
C VAL C 354 -12.01 7.78 42.90
N THR C 355 -12.56 7.39 41.75
CA THR C 355 -11.80 6.70 40.72
C THR C 355 -12.44 7.01 39.36
N GLU C 356 -11.61 7.41 38.40
CA GLU C 356 -12.08 7.80 37.07
C GLU C 356 -11.49 6.87 36.02
N ARG C 357 -12.34 6.41 35.11
CA ARG C 357 -11.91 5.61 33.96
C ARG C 357 -12.42 6.28 32.69
N THR C 358 -11.62 6.21 31.63
CA THR C 358 -11.90 6.89 30.38
C THR C 358 -12.15 5.88 29.28
N VAL C 359 -13.22 6.08 28.51
CA VAL C 359 -13.54 5.24 27.36
C VAL C 359 -13.46 6.11 26.11
N ASP C 360 -13.12 5.46 25.00
CA ASP C 360 -12.94 6.15 23.73
C ASP C 360 -13.21 5.15 22.62
N LYS C 361 -13.17 5.62 21.37
CA LYS C 361 -13.32 4.70 20.24
C LYS C 361 -12.19 3.68 20.21
N SER C 362 -10.98 4.11 20.54
CA SER C 362 -9.80 3.25 20.49
C SER C 362 -9.50 2.65 21.87
N THR C 363 -10.44 1.84 22.36
CA THR C 363 -10.24 1.09 23.58
C THR C 363 -10.47 -0.41 23.43
N GLY C 364 -11.12 -0.85 22.36
CA GLY C 364 -11.35 -2.26 22.13
C GLY C 364 -11.24 -2.61 20.66
N LYS C 365 -10.59 -1.73 19.90
CA LYS C 365 -10.42 -1.96 18.47
C LYS C 365 -9.48 -3.14 18.24
N PRO C 366 -9.65 -3.86 17.12
CA PRO C 366 -8.72 -4.95 16.80
C PRO C 366 -7.32 -4.45 16.50
N THR C 367 -6.37 -4.80 17.38
CA THR C 367 -5.00 -4.31 17.22
C THR C 367 -4.29 -4.96 16.04
N LEU C 368 -4.76 -6.10 15.56
CA LEU C 368 -4.12 -6.80 14.46
C LEU C 368 -5.16 -7.32 13.48
N TYR C 369 -4.88 -7.11 12.19
CA TYR C 369 -5.68 -7.67 11.11
C TYR C 369 -4.81 -8.66 10.35
N ASN C 370 -5.30 -9.90 10.22
CA ASN C 370 -4.54 -10.99 9.62
C ASN C 370 -5.17 -11.46 8.32
N VAL C 371 -5.59 -10.53 7.47
CA VAL C 371 -6.13 -10.89 6.17
C VAL C 371 -5.04 -11.50 5.30
N SER C 372 -5.39 -12.57 4.59
CA SER C 372 -4.47 -13.28 3.69
C SER C 372 -5.24 -13.64 2.43
N LEU C 373 -5.07 -12.83 1.39
CA LEU C 373 -5.77 -13.05 0.12
C LEU C 373 -5.05 -14.10 -0.69
N VAL C 374 -5.65 -15.29 -0.81
CA VAL C 374 -5.09 -16.40 -1.56
C VAL C 374 -6.06 -16.73 -2.69
N MET C 375 -5.56 -16.66 -3.92
CA MET C 375 -6.35 -16.97 -5.10
C MET C 375 -5.62 -18.00 -5.95
N SER C 376 -6.36 -19.02 -6.40
CA SER C 376 -5.80 -20.10 -7.19
C SER C 376 -6.71 -20.40 -8.37
N ASP C 377 -6.10 -20.88 -9.46
CA ASP C 377 -6.83 -21.27 -10.66
C ASP C 377 -6.97 -22.78 -10.81
N THR C 378 -6.60 -23.54 -9.78
CA THR C 378 -6.69 -24.99 -9.81
C THR C 378 -7.56 -25.49 -8.68
N ALA C 379 -8.14 -26.67 -8.88
CA ALA C 379 -9.01 -27.29 -7.88
C ALA C 379 -8.19 -27.88 -6.73
N ILE D 152 11.84 41.60 63.58
CA ILE D 152 10.81 40.58 63.74
C ILE D 152 10.10 40.34 62.41
N ARG D 153 10.51 39.30 61.70
CA ARG D 153 9.90 38.94 60.42
C ARG D 153 8.74 37.99 60.70
N VAL D 154 7.52 38.51 60.65
CA VAL D 154 6.32 37.71 60.89
C VAL D 154 5.80 37.20 59.56
N PHE D 155 5.67 35.88 59.46
CA PHE D 155 5.15 35.23 58.26
C PHE D 155 4.70 33.82 58.62
N ALA D 156 3.66 33.35 57.95
CA ALA D 156 3.17 31.99 58.13
C ALA D 156 2.88 31.37 56.78
N ILE D 157 3.04 30.06 56.70
CA ILE D 157 2.77 29.31 55.47
C ILE D 157 1.32 28.83 55.53
N PRO D 158 0.43 29.34 54.68
CA PRO D 158 -0.95 28.84 54.69
C PRO D 158 -1.00 27.41 54.20
N PRO D 159 -1.95 26.61 54.70
CA PRO D 159 -2.06 25.23 54.22
C PRO D 159 -2.59 25.17 52.80
N SER D 160 -1.72 24.86 51.85
CA SER D 160 -2.13 24.77 50.47
C SER D 160 -3.03 23.55 50.25
N PHE D 161 -3.73 23.56 49.12
CA PHE D 161 -4.60 22.43 48.80
C PHE D 161 -3.81 21.15 48.63
N ALA D 162 -2.58 21.26 48.12
CA ALA D 162 -1.71 20.09 47.98
C ALA D 162 -1.38 19.48 49.34
N SER D 163 -1.06 20.32 50.32
CA SER D 163 -0.68 19.82 51.64
C SER D 163 -1.86 19.14 52.33
N ILE D 164 -3.01 19.80 52.34
CA ILE D 164 -4.18 19.23 53.00
C ILE D 164 -4.68 18.00 52.25
N PHE D 165 -4.46 17.93 50.94
CA PHE D 165 -4.84 16.75 50.18
C PHE D 165 -3.88 15.59 50.45
N LEU D 166 -2.60 15.89 50.68
CA LEU D 166 -1.64 14.83 50.99
C LEU D 166 -1.84 14.31 52.41
N THR D 167 -2.15 15.19 53.36
CA THR D 167 -2.21 14.81 54.77
C THR D 167 -3.59 14.39 55.23
N LYS D 168 -4.60 14.40 54.35
CA LYS D 168 -5.98 14.02 54.68
C LYS D 168 -6.59 14.89 55.79
N SER D 169 -6.01 16.07 56.05
CA SER D 169 -6.51 16.94 57.11
C SER D 169 -6.02 18.35 56.84
N THR D 170 -6.70 19.31 57.45
CA THR D 170 -6.41 20.74 57.29
C THR D 170 -5.76 21.24 58.58
N LYS D 171 -4.49 21.62 58.48
CA LYS D 171 -3.73 22.15 59.61
C LYS D 171 -2.89 23.33 59.14
N LEU D 172 -2.83 24.37 59.96
CA LEU D 172 -2.08 25.57 59.63
C LEU D 172 -1.10 25.89 60.75
N THR D 173 0.00 26.54 60.40
CA THR D 173 1.12 26.77 61.30
C THR D 173 1.28 28.26 61.58
N CYS D 174 1.63 28.58 62.82
CA CYS D 174 1.93 29.94 63.25
C CYS D 174 3.42 30.03 63.52
N LEU D 175 4.11 30.91 62.79
CA LEU D 175 5.57 31.00 62.83
C LEU D 175 5.99 32.41 63.22
N VAL D 176 6.95 32.48 64.14
CA VAL D 176 7.49 33.75 64.64
C VAL D 176 9.01 33.70 64.52
N THR D 177 9.61 34.77 64.01
CA THR D 177 11.04 34.85 63.77
C THR D 177 11.63 36.06 64.48
N ASP D 178 12.91 35.96 64.86
CA ASP D 178 13.69 37.05 65.42
C ASP D 178 13.11 37.55 66.76
N LEU D 179 12.99 36.65 67.72
CA LEU D 179 12.55 37.03 69.06
C LEU D 179 13.45 36.36 70.08
N THR D 180 13.50 36.95 71.27
CA THR D 180 14.29 36.41 72.35
C THR D 180 13.66 35.13 72.89
N THR D 181 14.47 34.28 73.49
CA THR D 181 14.03 32.94 73.92
C THR D 181 13.43 33.03 75.32
N TYR D 182 12.11 33.19 75.37
CA TYR D 182 11.36 33.23 76.61
C TYR D 182 10.39 32.06 76.68
N ASP D 183 10.09 31.64 77.91
CA ASP D 183 9.17 30.54 78.15
C ASP D 183 7.74 31.05 78.14
N SER D 184 6.80 30.18 78.53
CA SER D 184 5.37 30.50 78.59
C SER D 184 4.84 30.96 77.23
N VAL D 185 5.06 30.14 76.22
CA VAL D 185 4.62 30.47 74.86
C VAL D 185 3.12 30.16 74.75
N THR D 186 2.35 31.16 74.34
CA THR D 186 0.90 31.05 74.18
C THR D 186 0.54 31.54 72.79
N ILE D 187 0.48 30.62 71.83
CA ILE D 187 0.12 30.93 70.45
C ILE D 187 -1.07 30.08 70.04
N SER D 188 -2.07 30.72 69.44
CA SER D 188 -3.26 30.01 68.99
C SER D 188 -3.89 30.77 67.84
N TRP D 189 -4.57 30.04 66.97
CA TRP D 189 -5.25 30.64 65.82
C TRP D 189 -6.68 30.96 66.23
N THR D 190 -6.96 32.24 66.45
CA THR D 190 -8.26 32.69 66.91
C THR D 190 -9.15 33.01 65.72
N ARG D 191 -10.29 32.32 65.63
CA ARG D 191 -11.27 32.61 64.60
C ARG D 191 -11.95 33.94 64.92
N GLN D 192 -12.48 34.60 63.88
CA GLN D 192 -13.03 35.94 64.03
C GLN D 192 -14.18 36.01 65.02
N ASN D 193 -14.85 34.89 65.30
CA ASN D 193 -15.87 34.87 66.34
C ASN D 193 -15.27 34.95 67.74
N GLY D 194 -13.96 34.79 67.89
CA GLY D 194 -13.32 34.85 69.18
C GLY D 194 -12.97 33.52 69.80
N GLU D 195 -13.10 32.42 69.07
CA GLU D 195 -12.82 31.08 69.58
C GLU D 195 -11.57 30.55 68.89
N ALA D 196 -10.57 30.19 69.70
CA ALA D 196 -9.26 29.82 69.20
C ALA D 196 -9.20 28.32 68.91
N VAL D 197 -7.99 27.80 68.66
CA VAL D 197 -7.84 26.38 68.38
C VAL D 197 -7.98 25.58 69.68
N LYS D 198 -8.33 24.30 69.53
CA LYS D 198 -8.53 23.45 70.69
C LYS D 198 -7.19 23.03 71.30
N THR D 199 -6.29 22.47 70.49
CA THR D 199 -4.98 22.05 70.94
C THR D 199 -3.91 22.70 70.06
N HIS D 200 -2.75 22.95 70.65
CA HIS D 200 -1.61 23.54 69.94
C HIS D 200 -0.34 22.89 70.50
N THR D 201 0.11 21.82 69.86
CA THR D 201 1.25 21.04 70.32
C THR D 201 2.29 20.96 69.21
N ASN D 202 3.32 20.12 69.45
CA ASN D 202 4.41 19.89 68.50
C ASN D 202 5.15 21.19 68.17
N ILE D 203 5.40 22.01 69.19
CA ILE D 203 6.14 23.24 68.99
C ILE D 203 7.62 22.91 68.80
N SER D 204 8.20 23.43 67.72
CA SER D 204 9.59 23.12 67.39
C SER D 204 10.54 23.87 68.32
N GLU D 205 11.79 23.41 68.33
CA GLU D 205 12.83 23.98 69.19
C GLU D 205 13.66 24.99 68.39
N SER D 206 14.19 25.98 69.11
CA SER D 206 14.86 27.12 68.50
C SER D 206 16.13 26.70 67.77
N HIS D 207 16.44 27.43 66.70
CA HIS D 207 17.69 27.22 66.00
C HIS D 207 18.85 27.71 66.86
N PRO D 208 20.06 27.18 66.62
CA PRO D 208 21.23 27.65 67.38
C PRO D 208 21.55 29.13 67.16
N ASN D 209 21.06 29.72 66.07
CA ASN D 209 21.30 31.13 65.76
C ASN D 209 20.28 32.06 66.41
N ALA D 210 19.61 31.60 67.48
CA ALA D 210 18.65 32.40 68.24
C ALA D 210 17.49 32.89 67.36
N THR D 211 17.06 32.04 66.44
CA THR D 211 15.92 32.35 65.57
C THR D 211 14.98 31.15 65.56
N PHE D 212 13.72 31.37 65.93
CA PHE D 212 12.76 30.28 65.94
C PHE D 212 12.17 30.06 64.56
N SER D 213 11.87 28.79 64.26
CA SER D 213 11.04 28.39 63.12
C SER D 213 9.92 27.49 63.61
N ALA D 214 9.51 27.70 64.86
CA ALA D 214 8.54 26.83 65.52
C ALA D 214 7.18 26.94 64.86
N VAL D 215 6.50 25.80 64.74
CA VAL D 215 5.21 25.70 64.09
C VAL D 215 4.28 24.86 64.97
N GLY D 216 3.02 25.26 65.03
CA GLY D 216 2.00 24.53 65.77
C GLY D 216 0.92 24.06 64.84
N GLU D 217 0.34 22.90 65.13
CA GLU D 217 -0.66 22.27 64.27
C GLU D 217 -1.94 21.99 65.06
N ALA D 218 -3.06 22.02 64.35
CA ALA D 218 -4.36 21.76 64.95
C ALA D 218 -5.32 21.27 63.88
N SER D 219 -6.43 20.67 64.33
CA SER D 219 -7.44 20.15 63.43
C SER D 219 -8.54 21.19 63.22
N ILE D 220 -8.70 21.66 61.98
CA ILE D 220 -9.68 22.66 61.63
C ILE D 220 -10.47 22.17 60.42
N CYS D 221 -11.76 22.49 60.41
CA CYS D 221 -12.63 22.13 59.30
C CYS D 221 -12.17 22.78 58.00
N GLU D 222 -12.23 22.01 56.92
CA GLU D 222 -11.80 22.51 55.61
C GLU D 222 -12.84 23.47 55.02
N ASP D 223 -14.12 23.17 55.24
CA ASP D 223 -15.19 24.04 54.72
C ASP D 223 -15.11 25.42 55.36
N ASP D 224 -14.84 25.47 56.66
CA ASP D 224 -14.71 26.75 57.34
C ASP D 224 -13.54 27.55 56.78
N TRP D 225 -12.44 26.89 56.46
CA TRP D 225 -11.28 27.60 55.93
C TRP D 225 -11.54 28.12 54.52
N ASN D 226 -12.05 27.25 53.63
CA ASN D 226 -12.18 27.66 52.24
C ASN D 226 -13.46 28.44 51.96
N SER D 227 -14.35 28.61 52.95
CA SER D 227 -15.52 29.45 52.77
C SER D 227 -15.16 30.93 52.69
N GLY D 228 -13.94 31.30 53.06
CA GLY D 228 -13.52 32.68 53.07
C GLY D 228 -13.26 33.27 54.44
N GLU D 229 -13.33 32.48 55.50
CA GLU D 229 -13.14 32.98 56.85
C GLU D 229 -11.65 33.10 57.15
N ARG D 230 -11.20 34.33 57.38
CA ARG D 230 -9.79 34.56 57.68
C ARG D 230 -9.47 34.10 59.10
N PHE D 231 -8.25 33.58 59.28
CA PHE D 231 -7.79 33.09 60.57
C PHE D 231 -6.71 34.02 61.11
N THR D 232 -6.81 34.36 62.39
CA THR D 232 -5.88 35.27 63.05
C THR D 232 -5.16 34.54 64.17
N CYS D 233 -3.84 34.68 64.21
CA CYS D 233 -3.00 34.06 65.22
C CYS D 233 -2.62 35.09 66.28
N THR D 234 -2.92 34.79 67.55
CA THR D 234 -2.52 35.65 68.65
C THR D 234 -1.14 35.22 69.15
N VAL D 235 -0.29 36.21 69.40
CA VAL D 235 1.09 35.98 69.85
C VAL D 235 1.29 36.83 71.10
N THR D 236 1.34 36.19 72.26
CA THR D 236 1.58 36.86 73.53
C THR D 236 2.94 36.43 74.07
N HIS D 237 3.81 37.39 74.34
CA HIS D 237 5.14 37.10 74.84
C HIS D 237 5.62 38.28 75.69
N THR D 238 6.64 38.02 76.50
CA THR D 238 7.17 39.06 77.37
C THR D 238 7.89 40.14 76.57
N ASP D 239 8.43 39.79 75.40
CA ASP D 239 9.11 40.78 74.57
C ASP D 239 8.16 41.87 74.08
N LEU D 240 6.96 41.47 73.65
CA LEU D 240 5.95 42.40 73.16
C LEU D 240 4.72 42.31 74.05
N PRO D 241 4.53 43.24 74.99
CA PRO D 241 3.29 43.23 75.78
C PRO D 241 2.04 43.38 74.94
N SER D 242 2.11 44.13 73.85
CA SER D 242 0.97 44.22 72.94
C SER D 242 0.81 42.89 72.19
N PRO D 243 -0.40 42.34 72.13
CA PRO D 243 -0.57 41.04 71.46
C PRO D 243 -0.34 41.11 69.96
N LEU D 244 0.70 40.45 69.48
CA LEU D 244 0.99 40.41 68.06
C LEU D 244 -0.03 39.55 67.32
N LYS D 245 -0.36 39.96 66.10
CA LYS D 245 -1.40 39.31 65.31
C LYS D 245 -0.84 38.91 63.95
N GLN D 246 -1.28 37.75 63.47
CA GLN D 246 -0.91 37.24 62.16
C GLN D 246 -2.18 36.98 61.34
N THR D 247 -2.02 36.96 60.02
CA THR D 247 -3.17 36.78 59.14
C THR D 247 -2.73 36.06 57.87
N ILE D 248 -3.25 34.85 57.66
CA ILE D 248 -3.09 34.12 56.41
C ILE D 248 -4.44 33.61 55.96
N SER D 249 -4.72 33.76 54.66
CA SER D 249 -5.99 33.33 54.10
C SER D 249 -5.84 33.18 52.60
N ARG D 250 -6.55 32.20 52.04
CA ARG D 250 -6.53 32.02 50.59
C ARG D 250 -7.23 33.20 49.91
N PRO D 251 -6.75 33.63 48.74
CA PRO D 251 -7.37 34.76 48.06
C PRO D 251 -8.78 34.43 47.59
N LYS D 252 -9.63 35.45 47.57
CA LYS D 252 -11.01 35.33 47.11
C LYS D 252 -11.20 36.11 45.83
N GLY D 253 -12.09 35.60 44.97
CA GLY D 253 -12.32 36.19 43.67
C GLY D 253 -11.41 35.71 42.57
N VAL D 254 -10.44 34.84 42.88
CA VAL D 254 -9.57 34.29 41.85
C VAL D 254 -10.35 33.34 40.96
N ALA D 255 -9.95 33.26 39.69
CA ALA D 255 -10.64 32.39 38.74
C ALA D 255 -10.46 30.93 39.13
N LEU D 256 -11.55 30.18 39.08
CA LEU D 256 -11.55 28.75 39.41
C LEU D 256 -11.81 27.98 38.12
N HIS D 257 -10.73 27.61 37.44
CA HIS D 257 -10.80 26.87 36.19
C HIS D 257 -10.15 25.50 36.37
N ARG D 258 -10.85 24.47 35.90
CA ARG D 258 -10.38 23.10 36.09
C ARG D 258 -9.13 22.84 35.25
N PRO D 259 -8.20 22.02 35.77
CA PRO D 259 -7.01 21.68 34.98
C PRO D 259 -7.35 20.84 33.76
N ASP D 260 -6.52 20.99 32.73
CA ASP D 260 -6.65 20.25 31.48
C ASP D 260 -5.49 19.26 31.43
N VAL D 261 -5.74 18.04 31.86
CA VAL D 261 -4.70 17.02 32.00
C VAL D 261 -4.59 16.24 30.70
N TYR D 262 -3.38 16.19 30.13
CA TYR D 262 -3.05 15.37 28.98
C TYR D 262 -1.76 14.59 29.29
N LEU D 263 -1.90 13.32 29.65
CA LEU D 263 -0.72 12.50 29.89
C LEU D 263 -0.02 12.21 28.57
N LEU D 264 1.31 12.27 28.57
CA LEU D 264 2.11 12.09 27.37
C LEU D 264 2.88 10.77 27.44
N PRO D 265 2.56 9.81 26.60
CA PRO D 265 3.36 8.57 26.54
C PRO D 265 4.80 8.86 26.18
N PRO D 266 5.74 8.05 26.67
CA PRO D 266 7.15 8.24 26.30
C PRO D 266 7.41 7.93 24.84
N ALA D 267 8.46 8.54 24.30
CA ALA D 267 8.85 8.35 22.91
C ALA D 267 9.46 6.96 22.70
N ARG D 268 9.63 6.60 21.43
CA ARG D 268 10.17 5.28 21.11
C ARG D 268 11.63 5.16 21.55
N GLU D 269 12.42 6.21 21.36
CA GLU D 269 13.87 6.10 21.52
C GLU D 269 14.26 5.81 22.97
N GLN D 270 13.53 6.38 23.93
CA GLN D 270 13.78 6.05 25.33
C GLN D 270 13.49 4.58 25.62
N LEU D 271 12.53 3.99 24.89
CA LEU D 271 12.28 2.56 25.03
C LEU D 271 13.36 1.73 24.34
N ASN D 272 13.87 2.21 23.20
CA ASN D 272 14.95 1.50 22.52
C ASN D 272 16.21 1.48 23.36
N LEU D 273 16.53 2.58 24.03
CA LEU D 273 17.55 2.54 25.07
C LEU D 273 17.07 1.70 26.25
N ARG D 274 17.99 0.96 26.85
CA ARG D 274 17.65 -0.02 27.88
C ARG D 274 17.84 0.49 29.29
N GLU D 275 18.00 1.80 29.47
CA GLU D 275 18.26 2.33 30.81
C GLU D 275 16.97 2.50 31.62
N SER D 276 15.99 3.24 31.10
CA SER D 276 14.73 3.49 31.79
C SER D 276 13.74 4.12 30.82
N ALA D 277 12.55 4.42 31.33
CA ALA D 277 11.54 5.14 30.59
C ALA D 277 10.88 6.16 31.50
N THR D 278 10.63 7.36 30.98
CA THR D 278 10.02 8.44 31.74
C THR D 278 8.61 8.71 31.23
N ILE D 279 7.64 8.66 32.12
CA ILE D 279 6.25 8.96 31.81
C ILE D 279 5.88 10.27 32.49
N THR D 280 5.42 11.24 31.70
CA THR D 280 5.09 12.56 32.21
C THR D 280 3.58 12.79 32.15
N CYS D 281 3.08 13.57 33.09
CA CYS D 281 1.67 13.93 33.16
C CYS D 281 1.57 15.44 33.02
N LEU D 282 1.29 15.91 31.80
CA LEU D 282 1.24 17.34 31.52
C LEU D 282 -0.06 17.92 32.06
N VAL D 283 0.04 18.72 33.11
CA VAL D 283 -1.10 19.41 33.70
C VAL D 283 -0.98 20.89 33.33
N THR D 284 -2.02 21.43 32.68
CA THR D 284 -1.98 22.79 32.21
C THR D 284 -3.38 23.39 32.26
N GLY D 285 -3.43 24.72 32.19
CA GLY D 285 -4.70 25.43 32.18
C GLY D 285 -5.49 25.35 33.48
N PHE D 286 -4.81 25.52 34.62
CA PHE D 286 -5.47 25.50 35.91
C PHE D 286 -5.21 26.80 36.66
N SER D 287 -6.24 27.30 37.33
CA SER D 287 -6.16 28.50 38.16
C SER D 287 -6.91 28.19 39.45
N PRO D 288 -6.31 28.46 40.62
CA PRO D 288 -5.01 29.11 40.85
C PRO D 288 -3.81 28.20 40.61
N ALA D 289 -2.62 28.69 41.00
CA ALA D 289 -1.38 28.01 40.66
C ALA D 289 -1.21 26.69 41.41
N ASP D 290 -1.73 26.59 42.64
CA ASP D 290 -1.50 25.41 43.45
C ASP D 290 -2.15 24.17 42.85
N VAL D 291 -1.45 23.04 42.97
CA VAL D 291 -1.90 21.78 42.38
C VAL D 291 -1.09 20.66 43.02
N PHE D 292 -1.70 19.48 43.11
CA PHE D 292 -1.03 18.29 43.64
C PHE D 292 -1.16 17.16 42.63
N VAL D 293 -0.05 16.51 42.32
CA VAL D 293 -0.01 15.40 41.37
C VAL D 293 0.48 14.16 42.09
N GLN D 294 -0.26 13.06 41.97
CA GLN D 294 0.08 11.79 42.61
C GLN D 294 0.02 10.68 41.57
N TRP D 295 0.96 9.74 41.68
CA TRP D 295 1.03 8.59 40.78
C TRP D 295 0.72 7.32 41.55
N MET D 296 -0.20 6.51 41.01
CA MET D 296 -0.49 5.20 41.58
C MET D 296 -0.38 4.14 40.50
N GLN D 297 0.00 2.93 40.92
CA GLN D 297 0.12 1.78 40.03
C GLN D 297 -0.85 0.71 40.51
N ARG D 298 -1.79 0.33 39.63
CA ARG D 298 -2.82 -0.68 39.92
C ARG D 298 -3.65 -0.30 41.15
N GLY D 299 -3.88 0.99 41.35
CA GLY D 299 -4.63 1.47 42.49
C GLY D 299 -3.84 1.58 43.77
N GLN D 300 -2.55 1.23 43.76
CA GLN D 300 -1.70 1.29 44.94
C GLN D 300 -0.81 2.52 44.88
N PRO D 301 -0.78 3.34 45.92
CA PRO D 301 0.08 4.53 45.90
C PRO D 301 1.55 4.16 45.78
N LEU D 302 2.28 4.94 44.98
CA LEU D 302 3.71 4.75 44.80
C LEU D 302 4.49 5.62 45.77
N SER D 303 5.77 5.29 45.91
CA SER D 303 6.64 6.06 46.78
C SER D 303 6.86 7.46 46.21
N PRO D 304 6.89 8.50 47.06
CA PRO D 304 7.11 9.86 46.53
C PRO D 304 8.48 10.06 45.92
N GLU D 305 9.45 9.18 46.19
CA GLU D 305 10.78 9.35 45.63
C GLU D 305 10.80 9.09 44.12
N LYS D 306 9.90 8.26 43.62
CA LYS D 306 9.92 7.92 42.20
C LYS D 306 9.46 9.07 41.32
N TYR D 307 8.37 9.75 41.71
CA TYR D 307 7.79 10.80 40.91
C TYR D 307 8.02 12.16 41.57
N VAL D 308 8.36 13.16 40.74
CA VAL D 308 8.61 14.52 41.21
C VAL D 308 7.70 15.47 40.44
N THR D 309 7.14 16.45 41.15
CA THR D 309 6.22 17.42 40.56
C THR D 309 6.95 18.75 40.38
N SER D 310 6.86 19.30 39.17
CA SER D 310 7.48 20.58 38.88
C SER D 310 6.68 21.73 39.50
N ALA D 311 7.36 22.84 39.75
CA ALA D 311 6.71 24.01 40.29
C ALA D 311 5.76 24.63 39.27
N PRO D 312 4.63 25.17 39.71
CA PRO D 312 3.68 25.78 38.76
C PRO D 312 4.27 27.00 38.09
N MET D 313 4.04 27.12 36.78
CA MET D 313 4.47 28.25 35.97
C MET D 313 3.32 28.71 35.09
N PRO D 314 3.23 30.00 34.80
CA PRO D 314 2.10 30.49 34.00
C PRO D 314 2.12 29.97 32.57
N GLU D 315 0.93 29.79 32.02
CA GLU D 315 0.80 29.35 30.64
C GLU D 315 1.16 30.50 29.69
N PRO D 316 1.92 30.23 28.63
CA PRO D 316 2.28 31.30 27.69
C PRO D 316 1.08 31.96 27.02
N GLN D 317 0.05 31.19 26.66
CA GLN D 317 -1.09 31.75 25.96
C GLN D 317 -1.95 32.60 26.89
N ALA D 318 -2.25 32.09 28.08
CA ALA D 318 -3.10 32.79 29.03
C ALA D 318 -2.33 33.03 30.31
N PRO D 319 -2.10 34.29 30.71
CA PRO D 319 -1.38 34.55 31.96
C PRO D 319 -2.11 34.05 33.19
N GLY D 320 -3.43 34.01 33.17
CA GLY D 320 -4.18 33.57 34.34
C GLY D 320 -3.97 32.10 34.65
N ARG D 321 -3.94 31.25 33.61
CA ARG D 321 -3.76 29.83 33.81
C ARG D 321 -2.30 29.50 34.12
N TYR D 322 -2.08 28.27 34.58
CA TYR D 322 -0.75 27.78 34.91
C TYR D 322 -0.58 26.37 34.35
N PHE D 323 0.67 25.97 34.21
CA PHE D 323 1.01 24.61 33.77
C PHE D 323 2.08 24.03 34.67
N ALA D 324 2.04 22.70 34.81
CA ALA D 324 2.97 21.98 35.67
C ALA D 324 3.34 20.65 35.02
N HIS D 325 4.44 20.08 35.48
CA HIS D 325 4.96 18.81 34.97
C HIS D 325 5.18 17.84 36.11
N SER D 326 5.01 16.55 35.83
CA SER D 326 5.24 15.49 36.81
C SER D 326 5.72 14.26 36.06
N ILE D 327 6.92 13.79 36.37
CA ILE D 327 7.57 12.70 35.66
C ILE D 327 7.73 11.52 36.60
N LEU D 328 7.29 10.34 36.16
CA LEU D 328 7.49 9.09 36.88
C LEU D 328 8.48 8.25 36.09
N THR D 329 9.68 8.08 36.64
CA THR D 329 10.72 7.32 35.97
C THR D 329 10.61 5.85 36.33
N VAL D 330 10.40 5.01 35.32
CA VAL D 330 10.24 3.56 35.51
C VAL D 330 11.16 2.84 34.54
N SER D 331 11.39 1.56 34.83
CA SER D 331 12.21 0.74 33.95
C SER D 331 11.46 0.43 32.66
N GLU D 332 12.24 0.09 31.62
CA GLU D 332 11.65 -0.27 30.34
C GLU D 332 10.81 -1.55 30.45
N GLU D 333 11.32 -2.55 31.18
CA GLU D 333 10.60 -3.80 31.34
C GLU D 333 9.27 -3.59 32.07
N GLU D 334 9.20 -2.61 32.97
CA GLU D 334 7.94 -2.27 33.60
C GLU D 334 6.95 -1.72 32.57
N TRP D 335 7.44 -0.91 31.63
CA TRP D 335 6.56 -0.36 30.59
C TRP D 335 6.12 -1.44 29.61
N ASN D 336 6.97 -2.45 29.36
CA ASN D 336 6.56 -3.54 28.48
C ASN D 336 5.39 -4.31 29.06
N THR D 337 5.42 -4.59 30.36
CA THR D 337 4.30 -5.25 31.02
C THR D 337 3.13 -4.27 31.17
N GLY D 338 1.92 -4.82 31.09
CA GLY D 338 0.72 -4.00 31.21
C GLY D 338 0.51 -3.44 32.59
N GLU D 339 0.69 -2.13 32.75
CA GLU D 339 0.54 -1.45 34.02
C GLU D 339 -0.37 -0.24 33.83
N THR D 340 -1.22 0.03 34.84
CA THR D 340 -2.14 1.15 34.75
C THR D 340 -1.40 2.48 34.80
N TYR D 341 -0.50 2.65 35.77
CA TYR D 341 0.30 3.87 35.94
C TYR D 341 -0.59 5.11 35.96
N THR D 342 -1.59 5.08 36.83
CA THR D 342 -2.59 6.14 36.86
C THR D 342 -1.98 7.45 37.35
N CYS D 343 -2.36 8.55 36.71
CA CYS D 343 -1.95 9.89 37.10
C CYS D 343 -3.11 10.59 37.78
N VAL D 344 -2.87 11.10 38.99
CA VAL D 344 -3.89 11.75 39.81
C VAL D 344 -3.51 13.21 39.97
N VAL D 345 -4.44 14.10 39.61
CA VAL D 345 -4.26 15.54 39.73
C VAL D 345 -5.32 16.08 40.67
N ALA D 346 -4.89 16.83 41.68
CA ALA D 346 -5.79 17.38 42.70
C ALA D 346 -5.89 18.89 42.53
N HIS D 347 -7.12 19.40 42.48
CA HIS D 347 -7.35 20.82 42.34
C HIS D 347 -8.71 21.17 42.92
N GLU D 348 -8.83 22.41 43.42
CA GLU D 348 -10.07 22.84 44.04
C GLU D 348 -11.14 23.19 43.01
N ALA D 349 -10.73 23.59 41.80
CA ALA D 349 -11.71 24.00 40.79
C ALA D 349 -12.43 22.83 40.15
N LEU D 350 -11.89 21.61 40.27
CA LEU D 350 -12.55 20.45 39.70
C LEU D 350 -13.81 20.12 40.49
N PRO D 351 -14.82 19.54 39.83
CA PRO D 351 -16.03 19.14 40.57
C PRO D 351 -15.77 18.07 41.62
N ASN D 352 -15.12 16.98 41.24
CA ASN D 352 -14.75 15.92 42.16
C ASN D 352 -13.34 16.06 42.73
N ARG D 353 -12.62 17.12 42.36
CA ARG D 353 -11.30 17.52 42.85
C ARG D 353 -10.19 16.55 42.45
N VAL D 354 -10.48 15.46 41.74
CA VAL D 354 -9.47 14.48 41.34
C VAL D 354 -9.69 14.13 39.87
N THR D 355 -8.61 14.19 39.09
CA THR D 355 -8.62 13.76 37.70
C THR D 355 -7.67 12.58 37.54
N GLU D 356 -8.18 11.48 37.00
CA GLU D 356 -7.42 10.25 36.84
C GLU D 356 -7.29 9.91 35.36
N ARG D 357 -6.06 9.60 34.93
CA ARG D 357 -5.79 9.21 33.56
C ARG D 357 -4.95 7.94 33.57
N THR D 358 -5.19 7.07 32.59
CA THR D 358 -4.52 5.79 32.50
C THR D 358 -3.73 5.69 31.19
N VAL D 359 -2.64 4.93 31.24
CA VAL D 359 -1.78 4.73 30.08
C VAL D 359 -1.10 3.38 30.22
N ASP D 360 -0.81 2.75 29.08
CA ASP D 360 -0.12 1.46 29.05
C ASP D 360 0.53 1.31 27.68
N LYS D 361 1.06 0.10 27.42
CA LYS D 361 1.66 -0.17 26.12
C LYS D 361 0.60 -0.18 25.01
N SER D 362 -0.61 -0.63 25.32
CA SER D 362 -1.69 -0.69 24.33
C SER D 362 -2.43 0.64 24.18
N THR D 363 -2.05 1.67 24.94
CA THR D 363 -2.66 2.98 24.77
C THR D 363 -2.30 3.55 23.41
N GLY D 364 -3.30 4.10 22.72
CA GLY D 364 -3.11 4.50 21.34
C GLY D 364 -3.02 3.28 20.44
N LYS D 365 -1.82 3.01 19.91
CA LYS D 365 -1.51 1.82 19.12
C LYS D 365 -2.49 1.65 17.96
N PRO D 366 -2.35 2.42 16.88
CA PRO D 366 -3.23 2.24 15.73
C PRO D 366 -3.10 0.83 15.15
N THR D 367 -4.20 0.35 14.60
CA THR D 367 -4.32 -1.06 14.23
C THR D 367 -3.25 -1.47 13.21
N LEU D 368 -2.61 -2.60 13.46
CA LEU D 368 -1.55 -3.11 12.60
C LEU D 368 -2.14 -4.14 11.64
N TYR D 369 -1.81 -3.99 10.36
CA TYR D 369 -2.31 -4.88 9.33
C TYR D 369 -1.22 -5.87 8.93
N ASN D 370 -1.62 -7.11 8.69
CA ASN D 370 -0.72 -8.22 8.39
C ASN D 370 -1.13 -8.90 7.10
N VAL D 371 -1.31 -8.10 6.05
CA VAL D 371 -1.75 -8.61 4.75
C VAL D 371 -0.65 -9.49 4.18
N SER D 372 -0.89 -10.80 4.14
CA SER D 372 0.03 -11.78 3.58
C SER D 372 -0.70 -12.48 2.45
N LEU D 373 -0.64 -11.88 1.26
CA LEU D 373 -1.41 -12.36 0.11
C LEU D 373 -0.55 -13.24 -0.79
N VAL D 374 -1.16 -14.31 -1.31
CA VAL D 374 -0.51 -15.27 -2.18
C VAL D 374 -1.19 -15.18 -3.55
N MET D 375 -0.41 -14.93 -4.59
CA MET D 375 -0.96 -14.74 -5.92
C MET D 375 -0.29 -15.57 -7.02
N SER D 376 0.83 -16.24 -6.74
CA SER D 376 1.54 -17.00 -7.76
C SER D 376 0.97 -18.40 -7.97
N ASP D 377 0.01 -18.82 -7.14
CA ASP D 377 -0.56 -20.16 -7.30
C ASP D 377 -1.43 -20.28 -8.55
N THR D 378 -1.91 -19.15 -9.09
CA THR D 378 -2.71 -19.19 -10.30
C THR D 378 -1.88 -19.65 -11.50
N ALA D 379 -0.66 -19.12 -11.63
CA ALA D 379 0.27 -19.46 -12.71
C ALA D 379 -0.35 -19.23 -14.09
N GLY D 380 -1.12 -18.14 -14.21
CA GLY D 380 -1.75 -17.80 -15.48
C GLY D 380 -2.78 -18.80 -15.95
N THR D 381 -3.74 -19.10 -15.08
CA THR D 381 -4.82 -20.05 -15.35
C THR D 381 -4.29 -21.42 -15.77
N ILE E 152 25.58 43.87 54.88
CA ILE E 152 24.35 44.02 54.12
C ILE E 152 24.25 42.94 53.04
N ARG E 153 23.37 43.15 52.07
CA ARG E 153 23.12 42.20 51.00
C ARG E 153 23.33 42.88 49.65
N VAL E 154 23.99 42.17 48.74
CA VAL E 154 24.19 42.63 47.37
C VAL E 154 23.74 41.53 46.42
N PHE E 155 23.03 41.91 45.37
CA PHE E 155 22.46 40.95 44.42
C PHE E 155 23.47 40.66 43.31
N ALA E 156 24.50 39.91 43.69
CA ALA E 156 25.53 39.48 42.74
C ALA E 156 25.07 38.17 42.10
N ILE E 157 24.53 38.26 40.89
CA ILE E 157 23.97 37.12 40.18
C ILE E 157 24.99 36.70 39.12
N PRO E 158 25.59 35.51 39.23
CA PRO E 158 26.50 35.06 38.18
C PRO E 158 25.77 34.85 36.88
N PRO E 159 26.41 35.11 35.74
CA PRO E 159 25.75 34.90 34.45
C PRO E 159 25.57 33.41 34.18
N SER E 160 24.32 33.00 33.99
CA SER E 160 24.02 31.60 33.74
C SER E 160 24.42 31.21 32.32
N PHE E 161 24.34 29.91 32.03
CA PHE E 161 24.68 29.43 30.70
C PHE E 161 23.70 29.92 29.65
N ALA E 162 22.44 30.16 30.04
CA ALA E 162 21.46 30.67 29.10
C ALA E 162 21.82 32.07 28.62
N SER E 163 22.27 32.93 29.53
CA SER E 163 22.61 34.30 29.16
C SER E 163 23.83 34.34 28.24
N ILE E 164 24.84 33.52 28.50
CA ILE E 164 26.02 33.54 27.65
C ILE E 164 25.74 32.83 26.33
N PHE E 165 24.79 31.90 26.31
CA PHE E 165 24.45 31.17 25.09
C PHE E 165 23.61 32.04 24.15
N LEU E 166 22.70 32.84 24.71
CA LEU E 166 21.81 33.63 23.86
C LEU E 166 22.55 34.76 23.16
N THR E 167 23.38 35.49 23.89
CA THR E 167 24.06 36.67 23.35
C THR E 167 25.43 36.36 22.76
N LYS E 168 25.83 35.09 22.76
CA LYS E 168 27.13 34.64 22.25
C LYS E 168 28.30 35.31 22.97
N SER E 169 28.07 35.83 24.17
CA SER E 169 29.11 36.48 24.97
C SER E 169 28.66 36.47 26.42
N THR E 170 29.63 36.62 27.31
CA THR E 170 29.37 36.60 28.74
C THR E 170 29.03 38.00 29.23
N LYS E 171 27.87 38.16 29.83
CA LYS E 171 27.39 39.44 30.36
C LYS E 171 27.38 39.32 31.88
N LEU E 172 28.44 39.79 32.53
CA LEU E 172 28.51 39.77 33.98
C LEU E 172 27.47 40.70 34.58
N THR E 173 26.82 40.25 35.64
CA THR E 173 25.80 41.02 36.35
C THR E 173 26.15 41.09 37.82
N CYS E 174 26.16 42.30 38.37
CA CYS E 174 26.34 42.52 39.81
C CYS E 174 25.43 43.68 40.19
N LEU E 175 24.21 43.34 40.61
CA LEU E 175 23.20 44.34 40.92
C LEU E 175 23.47 44.99 42.26
N VAL E 176 23.44 46.31 42.30
CA VAL E 176 23.63 47.06 43.54
C VAL E 176 22.32 47.12 44.30
N THR E 177 22.34 46.68 45.56
CA THR E 177 21.16 46.71 46.42
C THR E 177 21.57 47.15 47.81
N ASP E 178 20.59 47.72 48.54
CA ASP E 178 20.73 48.09 49.95
C ASP E 178 21.90 49.05 50.18
N LEU E 179 21.93 50.11 49.38
CA LEU E 179 22.96 51.14 49.51
C LEU E 179 22.33 52.51 49.28
N THR E 180 23.03 53.54 49.78
CA THR E 180 22.53 54.91 49.66
C THR E 180 22.51 55.35 48.21
N THR E 181 21.49 56.13 47.85
CA THR E 181 21.26 56.50 46.46
C THR E 181 22.39 57.38 45.91
N TYR E 182 22.78 58.42 46.67
CA TYR E 182 23.71 59.42 46.19
C TYR E 182 24.88 59.59 47.15
N ASP E 183 25.46 58.48 47.57
CA ASP E 183 26.67 58.48 48.39
C ASP E 183 27.84 57.95 47.59
N SER E 184 29.04 58.06 48.17
CA SER E 184 30.26 57.58 47.52
C SER E 184 30.23 56.07 47.37
N VAL E 185 30.11 55.59 46.14
CA VAL E 185 30.04 54.16 45.84
C VAL E 185 31.12 53.82 44.84
N THR E 186 31.83 52.72 45.09
CA THR E 186 32.92 52.25 44.22
C THR E 186 32.76 50.74 44.08
N ILE E 187 32.04 50.31 43.04
CA ILE E 187 31.83 48.89 42.79
C ILE E 187 33.07 48.33 42.10
N SER E 188 33.48 47.13 42.52
CA SER E 188 34.66 46.50 41.97
C SER E 188 34.32 45.77 40.67
N TRP E 189 35.09 46.05 39.61
CA TRP E 189 34.90 45.42 38.32
C TRP E 189 36.25 45.03 37.72
N THR E 190 37.12 44.46 38.55
CA THR E 190 38.47 44.11 38.14
C THR E 190 38.71 42.62 38.33
N ARG E 191 39.64 42.08 37.54
CA ARG E 191 40.01 40.68 37.64
C ARG E 191 41.03 40.49 38.77
N GLN E 192 41.64 39.31 38.82
CA GLN E 192 42.67 39.05 39.83
C GLN E 192 43.89 39.93 39.61
N ASN E 193 44.27 40.16 38.34
CA ASN E 193 45.43 41.00 38.05
C ASN E 193 45.15 42.47 38.30
N GLY E 194 43.88 42.89 38.38
CA GLY E 194 43.53 44.26 38.65
C GLY E 194 43.13 45.08 37.43
N GLU E 195 43.08 44.47 36.25
CA GLU E 195 42.66 45.19 35.05
C GLU E 195 41.17 45.50 35.14
N ALA E 196 40.80 46.72 34.75
CA ALA E 196 39.42 47.18 34.85
C ALA E 196 38.68 46.92 33.56
N VAL E 197 37.47 46.38 33.67
CA VAL E 197 36.61 46.13 32.52
C VAL E 197 35.97 47.44 32.07
N LYS E 198 35.33 47.43 30.91
CA LYS E 198 34.62 48.61 30.43
C LYS E 198 33.49 48.98 31.40
N THR E 199 33.21 50.29 31.47
CA THR E 199 32.27 50.81 32.46
C THR E 199 30.88 50.22 32.27
N HIS E 200 30.19 49.99 33.37
CA HIS E 200 28.88 49.34 33.34
C HIS E 200 27.86 50.24 32.65
N THR E 201 27.07 49.63 31.77
CA THR E 201 26.11 50.35 30.94
C THR E 201 24.69 50.19 31.49
N ASN E 202 23.83 51.13 31.14
CA ASN E 202 22.42 51.14 31.54
C ASN E 202 22.26 51.20 33.06
N ILE E 203 22.75 52.31 33.61
CA ILE E 203 22.64 52.54 35.06
C ILE E 203 21.17 52.73 35.42
N SER E 204 20.71 52.00 36.41
CA SER E 204 19.32 52.11 36.86
C SER E 204 19.08 53.46 37.51
N GLU E 205 17.83 53.92 37.42
CA GLU E 205 17.45 55.23 37.95
C GLU E 205 17.28 55.13 39.47
N SER E 206 16.81 56.20 40.09
CA SER E 206 16.64 56.24 41.54
C SER E 206 15.46 55.38 41.95
N HIS E 207 15.73 54.32 42.70
CA HIS E 207 14.66 53.46 43.19
C HIS E 207 13.86 54.20 44.25
N PRO E 208 12.54 53.97 44.33
CA PRO E 208 11.72 54.74 45.30
C PRO E 208 12.14 54.58 46.74
N ASN E 209 12.65 53.42 47.15
CA ASN E 209 13.06 53.24 48.53
C ASN E 209 14.46 53.82 48.75
N ALA E 210 14.97 53.67 49.97
CA ALA E 210 16.30 54.18 50.29
C ALA E 210 17.40 53.40 49.60
N THR E 211 17.15 52.15 49.21
CA THR E 211 18.16 51.35 48.54
C THR E 211 18.40 51.84 47.13
N PHE E 212 19.66 51.86 46.72
CA PHE E 212 20.05 52.25 45.37
C PHE E 212 20.14 51.02 44.48
N SER E 213 19.76 51.18 43.21
CA SER E 213 19.80 50.10 42.24
C SER E 213 20.67 50.50 41.06
N ALA E 214 21.45 49.54 40.58
CA ALA E 214 22.34 49.78 39.44
C ALA E 214 22.58 48.46 38.72
N VAL E 215 22.48 48.49 37.39
CA VAL E 215 22.67 47.30 36.56
C VAL E 215 24.08 47.38 35.95
N GLY E 216 24.86 46.32 36.15
CA GLY E 216 26.22 46.25 35.66
C GLY E 216 26.34 45.24 34.54
N GLU E 217 27.14 45.58 33.53
CA GLU E 217 27.40 44.71 32.40
C GLU E 217 28.89 44.70 32.09
N ALA E 218 29.36 43.60 31.51
CA ALA E 218 30.76 43.45 31.14
C ALA E 218 30.87 42.49 29.97
N SER E 219 32.00 42.55 29.28
CA SER E 219 32.28 41.70 28.12
C SER E 219 33.54 40.89 28.40
N ILE E 220 33.35 39.67 28.92
CA ILE E 220 34.44 38.76 29.23
C ILE E 220 34.33 37.56 28.30
N CYS E 221 35.48 36.96 27.97
CA CYS E 221 35.52 35.83 27.06
C CYS E 221 34.87 34.59 27.69
N GLU E 222 34.86 33.50 26.93
CA GLU E 222 34.25 32.25 27.36
C GLU E 222 35.22 31.40 28.19
N ASP E 223 36.39 31.09 27.62
CA ASP E 223 37.35 30.24 28.34
C ASP E 223 38.00 30.98 29.50
N ASP E 224 38.16 32.30 29.38
CA ASP E 224 38.69 33.08 30.50
C ASP E 224 37.71 33.06 31.67
N TRP E 225 36.41 33.19 31.38
CA TRP E 225 35.39 33.09 32.42
C TRP E 225 35.31 31.66 32.95
N ASN E 226 35.61 30.67 32.10
CA ASN E 226 35.71 29.28 32.52
C ASN E 226 37.05 28.94 33.14
N SER E 227 38.03 29.85 33.09
CA SER E 227 39.35 29.56 33.64
C SER E 227 39.35 29.50 35.16
N GLY E 228 38.36 30.10 35.81
CA GLY E 228 38.25 30.04 37.26
C GLY E 228 38.77 31.24 38.01
N GLU E 229 39.12 32.32 37.31
CA GLU E 229 39.57 33.52 37.99
C GLU E 229 38.41 34.22 38.69
N ARG E 230 38.73 35.00 39.71
CA ARG E 230 37.73 35.57 40.60
C ARG E 230 37.33 36.97 40.15
N PHE E 231 36.02 37.20 40.04
CA PHE E 231 35.45 38.52 39.75
C PHE E 231 34.76 38.99 41.03
N THR E 232 35.51 39.66 41.89
CA THR E 232 35.01 40.05 43.20
C THR E 232 34.17 41.32 43.11
N CYS E 233 32.99 41.30 43.71
CA CYS E 233 32.15 42.48 43.87
C CYS E 233 32.31 43.01 45.29
N THR E 234 32.97 44.16 45.42
CA THR E 234 33.05 44.86 46.70
C THR E 234 32.71 46.32 46.48
N VAL E 235 32.13 46.93 47.51
CA VAL E 235 31.65 48.31 47.45
C VAL E 235 32.29 49.08 48.60
N THR E 236 32.95 50.20 48.26
CA THR E 236 33.52 51.10 49.26
C THR E 236 32.45 52.12 49.61
N HIS E 237 31.79 51.93 50.76
CA HIS E 237 30.69 52.79 51.18
C HIS E 237 30.87 53.16 52.65
N THR E 238 30.30 54.31 53.01
CA THR E 238 30.42 54.82 54.37
C THR E 238 29.42 54.20 55.33
N ASP E 239 28.41 53.50 54.84
CA ASP E 239 27.41 52.91 55.73
C ASP E 239 27.95 51.69 56.45
N LEU E 240 29.00 51.06 55.93
CA LEU E 240 29.69 49.97 56.60
C LEU E 240 31.16 50.33 56.79
N PRO E 241 31.72 50.15 57.99
CA PRO E 241 33.16 50.40 58.17
C PRO E 241 34.03 49.49 57.31
N SER E 242 33.60 48.25 57.06
CA SER E 242 34.33 47.32 56.22
C SER E 242 33.50 46.99 54.97
N PRO E 243 34.13 46.96 53.80
CA PRO E 243 33.39 46.65 52.57
C PRO E 243 32.89 45.22 52.55
N LEU E 244 31.75 45.02 51.89
CA LEU E 244 31.15 43.71 51.74
C LEU E 244 31.64 43.06 50.46
N LYS E 245 32.13 41.83 50.58
CA LYS E 245 32.73 41.10 49.46
C LYS E 245 31.84 39.93 49.07
N GLN E 246 31.47 39.87 47.79
CA GLN E 246 30.69 38.76 47.22
C GLN E 246 31.30 38.44 45.86
N THR E 247 32.23 37.50 45.85
CA THR E 247 32.96 37.17 44.62
C THR E 247 32.06 36.40 43.66
N ILE E 248 32.15 36.73 42.38
CA ILE E 248 31.40 36.05 41.32
C ILE E 248 32.36 35.12 40.59
N SER E 249 32.08 33.82 40.64
CA SER E 249 32.92 32.84 39.97
C SER E 249 32.11 31.56 39.74
N ARG E 250 32.44 30.86 38.66
CA ARG E 250 31.82 29.57 38.39
C ARG E 250 32.28 28.55 39.41
N PRO E 251 31.37 27.76 39.99
CA PRO E 251 31.82 26.66 40.85
C PRO E 251 32.37 25.51 40.03
N LYS E 252 33.56 25.06 40.41
CA LYS E 252 34.26 24.00 39.71
C LYS E 252 34.06 22.66 40.40
N GLY E 253 34.53 21.60 39.74
CA GLY E 253 34.41 20.26 40.27
C GLY E 253 33.07 19.59 40.03
N VAL E 254 32.15 20.25 39.31
CA VAL E 254 30.85 19.66 39.03
C VAL E 254 30.96 18.69 37.87
N ALA E 255 30.28 17.56 38.00
CA ALA E 255 30.31 16.54 36.94
C ALA E 255 29.53 16.98 35.72
N LEU E 256 30.05 16.62 34.54
CA LEU E 256 29.41 16.93 33.27
C LEU E 256 28.83 15.64 32.70
N HIS E 257 27.52 15.63 32.46
CA HIS E 257 26.82 14.47 31.92
C HIS E 257 26.12 14.87 30.64
N ARG E 258 26.23 14.02 29.62
CA ARG E 258 25.61 14.32 28.33
C ARG E 258 24.10 14.24 28.45
N PRO E 259 23.36 15.29 28.09
CA PRO E 259 21.89 15.22 28.16
C PRO E 259 21.33 14.20 27.18
N ASP E 260 20.20 13.61 27.57
CA ASP E 260 19.47 12.66 26.76
C ASP E 260 18.06 13.23 26.55
N VAL E 261 17.91 14.06 25.53
CA VAL E 261 16.65 14.72 25.24
C VAL E 261 15.82 13.84 24.31
N TYR E 262 14.51 13.80 24.56
CA TYR E 262 13.60 12.95 23.81
C TYR E 262 12.27 13.70 23.70
N LEU E 263 11.97 14.19 22.50
CA LEU E 263 10.76 14.99 22.31
C LEU E 263 9.52 14.10 22.41
N LEU E 264 8.47 14.63 23.02
CA LEU E 264 7.25 13.88 23.27
C LEU E 264 6.11 14.42 22.40
N PRO E 265 5.49 13.59 21.58
CA PRO E 265 4.37 14.05 20.74
C PRO E 265 3.17 14.44 21.59
N PRO E 266 2.30 15.30 21.06
CA PRO E 266 1.11 15.70 21.82
C PRO E 266 0.19 14.52 22.10
N ALA E 267 -0.52 14.62 23.22
CA ALA E 267 -1.39 13.53 23.67
C ALA E 267 -2.58 13.36 22.74
N ARG E 268 -3.13 12.14 22.75
CA ARG E 268 -4.29 11.82 21.91
C ARG E 268 -5.52 12.59 22.37
N GLU E 269 -5.72 12.73 23.68
CA GLU E 269 -6.88 13.47 24.17
C GLU E 269 -6.80 14.94 23.79
N GLN E 270 -5.60 15.52 23.82
CA GLN E 270 -5.44 16.90 23.39
C GLN E 270 -5.74 17.04 21.90
N LEU E 271 -5.35 16.04 21.11
CA LEU E 271 -5.64 16.04 19.68
C LEU E 271 -7.09 15.69 19.38
N ASN E 272 -7.85 15.21 20.36
CA ASN E 272 -9.26 14.92 20.17
C ASN E 272 -10.17 16.06 20.59
N LEU E 273 -9.89 16.69 21.73
CA LEU E 273 -10.68 17.85 22.15
C LEU E 273 -10.48 19.03 21.20
N ARG E 274 -9.25 19.23 20.71
CA ARG E 274 -8.93 20.20 19.67
C ARG E 274 -9.25 21.63 20.10
N GLU E 275 -8.56 22.08 21.15
CA GLU E 275 -8.52 23.49 21.52
C GLU E 275 -7.14 24.10 21.34
N SER E 276 -6.09 23.42 21.78
CA SER E 276 -4.72 23.85 21.55
C SER E 276 -3.82 22.63 21.53
N ALA E 277 -2.67 22.77 20.88
CA ALA E 277 -1.69 21.70 20.78
C ALA E 277 -0.43 22.13 21.52
N THR E 278 0.00 21.32 22.49
CA THR E 278 1.18 21.61 23.30
C THR E 278 2.23 20.55 23.02
N ILE E 279 3.34 20.97 22.43
CA ILE E 279 4.46 20.09 22.12
C ILE E 279 5.58 20.41 23.09
N THR E 280 6.05 19.40 23.81
CA THR E 280 7.08 19.58 24.83
C THR E 280 8.35 18.85 24.44
N CYS E 281 9.49 19.37 24.91
CA CYS E 281 10.79 18.79 24.68
C CYS E 281 11.38 18.40 26.03
N LEU E 282 11.41 17.11 26.31
CA LEU E 282 11.87 16.60 27.60
C LEU E 282 13.39 16.52 27.61
N VAL E 283 14.00 17.09 28.65
CA VAL E 283 15.44 17.05 28.85
C VAL E 283 15.71 16.17 30.06
N THR E 284 16.54 15.15 29.88
CA THR E 284 16.87 14.21 30.93
C THR E 284 18.37 13.96 30.98
N GLY E 285 18.87 13.71 32.18
CA GLY E 285 20.27 13.33 32.36
C GLY E 285 21.29 14.39 32.02
N PHE E 286 21.07 15.64 32.45
CA PHE E 286 22.02 16.71 32.23
C PHE E 286 22.46 17.31 33.56
N SER E 287 23.74 17.67 33.63
CA SER E 287 24.34 18.26 34.82
C SER E 287 25.48 19.17 34.36
N PRO E 288 25.65 20.34 34.97
CA PRO E 288 24.87 20.89 36.09
C PRO E 288 23.52 21.48 35.68
N ALA E 289 22.89 22.21 36.59
CA ALA E 289 21.54 22.74 36.37
C ALA E 289 21.63 24.03 35.54
N ASP E 290 21.84 23.84 34.24
CA ASP E 290 21.80 24.94 33.29
C ASP E 290 21.30 24.44 31.94
N VAL E 291 20.46 25.25 31.29
CA VAL E 291 19.82 24.87 30.04
C VAL E 291 19.28 26.12 29.38
N PHE E 292 19.41 26.18 28.05
CA PHE E 292 18.80 27.20 27.22
C PHE E 292 18.11 26.55 26.03
N VAL E 293 17.26 25.55 26.35
CA VAL E 293 16.51 24.85 25.32
C VAL E 293 15.60 25.82 24.57
N GLN E 294 15.53 25.66 23.25
CA GLN E 294 14.82 26.57 22.37
C GLN E 294 13.72 25.82 21.61
N TRP E 295 13.08 26.53 20.68
CA TRP E 295 12.10 25.93 19.78
C TRP E 295 12.22 26.62 18.43
N MET E 296 12.32 25.84 17.36
CA MET E 296 12.51 26.37 16.02
C MET E 296 11.39 25.88 15.11
N GLN E 297 10.85 26.78 14.30
CA GLN E 297 9.79 26.48 13.35
C GLN E 297 10.36 26.52 11.94
N ARG E 298 10.35 25.36 11.26
CA ARG E 298 10.75 25.20 9.85
C ARG E 298 12.08 25.89 9.52
N GLY E 299 12.96 25.99 10.52
CA GLY E 299 14.24 26.67 10.37
C GLY E 299 14.30 28.04 10.98
N GLN E 300 13.15 28.63 11.34
CA GLN E 300 13.10 29.94 11.97
C GLN E 300 12.66 29.80 13.42
N PRO E 301 13.47 30.26 14.37
CA PRO E 301 13.10 30.12 15.79
C PRO E 301 11.82 30.87 16.12
N LEU E 302 11.04 30.30 17.04
CA LEU E 302 9.80 30.92 17.48
C LEU E 302 10.11 32.02 18.50
N SER E 303 9.08 32.81 18.81
CA SER E 303 9.24 33.90 19.76
C SER E 303 9.44 33.34 21.17
N PRO E 304 10.31 33.97 21.96
CA PRO E 304 10.44 33.60 23.37
C PRO E 304 9.13 33.50 24.14
N GLU E 305 8.12 34.31 23.78
CA GLU E 305 6.86 34.30 24.51
C GLU E 305 6.09 32.99 24.30
N LYS E 306 6.21 32.39 23.11
CA LYS E 306 5.41 31.20 22.80
C LYS E 306 5.82 30.00 23.65
N TYR E 307 7.11 29.84 23.90
CA TYR E 307 7.61 28.69 24.65
C TYR E 307 8.05 29.11 26.06
N VAL E 308 7.87 28.21 27.01
CA VAL E 308 8.26 28.41 28.39
C VAL E 308 9.21 27.30 28.79
N THR E 309 10.38 27.67 29.32
CA THR E 309 11.39 26.73 29.75
C THR E 309 11.29 26.55 31.27
N SER E 310 11.09 25.32 31.71
CA SER E 310 10.99 25.05 33.14
C SER E 310 12.35 25.14 33.81
N ALA E 311 12.33 25.48 35.10
CA ALA E 311 13.57 25.56 35.86
C ALA E 311 14.16 24.16 36.06
N PRO E 312 15.48 24.03 36.02
CA PRO E 312 16.09 22.70 36.22
C PRO E 312 15.92 22.23 37.66
N MET E 313 15.55 20.97 37.82
CA MET E 313 15.37 20.33 39.11
C MET E 313 16.11 19.00 39.12
N PRO E 314 16.58 18.56 40.29
CA PRO E 314 17.31 17.29 40.34
C PRO E 314 16.44 16.11 39.93
N GLU E 315 17.04 15.18 39.20
CA GLU E 315 16.33 13.99 38.77
C GLU E 315 16.08 13.06 39.96
N PRO E 316 14.90 12.43 40.03
CA PRO E 316 14.62 11.54 41.17
C PRO E 316 15.54 10.32 41.22
N GLN E 317 15.76 9.67 40.07
CA GLN E 317 16.60 8.48 40.06
C GLN E 317 18.07 8.84 40.24
N ALA E 318 18.54 9.87 39.53
CA ALA E 318 19.94 10.28 39.61
C ALA E 318 20.03 11.64 40.29
N PRO E 319 20.50 11.72 41.54
CA PRO E 319 20.64 13.03 42.20
C PRO E 319 21.59 13.96 41.48
N GLY E 320 22.65 13.43 40.86
CA GLY E 320 23.58 14.30 40.13
C GLY E 320 22.97 14.93 38.90
N ARG E 321 22.18 14.16 38.16
CA ARG E 321 21.58 14.67 36.93
C ARG E 321 20.33 15.50 37.25
N TYR E 322 19.88 16.25 36.24
CA TYR E 322 18.74 17.15 36.35
C TYR E 322 17.78 16.88 35.20
N PHE E 323 16.63 17.56 35.23
CA PHE E 323 15.67 17.48 34.14
C PHE E 323 15.11 18.87 33.86
N ALA E 324 14.58 19.04 32.65
CA ALA E 324 14.02 20.32 32.23
C ALA E 324 12.88 20.06 31.25
N HIS E 325 12.03 21.08 31.09
CA HIS E 325 10.88 21.01 30.20
C HIS E 325 10.81 22.27 29.36
N SER E 326 10.20 22.13 28.18
CA SER E 326 10.00 23.26 27.27
C SER E 326 8.76 22.97 26.43
N ILE E 327 7.64 23.55 26.81
CA ILE E 327 6.38 23.34 26.11
C ILE E 327 6.25 24.36 24.98
N LEU E 328 5.54 23.98 23.93
CA LEU E 328 5.28 24.86 22.79
C LEU E 328 3.78 24.76 22.46
N THR E 329 3.03 25.79 22.84
CA THR E 329 1.59 25.81 22.60
C THR E 329 1.33 26.30 21.18
N VAL E 330 0.82 25.42 20.33
CA VAL E 330 0.55 25.71 18.93
C VAL E 330 -0.89 25.31 18.61
N SER E 331 -1.31 25.65 17.40
CA SER E 331 -2.65 25.30 16.94
C SER E 331 -2.72 23.84 16.53
N GLU E 332 -3.90 23.25 16.68
CA GLU E 332 -4.10 21.85 16.29
C GLU E 332 -3.98 21.68 14.79
N GLU E 333 -4.50 22.63 14.01
CA GLU E 333 -4.40 22.53 12.56
C GLU E 333 -2.96 22.65 12.09
N GLU E 334 -2.14 23.42 12.80
CA GLU E 334 -0.72 23.49 12.48
C GLU E 334 -0.05 22.14 12.66
N TRP E 335 -0.39 21.42 13.73
CA TRP E 335 0.14 20.08 13.93
C TRP E 335 -0.38 19.11 12.87
N ASN E 336 -1.65 19.26 12.48
CA ASN E 336 -2.22 18.38 11.46
C ASN E 336 -1.55 18.60 10.11
N THR E 337 -1.26 19.85 9.77
CA THR E 337 -0.57 20.12 8.50
C THR E 337 0.88 19.63 8.54
N GLY E 338 1.58 19.87 9.65
CA GLY E 338 2.96 19.46 9.77
C GLY E 338 3.92 20.60 9.46
N GLU E 339 4.58 21.12 10.50
CA GLU E 339 5.48 22.27 10.35
C GLU E 339 6.91 21.93 10.76
N THR E 340 7.28 20.66 10.71
CA THR E 340 8.62 20.13 11.01
C THR E 340 9.29 20.84 12.20
N TYR E 341 8.58 20.82 13.33
CA TYR E 341 9.07 21.46 14.54
C TYR E 341 10.32 20.77 15.05
N THR E 342 11.29 21.57 15.50
CA THR E 342 12.57 21.07 15.96
C THR E 342 12.89 21.65 17.34
N CYS E 343 13.65 20.87 18.12
CA CYS E 343 14.04 21.26 19.47
C CYS E 343 15.55 21.18 19.60
N VAL E 344 16.16 22.22 20.16
CA VAL E 344 17.60 22.26 20.42
C VAL E 344 17.80 22.61 21.89
N VAL E 345 18.75 21.91 22.53
CA VAL E 345 19.01 22.06 23.96
C VAL E 345 20.46 22.49 24.15
N ALA E 346 20.68 23.49 25.00
CA ALA E 346 22.01 24.05 25.22
C ALA E 346 22.58 23.49 26.52
N HIS E 347 23.74 22.87 26.43
CA HIS E 347 24.42 22.33 27.59
C HIS E 347 25.91 22.20 27.29
N GLU E 348 26.73 22.28 28.35
CA GLU E 348 28.17 22.27 28.18
C GLU E 348 28.73 20.88 27.88
N ALA E 349 28.10 19.83 28.40
CA ALA E 349 28.67 18.49 28.31
C ALA E 349 28.58 17.89 26.90
N LEU E 350 27.73 18.44 26.03
CA LEU E 350 27.64 17.95 24.67
C LEU E 350 28.91 18.26 23.88
N PRO E 351 29.30 17.38 22.96
CA PRO E 351 30.49 17.66 22.15
C PRO E 351 30.40 18.93 21.32
N ASN E 352 29.21 19.27 20.81
CA ASN E 352 29.01 20.52 20.08
C ASN E 352 28.08 21.49 20.82
N ARG E 353 27.94 21.30 22.14
CA ARG E 353 27.22 22.19 23.04
C ARG E 353 25.71 22.23 22.79
N VAL E 354 25.24 21.55 21.74
CA VAL E 354 23.82 21.54 21.40
C VAL E 354 23.57 20.41 20.43
N THR E 355 22.40 19.77 20.58
CA THR E 355 21.93 18.74 19.66
C THR E 355 20.51 19.09 19.22
N GLU E 356 20.13 18.57 18.05
CA GLU E 356 18.85 18.90 17.44
C GLU E 356 18.02 17.64 17.22
N ARG E 357 16.72 17.74 17.49
CA ARG E 357 15.76 16.67 17.24
C ARG E 357 14.61 17.22 16.41
N THR E 358 14.15 16.44 15.44
CA THR E 358 13.11 16.86 14.52
C THR E 358 11.86 16.01 14.72
N VAL E 359 10.71 16.67 14.79
CA VAL E 359 9.42 16.00 14.98
C VAL E 359 8.42 16.58 13.98
N ASP E 360 7.43 15.77 13.62
CA ASP E 360 6.35 16.16 12.72
C ASP E 360 5.19 15.19 12.92
N LYS E 361 4.17 15.30 12.06
CA LYS E 361 3.00 14.45 12.21
C LYS E 361 3.29 13.00 11.86
N SER E 362 4.12 12.77 10.83
CA SER E 362 4.48 11.41 10.47
C SER E 362 5.25 10.71 11.58
N THR E 363 6.08 11.46 12.32
CA THR E 363 6.67 10.94 13.53
C THR E 363 5.60 10.75 14.59
N GLY E 364 5.75 9.69 15.38
CA GLY E 364 4.72 9.26 16.30
C GLY E 364 3.77 8.24 15.73
N LYS E 365 3.84 7.96 14.43
CA LYS E 365 3.02 6.93 13.80
C LYS E 365 3.91 5.79 13.34
N PRO E 366 3.79 4.59 13.92
CA PRO E 366 4.65 3.47 13.50
C PRO E 366 4.22 2.88 12.15
N THR E 367 4.83 1.76 11.77
CA THR E 367 4.42 1.07 10.55
C THR E 367 3.16 0.26 10.81
N LEU E 368 2.13 0.52 10.00
CA LEU E 368 0.84 -0.16 10.15
C LEU E 368 0.55 -1.17 9.04
N TYR E 369 0.99 -0.91 7.82
CA TYR E 369 0.54 -1.66 6.64
C TYR E 369 1.63 -2.64 6.23
N ASN E 370 1.63 -3.82 6.88
CA ASN E 370 2.59 -4.87 6.55
C ASN E 370 2.02 -5.78 5.45
N VAL E 371 1.80 -5.18 4.28
CA VAL E 371 1.33 -5.95 3.13
C VAL E 371 2.49 -6.77 2.57
N SER E 372 2.24 -8.05 2.33
CA SER E 372 3.28 -8.99 1.93
C SER E 372 2.94 -9.59 0.57
N LEU E 373 3.92 -9.57 -0.33
CA LEU E 373 3.80 -10.20 -1.65
C LEU E 373 4.73 -11.40 -1.66
N VAL E 374 4.15 -12.59 -1.82
CA VAL E 374 4.92 -13.83 -1.81
C VAL E 374 4.59 -14.63 -3.07
N MET E 375 5.52 -15.50 -3.45
CA MET E 375 5.35 -16.33 -4.64
C MET E 375 5.43 -17.81 -4.30
N ILE F 152 63.69 33.63 5.86
CA ILE F 152 63.23 34.74 6.68
C ILE F 152 61.94 35.31 6.11
N ARG F 153 61.34 34.59 5.18
CA ARG F 153 60.07 35.02 4.59
C ARG F 153 58.95 34.93 5.62
N VAL F 154 58.09 35.94 5.62
CA VAL F 154 57.01 36.05 6.61
C VAL F 154 55.71 35.54 6.00
N PHE F 155 54.97 34.77 6.78
CA PHE F 155 53.65 34.30 6.38
C PHE F 155 52.69 34.46 7.55
N ALA F 156 51.40 34.58 7.21
CA ALA F 156 50.35 34.72 8.21
C ALA F 156 49.29 33.65 7.98
N ILE F 157 48.88 32.99 9.06
CA ILE F 157 47.83 31.97 9.00
C ILE F 157 46.57 32.60 9.58
N PRO F 158 45.56 32.90 8.76
CA PRO F 158 44.34 33.52 9.28
C PRO F 158 43.56 32.54 10.15
N PRO F 159 43.03 32.99 11.28
CA PRO F 159 42.16 32.13 12.09
C PRO F 159 40.93 31.71 11.31
N SER F 160 40.51 30.46 11.54
CA SER F 160 39.35 29.90 10.86
C SER F 160 38.36 29.40 11.90
N PHE F 161 37.08 29.43 11.55
CA PHE F 161 36.04 29.00 12.49
C PHE F 161 36.19 27.51 12.83
N ALA F 162 36.74 26.72 11.92
CA ALA F 162 37.03 25.33 12.22
C ALA F 162 38.06 25.20 13.34
N SER F 163 39.12 26.02 13.29
CA SER F 163 40.14 25.96 14.34
C SER F 163 39.58 26.42 15.68
N ILE F 164 38.82 27.52 15.69
CA ILE F 164 38.26 28.02 16.95
C ILE F 164 37.15 27.13 17.46
N PHE F 165 36.58 26.27 16.62
CA PHE F 165 35.59 25.31 17.08
C PHE F 165 36.23 24.03 17.61
N LEU F 166 37.31 23.58 16.97
CA LEU F 166 37.99 22.37 17.42
C LEU F 166 38.79 22.62 18.69
N THR F 167 39.48 23.75 18.78
CA THR F 167 40.28 24.08 19.94
C THR F 167 39.52 24.89 20.98
N LYS F 168 38.26 25.22 20.71
CA LYS F 168 37.39 25.98 21.62
C LYS F 168 37.96 27.35 21.96
N SER F 169 38.85 27.89 21.12
CA SER F 169 39.43 29.20 21.35
C SER F 169 40.02 29.71 20.04
N THR F 170 40.03 31.04 19.89
CA THR F 170 40.65 31.66 18.73
C THR F 170 42.16 31.56 18.86
N LYS F 171 42.78 30.79 17.97
CA LYS F 171 44.21 30.47 18.05
C LYS F 171 44.87 30.98 16.77
N LEU F 172 45.26 32.26 16.78
CA LEU F 172 45.91 32.85 15.63
C LEU F 172 47.39 32.50 15.63
N THR F 173 47.97 32.48 14.43
CA THR F 173 49.37 32.12 14.28
C THR F 173 49.97 32.87 13.09
N CYS F 174 51.13 33.48 13.31
CA CYS F 174 51.91 34.10 12.24
C CYS F 174 53.19 33.29 12.10
N LEU F 175 53.19 32.38 11.13
CA LEU F 175 54.28 31.42 10.96
C LEU F 175 55.32 32.02 10.00
N VAL F 176 56.51 32.28 10.52
CA VAL F 176 57.63 32.74 9.71
C VAL F 176 58.49 31.54 9.35
N THR F 177 58.84 31.43 8.07
CA THR F 177 59.55 30.25 7.59
C THR F 177 61.06 30.49 7.59
N ASP F 178 61.79 29.37 7.53
CA ASP F 178 63.24 29.25 7.34
C ASP F 178 64.07 30.36 7.99
N LEU F 179 63.83 30.62 9.28
CA LEU F 179 64.63 31.59 10.01
C LEU F 179 66.07 31.11 10.14
N THR F 180 67.00 32.06 10.11
CA THR F 180 68.41 31.72 10.25
C THR F 180 68.70 31.16 11.64
N THR F 181 69.62 30.21 11.70
CA THR F 181 69.96 29.55 12.95
C THR F 181 70.60 30.55 13.91
N TYR F 182 69.94 30.79 15.04
CA TYR F 182 70.44 31.71 16.05
C TYR F 182 69.95 31.25 17.41
N ASP F 183 70.84 31.32 18.41
CA ASP F 183 70.50 30.90 19.76
C ASP F 183 69.57 31.90 20.43
N SER F 184 68.71 31.39 21.30
CA SER F 184 67.77 32.19 22.09
C SER F 184 66.87 33.05 21.19
N VAL F 185 66.39 32.46 20.10
CA VAL F 185 65.48 33.17 19.21
C VAL F 185 64.11 33.31 19.86
N THR F 186 63.53 34.51 19.77
CA THR F 186 62.24 34.80 20.36
C THR F 186 61.37 35.48 19.30
N ILE F 187 60.11 35.02 19.20
CA ILE F 187 59.15 35.57 18.25
C ILE F 187 58.32 36.62 18.98
N SER F 188 58.38 37.85 18.51
CA SER F 188 57.63 38.94 19.12
C SER F 188 56.16 38.86 18.72
N TRP F 189 55.29 39.26 19.65
CA TRP F 189 53.85 39.28 19.43
C TRP F 189 53.30 40.64 19.84
N THR F 190 52.45 41.23 19.01
CA THR F 190 51.86 42.52 19.26
C THR F 190 50.36 42.47 18.98
N ARG F 191 49.66 43.52 19.40
CA ARG F 191 48.23 43.66 19.18
C ARG F 191 47.95 45.09 18.75
N GLN F 192 46.67 45.44 18.67
CA GLN F 192 46.30 46.81 18.32
C GLN F 192 46.74 47.79 19.41
N ASN F 193 46.58 47.40 20.68
CA ASN F 193 47.03 48.26 21.78
C ASN F 193 48.54 48.43 21.77
N GLY F 194 49.28 47.35 21.51
CA GLY F 194 50.72 47.44 21.43
C GLY F 194 51.46 46.31 22.14
N GLU F 195 50.72 45.50 22.89
CA GLU F 195 51.32 44.40 23.64
C GLU F 195 50.46 43.16 23.50
N ALA F 196 51.08 42.00 23.72
CA ALA F 196 50.41 40.72 23.65
C ALA F 196 50.65 39.94 24.93
N VAL F 197 49.62 39.23 25.38
CA VAL F 197 49.70 38.53 26.66
C VAL F 197 50.60 37.29 26.58
N LYS F 198 50.65 36.61 25.43
CA LYS F 198 51.31 35.33 25.32
C LYS F 198 52.56 35.42 24.45
N THR F 199 53.43 34.43 24.63
CA THR F 199 54.67 34.28 23.88
C THR F 199 54.57 33.00 23.06
N HIS F 200 55.48 32.85 22.08
CA HIS F 200 55.46 31.70 21.19
C HIS F 200 55.61 30.40 21.97
N THR F 201 54.84 29.40 21.56
CA THR F 201 54.78 28.11 22.25
C THR F 201 54.85 27.00 21.21
N ASN F 202 55.36 25.84 21.64
CA ASN F 202 55.51 24.66 20.79
C ASN F 202 56.43 24.96 19.59
N ILE F 203 57.69 25.25 19.91
CA ILE F 203 58.68 25.58 18.90
C ILE F 203 58.89 24.38 17.98
N SER F 204 59.00 24.66 16.68
CA SER F 204 59.17 23.59 15.70
C SER F 204 60.61 23.09 15.70
N GLU F 205 60.79 21.91 15.10
CA GLU F 205 62.10 21.29 14.98
C GLU F 205 62.82 21.87 13.76
N SER F 206 63.92 21.25 13.36
CA SER F 206 64.69 21.74 12.23
C SER F 206 63.92 21.56 10.93
N HIS F 207 63.89 22.62 10.12
CA HIS F 207 63.24 22.56 8.83
C HIS F 207 64.06 21.74 7.85
N PRO F 208 63.45 21.26 6.76
CA PRO F 208 64.23 20.56 5.72
C PRO F 208 65.31 21.43 5.09
N ASN F 209 65.18 22.75 5.16
CA ASN F 209 66.20 23.67 4.68
C ASN F 209 67.36 23.85 5.68
N ALA F 210 67.45 22.98 6.69
CA ALA F 210 68.48 23.05 7.72
C ALA F 210 68.46 24.41 8.44
N THR F 211 67.26 24.88 8.76
CA THR F 211 67.07 26.16 9.42
C THR F 211 66.30 25.97 10.72
N PHE F 212 66.72 26.68 11.75
CA PHE F 212 66.08 26.62 13.07
C PHE F 212 65.14 27.82 13.20
N SER F 213 63.86 27.54 13.46
CA SER F 213 62.85 28.58 13.52
C SER F 213 61.91 28.32 14.69
N ALA F 214 61.14 29.33 15.05
CA ALA F 214 60.17 29.26 16.13
C ALA F 214 58.79 29.62 15.60
N VAL F 215 57.78 28.86 16.03
CA VAL F 215 56.41 29.08 15.61
C VAL F 215 55.73 29.97 16.65
N GLY F 216 55.21 31.11 16.19
CA GLY F 216 54.51 32.00 17.10
C GLY F 216 53.18 31.40 17.56
N GLU F 217 52.77 31.79 18.76
CA GLU F 217 51.55 31.27 19.35
C GLU F 217 51.02 32.28 20.35
N ALA F 218 49.71 32.55 20.29
CA ALA F 218 49.10 33.52 21.19
C ALA F 218 47.64 33.13 21.42
N SER F 219 47.08 33.62 22.53
CA SER F 219 45.71 33.33 22.92
C SER F 219 44.95 34.65 23.02
N ILE F 220 44.00 34.84 22.11
CA ILE F 220 43.15 36.04 22.09
C ILE F 220 41.69 35.57 22.00
N CYS F 221 40.80 36.31 22.67
CA CYS F 221 39.40 35.94 22.79
C CYS F 221 38.69 36.01 21.43
N GLU F 222 37.40 35.67 21.45
CA GLU F 222 36.62 35.48 20.23
C GLU F 222 35.87 36.73 19.79
N ASP F 223 35.22 37.42 20.73
CA ASP F 223 34.27 38.48 20.36
C ASP F 223 34.95 39.66 19.69
N ASP F 224 36.18 40.01 20.10
CA ASP F 224 36.89 41.07 19.42
C ASP F 224 37.25 40.69 17.99
N TRP F 225 37.60 39.41 17.78
CA TRP F 225 37.87 38.93 16.42
C TRP F 225 36.61 38.95 15.57
N ASN F 226 35.46 38.57 16.14
CA ASN F 226 34.21 38.62 15.39
C ASN F 226 33.77 40.05 15.13
N SER F 227 34.15 40.99 15.99
CA SER F 227 33.80 42.39 15.78
C SER F 227 34.55 42.98 14.59
N GLY F 228 35.80 42.56 14.39
CA GLY F 228 36.59 43.04 13.29
C GLY F 228 37.85 43.78 13.72
N GLU F 229 38.36 43.44 14.90
CA GLU F 229 39.58 44.08 15.39
C GLU F 229 40.78 43.65 14.57
N ARG F 230 41.66 44.60 14.28
CA ARG F 230 42.87 44.33 13.51
C ARG F 230 44.02 43.97 14.45
N PHE F 231 44.87 43.05 14.01
CA PHE F 231 46.00 42.57 14.80
C PHE F 231 47.28 42.80 14.02
N THR F 232 48.33 43.22 14.73
CA THR F 232 49.62 43.51 14.13
C THR F 232 50.65 42.49 14.57
N CYS F 233 51.51 42.08 13.64
CA CYS F 233 52.56 41.11 13.91
C CYS F 233 53.92 41.75 13.68
N THR F 234 54.80 41.61 14.65
CA THR F 234 56.15 42.17 14.60
C THR F 234 57.16 41.05 14.73
N VAL F 235 58.16 41.05 13.86
CA VAL F 235 59.21 40.03 13.87
C VAL F 235 60.54 40.72 14.16
N THR F 236 61.22 40.29 15.22
CA THR F 236 62.50 40.84 15.62
C THR F 236 63.55 39.74 15.58
N HIS F 237 64.69 40.02 14.95
CA HIS F 237 65.77 39.06 14.84
C HIS F 237 67.09 39.80 14.71
N THR F 238 68.18 39.09 14.99
CA THR F 238 69.51 39.68 14.91
C THR F 238 69.87 40.06 13.48
N ASP F 239 69.53 39.19 12.52
CA ASP F 239 69.84 39.45 11.11
C ASP F 239 68.82 40.35 10.43
N LEU F 240 67.74 40.72 11.11
CA LEU F 240 66.71 41.58 10.55
C LEU F 240 66.76 42.95 11.23
N PRO F 241 67.35 43.96 10.59
CA PRO F 241 67.43 45.28 11.23
C PRO F 241 66.10 46.01 11.27
N SER F 242 65.33 45.92 10.17
CA SER F 242 64.06 46.61 10.08
C SER F 242 62.92 45.61 10.24
N PRO F 243 62.17 45.65 11.34
CA PRO F 243 61.03 44.74 11.49
C PRO F 243 59.95 45.03 10.45
N LEU F 244 59.24 43.97 10.06
CA LEU F 244 58.15 44.06 9.10
C LEU F 244 56.83 43.84 9.82
N LYS F 245 55.87 44.72 9.58
CA LYS F 245 54.56 44.66 10.23
C LYS F 245 53.54 44.01 9.30
N GLN F 246 52.75 43.09 9.85
CA GLN F 246 51.69 42.43 9.12
C GLN F 246 50.37 42.69 9.83
N THR F 247 49.40 43.22 9.10
CA THR F 247 48.09 43.54 9.64
C THR F 247 47.07 42.50 9.19
N ILE F 248 46.39 41.88 10.16
CA ILE F 248 45.39 40.86 9.88
C ILE F 248 44.10 41.25 10.60
N SER F 249 42.97 41.01 9.95
CA SER F 249 41.67 41.34 10.52
C SER F 249 40.60 40.48 9.86
N ARG F 250 39.45 40.42 10.51
CA ARG F 250 38.33 39.66 9.96
C ARG F 250 37.78 40.38 8.74
N PRO F 251 37.59 39.71 7.61
CA PRO F 251 37.07 40.38 6.41
C PRO F 251 35.62 40.81 6.63
N LYS F 252 35.36 42.09 6.35
CA LYS F 252 34.04 42.68 6.54
C LYS F 252 33.49 43.14 5.20
N GLY F 253 32.20 42.89 4.99
CA GLY F 253 31.54 43.28 3.76
C GLY F 253 31.07 42.10 2.93
N VAL F 254 30.82 40.97 3.59
CA VAL F 254 30.36 39.75 2.94
C VAL F 254 29.05 39.33 3.59
N ALA F 255 28.07 38.96 2.77
CA ALA F 255 26.79 38.52 3.29
C ALA F 255 26.89 37.13 3.91
N LEU F 256 26.09 36.91 4.95
CA LEU F 256 26.02 35.62 5.63
C LEU F 256 24.82 34.85 5.11
N HIS F 257 25.06 33.66 4.57
CA HIS F 257 24.04 32.83 3.96
C HIS F 257 23.75 31.63 4.84
N ARG F 258 22.47 31.37 5.09
CA ARG F 258 22.07 30.28 5.98
C ARG F 258 22.30 28.94 5.31
N PRO F 259 23.13 28.06 5.87
CA PRO F 259 23.34 26.75 5.26
C PRO F 259 22.16 25.82 5.48
N ASP F 260 22.09 24.79 4.63
CA ASP F 260 21.08 23.75 4.77
C ASP F 260 21.71 22.45 4.27
N VAL F 261 21.83 21.48 5.17
CA VAL F 261 22.65 20.29 4.94
C VAL F 261 21.77 19.13 4.50
N TYR F 262 22.22 18.39 3.50
CA TYR F 262 21.59 17.17 3.04
C TYR F 262 22.55 16.00 3.21
N LEU F 263 22.07 14.91 3.79
CA LEU F 263 22.88 13.71 3.98
C LEU F 263 22.42 12.65 2.98
N LEU F 264 23.35 12.19 2.14
CA LEU F 264 23.02 11.28 1.06
C LEU F 264 23.40 9.86 1.45
N PRO F 265 22.45 8.92 1.47
CA PRO F 265 22.79 7.52 1.76
C PRO F 265 23.63 6.92 0.64
N PRO F 266 24.44 5.91 0.93
CA PRO F 266 25.25 5.29 -0.11
C PRO F 266 24.41 4.59 -1.16
N ALA F 267 24.95 4.53 -2.38
CA ALA F 267 24.23 3.93 -3.49
C ALA F 267 24.12 2.42 -3.32
N ARG F 268 23.13 1.83 -3.99
CA ARG F 268 22.89 0.39 -3.87
C ARG F 268 24.00 -0.42 -4.52
N GLU F 269 24.61 0.10 -5.59
CA GLU F 269 25.71 -0.63 -6.24
C GLU F 269 26.90 -0.76 -5.32
N GLN F 270 27.22 0.31 -4.57
CA GLN F 270 28.33 0.24 -3.63
C GLN F 270 28.04 -0.73 -2.51
N LEU F 271 26.80 -0.78 -2.03
CA LEU F 271 26.42 -1.76 -1.01
C LEU F 271 26.52 -3.18 -1.55
N ASN F 272 26.12 -3.39 -2.81
CA ASN F 272 26.24 -4.70 -3.43
C ASN F 272 27.68 -5.09 -3.68
N LEU F 273 28.59 -4.12 -3.80
CA LEU F 273 30.01 -4.42 -3.95
C LEU F 273 30.56 -5.09 -2.70
N ARG F 274 30.00 -4.77 -1.52
CA ARG F 274 30.36 -5.38 -0.24
C ARG F 274 31.85 -5.22 0.07
N GLU F 275 32.40 -4.04 -0.24
CA GLU F 275 33.77 -3.71 0.09
C GLU F 275 33.86 -2.55 1.08
N SER F 276 33.28 -1.40 0.74
CA SER F 276 33.30 -0.23 1.60
C SER F 276 32.21 0.73 1.13
N ALA F 277 31.44 1.26 2.08
CA ALA F 277 30.34 2.15 1.78
C ALA F 277 30.71 3.58 2.13
N THR F 278 30.53 4.49 1.18
CA THR F 278 30.85 5.89 1.35
C THR F 278 29.57 6.70 1.50
N ILE F 279 29.50 7.51 2.56
CA ILE F 279 28.36 8.37 2.83
C ILE F 279 28.81 9.81 2.68
N THR F 280 28.15 10.56 1.80
CA THR F 280 28.52 11.94 1.49
C THR F 280 27.58 12.89 2.21
N CYS F 281 28.15 13.97 2.76
CA CYS F 281 27.40 15.00 3.45
C CYS F 281 27.47 16.27 2.61
N LEU F 282 26.31 16.75 2.16
CA LEU F 282 26.24 17.88 1.26
C LEU F 282 25.91 19.15 2.05
N VAL F 283 26.77 20.16 1.92
CA VAL F 283 26.60 21.43 2.61
C VAL F 283 26.62 22.53 1.56
N THR F 284 25.62 23.42 1.60
CA THR F 284 25.50 24.47 0.60
C THR F 284 24.78 25.66 1.21
N GLY F 285 24.91 26.81 0.53
CA GLY F 285 24.26 28.03 0.96
C GLY F 285 25.03 28.79 2.02
N PHE F 286 26.26 29.16 1.71
CA PHE F 286 27.16 29.79 2.68
C PHE F 286 28.37 30.31 1.94
N SER F 287 28.90 31.47 2.36
CA SER F 287 30.21 31.88 1.87
C SER F 287 30.95 32.89 2.76
N PRO F 288 31.22 32.61 4.05
CA PRO F 288 32.27 33.37 4.74
C PRO F 288 33.64 32.70 4.62
N ALA F 289 33.96 32.23 3.41
CA ALA F 289 35.25 31.63 3.08
C ALA F 289 35.71 30.57 4.08
N ASP F 290 34.76 29.88 4.73
CA ASP F 290 35.12 28.91 5.76
C ASP F 290 33.95 27.97 6.02
N VAL F 291 34.27 26.76 6.43
CA VAL F 291 33.27 25.75 6.80
C VAL F 291 33.98 24.67 7.59
N PHE F 292 33.24 23.97 8.45
CA PHE F 292 33.76 22.87 9.25
C PHE F 292 32.74 21.75 9.29
N VAL F 293 33.17 20.55 8.90
CA VAL F 293 32.30 19.37 8.88
C VAL F 293 32.97 18.26 9.69
N GLN F 294 32.20 17.61 10.56
CA GLN F 294 32.69 16.49 11.34
C GLN F 294 31.56 15.48 11.53
N TRP F 295 31.93 14.28 11.97
CA TRP F 295 30.99 13.18 12.13
C TRP F 295 31.04 12.63 13.54
N MET F 296 29.87 12.31 14.09
CA MET F 296 29.79 11.58 15.36
C MET F 296 28.91 10.36 15.17
N GLN F 297 29.19 9.32 15.94
CA GLN F 297 28.44 8.07 15.91
C GLN F 297 27.89 7.80 17.30
N ARG F 298 26.55 7.79 17.41
CA ARG F 298 25.86 7.56 18.68
C ARG F 298 26.29 8.58 19.74
N GLY F 299 26.52 9.82 19.31
CA GLY F 299 26.97 10.87 20.20
C GLY F 299 28.46 10.91 20.44
N GLN F 300 29.23 9.99 19.86
CA GLN F 300 30.68 9.95 20.03
C GLN F 300 31.35 10.32 18.72
N PRO F 301 32.13 11.40 18.67
CA PRO F 301 32.78 11.79 17.42
C PRO F 301 33.75 10.73 16.92
N LEU F 302 33.78 10.54 15.61
CA LEU F 302 34.73 9.63 14.99
C LEU F 302 36.08 10.31 14.84
N SER F 303 37.09 9.50 14.55
CA SER F 303 38.44 10.04 14.37
C SER F 303 38.49 10.90 13.11
N PRO F 304 39.25 12.00 13.14
CA PRO F 304 39.42 12.81 11.92
C PRO F 304 39.90 12.04 10.71
N GLU F 305 40.56 10.91 10.89
CA GLU F 305 41.13 10.13 9.79
C GLU F 305 40.05 9.55 8.87
N LYS F 306 38.94 9.08 9.45
CA LYS F 306 37.94 8.37 8.66
C LYS F 306 37.27 9.29 7.64
N TYR F 307 36.94 10.52 8.04
CA TYR F 307 36.24 11.45 7.17
C TYR F 307 37.22 12.49 6.61
N VAL F 308 36.98 12.90 5.37
CA VAL F 308 37.77 13.94 4.71
C VAL F 308 36.81 14.96 4.12
N THR F 309 37.15 16.24 4.27
CA THR F 309 36.30 17.34 3.81
C THR F 309 36.97 18.09 2.67
N SER F 310 36.26 18.25 1.57
CA SER F 310 36.78 18.98 0.43
C SER F 310 36.79 20.48 0.70
N ALA F 311 37.68 21.19 0.01
CA ALA F 311 37.76 22.63 0.16
C ALA F 311 36.52 23.30 -0.43
N PRO F 312 36.05 24.39 0.18
CA PRO F 312 34.88 25.08 -0.36
C PRO F 312 35.15 25.67 -1.74
N MET F 313 34.16 25.54 -2.63
CA MET F 313 34.23 26.07 -3.98
C MET F 313 32.90 26.78 -4.27
N PRO F 314 32.91 27.77 -5.15
CA PRO F 314 31.65 28.45 -5.50
C PRO F 314 30.65 27.52 -6.16
N GLU F 315 29.38 27.70 -5.80
CA GLU F 315 28.31 26.91 -6.40
C GLU F 315 28.02 27.43 -7.81
N PRO F 316 27.83 26.52 -8.78
CA PRO F 316 27.58 26.97 -10.16
C PRO F 316 26.32 27.81 -10.32
N GLN F 317 25.26 27.52 -9.57
CA GLN F 317 23.99 28.20 -9.80
C GLN F 317 23.98 29.63 -9.26
N ALA F 318 24.90 29.97 -8.36
CA ALA F 318 25.00 31.34 -7.85
C ALA F 318 26.41 31.61 -7.39
N PRO F 319 27.05 32.68 -7.87
CA PRO F 319 28.42 32.98 -7.43
C PRO F 319 28.54 33.25 -5.94
N GLY F 320 27.51 33.84 -5.32
CA GLY F 320 27.55 34.04 -3.88
C GLY F 320 27.50 32.74 -3.11
N ARG F 321 26.70 31.79 -3.59
CA ARG F 321 26.58 30.49 -2.95
C ARG F 321 27.86 29.67 -3.18
N TYR F 322 28.33 29.01 -2.12
CA TYR F 322 29.42 28.06 -2.20
C TYR F 322 28.87 26.67 -1.85
N PHE F 323 29.77 25.69 -1.76
CA PHE F 323 29.37 24.36 -1.31
C PHE F 323 30.55 23.68 -0.62
N ALA F 324 30.22 22.69 0.21
CA ALA F 324 31.22 21.89 0.90
C ALA F 324 30.81 20.42 0.83
N HIS F 325 31.79 19.54 0.98
CA HIS F 325 31.53 18.11 0.86
C HIS F 325 32.45 17.34 1.78
N SER F 326 31.88 16.38 2.51
CA SER F 326 32.63 15.47 3.36
C SER F 326 32.10 14.06 3.17
N ILE F 327 33.01 13.11 3.04
CA ILE F 327 32.67 11.71 2.81
C ILE F 327 33.21 10.86 3.96
N LEU F 328 32.43 9.87 4.37
CA LEU F 328 32.82 8.96 5.43
C LEU F 328 32.86 7.54 4.87
N THR F 329 33.97 6.84 5.10
CA THR F 329 34.18 5.50 4.58
C THR F 329 33.88 4.50 5.69
N VAL F 330 32.81 3.72 5.52
CA VAL F 330 32.39 2.71 6.48
C VAL F 330 32.11 1.41 5.74
N SER F 331 32.04 0.32 6.51
CA SER F 331 31.72 -0.98 5.93
C SER F 331 30.22 -1.11 5.70
N GLU F 332 29.86 -2.04 4.80
CA GLU F 332 28.45 -2.29 4.51
C GLU F 332 27.73 -2.94 5.68
N GLU F 333 28.43 -3.78 6.45
CA GLU F 333 27.80 -4.42 7.60
C GLU F 333 27.41 -3.40 8.66
N GLU F 334 28.26 -2.40 8.89
CA GLU F 334 27.95 -1.35 9.86
C GLU F 334 26.74 -0.54 9.41
N TRP F 335 26.67 -0.23 8.11
CA TRP F 335 25.50 0.47 7.58
C TRP F 335 24.23 -0.37 7.69
N ASN F 336 24.36 -1.68 7.45
CA ASN F 336 23.20 -2.57 7.55
C ASN F 336 22.70 -2.66 8.99
N THR F 337 23.61 -2.71 9.95
CA THR F 337 23.19 -2.77 11.36
C THR F 337 22.45 -1.51 11.78
N GLY F 338 22.94 -0.35 11.37
CA GLY F 338 22.25 0.89 11.63
C GLY F 338 22.79 1.69 12.81
N GLU F 339 23.48 2.79 12.51
CA GLU F 339 23.93 3.72 13.54
C GLU F 339 23.50 5.16 13.26
N THR F 340 22.77 5.39 12.17
CA THR F 340 22.15 6.66 11.75
C THR F 340 23.18 7.68 11.28
N TYR F 341 24.47 7.39 11.49
CA TYR F 341 25.62 8.10 10.90
C TYR F 341 25.40 9.61 10.82
N THR F 342 25.17 10.21 11.99
CA THR F 342 24.83 11.63 12.06
C THR F 342 25.97 12.49 11.55
N CYS F 343 25.62 13.46 10.69
CA CYS F 343 26.57 14.41 10.14
C CYS F 343 26.26 15.79 10.71
N VAL F 344 27.24 16.40 11.36
CA VAL F 344 27.09 17.70 12.00
C VAL F 344 28.13 18.66 11.42
N VAL F 345 27.69 19.88 11.12
CA VAL F 345 28.57 20.90 10.57
C VAL F 345 28.57 22.09 11.50
N ALA F 346 29.68 22.83 11.51
CA ALA F 346 29.80 24.06 12.29
C ALA F 346 29.96 25.24 11.35
N HIS F 347 29.11 26.25 11.53
CA HIS F 347 29.13 27.39 10.62
C HIS F 347 28.52 28.59 11.34
N GLU F 348 29.18 29.75 11.18
CA GLU F 348 28.77 30.94 11.93
C GLU F 348 27.42 31.48 11.44
N ALA F 349 27.07 31.23 10.19
CA ALA F 349 25.80 31.73 9.66
C ALA F 349 24.62 30.84 10.02
N LEU F 350 24.86 29.67 10.61
CA LEU F 350 23.77 28.82 11.05
C LEU F 350 23.04 29.46 12.23
N PRO F 351 21.76 29.15 12.43
CA PRO F 351 21.00 29.83 13.49
C PRO F 351 21.56 29.67 14.89
N ASN F 352 22.15 28.51 15.22
CA ASN F 352 22.81 28.33 16.51
C ASN F 352 24.19 27.70 16.23
N ARG F 353 24.84 28.20 15.19
CA ARG F 353 26.25 27.96 14.86
C ARG F 353 26.56 26.54 14.40
N VAL F 354 25.59 25.62 14.53
CA VAL F 354 25.76 24.24 14.05
C VAL F 354 24.40 23.71 13.62
N THR F 355 24.43 22.61 12.87
CA THR F 355 23.23 21.85 12.55
C THR F 355 23.65 20.41 12.27
N GLU F 356 22.68 19.50 12.42
CA GLU F 356 22.96 18.08 12.23
C GLU F 356 21.80 17.41 11.51
N ARG F 357 22.12 16.65 10.46
CA ARG F 357 21.16 15.87 9.69
C ARG F 357 21.59 14.42 9.69
N THR F 358 20.62 13.51 9.76
CA THR F 358 20.90 12.09 9.83
C THR F 358 19.97 11.32 8.91
N VAL F 359 20.51 10.23 8.36
CA VAL F 359 19.74 9.26 7.58
C VAL F 359 20.13 7.86 8.04
N ASP F 360 19.27 6.89 7.72
CA ASP F 360 19.52 5.50 8.10
C ASP F 360 18.87 4.59 7.08
N LYS F 361 19.15 3.29 7.22
CA LYS F 361 18.53 2.30 6.35
C LYS F 361 17.01 2.27 6.51
N SER F 362 16.55 2.37 7.77
CA SER F 362 15.11 2.41 8.02
C SER F 362 14.48 3.73 7.57
N THR F 363 15.27 4.81 7.53
CA THR F 363 14.72 6.09 7.06
C THR F 363 14.48 6.08 5.56
N GLY F 364 15.19 5.21 4.82
CA GLY F 364 14.93 5.09 3.40
C GLY F 364 13.52 4.59 3.11
N LYS F 365 13.03 3.65 3.92
CA LYS F 365 11.65 3.22 3.83
C LYS F 365 10.73 4.35 4.31
N PRO F 366 9.54 4.48 3.72
CA PRO F 366 8.62 5.55 4.14
C PRO F 366 8.04 5.37 5.53
N THR F 367 8.34 4.26 6.21
CA THR F 367 7.87 3.95 7.56
C THR F 367 6.34 3.91 7.66
N LEU F 368 5.66 3.63 6.55
CA LEU F 368 4.22 3.48 6.54
C LEU F 368 3.76 2.13 6.00
N TYR F 369 4.51 1.53 5.07
CA TYR F 369 4.22 0.19 4.58
C TYR F 369 5.49 -0.65 4.62
N ASN F 370 5.30 -1.95 4.85
CA ASN F 370 6.40 -2.91 4.95
C ASN F 370 6.14 -4.04 3.94
N VAL F 371 6.86 -4.02 2.83
CA VAL F 371 6.69 -4.99 1.76
C VAL F 371 7.90 -5.91 1.75
N SER F 372 7.65 -7.22 1.80
CA SER F 372 8.70 -8.23 1.77
C SER F 372 8.45 -9.17 0.60
N LEU F 373 9.52 -9.50 -0.12
CA LEU F 373 9.44 -10.36 -1.29
C LEU F 373 10.26 -11.62 -1.04
N VAL F 374 9.61 -12.78 -1.11
CA VAL F 374 10.27 -14.07 -0.97
C VAL F 374 9.76 -15.00 -2.07
N MET F 375 10.53 -16.06 -2.32
CA MET F 375 10.17 -17.03 -3.34
C MET F 375 9.49 -18.25 -2.73
N ILE G 152 64.28 31.78 -9.34
CA ILE G 152 65.10 31.28 -10.45
C ILE G 152 64.79 29.82 -10.73
N ARG G 153 63.68 29.34 -10.18
CA ARG G 153 63.25 27.97 -10.37
C ARG G 153 62.13 27.92 -11.40
N VAL G 154 62.23 26.99 -12.34
CA VAL G 154 61.27 26.83 -13.43
C VAL G 154 60.45 25.57 -13.20
N PHE G 155 59.14 25.68 -13.37
CA PHE G 155 58.22 24.56 -13.24
C PHE G 155 57.66 24.21 -14.61
N ALA G 156 56.71 23.27 -14.64
CA ALA G 156 56.05 22.88 -15.87
C ALA G 156 54.67 22.34 -15.52
N ILE G 157 53.80 22.34 -16.52
CA ILE G 157 52.43 21.84 -16.39
C ILE G 157 52.25 20.67 -17.35
N PRO G 158 52.41 19.44 -16.87
CA PRO G 158 52.12 18.26 -17.71
C PRO G 158 50.69 18.29 -18.19
N PRO G 159 50.44 17.85 -19.43
CA PRO G 159 49.05 17.77 -19.92
C PRO G 159 48.24 16.71 -19.19
N SER G 160 47.27 17.15 -18.41
CA SER G 160 46.43 16.21 -17.66
C SER G 160 45.50 15.45 -18.61
N PHE G 161 45.04 14.29 -18.14
CA PHE G 161 44.16 13.47 -18.95
C PHE G 161 42.83 14.16 -19.21
N ALA G 162 42.35 14.96 -18.25
CA ALA G 162 41.10 15.68 -18.44
C ALA G 162 41.20 16.67 -19.59
N SER G 163 42.28 17.45 -19.64
CA SER G 163 42.46 18.41 -20.72
C SER G 163 42.68 17.70 -22.05
N ILE G 164 43.39 16.57 -22.03
CA ILE G 164 43.62 15.80 -23.26
C ILE G 164 42.29 15.30 -23.82
N PHE G 165 41.42 14.77 -22.97
CA PHE G 165 40.13 14.28 -23.43
C PHE G 165 39.22 15.43 -23.85
N LEU G 166 39.31 16.58 -23.16
CA LEU G 166 38.48 17.73 -23.52
C LEU G 166 38.87 18.28 -24.89
N THR G 167 40.17 18.38 -25.17
CA THR G 167 40.64 18.90 -26.44
C THR G 167 40.81 17.81 -27.50
N LYS G 168 40.59 16.55 -27.14
CA LYS G 168 40.76 15.40 -28.03
C LYS G 168 42.17 15.30 -28.61
N SER G 169 43.14 15.90 -27.94
CA SER G 169 44.53 15.87 -28.40
C SER G 169 45.43 16.18 -27.21
N THR G 170 46.70 15.86 -27.37
CA THR G 170 47.72 16.09 -26.33
C THR G 170 48.41 17.42 -26.63
N LYS G 171 48.33 18.35 -25.68
CA LYS G 171 48.91 19.69 -25.81
C LYS G 171 49.99 19.84 -24.76
N LEU G 172 51.24 20.00 -25.20
CA LEU G 172 52.35 20.15 -24.29
C LEU G 172 52.49 21.59 -23.81
N THR G 173 52.92 21.74 -22.56
CA THR G 173 53.19 23.05 -21.97
C THR G 173 54.47 22.98 -21.15
N CYS G 174 55.33 23.98 -21.31
CA CYS G 174 56.54 24.15 -20.49
C CYS G 174 56.63 25.64 -20.14
N LEU G 175 56.09 25.99 -18.97
CA LEU G 175 55.94 27.38 -18.55
C LEU G 175 57.20 27.85 -17.84
N VAL G 176 57.76 28.96 -18.31
CA VAL G 176 58.87 29.62 -17.62
C VAL G 176 58.30 30.45 -16.48
N THR G 177 58.79 30.21 -15.26
CA THR G 177 58.27 30.85 -14.06
C THR G 177 59.37 31.64 -13.36
N ASP G 178 59.01 32.83 -12.88
CA ASP G 178 59.91 33.68 -12.08
C ASP G 178 61.20 34.01 -12.84
N LEU G 179 61.04 34.39 -14.10
CA LEU G 179 62.17 34.81 -14.92
C LEU G 179 61.76 36.01 -15.76
N THR G 180 62.76 36.83 -16.12
CA THR G 180 62.50 38.05 -16.86
C THR G 180 62.00 37.76 -18.27
N THR G 181 61.20 38.68 -18.80
CA THR G 181 60.66 38.57 -20.15
C THR G 181 61.63 39.20 -21.13
N TYR G 182 62.47 38.37 -21.73
CA TYR G 182 63.46 38.82 -22.69
C TYR G 182 62.97 38.55 -24.11
N ASP G 183 63.32 39.45 -25.03
CA ASP G 183 62.85 39.38 -26.39
C ASP G 183 63.74 38.49 -27.26
N SER G 184 63.13 37.90 -28.30
CA SER G 184 63.83 37.05 -29.26
C SER G 184 64.52 35.87 -28.59
N VAL G 185 63.84 35.25 -27.63
CA VAL G 185 64.35 34.06 -26.97
C VAL G 185 64.15 32.85 -27.88
N THR G 186 65.06 31.88 -27.76
CA THR G 186 65.02 30.66 -28.56
C THR G 186 64.41 29.55 -27.73
N ILE G 187 63.25 29.05 -28.16
CA ILE G 187 62.53 27.98 -27.48
C ILE G 187 62.36 26.83 -28.46
N SER G 188 62.66 25.62 -28.02
CA SER G 188 62.52 24.43 -28.85
C SER G 188 62.02 23.27 -28.00
N TRP G 189 61.32 22.36 -28.65
CA TRP G 189 60.83 21.14 -28.01
C TRP G 189 61.78 19.99 -28.34
N THR G 190 62.35 19.38 -27.31
CA THR G 190 63.30 18.29 -27.47
C THR G 190 62.92 17.15 -26.55
N ARG G 191 63.50 15.99 -26.81
CA ARG G 191 63.32 14.79 -25.99
C ARG G 191 64.60 14.51 -25.21
N GLN G 192 64.63 13.35 -24.54
CA GLN G 192 65.63 13.08 -23.51
C GLN G 192 67.06 13.10 -24.04
N ASN G 193 67.27 12.92 -25.34
CA ASN G 193 68.61 12.97 -25.91
C ASN G 193 68.90 14.30 -26.61
N GLY G 194 68.00 15.28 -26.52
CA GLY G 194 68.25 16.61 -27.01
C GLY G 194 67.86 16.88 -28.45
N GLU G 195 67.37 15.89 -29.18
CA GLU G 195 66.99 16.09 -30.57
C GLU G 195 65.67 16.84 -30.65
N ALA G 196 65.62 17.86 -31.51
CA ALA G 196 64.42 18.67 -31.66
C ALA G 196 63.35 17.89 -32.41
N VAL G 197 62.13 17.92 -31.87
CA VAL G 197 60.99 17.17 -32.42
C VAL G 197 59.86 18.09 -32.83
N LYS G 198 59.54 19.09 -32.00
CA LYS G 198 58.44 20.02 -32.26
C LYS G 198 58.92 21.45 -32.05
N THR G 199 58.06 22.40 -32.39
CA THR G 199 58.34 23.83 -32.25
C THR G 199 57.20 24.51 -31.51
N HIS G 200 57.55 25.52 -30.73
CA HIS G 200 56.54 26.27 -29.98
C HIS G 200 55.71 27.16 -30.90
N THR G 201 54.44 27.33 -30.54
CA THR G 201 53.51 28.12 -31.34
C THR G 201 52.52 28.82 -30.42
N ASN G 202 52.19 30.06 -30.77
CA ASN G 202 51.18 30.87 -30.07
C ASN G 202 51.56 31.08 -28.60
N ILE G 203 52.68 31.78 -28.40
CA ILE G 203 53.09 32.15 -27.05
C ILE G 203 52.18 33.25 -26.51
N SER G 204 52.19 33.40 -25.19
CA SER G 204 51.37 34.40 -24.53
C SER G 204 51.97 35.79 -24.71
N GLU G 205 51.17 36.81 -24.37
CA GLU G 205 51.58 38.19 -24.50
C GLU G 205 52.56 38.57 -23.40
N SER G 206 53.11 39.78 -23.51
CA SER G 206 54.05 40.27 -22.51
C SER G 206 53.34 40.51 -21.18
N HIS G 207 54.03 40.14 -20.09
CA HIS G 207 53.48 40.27 -18.75
C HIS G 207 54.07 41.50 -18.06
N PRO G 208 53.24 42.40 -17.53
CA PRO G 208 53.78 43.54 -16.79
C PRO G 208 54.54 43.16 -15.53
N ASN G 209 54.31 41.97 -14.99
CA ASN G 209 54.99 41.51 -13.78
C ASN G 209 56.38 40.94 -14.05
N ALA G 210 56.87 41.07 -15.29
CA ALA G 210 58.19 40.58 -15.70
C ALA G 210 58.34 39.07 -15.45
N THR G 211 57.29 38.31 -15.67
CA THR G 211 57.30 36.86 -15.58
C THR G 211 56.97 36.29 -16.95
N PHE G 212 57.83 35.41 -17.45
CA PHE G 212 57.67 34.85 -18.80
C PHE G 212 56.79 33.61 -18.77
N SER G 213 55.58 33.78 -18.23
CA SER G 213 54.60 32.69 -18.15
C SER G 213 53.84 32.61 -19.49
N ALA G 214 54.55 32.14 -20.50
CA ALA G 214 54.02 32.01 -21.85
C ALA G 214 53.81 30.53 -22.17
N VAL G 215 52.62 30.19 -22.65
CA VAL G 215 52.30 28.81 -22.99
C VAL G 215 52.76 28.52 -24.42
N GLY G 216 53.51 27.44 -24.58
CA GLY G 216 53.93 27.01 -25.90
C GLY G 216 53.05 25.90 -26.44
N GLU G 217 52.11 26.24 -27.32
CA GLU G 217 51.15 25.28 -27.83
C GLU G 217 51.81 24.42 -28.90
N ALA G 218 51.99 23.14 -28.61
CA ALA G 218 52.58 22.19 -29.55
C ALA G 218 51.74 20.92 -29.54
N SER G 219 51.55 20.34 -30.73
CA SER G 219 50.75 19.14 -30.88
C SER G 219 51.67 17.92 -30.89
N ILE G 220 51.47 17.01 -29.95
CA ILE G 220 52.25 15.79 -29.83
C ILE G 220 51.31 14.60 -29.89
N CYS G 221 51.89 13.41 -30.03
CA CYS G 221 51.11 12.19 -30.09
C CYS G 221 50.70 11.74 -28.68
N GLU G 222 50.09 10.56 -28.60
CA GLU G 222 49.60 10.02 -27.33
C GLU G 222 50.49 8.92 -26.78
N ASP G 223 51.04 8.06 -27.64
CA ASP G 223 51.84 6.94 -27.17
C ASP G 223 53.13 7.40 -26.51
N ASP G 224 53.77 8.45 -27.07
CA ASP G 224 55.01 8.95 -26.51
C ASP G 224 54.83 9.51 -25.11
N TRP G 225 53.73 10.25 -24.89
CA TRP G 225 53.46 10.77 -23.56
C TRP G 225 52.97 9.69 -22.61
N ASN G 226 52.24 8.70 -23.12
CA ASN G 226 51.75 7.61 -22.27
C ASN G 226 52.89 6.71 -21.81
N SER G 227 53.92 6.53 -22.64
CA SER G 227 55.03 5.66 -22.29
C SER G 227 55.97 6.28 -21.26
N GLY G 228 55.83 7.56 -20.97
CA GLY G 228 56.68 8.20 -19.99
C GLY G 228 58.02 8.66 -20.50
N GLU G 229 58.15 8.87 -21.81
CA GLU G 229 59.41 9.35 -22.36
C GLU G 229 59.67 10.79 -21.92
N ARG G 230 60.92 11.07 -21.56
CA ARG G 230 61.28 12.39 -21.03
C ARG G 230 61.35 13.40 -22.16
N PHE G 231 60.59 14.49 -22.01
CA PHE G 231 60.54 15.58 -22.99
C PHE G 231 61.23 16.80 -22.37
N THR G 232 62.36 17.19 -22.94
CA THR G 232 63.13 18.32 -22.42
C THR G 232 62.65 19.63 -23.03
N CYS G 233 62.36 20.61 -22.18
CA CYS G 233 62.11 21.99 -22.59
C CYS G 233 63.18 22.88 -21.98
N THR G 234 63.82 23.70 -22.81
CA THR G 234 64.83 24.62 -22.35
C THR G 234 64.61 25.98 -23.00
N VAL G 235 65.02 27.04 -22.31
CA VAL G 235 64.85 28.41 -22.78
C VAL G 235 66.14 29.17 -22.51
N THR G 236 66.64 29.88 -23.52
CA THR G 236 67.87 30.65 -23.37
C THR G 236 67.65 31.85 -22.46
N HIS G 237 68.76 32.35 -21.89
CA HIS G 237 68.71 33.46 -20.96
C HIS G 237 69.81 34.46 -21.32
N THR G 238 69.63 35.70 -20.85
CA THR G 238 70.60 36.76 -21.08
C THR G 238 71.69 36.76 -20.02
N ASP G 239 71.31 36.71 -18.74
CA ASP G 239 72.30 36.65 -17.68
C ASP G 239 73.09 35.34 -17.72
N LEU G 240 72.42 34.23 -18.00
CA LEU G 240 73.07 32.94 -18.14
C LEU G 240 73.09 32.54 -19.61
N PRO G 241 74.26 32.55 -20.27
CA PRO G 241 74.29 32.19 -21.69
C PRO G 241 73.83 30.77 -21.97
N SER G 242 74.10 29.84 -21.07
CA SER G 242 73.71 28.45 -21.28
C SER G 242 72.25 28.26 -20.89
N PRO G 243 71.39 27.80 -21.81
CA PRO G 243 69.99 27.52 -21.43
C PRO G 243 69.90 26.29 -20.55
N LEU G 244 69.39 26.47 -19.33
CA LEU G 244 69.33 25.39 -18.36
C LEU G 244 68.06 25.51 -17.53
N LYS G 245 67.17 24.54 -17.67
CA LYS G 245 66.01 24.42 -16.80
C LYS G 245 65.55 22.97 -16.82
N GLN G 246 64.62 22.65 -15.92
CA GLN G 246 64.27 21.26 -15.64
C GLN G 246 63.53 20.63 -16.83
N THR G 247 63.34 19.32 -16.72
CA THR G 247 62.71 18.50 -17.76
C THR G 247 61.32 18.08 -17.30
N ILE G 248 60.34 18.26 -18.18
CA ILE G 248 58.97 17.86 -17.89
C ILE G 248 58.76 16.42 -18.35
N SER G 249 58.25 15.59 -17.43
CA SER G 249 57.95 14.19 -17.73
C SER G 249 56.97 13.67 -16.69
N ARG G 250 56.09 12.77 -17.13
CA ARG G 250 55.13 12.18 -16.22
C ARG G 250 55.82 11.16 -15.31
N PRO G 251 55.35 11.01 -14.06
CA PRO G 251 55.93 10.04 -13.14
C PRO G 251 55.60 8.59 -13.52
N ALA G 255 51.15 3.33 -11.18
CA ALA G 255 49.97 3.07 -10.37
C ALA G 255 48.70 3.26 -11.18
N LEU G 256 48.24 2.17 -11.81
CA LEU G 256 47.03 2.17 -12.62
C LEU G 256 45.93 1.46 -11.84
N HIS G 257 44.91 2.21 -11.43
CA HIS G 257 43.81 1.66 -10.63
C HIS G 257 42.49 2.14 -11.21
N ARG G 258 41.57 1.20 -11.44
CA ARG G 258 40.31 1.51 -12.10
C ARG G 258 39.38 2.24 -11.14
N PRO G 259 38.85 3.40 -11.52
CA PRO G 259 37.93 4.13 -10.64
C PRO G 259 36.59 3.44 -10.50
N ASP G 260 35.93 3.71 -9.38
CA ASP G 260 34.59 3.23 -9.10
C ASP G 260 33.63 4.41 -9.05
N VAL G 261 32.55 4.33 -9.81
CA VAL G 261 31.61 5.43 -9.99
C VAL G 261 30.26 5.02 -9.44
N TYR G 262 29.70 5.85 -8.56
CA TYR G 262 28.35 5.67 -8.03
C TYR G 262 27.59 6.98 -8.14
N LEU G 263 26.35 6.90 -8.59
CA LEU G 263 25.48 8.06 -8.72
C LEU G 263 24.48 8.08 -7.58
N LEU G 264 24.52 9.15 -6.78
CA LEU G 264 23.62 9.29 -5.64
C LEU G 264 22.43 10.16 -6.03
N PRO G 265 21.20 9.66 -5.88
CA PRO G 265 20.04 10.49 -6.21
C PRO G 265 19.91 11.65 -5.23
N PRO G 266 19.27 12.76 -5.64
CA PRO G 266 19.09 13.89 -4.73
C PRO G 266 18.22 13.52 -3.54
N ALA G 267 18.47 14.19 -2.42
CA ALA G 267 17.75 13.92 -1.19
C ALA G 267 16.29 14.28 -1.29
N ARG G 268 15.45 13.60 -0.50
CA ARG G 268 14.02 13.86 -0.49
C ARG G 268 13.71 15.26 0.05
N GLU G 269 14.49 15.73 1.02
CA GLU G 269 14.27 17.06 1.58
C GLU G 269 14.51 18.14 0.53
N GLN G 270 15.52 17.94 -0.32
CA GLN G 270 15.78 18.91 -1.38
C GLN G 270 14.63 18.95 -2.39
N LEU G 271 13.99 17.79 -2.63
CA LEU G 271 12.76 17.79 -3.43
C LEU G 271 11.63 18.50 -2.70
N ASN G 272 11.60 18.41 -1.37
CA ASN G 272 10.53 19.04 -0.60
C ASN G 272 10.66 20.56 -0.54
N LEU G 273 11.89 21.09 -0.54
CA LEU G 273 12.08 22.53 -0.45
C LEU G 273 11.62 23.27 -1.70
N ARG G 274 11.41 22.57 -2.82
CA ARG G 274 10.70 22.99 -4.02
C ARG G 274 11.55 23.90 -4.95
N GLU G 275 12.75 24.32 -4.56
CA GLU G 275 13.45 25.23 -5.48
C GLU G 275 14.36 24.51 -6.47
N SER G 276 15.06 23.45 -6.05
CA SER G 276 16.04 22.80 -6.92
C SER G 276 16.36 21.43 -6.35
N ALA G 277 17.25 20.72 -7.04
CA ALA G 277 17.73 19.41 -6.61
C ALA G 277 19.12 19.18 -7.20
N THR G 278 20.02 18.62 -6.38
CA THR G 278 21.40 18.41 -6.78
C THR G 278 21.69 16.91 -6.89
N ILE G 279 22.22 16.50 -8.03
CA ILE G 279 22.62 15.12 -8.28
C ILE G 279 24.13 15.05 -8.29
N THR G 280 24.69 14.14 -7.49
CA THR G 280 26.12 14.07 -7.26
C THR G 280 26.70 12.83 -7.96
N CYS G 281 27.81 13.02 -8.65
CA CYS G 281 28.56 11.93 -9.28
C CYS G 281 29.82 11.71 -8.46
N LEU G 282 29.88 10.58 -7.76
CA LEU G 282 30.99 10.27 -6.87
C LEU G 282 31.94 9.32 -7.58
N VAL G 283 33.21 9.73 -7.69
CA VAL G 283 34.25 8.92 -8.32
C VAL G 283 35.28 8.59 -7.25
N THR G 284 35.53 7.29 -7.05
CA THR G 284 36.42 6.82 -6.01
C THR G 284 37.36 5.76 -6.57
N GLY G 285 38.50 5.59 -5.90
CA GLY G 285 39.43 4.54 -6.22
C GLY G 285 40.14 4.64 -7.56
N PHE G 286 40.62 5.83 -7.91
CA PHE G 286 41.41 6.03 -9.12
C PHE G 286 42.83 6.45 -8.76
N SER G 287 43.75 6.24 -9.70
CA SER G 287 45.14 6.63 -9.52
C SER G 287 45.82 6.76 -10.88
N PRO G 288 46.56 7.85 -11.12
CA PRO G 288 46.76 9.00 -10.23
C PRO G 288 45.59 9.98 -10.27
N ALA G 289 45.84 11.21 -9.81
CA ALA G 289 44.80 12.24 -9.73
C ALA G 289 44.57 12.90 -11.08
N ASP G 290 44.22 12.08 -12.07
CA ASP G 290 43.92 12.53 -13.43
C ASP G 290 42.56 11.93 -13.80
N VAL G 291 41.48 12.65 -13.46
CA VAL G 291 40.13 12.19 -13.70
C VAL G 291 39.32 13.32 -14.32
N PHE G 292 38.50 12.98 -15.31
CA PHE G 292 37.61 13.94 -15.97
C PHE G 292 36.17 13.49 -15.74
N VAL G 293 35.35 14.38 -15.21
CA VAL G 293 33.94 14.10 -14.94
C VAL G 293 33.11 15.06 -15.77
N GLN G 294 32.17 14.51 -16.54
CA GLN G 294 31.31 15.28 -17.43
C GLN G 294 29.89 14.74 -17.33
N TRP G 295 28.92 15.65 -17.34
CA TRP G 295 27.52 15.29 -17.24
C TRP G 295 26.86 15.38 -18.61
N MET G 296 26.09 14.36 -18.96
CA MET G 296 25.36 14.30 -20.22
C MET G 296 23.89 14.00 -19.94
N GLN G 297 23.01 14.69 -20.67
CA GLN G 297 21.57 14.54 -20.50
C GLN G 297 20.95 14.19 -21.85
N ARG G 298 20.21 13.08 -21.90
CA ARG G 298 19.51 12.61 -23.09
C ARG G 298 20.47 12.44 -24.28
N GLY G 299 21.68 11.98 -24.00
CA GLY G 299 22.67 11.79 -25.03
C GLY G 299 23.38 13.04 -25.49
N GLN G 300 23.07 14.20 -24.90
CA GLN G 300 23.69 15.46 -25.26
C GLN G 300 24.52 15.98 -24.09
N PRO G 301 25.79 16.31 -24.30
CA PRO G 301 26.61 16.84 -23.21
C PRO G 301 26.04 18.16 -22.69
N LEU G 302 26.06 18.31 -21.37
CA LEU G 302 25.58 19.53 -20.75
C LEU G 302 26.69 20.60 -20.74
N SER G 303 26.28 21.83 -20.43
CA SER G 303 27.24 22.93 -20.39
C SER G 303 28.21 22.73 -19.23
N PRO G 304 29.49 23.05 -19.41
CA PRO G 304 30.45 22.92 -18.30
C PRO G 304 30.14 23.82 -17.12
N GLU G 305 29.36 24.88 -17.34
CA GLU G 305 29.07 25.81 -16.25
C GLU G 305 28.13 25.20 -15.22
N LYS G 306 27.18 24.36 -15.66
CA LYS G 306 26.18 23.83 -14.74
C LYS G 306 26.78 22.90 -13.71
N TYR G 307 27.69 22.02 -14.12
CA TYR G 307 28.29 21.05 -13.21
C TYR G 307 29.69 21.51 -12.81
N VAL G 308 30.08 21.16 -11.59
CA VAL G 308 31.38 21.51 -11.04
C VAL G 308 32.06 20.24 -10.54
N THR G 309 33.35 20.13 -10.80
CA THR G 309 34.14 18.98 -10.39
C THR G 309 35.20 19.42 -9.37
N SER G 310 35.19 18.77 -8.21
CA SER G 310 36.18 19.08 -7.18
C SER G 310 37.53 18.49 -7.55
N ALA G 311 38.59 19.10 -7.00
CA ALA G 311 39.93 18.60 -7.23
C ALA G 311 40.10 17.24 -6.54
N PRO G 312 40.79 16.29 -7.19
CA PRO G 312 41.00 14.98 -6.55
C PRO G 312 41.82 15.09 -5.28
N MET G 313 41.46 14.26 -4.30
CA MET G 313 42.13 14.21 -3.01
C MET G 313 42.41 12.77 -2.64
N PRO G 314 43.45 12.53 -1.84
CA PRO G 314 43.78 11.15 -1.45
C PRO G 314 42.66 10.51 -0.63
N GLU G 315 42.46 9.22 -0.85
CA GLU G 315 41.47 8.46 -0.10
C GLU G 315 41.95 8.25 1.33
N PRO G 316 41.08 8.45 2.33
CA PRO G 316 41.51 8.28 3.72
C PRO G 316 41.92 6.87 4.08
N GLN G 317 41.14 5.87 3.66
CA GLN G 317 41.43 4.49 4.02
C GLN G 317 42.71 3.99 3.34
N ALA G 318 42.82 4.20 2.04
CA ALA G 318 43.98 3.74 1.27
C ALA G 318 44.71 4.93 0.68
N PRO G 319 45.99 5.14 1.02
CA PRO G 319 46.73 6.25 0.40
C PRO G 319 46.87 6.14 -1.11
N GLY G 320 46.93 4.92 -1.64
CA GLY G 320 47.03 4.75 -3.08
C GLY G 320 45.76 5.19 -3.80
N ARG G 321 44.60 4.93 -3.20
CA ARG G 321 43.34 5.28 -3.81
C ARG G 321 43.12 6.80 -3.76
N TYR G 322 42.31 7.29 -4.69
CA TYR G 322 41.92 8.70 -4.72
C TYR G 322 40.42 8.79 -4.99
N PHE G 323 39.81 9.89 -4.53
CA PHE G 323 38.39 10.11 -4.72
C PHE G 323 38.16 11.50 -5.30
N ALA G 324 37.13 11.62 -6.15
CA ALA G 324 36.72 12.89 -6.72
C ALA G 324 35.21 12.99 -6.66
N HIS G 325 34.72 14.22 -6.45
CA HIS G 325 33.29 14.46 -6.30
C HIS G 325 32.86 15.54 -7.28
N SER G 326 31.78 15.28 -8.02
CA SER G 326 31.21 16.25 -8.94
C SER G 326 29.70 16.23 -8.82
N ILE G 327 29.07 17.40 -8.87
CA ILE G 327 27.63 17.54 -8.70
C ILE G 327 27.05 18.34 -9.85
N LEU G 328 25.73 18.26 -9.98
CA LEU G 328 24.99 19.01 -10.99
C LEU G 328 23.76 19.63 -10.33
N THR G 329 23.66 20.95 -10.41
CA THR G 329 22.55 21.68 -9.81
C THR G 329 21.49 21.93 -10.88
N VAL G 330 20.32 21.30 -10.73
CA VAL G 330 19.22 21.43 -11.68
C VAL G 330 17.94 21.71 -10.89
N SER G 331 16.91 22.14 -11.62
CA SER G 331 15.61 22.39 -11.01
C SER G 331 14.96 21.08 -10.55
N GLU G 332 14.12 21.19 -9.53
CA GLU G 332 13.44 20.00 -9.01
C GLU G 332 12.38 19.49 -9.98
N GLU G 333 11.76 20.40 -10.75
CA GLU G 333 10.80 19.98 -11.77
C GLU G 333 11.48 19.15 -12.85
N GLU G 334 12.77 19.41 -13.12
CA GLU G 334 13.53 18.58 -14.04
C GLU G 334 13.69 17.17 -13.48
N TRP G 335 13.95 17.04 -12.18
CA TRP G 335 14.05 15.73 -11.57
C TRP G 335 12.71 15.01 -11.50
N ASN G 336 11.61 15.77 -11.44
CA ASN G 336 10.29 15.15 -11.47
C ASN G 336 10.05 14.42 -12.79
N THR G 337 10.44 15.03 -13.90
CA THR G 337 10.34 14.37 -15.19
C THR G 337 11.47 13.36 -15.36
N GLY G 338 11.16 12.26 -16.03
CA GLY G 338 12.14 11.21 -16.26
C GLY G 338 13.20 11.60 -17.25
N GLU G 339 14.42 11.84 -16.76
CA GLU G 339 15.55 12.20 -17.61
C GLU G 339 16.75 11.32 -17.27
N THR G 340 17.60 11.08 -18.26
CA THR G 340 18.74 10.19 -18.06
C THR G 340 19.72 10.77 -17.06
N TYR G 341 20.15 12.01 -17.28
CA TYR G 341 21.11 12.71 -16.41
C TYR G 341 22.38 11.89 -16.18
N THR G 342 22.90 11.34 -17.28
CA THR G 342 24.05 10.46 -17.20
C THR G 342 25.32 11.23 -16.82
N CYS G 343 26.28 10.51 -16.27
CA CYS G 343 27.56 11.08 -15.85
C CYS G 343 28.67 10.17 -16.32
N VAL G 344 29.56 10.70 -17.18
CA VAL G 344 30.68 9.94 -17.71
C VAL G 344 31.94 10.29 -16.93
N VAL G 345 32.80 9.30 -16.76
CA VAL G 345 34.06 9.46 -16.03
C VAL G 345 35.19 8.96 -16.92
N ALA G 346 36.23 9.77 -17.07
CA ALA G 346 37.36 9.46 -17.92
C ALA G 346 38.61 9.25 -17.07
N HIS G 347 39.26 8.11 -17.25
CA HIS G 347 40.50 7.81 -16.55
C HIS G 347 41.36 6.91 -17.43
N GLU G 348 42.68 7.01 -17.23
CA GLU G 348 43.60 6.23 -18.06
C GLU G 348 43.62 4.77 -17.67
N ALA G 349 43.29 4.46 -16.41
CA ALA G 349 43.32 3.09 -15.93
C ALA G 349 42.03 2.32 -16.20
N LEU G 350 41.02 2.98 -16.76
CA LEU G 350 39.77 2.29 -17.08
C LEU G 350 39.98 1.31 -18.23
N PRO G 351 39.19 0.23 -18.28
CA PRO G 351 39.35 -0.73 -19.40
C PRO G 351 39.13 -0.12 -20.77
N ASN G 352 38.22 0.84 -20.89
CA ASN G 352 37.99 1.53 -22.16
C ASN G 352 38.09 3.04 -22.03
N ARG G 353 38.66 3.54 -20.94
CA ARG G 353 38.94 4.95 -20.64
C ARG G 353 37.69 5.79 -20.40
N VAL G 354 36.50 5.22 -20.55
CA VAL G 354 35.25 5.94 -20.31
C VAL G 354 34.25 4.99 -19.64
N THR G 355 33.68 5.42 -18.53
CA THR G 355 32.59 4.70 -17.87
C THR G 355 31.47 5.68 -17.55
N GLU G 356 30.24 5.17 -17.59
CA GLU G 356 29.07 6.01 -17.36
C GLU G 356 28.02 5.23 -16.59
N ARG G 357 27.21 5.96 -15.82
CA ARG G 357 26.11 5.40 -15.04
C ARG G 357 24.86 6.23 -15.28
N THR G 358 23.71 5.60 -15.05
CA THR G 358 22.41 6.24 -15.23
C THR G 358 21.70 6.36 -13.89
N VAL G 359 21.15 7.53 -13.62
CA VAL G 359 20.41 7.80 -12.39
C VAL G 359 19.04 8.35 -12.76
N ASP G 360 18.02 7.93 -12.01
CA ASP G 360 16.66 8.35 -12.28
C ASP G 360 15.86 8.17 -11.00
N LYS G 361 14.70 8.82 -10.93
CA LYS G 361 13.83 8.66 -9.77
C LYS G 361 13.32 7.22 -9.66
N SER G 362 13.16 6.54 -10.79
CA SER G 362 12.77 5.13 -10.77
C SER G 362 13.94 4.18 -10.56
N THR G 363 15.18 4.67 -10.68
CA THR G 363 16.34 3.82 -10.44
C THR G 363 16.39 3.37 -8.98
N GLY G 364 16.13 4.29 -8.05
CA GLY G 364 16.08 3.92 -6.65
C GLY G 364 14.87 3.08 -6.29
N LYS G 365 13.81 3.16 -7.08
CA LYS G 365 12.64 2.32 -6.85
C LYS G 365 12.96 0.87 -7.18
N PRO G 366 12.32 -0.09 -6.49
CA PRO G 366 12.57 -1.50 -6.80
C PRO G 366 12.12 -1.92 -8.19
N THR G 367 11.23 -1.16 -8.82
CA THR G 367 10.70 -1.40 -10.17
C THR G 367 10.02 -2.75 -10.31
N LEU G 368 9.56 -3.34 -9.21
CA LEU G 368 8.82 -4.60 -9.24
C LEU G 368 7.44 -4.50 -8.62
N TYR G 369 7.31 -3.76 -7.52
CA TYR G 369 6.01 -3.47 -6.91
C TYR G 369 5.83 -1.96 -6.88
N ASN G 370 4.69 -1.50 -7.40
CA ASN G 370 4.40 -0.07 -7.48
C ASN G 370 3.46 0.29 -6.32
N VAL G 371 4.04 0.70 -5.21
CA VAL G 371 3.30 1.03 -4.00
C VAL G 371 3.19 2.55 -3.91
N SER G 372 1.97 3.07 -3.89
CA SER G 372 1.72 4.50 -3.83
C SER G 372 0.70 4.81 -2.74
N LEU G 373 0.77 6.02 -2.20
CA LEU G 373 -0.11 6.47 -1.13
C LEU G 373 -0.90 7.68 -1.62
N VAL G 374 -2.22 7.54 -1.68
CA VAL G 374 -3.13 8.62 -2.04
C VAL G 374 -4.28 8.64 -1.04
N MET G 375 -4.92 9.79 -0.95
CA MET G 375 -6.05 9.97 -0.03
C MET G 375 -7.31 9.31 -0.58
N ILE H 152 52.81 -10.40 -57.88
CA ILE H 152 53.48 -9.20 -58.37
C ILE H 152 52.71 -7.95 -57.94
N ARG H 153 51.92 -8.09 -56.88
CA ARG H 153 51.11 -7.01 -56.36
C ARG H 153 51.34 -6.87 -54.86
N VAL H 154 51.33 -5.63 -54.39
CA VAL H 154 51.44 -5.31 -52.97
C VAL H 154 50.20 -4.54 -52.54
N PHE H 155 49.60 -4.96 -51.42
CA PHE H 155 48.36 -4.39 -50.92
C PHE H 155 48.54 -3.94 -49.48
N ALA H 156 47.82 -2.88 -49.10
CA ALA H 156 47.79 -2.39 -47.74
C ALA H 156 46.38 -2.49 -47.18
N ILE H 157 46.27 -2.98 -45.95
CA ILE H 157 44.97 -3.09 -45.30
C ILE H 157 44.70 -1.82 -44.49
N PRO H 158 43.61 -1.11 -44.76
CA PRO H 158 43.27 0.06 -43.96
C PRO H 158 42.89 -0.35 -42.55
N PRO H 159 43.54 0.24 -41.54
CA PRO H 159 43.24 -0.14 -40.14
C PRO H 159 41.84 0.34 -39.74
N SER H 160 41.00 -0.60 -39.35
CA SER H 160 39.66 -0.27 -38.88
C SER H 160 39.75 0.41 -37.52
N PHE H 161 38.65 1.09 -37.15
CA PHE H 161 38.59 1.74 -35.84
C PHE H 161 38.66 0.72 -34.71
N ALA H 162 38.15 -0.49 -34.94
CA ALA H 162 38.21 -1.53 -33.91
C ALA H 162 39.65 -1.92 -33.58
N SER H 163 40.49 -2.06 -34.61
CA SER H 163 41.88 -2.49 -34.37
C SER H 163 42.66 -1.43 -33.61
N ILE H 164 42.54 -0.16 -34.04
CA ILE H 164 43.26 0.91 -33.35
C ILE H 164 42.69 1.16 -31.97
N PHE H 165 41.40 0.86 -31.76
CA PHE H 165 40.82 1.00 -30.44
C PHE H 165 41.24 -0.13 -29.51
N LEU H 166 41.52 -1.32 -30.06
CA LEU H 166 42.08 -2.40 -29.26
C LEU H 166 43.54 -2.13 -28.90
N THR H 167 44.34 -1.70 -29.87
CA THR H 167 45.77 -1.54 -29.65
C THR H 167 46.16 -0.14 -29.17
N LYS H 168 45.20 0.76 -29.00
CA LYS H 168 45.40 2.10 -28.44
C LYS H 168 46.36 2.95 -29.28
N SER H 169 46.53 2.62 -30.56
CA SER H 169 47.45 3.37 -31.42
C SER H 169 47.06 3.14 -32.87
N THR H 170 47.52 4.05 -33.73
CA THR H 170 47.30 3.92 -35.16
C THR H 170 48.29 2.92 -35.74
N LYS H 171 47.79 2.01 -36.58
CA LYS H 171 48.57 0.90 -37.11
C LYS H 171 48.72 1.05 -38.62
N LEU H 172 49.88 0.62 -39.13
CA LEU H 172 50.14 0.56 -40.57
C LEU H 172 50.62 -0.85 -40.91
N THR H 173 50.05 -1.43 -41.97
CA THR H 173 50.39 -2.78 -42.37
C THR H 173 50.50 -2.87 -43.88
N CYS H 174 51.55 -3.54 -44.37
CA CYS H 174 51.75 -3.80 -45.79
C CYS H 174 51.87 -5.30 -46.00
N LEU H 175 51.19 -5.80 -47.03
CA LEU H 175 51.18 -7.23 -47.33
C LEU H 175 51.31 -7.44 -48.84
N VAL H 176 51.80 -8.62 -49.21
CA VAL H 176 52.05 -8.97 -50.61
C VAL H 176 51.08 -10.08 -51.01
N THR H 177 50.43 -9.90 -52.15
CA THR H 177 49.44 -10.85 -52.65
C THR H 177 49.81 -11.29 -54.05
N ASP H 178 49.64 -12.59 -54.33
CA ASP H 178 49.85 -13.18 -55.65
C ASP H 178 51.28 -12.97 -56.14
N LEU H 179 52.24 -13.31 -55.29
CA LEU H 179 53.65 -13.22 -55.63
C LEU H 179 54.40 -14.37 -54.96
N THR H 180 55.40 -14.88 -55.66
CA THR H 180 56.18 -16.02 -55.17
C THR H 180 57.04 -15.60 -53.98
N THR H 181 57.67 -16.59 -53.35
CA THR H 181 58.52 -16.34 -52.20
C THR H 181 59.84 -15.70 -52.64
N TYR H 182 60.32 -14.76 -51.83
CA TYR H 182 61.57 -14.06 -52.11
C TYR H 182 62.13 -13.49 -50.81
N ASP H 183 63.39 -13.08 -50.87
CA ASP H 183 64.12 -12.57 -49.72
C ASP H 183 64.89 -11.33 -50.13
N SER H 184 65.31 -10.55 -49.13
CA SER H 184 66.11 -9.35 -49.30
C SER H 184 65.39 -8.32 -50.18
N VAL H 185 64.26 -7.84 -49.66
CA VAL H 185 63.41 -6.88 -50.34
C VAL H 185 63.37 -5.59 -49.54
N THR H 186 63.41 -4.45 -50.24
CA THR H 186 63.31 -3.16 -49.59
C THR H 186 61.86 -2.85 -49.23
N ILE H 187 61.62 -2.57 -47.95
CA ILE H 187 60.28 -2.25 -47.47
C ILE H 187 60.40 -1.11 -46.46
N SER H 188 59.49 -0.14 -46.57
CA SER H 188 59.49 1.03 -45.70
C SER H 188 58.13 1.70 -45.79
N TRP H 189 58.00 2.86 -45.14
CA TRP H 189 56.78 3.65 -45.15
C TRP H 189 57.14 5.10 -45.46
N THR H 190 56.21 5.81 -46.09
CA THR H 190 56.44 7.19 -46.52
C THR H 190 55.30 8.09 -46.07
N ARG H 191 55.66 9.30 -45.66
CA ARG H 191 54.71 10.32 -45.26
C ARG H 191 54.41 11.24 -46.45
N GLN H 192 53.83 12.41 -46.16
CA GLN H 192 53.53 13.38 -47.22
C GLN H 192 54.79 13.85 -47.93
N ASN H 193 55.84 14.15 -47.17
CA ASN H 193 57.09 14.65 -47.72
C ASN H 193 58.12 13.55 -47.96
N GLY H 194 57.75 12.29 -47.76
CA GLY H 194 58.73 11.22 -47.87
C GLY H 194 59.65 11.09 -46.69
N GLU H 195 59.25 11.58 -45.52
CA GLU H 195 60.07 11.50 -44.33
C GLU H 195 60.22 10.05 -43.87
N ALA H 196 61.33 9.78 -43.18
CA ALA H 196 61.61 8.43 -42.72
C ALA H 196 60.61 7.97 -41.66
N VAL H 197 60.17 6.73 -41.78
CA VAL H 197 59.26 6.11 -40.84
C VAL H 197 59.94 4.86 -40.30
N LYS H 198 59.56 4.46 -39.08
CA LYS H 198 60.13 3.28 -38.44
C LYS H 198 59.97 2.05 -39.34
N THR H 199 61.06 1.31 -39.50
CA THR H 199 61.10 0.23 -40.47
C THR H 199 60.24 -0.95 -40.03
N HIS H 200 59.95 -1.81 -40.99
CA HIS H 200 59.14 -2.99 -40.72
C HIS H 200 59.96 -4.01 -39.93
N THR H 201 59.43 -4.44 -38.80
CA THR H 201 60.13 -5.37 -37.92
C THR H 201 59.53 -6.77 -38.06
N ASN H 202 60.41 -7.77 -38.04
CA ASN H 202 60.04 -9.19 -38.11
C ASN H 202 59.27 -9.48 -39.41
N ILE H 203 59.96 -9.26 -40.53
CA ILE H 203 59.40 -9.57 -41.84
C ILE H 203 59.27 -11.07 -41.99
N SER H 204 58.08 -11.53 -42.38
CA SER H 204 57.82 -12.95 -42.49
C SER H 204 58.66 -13.57 -43.61
N GLU H 205 59.18 -14.77 -43.35
CA GLU H 205 60.02 -15.48 -44.30
C GLU H 205 59.15 -16.18 -45.34
N SER H 206 59.76 -17.07 -46.12
CA SER H 206 59.05 -17.79 -47.17
C SER H 206 57.94 -18.67 -46.59
N HIS H 207 56.70 -18.30 -46.87
CA HIS H 207 55.56 -19.06 -46.36
C HIS H 207 55.48 -20.42 -47.07
N PRO H 208 55.00 -21.46 -46.37
CA PRO H 208 54.83 -22.75 -47.02
C PRO H 208 53.83 -22.75 -48.16
N ASN H 209 52.93 -21.77 -48.23
CA ASN H 209 51.94 -21.66 -49.29
C ASN H 209 52.51 -21.07 -50.58
N ALA H 210 53.84 -20.94 -50.67
CA ALA H 210 54.53 -20.41 -51.86
C ALA H 210 54.08 -19.00 -52.21
N THR H 211 53.64 -18.24 -51.20
CA THR H 211 53.25 -16.84 -51.39
C THR H 211 53.90 -16.02 -50.29
N PHE H 212 54.62 -14.97 -50.69
CA PHE H 212 55.30 -14.13 -49.72
C PHE H 212 54.31 -13.27 -48.96
N SER H 213 54.56 -13.10 -47.66
CA SER H 213 53.72 -12.29 -46.79
C SER H 213 54.58 -11.39 -45.92
N ALA H 214 54.02 -10.28 -45.49
CA ALA H 214 54.71 -9.31 -44.65
C ALA H 214 53.82 -8.88 -43.50
N VAL H 215 54.45 -8.55 -42.37
CA VAL H 215 53.76 -8.06 -41.18
C VAL H 215 54.15 -6.61 -40.98
N GLY H 216 53.16 -5.74 -40.85
CA GLY H 216 53.37 -4.31 -40.73
C GLY H 216 53.04 -3.83 -39.32
N GLU H 217 54.00 -3.11 -38.72
CA GLU H 217 53.83 -2.46 -37.44
C GLU H 217 54.44 -1.06 -37.51
N ALA H 218 53.64 -0.06 -37.19
CA ALA H 218 54.11 1.32 -37.21
C ALA H 218 53.21 2.16 -36.31
N SER H 219 53.68 3.35 -35.97
CA SER H 219 52.96 4.27 -35.10
C SER H 219 52.84 5.63 -35.77
N ILE H 220 51.62 6.16 -35.83
CA ILE H 220 51.33 7.44 -36.46
C ILE H 220 50.43 8.23 -35.52
N CYS H 221 50.71 9.53 -35.38
CA CYS H 221 49.89 10.39 -34.54
C CYS H 221 48.48 10.52 -35.12
N GLU H 222 47.49 10.57 -34.24
CA GLU H 222 46.09 10.54 -34.67
C GLU H 222 45.64 11.88 -35.24
N ASP H 223 46.18 12.99 -34.70
CA ASP H 223 45.75 14.31 -35.14
C ASP H 223 46.12 14.56 -36.60
N ASP H 224 47.31 14.14 -37.02
CA ASP H 224 47.70 14.28 -38.42
C ASP H 224 46.91 13.33 -39.31
N TRP H 225 46.54 12.15 -38.80
CA TRP H 225 45.77 11.21 -39.58
C TRP H 225 44.35 11.72 -39.81
N ASN H 226 43.77 12.42 -38.83
CA ASN H 226 42.44 13.01 -39.00
C ASN H 226 42.42 14.14 -40.02
N SER H 227 43.58 14.68 -40.40
CA SER H 227 43.59 15.74 -41.41
C SER H 227 43.14 15.23 -42.77
N GLY H 228 43.55 14.02 -43.14
CA GLY H 228 43.17 13.46 -44.42
C GLY H 228 44.36 13.10 -45.29
N GLU H 229 45.51 12.89 -44.68
CA GLU H 229 46.71 12.52 -45.43
C GLU H 229 46.60 11.11 -45.98
N ARG H 230 47.18 10.89 -47.15
CA ARG H 230 47.23 9.57 -47.76
C ARG H 230 48.61 8.96 -47.55
N PHE H 231 48.65 7.64 -47.37
CA PHE H 231 49.88 6.94 -47.05
C PHE H 231 50.24 5.97 -48.16
N THR H 232 51.52 5.93 -48.52
CA THR H 232 52.01 5.12 -49.63
C THR H 232 53.04 4.12 -49.14
N CYS H 233 52.86 2.85 -49.50
CA CYS H 233 53.80 1.80 -49.17
C CYS H 233 54.79 1.62 -50.32
N THR H 234 56.07 1.50 -49.97
CA THR H 234 57.15 1.41 -50.94
C THR H 234 57.71 0.00 -50.95
N VAL H 235 57.71 -0.62 -52.13
CA VAL H 235 58.27 -1.95 -52.34
C VAL H 235 59.17 -1.91 -53.56
N THR H 236 60.42 -2.35 -53.40
CA THR H 236 61.38 -2.41 -54.48
C THR H 236 61.90 -3.83 -54.61
N HIS H 237 61.83 -4.39 -55.81
CA HIS H 237 62.26 -5.75 -56.05
C HIS H 237 62.70 -5.90 -57.50
N THR H 238 63.45 -6.97 -57.76
CA THR H 238 63.97 -7.22 -59.11
C THR H 238 62.87 -7.69 -60.05
N ASP H 239 61.77 -8.23 -59.52
CA ASP H 239 60.71 -8.77 -60.36
C ASP H 239 60.06 -7.69 -61.21
N LEU H 240 59.83 -6.51 -60.65
CA LEU H 240 59.26 -5.39 -61.39
C LEU H 240 60.20 -4.20 -61.25
N PRO H 241 60.71 -3.64 -62.35
CA PRO H 241 61.73 -2.58 -62.23
C PRO H 241 61.25 -1.33 -61.52
N SER H 242 59.99 -0.95 -61.70
CA SER H 242 59.48 0.24 -61.03
C SER H 242 59.17 -0.09 -59.56
N PRO H 243 59.35 0.89 -58.66
CA PRO H 243 58.99 0.66 -57.26
C PRO H 243 57.48 0.49 -57.10
N LEU H 244 57.09 -0.59 -56.43
CA LEU H 244 55.67 -0.89 -56.22
C LEU H 244 55.12 0.03 -55.15
N LYS H 245 54.14 0.86 -55.52
CA LYS H 245 53.57 1.86 -54.63
C LYS H 245 52.06 1.67 -54.56
N GLN H 246 51.52 1.67 -53.35
CA GLN H 246 50.09 1.58 -53.11
C GLN H 246 49.65 2.76 -52.26
N THR H 247 48.70 3.53 -52.78
CA THR H 247 48.24 4.77 -52.14
C THR H 247 46.84 4.55 -51.59
N ILE H 248 46.72 4.57 -50.26
CA ILE H 248 45.44 4.38 -49.57
C ILE H 248 45.31 5.43 -48.47
N SER H 249 44.13 6.02 -48.37
CA SER H 249 43.87 7.05 -47.37
C SER H 249 42.62 6.68 -46.59
N ARG H 250 42.42 7.39 -45.48
CA ARG H 250 41.19 7.24 -44.71
C ARG H 250 40.00 7.70 -45.53
N PRO H 251 38.88 6.96 -45.50
CA PRO H 251 37.67 7.43 -46.20
C PRO H 251 37.12 8.71 -45.59
N LYS H 252 37.20 9.81 -46.33
CA LYS H 252 36.72 11.11 -45.89
C LYS H 252 35.41 11.45 -46.56
N GLY H 253 34.74 12.46 -46.02
CA GLY H 253 33.46 12.91 -46.54
C GLY H 253 32.25 12.19 -46.01
N VAL H 254 32.45 11.17 -45.16
CA VAL H 254 31.33 10.43 -44.60
C VAL H 254 30.66 11.27 -43.52
N ALA H 255 29.35 11.09 -43.37
CA ALA H 255 28.61 11.83 -42.35
C ALA H 255 28.94 11.31 -40.96
N LEU H 256 28.76 12.17 -39.97
CA LEU H 256 29.02 11.83 -38.56
C LEU H 256 27.68 11.75 -37.84
N HIS H 257 27.16 10.54 -37.72
CA HIS H 257 25.91 10.29 -37.00
C HIS H 257 26.19 9.35 -35.84
N ARG H 258 25.83 9.77 -34.63
CA ARG H 258 26.08 8.96 -33.46
C ARG H 258 25.18 7.73 -33.44
N PRO H 259 25.67 6.60 -32.92
CA PRO H 259 24.84 5.39 -32.86
C PRO H 259 24.04 5.30 -31.56
N ASP H 260 22.78 4.86 -31.67
CA ASP H 260 21.94 4.61 -30.51
C ASP H 260 21.94 3.09 -30.28
N VAL H 261 22.82 2.66 -29.38
CA VAL H 261 22.98 1.22 -29.12
C VAL H 261 21.81 0.70 -28.30
N TYR H 262 21.31 -0.47 -28.67
CA TYR H 262 20.24 -1.14 -27.94
C TYR H 262 20.74 -2.50 -27.49
N LEU H 263 20.54 -2.80 -26.20
CA LEU H 263 20.91 -4.09 -25.63
C LEU H 263 19.63 -4.88 -25.37
N LEU H 264 19.40 -5.91 -26.18
CA LEU H 264 18.16 -6.67 -26.12
C LEU H 264 18.34 -7.88 -25.22
N PRO H 265 17.53 -8.03 -24.17
CA PRO H 265 17.62 -9.22 -23.33
C PRO H 265 17.15 -10.46 -24.09
N PRO H 266 17.63 -11.64 -23.69
CA PRO H 266 17.19 -12.88 -24.37
C PRO H 266 15.70 -13.11 -24.19
N ALA H 267 15.10 -13.73 -25.20
CA ALA H 267 13.65 -13.95 -25.21
C ALA H 267 13.24 -15.00 -24.20
N ARG H 268 11.94 -15.01 -23.90
CA ARG H 268 11.40 -15.98 -22.94
C ARG H 268 11.51 -17.40 -23.46
N GLU H 269 11.31 -17.60 -24.76
CA GLU H 269 11.42 -18.93 -25.35
C GLU H 269 12.85 -19.45 -25.24
N GLN H 270 13.84 -18.58 -25.41
CA GLN H 270 15.22 -18.97 -25.22
C GLN H 270 15.49 -19.37 -23.77
N LEU H 271 14.93 -18.62 -22.82
CA LEU H 271 15.09 -18.95 -21.41
C LEU H 271 14.37 -20.24 -21.03
N ASN H 272 13.33 -20.62 -21.77
CA ASN H 272 12.55 -21.81 -21.43
C ASN H 272 13.28 -23.10 -21.75
N LEU H 273 14.34 -23.06 -22.58
CA LEU H 273 15.02 -24.28 -22.97
C LEU H 273 15.91 -24.82 -21.85
N ARG H 274 16.46 -23.93 -21.01
CA ARG H 274 17.29 -24.28 -19.85
C ARG H 274 18.66 -24.85 -20.24
N GLU H 275 19.26 -24.38 -21.33
CA GLU H 275 20.68 -24.63 -21.56
C GLU H 275 21.51 -23.36 -21.65
N SER H 276 21.05 -22.37 -22.42
CA SER H 276 21.84 -21.16 -22.64
C SER H 276 20.92 -20.03 -23.06
N ALA H 277 21.43 -18.81 -22.95
CA ALA H 277 20.73 -17.60 -23.35
C ALA H 277 21.64 -16.74 -24.22
N THR H 278 21.06 -16.13 -25.25
CA THR H 278 21.80 -15.30 -26.19
C THR H 278 21.37 -13.85 -26.00
N ILE H 279 22.35 -12.97 -25.77
CA ILE H 279 22.11 -11.54 -25.59
C ILE H 279 22.59 -10.81 -26.83
N THR H 280 21.70 -10.00 -27.41
CA THR H 280 22.00 -9.27 -28.64
C THR H 280 22.19 -7.79 -28.31
N CYS H 281 23.30 -7.22 -28.78
CA CYS H 281 23.62 -5.80 -28.60
C CYS H 281 23.37 -5.12 -29.94
N LEU H 282 22.15 -4.65 -30.15
CA LEU H 282 21.79 -3.99 -31.40
C LEU H 282 22.46 -2.63 -31.48
N VAL H 283 23.33 -2.46 -32.49
CA VAL H 283 24.03 -1.21 -32.73
C VAL H 283 23.58 -0.70 -34.09
N THR H 284 23.04 0.51 -34.12
CA THR H 284 22.51 1.08 -35.35
C THR H 284 22.58 2.60 -35.27
N GLY H 285 22.27 3.25 -36.39
CA GLY H 285 22.23 4.69 -36.44
C GLY H 285 23.56 5.37 -36.69
N PHE H 286 24.62 4.61 -36.95
CA PHE H 286 25.94 5.16 -37.23
C PHE H 286 26.22 5.10 -38.72
N SER H 287 26.56 6.25 -39.30
CA SER H 287 26.85 6.34 -40.72
C SER H 287 28.25 5.84 -41.13
N PRO H 288 29.32 6.07 -40.36
CA PRO H 288 30.61 5.45 -40.72
C PRO H 288 30.55 3.94 -40.65
N ALA H 289 31.33 3.30 -41.52
CA ALA H 289 31.33 1.84 -41.58
C ALA H 289 32.08 1.24 -40.39
N ASP H 290 33.18 1.85 -39.99
CA ASP H 290 33.99 1.30 -38.90
C ASP H 290 33.29 1.48 -37.56
N VAL H 291 33.21 0.40 -36.78
CA VAL H 291 32.57 0.44 -35.47
C VAL H 291 33.15 -0.72 -34.66
N PHE H 292 33.26 -0.51 -33.34
CA PHE H 292 33.77 -1.52 -32.43
C PHE H 292 32.79 -1.73 -31.29
N VAL H 293 32.50 -3.00 -30.99
CA VAL H 293 31.64 -3.39 -29.88
C VAL H 293 32.43 -4.34 -29.00
N GLN H 294 32.40 -4.10 -27.68
CA GLN H 294 33.12 -4.92 -26.72
C GLN H 294 32.17 -5.31 -25.60
N TRP H 295 32.46 -6.44 -24.96
CA TRP H 295 31.69 -6.94 -23.83
C TRP H 295 32.58 -7.04 -22.60
N MET H 296 32.10 -6.51 -21.48
CA MET H 296 32.78 -6.66 -20.20
C MET H 296 31.79 -7.17 -19.16
N GLN H 297 32.27 -8.05 -18.29
CA GLN H 297 31.45 -8.64 -17.24
C GLN H 297 31.99 -8.19 -15.89
N ARG H 298 31.09 -7.64 -15.05
CA ARG H 298 31.37 -7.09 -13.72
C ARG H 298 32.67 -6.31 -13.65
N GLY H 299 32.94 -5.49 -14.66
CA GLY H 299 34.15 -4.71 -14.73
C GLY H 299 35.34 -5.40 -15.35
N GLN H 300 35.20 -6.68 -15.70
CA GLN H 300 36.28 -7.43 -16.34
C GLN H 300 35.93 -7.69 -17.79
N PRO H 301 36.76 -7.27 -18.74
CA PRO H 301 36.45 -7.56 -20.16
C PRO H 301 36.40 -9.05 -20.44
N LEU H 302 35.47 -9.44 -21.31
CA LEU H 302 35.29 -10.84 -21.65
C LEU H 302 36.30 -11.25 -22.73
N SER H 303 36.43 -12.57 -22.90
CA SER H 303 37.33 -13.10 -23.91
C SER H 303 36.80 -12.76 -25.31
N PRO H 304 37.68 -12.38 -26.24
CA PRO H 304 37.22 -12.05 -27.60
C PRO H 304 36.59 -13.22 -28.33
N GLU H 305 36.90 -14.46 -27.95
CA GLU H 305 36.30 -15.60 -28.61
C GLU H 305 34.85 -15.81 -28.19
N LYS H 306 34.48 -15.37 -26.98
CA LYS H 306 33.13 -15.61 -26.49
C LYS H 306 32.09 -14.84 -27.29
N TYR H 307 32.38 -13.59 -27.65
CA TYR H 307 31.45 -12.75 -28.37
C TYR H 307 31.95 -12.50 -29.79
N VAL H 308 31.02 -12.50 -30.75
CA VAL H 308 31.33 -12.24 -32.14
C VAL H 308 30.45 -11.10 -32.64
N THR H 309 31.05 -10.17 -33.37
CA THR H 309 30.36 -9.00 -33.90
C THR H 309 30.19 -9.16 -35.40
N SER H 310 28.95 -8.98 -35.87
CA SER H 310 28.67 -9.09 -37.29
C SER H 310 29.30 -7.94 -38.07
N ALA H 311 29.66 -8.23 -39.32
CA ALA H 311 30.24 -7.21 -40.17
C ALA H 311 29.20 -6.13 -40.49
N PRO H 312 29.58 -4.86 -40.45
CA PRO H 312 28.61 -3.80 -40.73
C PRO H 312 28.10 -3.85 -42.16
N MET H 313 26.82 -3.53 -42.32
CA MET H 313 26.17 -3.46 -43.62
C MET H 313 25.24 -2.24 -43.63
N PRO H 314 25.00 -1.64 -44.80
CA PRO H 314 24.17 -0.44 -44.85
C PRO H 314 22.73 -0.72 -44.43
N GLU H 315 22.13 0.28 -43.80
CA GLU H 315 20.74 0.17 -43.37
C GLU H 315 19.81 0.35 -44.55
N PRO H 316 18.88 -0.58 -44.79
CA PRO H 316 17.94 -0.41 -45.91
C PRO H 316 17.04 0.80 -45.76
N GLN H 317 16.64 1.14 -44.53
CA GLN H 317 15.78 2.31 -44.34
C GLN H 317 16.56 3.61 -44.56
N ALA H 318 17.76 3.70 -44.00
CA ALA H 318 18.62 4.86 -44.17
C ALA H 318 19.93 4.43 -44.84
N PRO H 319 20.11 4.71 -46.14
CA PRO H 319 21.33 4.25 -46.82
C PRO H 319 22.61 4.80 -46.23
N GLY H 320 22.59 6.02 -45.70
CA GLY H 320 23.79 6.56 -45.08
C GLY H 320 24.18 5.83 -43.82
N ARG H 321 23.20 5.49 -42.97
CA ARG H 321 23.47 4.84 -41.70
C ARG H 321 23.79 3.37 -41.90
N TYR H 322 24.54 2.82 -40.94
CA TYR H 322 24.93 1.42 -40.93
C TYR H 322 24.53 0.81 -39.60
N PHE H 323 24.38 -0.51 -39.58
CA PHE H 323 24.04 -1.21 -38.34
C PHE H 323 24.85 -2.50 -38.26
N ALA H 324 25.01 -2.99 -37.03
CA ALA H 324 25.73 -4.22 -36.78
C ALA H 324 25.19 -4.86 -35.51
N HIS H 325 25.43 -6.16 -35.37
CA HIS H 325 25.01 -6.93 -34.21
C HIS H 325 26.21 -7.60 -33.56
N SER H 326 26.21 -7.62 -32.23
CA SER H 326 27.22 -8.32 -31.44
C SER H 326 26.49 -9.24 -30.48
N ILE H 327 26.44 -10.52 -30.80
CA ILE H 327 25.73 -11.51 -30.01
C ILE H 327 26.68 -12.07 -28.95
N LEU H 328 26.16 -12.27 -27.74
CA LEU H 328 26.91 -12.89 -26.65
C LEU H 328 26.13 -14.13 -26.22
N THR H 329 26.42 -15.26 -26.87
CA THR H 329 25.86 -16.53 -26.43
C THR H 329 26.60 -17.02 -25.19
N VAL H 330 25.84 -17.48 -24.19
CA VAL H 330 26.39 -17.87 -22.91
C VAL H 330 25.39 -18.76 -22.21
N SER H 331 25.89 -19.68 -21.39
CA SER H 331 25.02 -20.56 -20.62
C SER H 331 24.21 -19.75 -19.61
N GLU H 332 22.94 -20.14 -19.42
CA GLU H 332 22.00 -19.34 -18.65
C GLU H 332 22.09 -19.59 -17.14
N GLU H 333 22.92 -20.54 -16.69
CA GLU H 333 23.05 -20.77 -15.25
C GLU H 333 23.67 -19.56 -14.56
N GLU H 334 24.69 -18.95 -15.15
CA GLU H 334 25.23 -17.71 -14.62
C GLU H 334 24.43 -16.49 -15.03
N TRP H 335 23.58 -16.61 -16.05
CA TRP H 335 22.59 -15.57 -16.31
C TRP H 335 21.53 -15.54 -15.21
N ASN H 336 21.30 -16.69 -14.56
CA ASN H 336 20.39 -16.74 -13.42
C ASN H 336 20.90 -15.89 -12.26
N THR H 337 22.22 -15.69 -12.17
CA THR H 337 22.77 -14.79 -11.17
C THR H 337 22.60 -13.34 -11.61
N GLY H 338 22.68 -12.43 -10.63
CA GLY H 338 22.46 -11.02 -10.87
C GLY H 338 23.66 -10.28 -11.41
N GLU H 339 23.93 -10.43 -12.69
CA GLU H 339 25.07 -9.80 -13.34
C GLU H 339 24.60 -8.74 -14.33
N THR H 340 25.35 -7.64 -14.40
CA THR H 340 24.96 -6.52 -15.27
C THR H 340 25.10 -6.88 -16.74
N TYR H 341 26.20 -7.53 -17.11
CA TYR H 341 26.52 -7.90 -18.49
C TYR H 341 26.49 -6.67 -19.41
N THR H 342 27.37 -5.71 -19.07
CA THR H 342 27.40 -4.45 -19.78
C THR H 342 27.93 -4.62 -21.21
N CYS H 343 27.33 -3.90 -22.15
CA CYS H 343 27.76 -3.87 -23.53
C CYS H 343 28.25 -2.46 -23.87
N VAL H 344 29.47 -2.36 -24.37
CA VAL H 344 30.08 -1.08 -24.72
C VAL H 344 30.38 -1.06 -26.21
N VAL H 345 30.15 0.10 -26.84
CA VAL H 345 30.34 0.28 -28.27
C VAL H 345 31.29 1.46 -28.47
N ALA H 346 32.35 1.25 -29.25
CA ALA H 346 33.31 2.29 -29.57
C ALA H 346 33.03 2.81 -30.97
N HIS H 347 32.77 4.11 -31.08
CA HIS H 347 32.51 4.74 -32.37
C HIS H 347 33.04 6.16 -32.36
N GLU H 348 33.42 6.64 -33.54
CA GLU H 348 34.04 7.96 -33.64
C GLU H 348 33.01 9.09 -33.52
N ALA H 349 31.75 8.83 -33.87
CA ALA H 349 30.74 9.88 -33.87
C ALA H 349 30.20 10.18 -32.47
N LEU H 350 30.43 9.31 -31.50
CA LEU H 350 29.96 9.57 -30.14
C LEU H 350 30.75 10.72 -29.52
N PRO H 351 30.11 11.52 -28.65
CA PRO H 351 30.83 12.63 -28.00
C PRO H 351 32.00 12.16 -27.16
N ASN H 352 31.89 11.00 -26.50
CA ASN H 352 32.97 10.45 -25.68
C ASN H 352 33.52 9.16 -26.25
N ARG H 353 33.03 8.71 -27.40
CA ARG H 353 33.47 7.54 -28.16
C ARG H 353 33.16 6.21 -27.46
N VAL H 354 32.60 6.23 -26.26
CA VAL H 354 32.23 5.01 -25.55
C VAL H 354 30.86 5.22 -24.92
N THR H 355 29.95 4.26 -25.14
CA THR H 355 28.62 4.27 -24.53
C THR H 355 28.37 2.91 -23.89
N GLU H 356 27.59 2.93 -22.80
CA GLU H 356 27.36 1.74 -22.00
C GLU H 356 25.86 1.49 -21.83
N ARG H 357 25.48 0.22 -21.79
CA ARG H 357 24.09 -0.18 -21.55
C ARG H 357 24.09 -1.35 -20.57
N THR H 358 23.16 -1.34 -19.63
CA THR H 358 23.03 -2.38 -18.61
C THR H 358 21.64 -3.00 -18.71
N VAL H 359 21.59 -4.31 -18.94
CA VAL H 359 20.34 -5.05 -19.04
C VAL H 359 20.45 -6.32 -18.22
N ASP H 360 19.47 -6.53 -17.33
CA ASP H 360 19.32 -7.79 -16.60
C ASP H 360 17.85 -8.18 -16.54
N LYS H 361 17.48 -9.11 -15.66
CA LYS H 361 16.07 -9.48 -15.54
C LYS H 361 15.22 -8.29 -15.09
N SER H 362 15.71 -7.54 -14.10
CA SER H 362 14.93 -6.42 -13.56
C SER H 362 14.68 -5.35 -14.62
N THR H 363 15.57 -5.23 -15.61
CA THR H 363 15.26 -4.41 -16.77
C THR H 363 14.13 -5.04 -17.58
N GLY H 364 14.15 -6.36 -17.74
CA GLY H 364 13.11 -7.06 -18.49
C GLY H 364 11.86 -7.35 -17.68
N LYS H 365 11.96 -7.45 -16.36
CA LYS H 365 10.78 -7.65 -15.54
C LYS H 365 9.98 -6.37 -15.45
N PRO H 366 8.70 -6.38 -15.84
CA PRO H 366 7.90 -5.16 -15.74
C PRO H 366 7.35 -4.94 -14.34
N THR H 367 6.59 -3.87 -14.15
CA THR H 367 5.95 -3.59 -12.86
C THR H 367 4.81 -4.57 -12.69
N LEU H 368 5.13 -5.76 -12.17
CA LEU H 368 4.13 -6.81 -12.02
C LEU H 368 3.08 -6.44 -10.97
N TYR H 369 3.49 -5.75 -9.91
CA TYR H 369 2.59 -5.39 -8.83
C TYR H 369 2.42 -3.88 -8.74
N ASN H 370 1.18 -3.45 -8.55
CA ASN H 370 0.77 -2.06 -8.37
C ASN H 370 -0.06 -1.99 -7.10
N VAL H 371 0.62 -1.87 -5.97
CA VAL H 371 -0.06 -1.94 -4.68
C VAL H 371 -0.59 -0.55 -4.34
N SER H 372 -1.91 -0.43 -4.28
CA SER H 372 -2.56 0.84 -4.00
C SER H 372 -3.00 0.87 -2.54
N LEU H 373 -2.52 1.87 -1.80
CA LEU H 373 -2.85 2.04 -0.39
C LEU H 373 -3.58 3.37 -0.23
N VAL H 374 -4.86 3.30 0.10
CA VAL H 374 -5.69 4.48 0.25
C VAL H 374 -6.26 4.49 1.66
N MET H 375 -6.69 5.68 2.08
CA MET H 375 -7.24 5.85 3.43
C MET H 375 -8.75 5.58 3.43
N ILE I 152 41.56 -20.16 -67.47
CA ILE I 152 40.65 -21.14 -68.03
C ILE I 152 40.04 -21.98 -66.90
N ARG I 153 38.98 -21.46 -66.29
CA ARG I 153 38.31 -22.14 -65.20
C ARG I 153 36.82 -21.82 -65.26
N VAL I 154 36.01 -22.74 -64.73
CA VAL I 154 34.57 -22.59 -64.69
C VAL I 154 34.16 -22.32 -63.24
N PHE I 155 33.51 -21.18 -63.01
CA PHE I 155 33.01 -20.87 -61.68
C PHE I 155 31.88 -21.81 -61.31
N ALA I 156 31.94 -22.36 -60.10
CA ALA I 156 30.93 -23.30 -59.60
C ALA I 156 30.15 -22.59 -58.49
N ILE I 157 28.94 -22.15 -58.81
CA ILE I 157 28.06 -21.52 -57.83
C ILE I 157 26.85 -22.41 -57.64
N PRO I 158 26.82 -23.25 -56.62
CA PRO I 158 25.68 -24.14 -56.39
C PRO I 158 24.46 -23.35 -55.96
N PRO I 159 23.26 -23.79 -56.33
CA PRO I 159 22.05 -23.10 -55.87
C PRO I 159 21.80 -23.32 -54.39
N SER I 160 21.82 -22.25 -53.60
CA SER I 160 21.59 -22.36 -52.18
C SER I 160 20.11 -22.66 -51.90
N PHE I 161 19.83 -22.96 -50.62
CA PHE I 161 18.44 -23.22 -50.22
C PHE I 161 17.58 -21.98 -50.37
N ALA I 162 18.18 -20.79 -50.32
CA ALA I 162 17.41 -19.56 -50.46
C ALA I 162 16.74 -19.47 -51.83
N SER I 163 17.51 -19.71 -52.89
CA SER I 163 16.94 -19.64 -54.24
C SER I 163 15.93 -20.76 -54.47
N ILE I 164 16.28 -21.98 -54.08
CA ILE I 164 15.39 -23.12 -54.29
C ILE I 164 14.14 -23.02 -53.43
N PHE I 165 14.14 -22.17 -52.41
CA PHE I 165 12.94 -21.93 -51.63
C PHE I 165 12.11 -20.77 -52.18
N LEU I 166 12.77 -19.71 -52.67
CA LEU I 166 12.03 -18.56 -53.17
C LEU I 166 11.39 -18.85 -54.53
N THR I 167 12.10 -19.53 -55.44
CA THR I 167 11.55 -19.82 -56.75
C THR I 167 11.03 -21.24 -56.89
N LYS I 168 11.15 -22.06 -55.84
CA LYS I 168 10.65 -23.44 -55.81
C LYS I 168 11.23 -24.29 -56.95
N SER I 169 12.47 -23.99 -57.35
CA SER I 169 13.15 -24.76 -58.38
C SER I 169 14.64 -24.52 -58.25
N THR I 170 15.41 -25.38 -58.91
CA THR I 170 16.87 -25.31 -58.87
C THR I 170 17.40 -24.65 -60.14
N LYS I 171 18.46 -23.86 -59.98
CA LYS I 171 19.10 -23.18 -61.11
C LYS I 171 20.61 -23.23 -60.88
N LEU I 172 21.32 -23.86 -61.82
CA LEU I 172 22.76 -24.01 -61.72
C LEU I 172 23.47 -22.81 -62.35
N THR I 173 24.80 -22.82 -62.26
CA THR I 173 25.61 -21.73 -62.83
C THR I 173 26.97 -22.31 -63.20
N CYS I 174 27.27 -22.35 -64.50
CA CYS I 174 28.56 -22.81 -64.99
C CYS I 174 28.99 -21.87 -66.13
N LEU I 175 29.85 -20.92 -65.81
CA LEU I 175 30.37 -19.96 -66.79
C LEU I 175 31.88 -19.99 -66.75
N VAL I 176 32.49 -19.76 -67.92
CA VAL I 176 33.94 -19.78 -68.06
C VAL I 176 34.48 -18.38 -67.80
N THR I 177 35.60 -18.31 -67.08
CA THR I 177 36.19 -17.04 -66.68
C THR I 177 37.71 -17.21 -66.70
N ASP I 178 38.42 -16.08 -66.78
CA ASP I 178 39.88 -16.03 -66.80
C ASP I 178 40.44 -16.74 -68.02
N LEU I 179 39.91 -16.38 -69.19
CA LEU I 179 40.37 -16.92 -70.46
C LEU I 179 40.04 -15.91 -71.55
N THR I 180 40.75 -16.04 -72.68
CA THR I 180 40.61 -15.07 -73.77
C THR I 180 39.24 -15.18 -74.42
N THR I 181 38.79 -14.06 -74.98
CA THR I 181 37.46 -13.99 -75.57
C THR I 181 37.36 -14.89 -76.80
N TYR I 182 36.17 -15.46 -77.01
CA TYR I 182 35.92 -16.37 -78.13
C TYR I 182 34.43 -16.46 -78.34
N ASP I 183 33.98 -16.12 -79.55
CA ASP I 183 32.55 -16.13 -79.86
C ASP I 183 32.06 -17.57 -80.08
N SER I 184 30.74 -17.72 -79.99
CA SER I 184 30.05 -18.99 -80.20
C SER I 184 30.55 -20.07 -79.23
N VAL I 185 30.35 -19.81 -77.94
CA VAL I 185 30.73 -20.75 -76.90
C VAL I 185 29.63 -21.79 -76.75
N THR I 186 30.02 -23.03 -76.46
CA THR I 186 29.09 -24.14 -76.30
C THR I 186 29.13 -24.65 -74.86
N ILE I 187 27.94 -24.90 -74.31
CA ILE I 187 27.79 -25.37 -72.93
C ILE I 187 27.14 -26.74 -72.96
N SER I 188 27.74 -27.69 -72.24
CA SER I 188 27.24 -29.05 -72.18
C SER I 188 27.02 -29.47 -70.72
N TRP I 189 25.96 -30.23 -70.50
CA TRP I 189 25.56 -30.65 -69.16
C TRP I 189 25.39 -32.16 -69.14
N THR I 190 26.00 -32.82 -68.15
CA THR I 190 25.92 -34.26 -68.00
C THR I 190 25.65 -34.62 -66.55
N ARG I 191 24.94 -35.74 -66.35
CA ARG I 191 24.74 -36.28 -65.03
C ARG I 191 25.88 -37.25 -64.69
N GLN I 192 25.70 -38.02 -63.61
CA GLN I 192 26.66 -39.05 -63.28
C GLN I 192 26.68 -40.17 -64.31
N ASN I 193 25.52 -40.52 -64.87
CA ASN I 193 25.42 -41.57 -65.87
C ASN I 193 25.52 -41.05 -67.30
N GLY I 194 25.66 -39.74 -67.50
CA GLY I 194 25.80 -39.17 -68.81
C GLY I 194 24.53 -38.68 -69.47
N GLU I 195 23.44 -38.55 -68.71
CA GLU I 195 22.20 -38.04 -69.27
C GLU I 195 22.31 -36.54 -69.54
N ALA I 196 21.51 -36.07 -70.50
CA ALA I 196 21.54 -34.68 -70.94
C ALA I 196 20.19 -34.01 -70.70
N VAL I 197 20.23 -32.71 -70.41
CA VAL I 197 19.04 -31.91 -70.18
C VAL I 197 19.22 -30.61 -70.96
N LYS I 198 18.15 -29.82 -71.05
CA LYS I 198 18.21 -28.53 -71.71
C LYS I 198 19.29 -27.64 -71.09
N THR I 199 20.06 -26.96 -71.93
CA THR I 199 21.26 -26.28 -71.47
C THR I 199 20.93 -24.94 -70.80
N HIS I 200 20.34 -24.02 -71.55
CA HIS I 200 20.14 -22.67 -71.03
C HIS I 200 18.98 -22.02 -71.74
N THR I 201 18.45 -20.96 -71.11
CA THR I 201 17.38 -20.15 -71.69
C THR I 201 17.87 -18.80 -72.19
N ASN I 202 18.99 -18.31 -71.69
CA ASN I 202 19.52 -17.01 -72.10
C ASN I 202 21.05 -17.05 -72.02
N ILE I 203 21.67 -16.08 -72.69
CA ILE I 203 23.12 -15.98 -72.78
C ILE I 203 23.55 -14.69 -72.10
N SER I 204 24.62 -14.78 -71.30
CA SER I 204 25.13 -13.60 -70.60
C SER I 204 25.70 -12.59 -71.58
N GLU I 205 25.71 -11.33 -71.16
CA GLU I 205 26.20 -10.24 -72.00
C GLU I 205 27.73 -10.24 -72.01
N SER I 206 28.29 -9.21 -72.65
CA SER I 206 29.75 -9.09 -72.77
C SER I 206 30.33 -8.69 -71.41
N HIS I 207 31.20 -9.53 -70.87
CA HIS I 207 31.83 -9.24 -69.59
C HIS I 207 32.87 -8.13 -69.76
N PRO I 208 33.00 -7.23 -68.78
CA PRO I 208 34.05 -6.19 -68.87
C PRO I 208 35.46 -6.77 -68.87
N ASN I 209 35.66 -7.97 -68.31
CA ASN I 209 36.97 -8.59 -68.23
C ASN I 209 37.33 -9.38 -69.47
N ALA I 210 36.59 -9.19 -70.58
CA ALA I 210 36.83 -9.87 -71.85
C ALA I 210 36.81 -11.39 -71.70
N THR I 211 35.89 -11.90 -70.88
CA THR I 211 35.72 -13.33 -70.65
C THR I 211 34.31 -13.71 -71.11
N PHE I 212 34.20 -14.12 -72.37
CA PHE I 212 32.90 -14.49 -72.92
C PHE I 212 32.43 -15.80 -72.32
N SER I 213 31.16 -15.83 -71.92
CA SER I 213 30.56 -17.02 -71.32
C SER I 213 29.06 -16.95 -71.50
N ALA I 214 28.41 -18.11 -71.32
CA ALA I 214 26.96 -18.22 -71.40
C ALA I 214 26.46 -18.86 -70.12
N VAL I 215 25.55 -18.17 -69.43
CA VAL I 215 24.99 -18.70 -68.19
C VAL I 215 23.99 -19.80 -68.53
N GLY I 216 24.01 -20.87 -67.75
CA GLY I 216 23.13 -22.01 -67.98
C GLY I 216 22.55 -22.53 -66.69
N GLU I 217 21.27 -22.92 -66.76
CA GLU I 217 20.57 -23.48 -65.61
C GLU I 217 19.88 -24.77 -66.04
N ALA I 218 19.75 -25.70 -65.09
CA ALA I 218 19.14 -26.99 -65.33
C ALA I 218 18.04 -27.23 -64.31
N SER I 219 16.86 -27.64 -64.79
CA SER I 219 15.73 -27.97 -63.92
C SER I 219 15.76 -29.48 -63.71
N ILE I 220 16.37 -29.90 -62.60
CA ILE I 220 16.52 -31.32 -62.30
C ILE I 220 15.70 -31.67 -61.07
N CYS I 221 15.70 -32.95 -60.70
CA CYS I 221 14.93 -33.40 -59.55
C CYS I 221 15.53 -32.86 -58.25
N GLU I 222 14.65 -32.44 -57.34
CA GLU I 222 15.12 -31.89 -56.07
C GLU I 222 15.66 -32.97 -55.15
N ASP I 223 14.99 -34.12 -55.10
CA ASP I 223 15.47 -35.22 -54.26
C ASP I 223 16.79 -35.77 -54.78
N ASP I 224 16.95 -35.86 -56.10
CA ASP I 224 18.22 -36.30 -56.66
C ASP I 224 19.34 -35.32 -56.34
N TRP I 225 19.04 -34.02 -56.39
CA TRP I 225 20.05 -33.01 -56.01
C TRP I 225 20.40 -33.13 -54.53
N ASN I 226 19.40 -33.35 -53.68
CA ASN I 226 19.66 -33.50 -52.25
C ASN I 226 20.35 -34.81 -51.91
N SER I 227 20.31 -35.79 -52.81
CA SER I 227 20.97 -37.07 -52.55
C SER I 227 22.48 -36.93 -52.49
N GLY I 228 23.04 -35.91 -53.14
CA GLY I 228 24.46 -35.67 -53.13
C GLY I 228 25.22 -36.22 -54.31
N GLU I 229 24.54 -36.68 -55.36
CA GLU I 229 25.22 -37.18 -56.54
C GLU I 229 25.92 -36.04 -57.29
N ARG I 230 27.03 -36.38 -57.94
CA ARG I 230 27.81 -35.39 -58.66
C ARG I 230 27.05 -34.87 -59.87
N PHE I 231 27.21 -33.58 -60.15
CA PHE I 231 26.59 -32.93 -61.30
C PHE I 231 27.68 -32.22 -62.09
N THR I 232 27.85 -32.62 -63.34
CA THR I 232 28.97 -32.17 -64.16
C THR I 232 28.50 -31.24 -65.27
N CYS I 233 29.17 -30.10 -65.40
CA CYS I 233 28.96 -29.19 -66.53
C CYS I 233 30.27 -29.02 -67.27
N THR I 234 30.25 -29.23 -68.58
CA THR I 234 31.45 -29.19 -69.41
C THR I 234 31.29 -28.13 -70.49
N VAL I 235 32.36 -27.39 -70.74
CA VAL I 235 32.38 -26.34 -71.75
C VAL I 235 33.51 -26.66 -72.73
N THR I 236 33.18 -26.66 -74.02
CA THR I 236 34.16 -26.92 -75.07
C THR I 236 34.75 -25.59 -75.53
N HIS I 237 36.07 -25.45 -75.41
CA HIS I 237 36.77 -24.24 -75.79
C HIS I 237 38.00 -24.58 -76.61
N THR I 238 38.41 -23.64 -77.46
CA THR I 238 39.57 -23.86 -78.32
C THR I 238 40.88 -23.75 -77.56
N ASP I 239 40.91 -23.00 -76.46
CA ASP I 239 42.14 -22.83 -75.69
C ASP I 239 42.60 -24.15 -75.07
N LEU I 240 41.66 -24.90 -74.49
CA LEU I 240 41.97 -26.18 -73.88
C LEU I 240 41.34 -27.31 -74.69
N PRO I 241 42.14 -28.18 -75.31
CA PRO I 241 41.54 -29.30 -76.05
C PRO I 241 40.70 -30.23 -75.18
N SER I 242 41.09 -30.43 -73.93
CA SER I 242 40.29 -31.23 -73.01
C SER I 242 39.17 -30.37 -72.45
N PRO I 243 37.90 -30.80 -72.57
CA PRO I 243 36.80 -30.02 -71.99
C PRO I 243 36.93 -29.89 -70.48
N LEU I 244 36.54 -28.71 -69.98
CA LEU I 244 36.65 -28.43 -68.56
C LEU I 244 35.59 -29.22 -67.80
N LYS I 245 36.03 -30.27 -67.09
CA LYS I 245 35.12 -31.15 -66.35
C LYS I 245 35.05 -30.65 -64.91
N GLN I 246 33.97 -29.94 -64.58
CA GLN I 246 33.74 -29.43 -63.24
C GLN I 246 32.49 -30.08 -62.66
N THR I 247 32.63 -30.60 -61.44
CA THR I 247 31.55 -31.30 -60.76
C THR I 247 31.12 -30.51 -59.52
N ILE I 248 29.81 -30.41 -59.32
CA ILE I 248 29.23 -29.72 -58.17
C ILE I 248 28.46 -30.75 -57.36
N SER I 249 28.82 -30.89 -56.09
CA SER I 249 28.20 -31.87 -55.20
C SER I 249 27.88 -31.23 -53.86
N ARG I 250 26.82 -31.72 -53.24
CA ARG I 250 26.43 -31.25 -51.91
C ARG I 250 27.03 -32.18 -50.85
N PRO I 251 27.87 -31.67 -49.94
CA PRO I 251 28.49 -32.48 -48.89
C PRO I 251 27.48 -33.01 -47.87
N VAL I 254 26.87 -32.01 -44.90
CA VAL I 254 27.30 -31.97 -43.50
C VAL I 254 26.16 -32.46 -42.60
N ALA I 255 26.37 -32.33 -41.29
CA ALA I 255 25.36 -32.75 -40.33
C ALA I 255 24.13 -31.83 -40.41
N LEU I 256 22.96 -32.41 -40.14
CA LEU I 256 21.70 -31.69 -40.17
C LEU I 256 21.32 -31.32 -38.73
N HIS I 257 21.40 -30.03 -38.42
CA HIS I 257 21.05 -29.52 -37.10
C HIS I 257 19.85 -28.58 -37.24
N ARG I 258 18.86 -28.76 -36.38
CA ARG I 258 17.63 -27.98 -36.48
C ARG I 258 17.89 -26.55 -36.01
N PRO I 259 17.58 -25.54 -36.83
CA PRO I 259 17.77 -24.16 -36.40
C PRO I 259 16.83 -23.79 -35.25
N ASP I 260 17.32 -22.92 -34.38
CA ASP I 260 16.55 -22.38 -33.28
C ASP I 260 16.35 -20.89 -33.51
N VAL I 261 15.09 -20.46 -33.54
CA VAL I 261 14.73 -19.08 -33.84
C VAL I 261 13.94 -18.49 -32.68
N TYR I 262 14.28 -17.26 -32.30
CA TYR I 262 13.60 -16.54 -31.23
C TYR I 262 13.32 -15.13 -31.69
N LEU I 263 12.09 -14.65 -31.44
CA LEU I 263 11.67 -13.31 -31.84
C LEU I 263 11.86 -12.38 -30.65
N LEU I 264 12.95 -11.63 -30.65
CA LEU I 264 13.24 -10.72 -29.56
C LEU I 264 12.39 -9.46 -29.68
N PRO I 265 11.63 -9.09 -28.65
CA PRO I 265 10.84 -7.87 -28.73
C PRO I 265 11.72 -6.64 -28.74
N PRO I 266 11.27 -5.54 -29.34
CA PRO I 266 12.07 -4.31 -29.34
C PRO I 266 12.21 -3.72 -27.95
N ALA I 267 13.30 -2.98 -27.75
CA ALA I 267 13.56 -2.36 -26.46
C ALA I 267 12.54 -1.28 -26.15
N ARG I 268 12.30 -1.07 -24.85
CA ARG I 268 11.31 -0.09 -24.42
C ARG I 268 11.74 1.33 -24.79
N GLU I 269 13.03 1.65 -24.64
CA GLU I 269 13.50 2.98 -24.98
C GLU I 269 13.40 3.26 -26.48
N GLN I 270 13.53 2.22 -27.30
CA GLN I 270 13.33 2.37 -28.74
C GLN I 270 11.91 2.80 -29.06
N LEU I 271 10.93 2.22 -28.37
CA LEU I 271 9.54 2.65 -28.53
C LEU I 271 9.31 4.04 -27.92
N ASN I 272 10.03 4.37 -26.85
CA ASN I 272 9.86 5.67 -26.22
C ASN I 272 10.40 6.80 -27.09
N LEU I 273 11.43 6.52 -27.90
CA LEU I 273 11.99 7.55 -28.77
C LEU I 273 11.04 7.95 -29.90
N ARG I 274 9.99 7.17 -30.16
CA ARG I 274 8.95 7.49 -31.14
C ARG I 274 9.49 7.63 -32.56
N GLU I 275 10.64 7.03 -32.86
CA GLU I 275 11.21 7.11 -34.19
C GLU I 275 10.84 5.89 -35.04
N SER I 276 11.26 4.70 -34.59
CA SER I 276 10.99 3.47 -35.32
C SER I 276 11.12 2.30 -34.34
N ALA I 277 10.62 1.15 -34.78
CA ALA I 277 10.70 -0.09 -34.02
C ALA I 277 11.40 -1.14 -34.85
N THR I 278 12.40 -1.80 -34.26
CA THR I 278 13.17 -2.84 -34.92
C THR I 278 12.97 -4.16 -34.21
N ILE I 279 12.68 -5.21 -34.97
CA ILE I 279 12.49 -6.55 -34.44
C ILE I 279 13.57 -7.46 -35.01
N THR I 280 14.28 -8.16 -34.14
CA THR I 280 15.34 -9.06 -34.53
C THR I 280 14.87 -10.50 -34.42
N CYS I 281 14.95 -11.24 -35.52
CA CYS I 281 14.55 -12.64 -35.57
C CYS I 281 15.85 -13.46 -35.64
N LEU I 282 16.40 -13.76 -34.47
CA LEU I 282 17.70 -14.41 -34.37
C LEU I 282 17.58 -15.87 -34.80
N VAL I 283 18.44 -16.28 -35.73
CA VAL I 283 18.48 -17.65 -36.23
C VAL I 283 19.82 -18.25 -35.85
N THR I 284 19.79 -19.40 -35.16
CA THR I 284 21.02 -20.04 -34.73
C THR I 284 20.82 -21.55 -34.65
N GLY I 285 21.92 -22.28 -34.63
CA GLY I 285 21.88 -23.72 -34.51
C GLY I 285 21.86 -24.48 -35.82
N PHE I 286 22.22 -23.85 -36.94
CA PHE I 286 22.20 -24.48 -38.25
C PHE I 286 23.63 -24.66 -38.77
N SER I 287 23.94 -25.88 -39.20
CA SER I 287 25.27 -26.21 -39.75
C SER I 287 25.49 -25.91 -41.23
N PRO I 288 24.56 -26.18 -42.16
CA PRO I 288 24.90 -26.00 -43.58
C PRO I 288 25.21 -24.56 -43.97
N ALA I 289 24.73 -23.57 -43.22
CA ALA I 289 24.89 -22.15 -43.55
C ALA I 289 24.31 -21.83 -44.93
N ASP I 290 23.06 -22.24 -45.14
CA ASP I 290 22.31 -21.89 -46.34
C ASP I 290 20.86 -21.55 -45.97
N VAL I 291 20.67 -20.84 -44.86
CA VAL I 291 19.35 -20.52 -44.35
C VAL I 291 18.87 -19.22 -44.98
N PHE I 292 17.55 -19.11 -45.16
CA PHE I 292 16.94 -17.91 -45.74
C PHE I 292 15.82 -17.45 -44.84
N VAL I 293 15.81 -16.15 -44.51
CA VAL I 293 14.86 -15.57 -43.57
C VAL I 293 14.10 -14.45 -44.27
N GLN I 294 12.78 -14.47 -44.15
CA GLN I 294 11.92 -13.39 -44.63
C GLN I 294 10.81 -13.18 -43.61
N TRP I 295 9.93 -12.23 -43.90
CA TRP I 295 8.87 -11.86 -42.97
C TRP I 295 7.52 -11.88 -43.66
N MET I 296 6.48 -12.27 -42.91
CA MET I 296 5.12 -12.30 -43.41
C MET I 296 4.20 -11.61 -42.40
N GLN I 297 3.33 -10.73 -42.90
CA GLN I 297 2.40 -9.99 -42.06
C GLN I 297 0.98 -10.34 -42.48
N ARG I 298 0.21 -10.89 -41.55
CA ARG I 298 -1.17 -11.34 -41.80
C ARG I 298 -1.23 -12.32 -42.97
N GLY I 299 -0.20 -13.16 -43.09
CA GLY I 299 -0.09 -14.10 -44.17
C GLY I 299 0.41 -13.53 -45.48
N GLN I 300 0.77 -12.25 -45.52
CA GLN I 300 1.25 -11.60 -46.74
C GLN I 300 2.72 -11.28 -46.61
N PRO I 301 3.57 -11.75 -47.52
CA PRO I 301 5.00 -11.40 -47.45
C PRO I 301 5.22 -9.91 -47.62
N LEU I 302 6.25 -9.41 -46.95
CA LEU I 302 6.56 -7.99 -46.96
C LEU I 302 7.53 -7.65 -48.08
N SER I 303 7.69 -6.36 -48.33
CA SER I 303 8.60 -5.91 -49.37
C SER I 303 10.04 -6.20 -48.97
N PRO I 304 10.88 -6.63 -49.91
CA PRO I 304 12.27 -6.97 -49.56
C PRO I 304 13.09 -5.80 -49.04
N GLU I 305 12.67 -4.56 -49.31
CA GLU I 305 13.44 -3.41 -48.84
C GLU I 305 13.29 -3.19 -47.34
N LYS I 306 12.13 -3.54 -46.77
CA LYS I 306 11.87 -3.21 -45.38
C LYS I 306 12.59 -4.16 -44.42
N TYR I 307 12.74 -5.43 -44.78
CA TYR I 307 13.43 -6.41 -43.95
C TYR I 307 14.75 -6.80 -44.60
N VAL I 308 15.78 -6.97 -43.78
CA VAL I 308 17.12 -7.32 -44.26
C VAL I 308 17.68 -8.42 -43.36
N THR I 309 18.38 -9.37 -43.98
CA THR I 309 19.00 -10.48 -43.27
C THR I 309 20.51 -10.45 -43.49
N SER I 310 21.23 -11.07 -42.56
CA SER I 310 22.69 -11.10 -42.58
C SER I 310 23.20 -12.47 -43.01
N ALA I 311 24.44 -12.48 -43.50
CA ALA I 311 25.07 -13.72 -43.90
C ALA I 311 25.38 -14.58 -42.69
N PRO I 312 25.33 -15.90 -42.82
CA PRO I 312 25.66 -16.78 -41.69
C PRO I 312 27.11 -16.60 -41.25
N MET I 313 27.32 -16.68 -39.94
CA MET I 313 28.63 -16.52 -39.31
C MET I 313 28.86 -17.65 -38.32
N PRO I 314 30.12 -18.02 -38.07
CA PRO I 314 30.39 -19.11 -37.12
C PRO I 314 29.92 -18.78 -35.71
N GLU I 315 29.39 -19.81 -35.03
CA GLU I 315 28.97 -19.71 -33.64
C GLU I 315 30.13 -20.10 -32.73
N PRO I 316 30.49 -19.27 -31.75
CA PRO I 316 31.62 -19.61 -30.87
C PRO I 316 31.40 -20.86 -30.03
N GLN I 317 30.15 -21.25 -29.76
CA GLN I 317 29.91 -22.44 -28.95
C GLN I 317 30.38 -23.71 -29.66
N ALA I 318 30.06 -23.85 -30.95
CA ALA I 318 30.46 -25.01 -31.72
C ALA I 318 30.85 -24.54 -33.11
N PRO I 319 32.03 -24.94 -33.60
CA PRO I 319 32.44 -24.52 -34.95
C PRO I 319 31.49 -25.00 -36.04
N GLY I 320 30.84 -26.15 -35.85
CA GLY I 320 29.87 -26.61 -36.83
C GLY I 320 28.63 -25.74 -36.88
N ARG I 321 28.12 -25.33 -35.72
CA ARG I 321 26.92 -24.50 -35.69
C ARG I 321 27.22 -23.09 -36.15
N TYR I 322 26.25 -22.49 -36.85
CA TYR I 322 26.36 -21.16 -37.41
C TYR I 322 25.10 -20.39 -37.08
N PHE I 323 25.20 -19.06 -37.10
CA PHE I 323 24.10 -18.19 -36.70
C PHE I 323 23.92 -17.05 -37.69
N ALA I 324 22.71 -16.51 -37.72
CA ALA I 324 22.39 -15.36 -38.56
C ALA I 324 21.25 -14.58 -37.91
N HIS I 325 21.14 -13.30 -38.28
CA HIS I 325 20.11 -12.44 -37.71
C HIS I 325 19.44 -11.63 -38.82
N SER I 326 18.13 -11.44 -38.66
CA SER I 326 17.32 -10.64 -39.58
C SER I 326 16.60 -9.55 -38.81
N ILE I 327 16.54 -8.35 -39.38
CA ILE I 327 15.98 -7.18 -38.71
C ILE I 327 14.86 -6.62 -39.57
N LEU I 328 13.70 -6.39 -38.94
CA LEU I 328 12.57 -5.75 -39.59
C LEU I 328 12.33 -4.39 -38.93
N THR I 329 12.40 -3.33 -39.74
CA THR I 329 12.24 -1.97 -39.24
C THR I 329 10.84 -1.47 -39.57
N VAL I 330 10.07 -1.13 -38.54
CA VAL I 330 8.72 -0.61 -38.69
C VAL I 330 8.57 0.63 -37.81
N SER I 331 7.53 1.41 -38.11
CA SER I 331 7.25 2.60 -37.34
C SER I 331 6.71 2.24 -35.95
N GLU I 332 6.84 3.19 -35.02
CA GLU I 332 6.37 2.96 -33.66
C GLU I 332 4.85 2.82 -33.60
N GLU I 333 4.14 3.62 -34.40
CA GLU I 333 2.68 3.52 -34.42
C GLU I 333 2.23 2.19 -35.02
N GLU I 334 2.96 1.69 -36.02
CA GLU I 334 2.64 0.38 -36.58
C GLU I 334 2.82 -0.73 -35.55
N TRP I 335 3.85 -0.61 -34.72
CA TRP I 335 4.00 -1.54 -33.59
C TRP I 335 2.89 -1.35 -32.57
N ASN I 336 2.41 -0.12 -32.39
CA ASN I 336 1.30 0.12 -31.48
C ASN I 336 0.01 -0.50 -31.98
N THR I 337 -0.16 -0.61 -33.30
CA THR I 337 -1.36 -1.22 -33.87
C THR I 337 -1.44 -2.72 -33.61
N GLY I 338 -0.37 -3.34 -33.13
CA GLY I 338 -0.39 -4.76 -32.83
C GLY I 338 -0.54 -5.67 -34.03
N GLU I 339 0.19 -5.40 -35.11
CA GLU I 339 0.14 -6.26 -36.28
C GLU I 339 0.85 -7.59 -35.99
N THR I 340 0.65 -8.55 -36.89
CA THR I 340 1.11 -9.92 -36.66
C THR I 340 2.63 -9.99 -36.57
N TYR I 341 3.33 -9.41 -37.55
CA TYR I 341 4.80 -9.36 -37.59
C TYR I 341 5.41 -10.75 -37.46
N THR I 342 4.85 -11.71 -38.20
CA THR I 342 5.33 -13.08 -38.12
C THR I 342 6.67 -13.21 -38.85
N CYS I 343 7.63 -13.85 -38.19
CA CYS I 343 8.92 -14.16 -38.79
C CYS I 343 8.90 -15.61 -39.26
N VAL I 344 9.30 -15.82 -40.51
CA VAL I 344 9.31 -17.15 -41.12
C VAL I 344 10.72 -17.45 -41.63
N VAL I 345 11.19 -18.66 -41.36
CA VAL I 345 12.56 -19.06 -41.67
C VAL I 345 12.53 -20.44 -42.33
N ALA I 346 13.30 -20.60 -43.39
CA ALA I 346 13.31 -21.83 -44.18
C ALA I 346 14.69 -22.46 -44.15
N HIS I 347 14.74 -23.77 -43.91
CA HIS I 347 16.00 -24.50 -43.92
C HIS I 347 15.72 -25.96 -44.22
N GLU I 348 16.76 -26.66 -44.69
CA GLU I 348 16.60 -28.05 -45.07
C GLU I 348 16.41 -28.97 -43.86
N ALA I 349 17.02 -28.63 -42.73
CA ALA I 349 16.93 -29.46 -41.54
C ALA I 349 15.58 -29.38 -40.84
N LEU I 350 14.74 -28.41 -41.21
CA LEU I 350 13.43 -28.28 -40.59
C LEU I 350 12.52 -29.42 -41.02
N PRO I 351 11.61 -29.86 -40.14
CA PRO I 351 10.71 -30.98 -40.51
C PRO I 351 9.83 -30.67 -41.71
N ASN I 352 9.35 -29.44 -41.83
CA ASN I 352 8.54 -29.02 -42.97
C ASN I 352 9.31 -28.15 -43.95
N ARG I 353 10.63 -28.06 -43.78
CA ARG I 353 11.57 -27.24 -44.54
C ARG I 353 11.41 -25.75 -44.28
N VAL I 354 10.41 -25.34 -43.50
CA VAL I 354 10.17 -23.94 -43.18
C VAL I 354 9.23 -23.89 -41.97
N THR I 355 9.48 -22.94 -41.08
CA THR I 355 8.68 -22.78 -39.87
C THR I 355 8.40 -21.32 -39.61
N GLU I 356 7.38 -21.06 -38.80
CA GLU I 356 6.89 -19.71 -38.55
C GLU I 356 6.83 -19.43 -37.06
N ARG I 357 6.97 -18.16 -36.70
CA ARG I 357 6.77 -17.69 -35.34
C ARG I 357 6.20 -16.28 -35.39
N THR I 358 5.50 -15.89 -34.32
CA THR I 358 4.78 -14.63 -34.29
C THR I 358 5.18 -13.84 -33.04
N VAL I 359 5.41 -12.55 -33.21
CA VAL I 359 5.73 -11.64 -32.11
C VAL I 359 4.79 -10.45 -32.17
N ASP I 360 4.24 -10.08 -31.01
CA ASP I 360 3.34 -8.94 -30.89
C ASP I 360 3.79 -8.08 -29.73
N LYS I 361 3.02 -7.03 -29.44
CA LYS I 361 3.23 -6.31 -28.19
C LYS I 361 2.84 -7.16 -26.99
N SER I 362 1.82 -8.01 -27.12
CA SER I 362 1.36 -8.89 -26.06
C SER I 362 1.93 -10.30 -26.18
N THR I 363 3.06 -10.46 -26.88
CA THR I 363 3.68 -11.78 -26.95
C THR I 363 4.24 -12.20 -25.60
N GLY I 364 4.55 -11.23 -24.75
CA GLY I 364 4.91 -11.50 -23.37
C GLY I 364 3.79 -11.04 -22.46
N LYS I 365 3.97 -9.87 -21.84
CA LYS I 365 2.95 -9.20 -21.02
C LYS I 365 2.39 -10.13 -19.94
N PRO I 366 3.15 -10.40 -18.89
CA PRO I 366 2.62 -11.24 -17.79
C PRO I 366 1.46 -10.54 -17.10
N THR I 367 0.65 -11.34 -16.42
CA THR I 367 -0.59 -10.84 -15.82
C THR I 367 -0.32 -9.73 -14.81
N LEU I 368 -1.04 -8.63 -14.96
CA LEU I 368 -0.89 -7.44 -14.12
C LEU I 368 -1.83 -7.57 -12.92
N TYR I 369 -1.26 -7.66 -11.72
CA TYR I 369 -2.04 -7.71 -10.49
C TYR I 369 -1.84 -6.41 -9.74
N ASN I 370 -2.88 -5.59 -9.63
CA ASN I 370 -2.85 -4.46 -8.72
C ASN I 370 -3.88 -4.66 -7.61
N VAL I 371 -3.48 -4.37 -6.38
CA VAL I 371 -4.30 -4.65 -5.21
C VAL I 371 -4.71 -3.34 -4.57
N SER I 372 -5.94 -3.25 -4.08
CA SER I 372 -6.44 -2.05 -3.43
C SER I 372 -6.82 -2.38 -2.00
N LEU I 373 -6.54 -1.42 -1.10
CA LEU I 373 -6.84 -1.58 0.32
C LEU I 373 -7.62 -0.34 0.76
N VAL I 374 -8.94 -0.40 0.64
CA VAL I 374 -9.82 0.71 0.96
C VAL I 374 -10.64 0.38 2.20
N MET I 375 -10.72 1.34 3.12
CA MET I 375 -11.48 1.16 4.35
C MET I 375 -12.66 2.11 4.41
N ILE J 152 -14.50 -51.85 -65.95
CA ILE J 152 -13.12 -52.29 -65.97
C ILE J 152 -12.20 -51.15 -65.55
N ARG J 153 -12.76 -50.17 -64.83
CA ARG J 153 -11.97 -49.04 -64.37
C ARG J 153 -10.99 -49.48 -63.30
N VAL J 154 -9.74 -49.04 -63.43
CA VAL J 154 -8.69 -49.43 -62.50
C VAL J 154 -8.66 -48.44 -61.34
N PHE J 155 -8.04 -48.86 -60.24
CA PHE J 155 -7.93 -48.04 -59.04
C PHE J 155 -6.63 -47.24 -59.10
N ALA J 156 -6.75 -45.92 -59.17
CA ALA J 156 -5.60 -45.04 -59.25
C ALA J 156 -5.75 -43.90 -58.26
N ILE J 157 -4.65 -43.59 -57.56
CA ILE J 157 -4.60 -42.50 -56.60
C ILE J 157 -3.71 -41.41 -57.19
N PRO J 158 -4.26 -40.25 -57.55
CA PRO J 158 -3.42 -39.16 -58.05
C PRO J 158 -2.49 -38.66 -56.96
N PRO J 159 -1.32 -38.13 -57.31
CA PRO J 159 -0.39 -37.61 -56.29
C PRO J 159 -0.95 -36.42 -55.54
N SER J 160 -1.24 -36.61 -54.25
CA SER J 160 -1.75 -35.55 -53.41
C SER J 160 -0.61 -34.90 -52.62
N PHE J 161 -0.87 -33.67 -52.16
CA PHE J 161 0.13 -32.94 -51.39
C PHE J 161 0.43 -33.67 -50.08
N ALA J 162 -0.60 -34.24 -49.46
CA ALA J 162 -0.40 -34.98 -48.22
C ALA J 162 0.52 -36.18 -48.43
N SER J 163 0.29 -36.93 -49.52
CA SER J 163 1.09 -38.12 -49.77
C SER J 163 2.55 -37.78 -50.07
N ILE J 164 2.78 -36.78 -50.94
CA ILE J 164 4.14 -36.44 -51.31
C ILE J 164 4.88 -35.76 -50.16
N PHE J 165 4.16 -35.07 -49.27
CA PHE J 165 4.83 -34.54 -48.09
C PHE J 165 5.05 -35.62 -47.03
N LEU J 166 4.25 -36.67 -47.03
CA LEU J 166 4.48 -37.77 -46.09
C LEU J 166 5.67 -38.63 -46.52
N THR J 167 5.78 -38.94 -47.81
CA THR J 167 6.80 -39.88 -48.29
C THR J 167 7.96 -39.20 -49.01
N LYS J 168 8.00 -37.85 -49.03
CA LYS J 168 9.08 -37.07 -49.62
C LYS J 168 9.27 -37.35 -51.11
N SER J 169 8.25 -37.86 -51.80
CA SER J 169 8.36 -38.16 -53.22
C SER J 169 6.98 -38.23 -53.83
N THR J 170 6.94 -38.14 -55.16
CA THR J 170 5.68 -38.24 -55.90
C THR J 170 5.59 -39.63 -56.53
N LYS J 171 4.50 -40.33 -56.26
CA LYS J 171 4.30 -41.69 -56.71
C LYS J 171 3.07 -41.76 -57.59
N LEU J 172 3.21 -42.41 -58.76
CA LEU J 172 2.10 -42.66 -59.66
C LEU J 172 1.66 -44.12 -59.51
N THR J 173 0.42 -44.33 -59.12
CA THR J 173 -0.11 -45.66 -58.85
C THR J 173 -1.28 -45.94 -59.79
N CYS J 174 -1.25 -47.12 -60.41
CA CYS J 174 -2.34 -47.59 -61.27
C CYS J 174 -2.58 -49.07 -60.96
N LEU J 175 -3.58 -49.34 -60.14
CA LEU J 175 -3.86 -50.68 -59.64
C LEU J 175 -5.06 -51.26 -60.35
N VAL J 176 -4.90 -52.46 -60.91
CA VAL J 176 -5.95 -53.08 -61.71
C VAL J 176 -7.12 -53.48 -60.82
N THR J 177 -8.34 -53.20 -61.29
CA THR J 177 -9.56 -53.49 -60.56
C THR J 177 -10.54 -54.21 -61.48
N ASP J 178 -11.29 -55.15 -60.90
CA ASP J 178 -12.33 -55.91 -61.61
C ASP J 178 -11.72 -56.71 -62.76
N LEU J 179 -10.66 -57.46 -62.46
CA LEU J 179 -10.02 -58.31 -63.45
C LEU J 179 -9.42 -59.52 -62.75
N THR J 180 -9.15 -60.56 -63.53
CA THR J 180 -8.58 -61.78 -63.00
C THR J 180 -7.11 -61.58 -62.61
N THR J 181 -6.60 -62.50 -61.81
CA THR J 181 -5.24 -62.43 -61.30
C THR J 181 -4.36 -63.46 -62.01
N TYR J 182 -3.22 -63.01 -62.53
CA TYR J 182 -2.26 -63.89 -63.16
C TYR J 182 -0.88 -63.25 -63.08
N ASP J 183 0.15 -64.10 -63.14
CA ASP J 183 1.52 -63.62 -63.02
C ASP J 183 2.02 -63.10 -64.37
N SER J 184 3.20 -62.48 -64.34
CA SER J 184 3.87 -61.94 -65.53
C SER J 184 3.00 -60.91 -66.25
N VAL J 185 2.33 -60.05 -65.49
CA VAL J 185 1.51 -59.00 -66.07
C VAL J 185 2.40 -57.79 -66.36
N THR J 186 2.15 -57.14 -67.50
CA THR J 186 2.95 -56.01 -67.96
C THR J 186 2.18 -54.72 -67.69
N ILE J 187 2.53 -54.02 -66.61
CA ILE J 187 1.93 -52.74 -66.26
C ILE J 187 3.06 -51.74 -66.10
N SER J 188 2.96 -50.61 -66.80
CA SER J 188 3.99 -49.58 -66.73
C SER J 188 3.39 -48.24 -67.14
N TRP J 189 3.81 -47.18 -66.47
CA TRP J 189 3.38 -45.83 -66.80
C TRP J 189 4.14 -45.29 -68.00
N THR J 190 3.53 -44.33 -68.69
CA THR J 190 4.14 -43.69 -69.85
C THR J 190 3.95 -42.19 -69.76
N ARG J 191 5.02 -41.44 -70.00
CA ARG J 191 4.94 -39.98 -70.01
C ARG J 191 4.47 -39.47 -71.37
N GLN J 192 4.17 -38.18 -71.42
CA GLN J 192 3.65 -37.57 -72.65
C GLN J 192 4.73 -37.46 -73.73
N ASN J 193 5.99 -37.24 -73.33
CA ASN J 193 7.05 -37.04 -74.30
C ASN J 193 7.41 -38.31 -75.05
N GLY J 194 7.00 -39.49 -74.56
CA GLY J 194 7.24 -40.74 -75.24
C GLY J 194 8.22 -41.67 -74.55
N GLU J 195 8.79 -41.27 -73.43
CA GLU J 195 9.74 -42.11 -72.71
C GLU J 195 9.02 -42.86 -71.59
N ALA J 196 9.26 -44.17 -71.52
CA ALA J 196 8.55 -45.01 -70.56
C ALA J 196 9.00 -44.71 -69.14
N VAL J 197 8.07 -44.84 -68.20
CA VAL J 197 8.33 -44.65 -66.77
C VAL J 197 8.73 -45.99 -66.18
N LYS J 198 9.56 -45.96 -65.13
CA LYS J 198 9.90 -47.17 -64.41
C LYS J 198 8.64 -47.81 -63.84
N THR J 199 8.62 -49.14 -63.85
CA THR J 199 7.42 -49.90 -63.51
C THR J 199 7.19 -49.88 -62.00
N HIS J 200 6.23 -50.68 -61.54
CA HIS J 200 5.88 -50.70 -60.12
C HIS J 200 7.02 -51.27 -59.29
N THR J 201 7.28 -50.63 -58.15
CA THR J 201 8.33 -51.04 -57.23
C THR J 201 7.75 -51.95 -56.17
N ASN J 202 8.38 -53.11 -55.98
CA ASN J 202 7.94 -54.13 -55.03
C ASN J 202 6.52 -54.58 -55.33
N ILE J 203 6.35 -55.17 -56.52
CA ILE J 203 5.05 -55.65 -56.95
C ILE J 203 4.66 -56.87 -56.11
N SER J 204 3.45 -56.85 -55.58
CA SER J 204 2.98 -57.92 -54.70
C SER J 204 2.47 -59.11 -55.50
N GLU J 205 2.36 -60.24 -54.83
CA GLU J 205 1.82 -61.44 -55.44
C GLU J 205 0.32 -61.30 -55.67
N SER J 206 -0.20 -62.12 -56.58
CA SER J 206 -1.62 -62.05 -56.94
C SER J 206 -2.50 -62.34 -55.72
N HIS J 207 -3.48 -61.50 -55.50
CA HIS J 207 -4.34 -61.62 -54.33
C HIS J 207 -5.26 -62.83 -54.47
N PRO J 208 -5.48 -63.58 -53.39
CA PRO J 208 -6.42 -64.72 -53.46
C PRO J 208 -7.86 -64.32 -53.71
N ASN J 209 -8.22 -63.05 -53.52
CA ASN J 209 -9.58 -62.57 -53.68
C ASN J 209 -9.99 -62.38 -55.14
N ALA J 210 -9.22 -62.93 -56.09
CA ALA J 210 -9.50 -62.87 -57.52
C ALA J 210 -9.54 -61.44 -58.05
N THR J 211 -8.92 -60.50 -57.34
CA THR J 211 -8.81 -59.12 -57.78
C THR J 211 -7.36 -58.68 -57.62
N PHE J 212 -6.79 -58.09 -58.67
CA PHE J 212 -5.40 -57.67 -58.63
C PHE J 212 -5.19 -56.57 -57.59
N SER J 213 -4.16 -56.71 -56.77
CA SER J 213 -3.84 -55.72 -55.75
C SER J 213 -2.33 -55.76 -55.50
N ALA J 214 -1.61 -54.86 -56.14
CA ALA J 214 -0.16 -54.77 -55.99
C ALA J 214 0.24 -53.32 -55.85
N VAL J 215 1.07 -53.03 -54.85
CA VAL J 215 1.56 -51.67 -54.62
C VAL J 215 2.67 -51.37 -55.62
N GLY J 216 2.83 -50.08 -55.93
CA GLY J 216 3.85 -49.65 -56.87
C GLY J 216 4.25 -48.21 -56.64
N GLU J 217 5.41 -47.87 -57.18
CA GLU J 217 5.95 -46.52 -57.05
C GLU J 217 6.51 -46.08 -58.40
N ALA J 218 6.20 -44.84 -58.78
CA ALA J 218 6.71 -44.25 -60.01
C ALA J 218 7.09 -42.80 -59.71
N SER J 219 8.39 -42.50 -59.80
CA SER J 219 8.89 -41.20 -59.38
C SER J 219 8.98 -40.25 -60.57
N ILE J 220 8.35 -39.08 -60.43
CA ILE J 220 8.45 -38.00 -61.41
C ILE J 220 8.78 -36.71 -60.66
N CYS J 221 9.33 -35.75 -61.39
CA CYS J 221 9.74 -34.51 -60.77
C CYS J 221 8.53 -33.65 -60.42
N GLU J 222 8.72 -32.73 -59.47
CA GLU J 222 7.60 -31.99 -58.90
C GLU J 222 6.99 -31.03 -59.92
N ASP J 223 7.83 -30.21 -60.59
CA ASP J 223 7.29 -29.16 -61.45
C ASP J 223 6.55 -29.74 -62.65
N ASP J 224 6.88 -30.97 -63.04
CA ASP J 224 6.09 -31.65 -64.07
C ASP J 224 4.68 -31.91 -63.58
N TRP J 225 4.53 -32.28 -62.31
CA TRP J 225 3.20 -32.51 -61.76
C TRP J 225 2.46 -31.20 -61.55
N ASN J 226 3.15 -30.15 -61.12
CA ASN J 226 2.49 -28.85 -60.98
C ASN J 226 2.09 -28.26 -62.32
N SER J 227 2.83 -28.57 -63.39
CA SER J 227 2.46 -28.10 -64.71
C SER J 227 1.13 -28.71 -65.17
N GLY J 228 0.93 -30.00 -64.91
CA GLY J 228 -0.30 -30.66 -65.24
C GLY J 228 -0.30 -31.49 -66.50
N GLU J 229 0.84 -32.06 -66.89
CA GLU J 229 0.87 -32.91 -68.07
C GLU J 229 0.12 -34.21 -67.83
N ARG J 230 -0.57 -34.68 -68.87
CA ARG J 230 -1.36 -35.90 -68.75
C ARG J 230 -0.45 -37.12 -68.67
N PHE J 231 -0.78 -38.02 -67.75
CA PHE J 231 -0.03 -39.25 -67.54
C PHE J 231 -0.95 -40.46 -67.75
N THR J 232 -0.45 -41.46 -68.45
CA THR J 232 -1.22 -42.65 -68.78
C THR J 232 -0.51 -43.89 -68.28
N CYS J 233 -1.29 -44.83 -67.73
CA CYS J 233 -0.80 -46.14 -67.32
C CYS J 233 -1.28 -47.18 -68.32
N THR J 234 -0.35 -47.97 -68.84
CA THR J 234 -0.67 -49.05 -69.78
C THR J 234 -0.83 -50.35 -69.01
N VAL J 235 -2.01 -50.95 -69.09
CA VAL J 235 -2.32 -52.20 -68.41
C VAL J 235 -2.64 -53.23 -69.48
N THR J 236 -1.80 -54.26 -69.57
CA THR J 236 -1.97 -55.36 -70.53
C THR J 236 -1.91 -56.66 -69.75
N HIS J 237 -3.06 -57.17 -69.35
CA HIS J 237 -3.13 -58.38 -68.55
C HIS J 237 -3.39 -59.58 -69.47
N THR J 238 -3.05 -60.77 -68.98
CA THR J 238 -2.82 -61.91 -69.86
C THR J 238 -4.07 -62.32 -70.64
N ASP J 239 -5.22 -62.46 -69.95
CA ASP J 239 -6.39 -63.01 -70.62
C ASP J 239 -7.00 -62.00 -71.60
N LEU J 240 -6.90 -60.71 -71.30
CA LEU J 240 -7.49 -59.66 -72.14
C LEU J 240 -6.37 -58.90 -72.86
N PRO J 241 -6.13 -59.15 -74.14
CA PRO J 241 -5.06 -58.43 -74.84
C PRO J 241 -5.34 -56.95 -75.03
N SER J 242 -6.58 -56.51 -74.89
CA SER J 242 -6.92 -55.10 -75.08
C SER J 242 -6.35 -54.27 -73.94
N PRO J 243 -5.51 -53.26 -74.23
CA PRO J 243 -4.94 -52.44 -73.15
C PRO J 243 -5.98 -51.55 -72.52
N LEU J 244 -5.72 -51.17 -71.27
CA LEU J 244 -6.56 -50.24 -70.53
C LEU J 244 -5.81 -48.93 -70.33
N LYS J 245 -6.42 -47.83 -70.75
CA LYS J 245 -5.80 -46.51 -70.71
C LYS J 245 -6.62 -45.58 -69.83
N GLN J 246 -5.93 -44.83 -68.97
CA GLN J 246 -6.57 -43.85 -68.11
C GLN J 246 -5.76 -42.56 -68.14
N THR J 247 -6.44 -41.45 -67.84
CA THR J 247 -5.83 -40.13 -67.85
C THR J 247 -5.87 -39.54 -66.45
N ILE J 248 -4.73 -39.08 -65.96
CA ILE J 248 -4.62 -38.44 -64.66
C ILE J 248 -3.94 -37.09 -64.84
N SER J 249 -4.61 -36.03 -64.39
CA SER J 249 -4.07 -34.68 -64.49
C SER J 249 -4.49 -33.88 -63.27
N ARG J 250 -3.69 -32.87 -62.94
CA ARG J 250 -3.98 -32.01 -61.80
C ARG J 250 -4.81 -30.82 -62.25
N PRO J 251 -6.02 -30.64 -61.73
CA PRO J 251 -6.83 -29.47 -62.12
C PRO J 251 -6.26 -28.18 -61.55
N LYS J 252 -6.59 -27.08 -62.21
CA LYS J 252 -6.16 -25.75 -61.81
C LYS J 252 -7.31 -25.00 -61.16
N GLY J 253 -7.07 -24.46 -59.97
CA GLY J 253 -8.09 -23.72 -59.25
C GLY J 253 -8.95 -24.61 -58.37
N LEU J 256 -7.41 -20.78 -55.88
CA LEU J 256 -6.39 -20.85 -54.85
C LEU J 256 -6.62 -19.76 -53.79
N HIS J 257 -7.14 -20.17 -52.64
CA HIS J 257 -7.43 -19.27 -51.53
C HIS J 257 -6.51 -19.60 -50.36
N ARG J 258 -5.92 -18.58 -49.77
CA ARG J 258 -4.99 -18.77 -48.66
C ARG J 258 -5.74 -19.20 -47.40
N PRO J 259 -5.39 -20.34 -46.82
CA PRO J 259 -6.04 -20.75 -45.56
C PRO J 259 -5.65 -19.85 -44.40
N ASP J 260 -6.56 -19.72 -43.45
CA ASP J 260 -6.31 -19.03 -42.19
C ASP J 260 -6.39 -20.04 -41.06
N VAL J 261 -5.33 -20.12 -40.26
CA VAL J 261 -5.18 -21.15 -39.24
C VAL J 261 -5.45 -20.52 -37.87
N TYR J 262 -6.43 -21.08 -37.15
CA TYR J 262 -6.74 -20.67 -35.79
C TYR J 262 -6.60 -21.88 -34.89
N LEU J 263 -5.86 -21.73 -33.80
CA LEU J 263 -5.62 -22.83 -32.86
C LEU J 263 -6.37 -22.53 -31.57
N LEU J 264 -7.55 -23.15 -31.43
CA LEU J 264 -8.42 -22.88 -30.29
C LEU J 264 -7.87 -23.55 -29.04
N PRO J 265 -7.69 -22.81 -27.95
CA PRO J 265 -7.27 -23.43 -26.69
C PRO J 265 -8.39 -24.27 -26.11
N PRO J 266 -8.06 -25.26 -25.28
CA PRO J 266 -9.11 -26.06 -24.65
C PRO J 266 -9.98 -25.22 -23.72
N ALA J 267 -11.24 -25.64 -23.59
CA ALA J 267 -12.18 -24.91 -22.74
C ALA J 267 -11.78 -25.03 -21.28
N ARG J 268 -12.27 -24.06 -20.48
CA ARG J 268 -11.96 -24.05 -19.05
C ARG J 268 -12.59 -25.23 -18.34
N GLU J 269 -13.68 -25.78 -18.89
CA GLU J 269 -14.26 -26.99 -18.31
C GLU J 269 -13.32 -28.18 -18.44
N GLN J 270 -12.54 -28.24 -19.53
CA GLN J 270 -11.53 -29.28 -19.65
C GLN J 270 -10.47 -29.16 -18.55
N LEU J 271 -10.06 -27.93 -18.23
CA LEU J 271 -9.16 -27.73 -17.10
C LEU J 271 -9.84 -28.05 -15.78
N ASN J 272 -11.16 -27.91 -15.70
CA ASN J 272 -11.88 -28.22 -14.48
C ASN J 272 -11.94 -29.74 -14.25
N LEU J 273 -12.21 -30.51 -15.31
CA LEU J 273 -12.38 -31.94 -15.16
C LEU J 273 -11.08 -32.63 -14.74
N ARG J 274 -9.96 -32.25 -15.35
CA ARG J 274 -8.57 -32.64 -15.06
C ARG J 274 -8.12 -34.00 -15.61
N GLU J 275 -8.95 -34.77 -16.30
CA GLU J 275 -8.41 -36.00 -16.91
C GLU J 275 -7.48 -35.68 -18.07
N SER J 276 -7.92 -34.82 -18.99
CA SER J 276 -7.12 -34.54 -20.18
C SER J 276 -7.58 -33.21 -20.78
N ALA J 277 -6.75 -32.68 -21.68
CA ALA J 277 -7.04 -31.45 -22.40
C ALA J 277 -7.17 -31.75 -23.88
N THR J 278 -8.25 -31.28 -24.50
CA THR J 278 -8.52 -31.51 -25.92
C THR J 278 -8.26 -30.22 -26.68
N ILE J 279 -7.39 -30.30 -27.68
CA ILE J 279 -7.00 -29.15 -28.49
C ILE J 279 -7.50 -29.38 -29.91
N THR J 280 -8.26 -28.41 -30.42
CA THR J 280 -8.76 -28.45 -31.79
C THR J 280 -8.12 -27.31 -32.59
N CYS J 281 -7.95 -27.56 -33.89
CA CYS J 281 -7.24 -26.64 -34.77
C CYS J 281 -8.20 -26.20 -35.89
N LEU J 282 -8.55 -24.93 -35.90
CA LEU J 282 -9.51 -24.38 -36.85
C LEU J 282 -8.78 -23.81 -38.06
N VAL J 283 -9.14 -24.28 -39.25
CA VAL J 283 -8.60 -23.76 -40.50
C VAL J 283 -9.66 -23.88 -41.58
N THR J 284 -9.77 -22.85 -42.43
CA THR J 284 -10.78 -22.78 -43.48
C THR J 284 -10.14 -22.23 -44.74
N GLY J 285 -10.85 -22.39 -45.86
CA GLY J 285 -10.44 -21.78 -47.10
C GLY J 285 -9.56 -22.63 -48.00
N PHE J 286 -10.02 -23.82 -48.35
CA PHE J 286 -9.26 -24.75 -49.19
C PHE J 286 -9.95 -24.85 -50.55
N SER J 287 -9.46 -24.12 -51.53
CA SER J 287 -9.95 -24.21 -52.90
C SER J 287 -9.35 -25.43 -53.62
N PRO J 288 -8.04 -25.71 -53.52
CA PRO J 288 -7.55 -27.00 -54.05
C PRO J 288 -8.11 -28.21 -53.34
N ALA J 289 -8.61 -28.06 -52.10
CA ALA J 289 -9.24 -29.12 -51.34
C ALA J 289 -8.29 -30.30 -51.09
N ASP J 290 -7.10 -29.99 -50.59
CA ASP J 290 -6.10 -31.02 -50.30
C ASP J 290 -5.20 -30.47 -49.19
N VAL J 291 -5.44 -30.91 -47.96
CA VAL J 291 -4.74 -30.41 -46.78
C VAL J 291 -4.26 -31.58 -45.94
N PHE J 292 -3.09 -31.42 -45.32
CA PHE J 292 -2.58 -32.35 -44.32
C PHE J 292 -2.13 -31.54 -43.11
N VAL J 293 -2.50 -32.00 -41.92
CA VAL J 293 -2.21 -31.30 -40.67
C VAL J 293 -1.25 -32.15 -39.85
N GLN J 294 -0.18 -31.52 -39.35
CA GLN J 294 0.83 -32.19 -38.55
C GLN J 294 1.01 -31.48 -37.22
N TRP J 295 1.29 -32.24 -36.18
CA TRP J 295 1.52 -31.72 -34.84
C TRP J 295 2.90 -32.15 -34.35
N MET J 296 3.61 -31.23 -33.71
CA MET J 296 4.94 -31.51 -33.18
C MET J 296 5.10 -30.84 -31.82
N GLN J 297 6.02 -31.39 -31.03
CA GLN J 297 6.35 -30.86 -29.71
C GLN J 297 7.82 -30.48 -29.70
N ARG J 298 8.09 -29.19 -29.50
CA ARG J 298 9.46 -28.64 -29.46
C ARG J 298 10.22 -28.98 -30.73
N GLY J 299 9.52 -28.96 -31.86
CA GLY J 299 10.12 -29.28 -33.14
C GLY J 299 10.23 -30.77 -33.44
N GLN J 300 9.73 -31.64 -32.57
CA GLN J 300 9.78 -33.07 -32.79
C GLN J 300 8.41 -33.57 -33.24
N PRO J 301 8.29 -34.08 -34.47
CA PRO J 301 6.98 -34.55 -34.95
C PRO J 301 6.44 -35.70 -34.09
N LEU J 302 5.13 -35.72 -33.93
CA LEU J 302 4.45 -36.71 -33.10
C LEU J 302 3.91 -37.85 -33.97
N SER J 303 3.54 -38.93 -33.30
CA SER J 303 2.98 -40.09 -33.98
C SER J 303 1.59 -39.75 -34.54
N PRO J 304 1.22 -40.33 -35.68
CA PRO J 304 -0.10 -40.07 -36.26
C PRO J 304 -1.26 -40.58 -35.41
N GLU J 305 -1.01 -41.44 -34.42
CA GLU J 305 -2.10 -41.98 -33.61
C GLU J 305 -2.73 -40.90 -32.74
N LYS J 306 -1.92 -40.00 -32.18
CA LYS J 306 -2.44 -39.03 -31.22
C LYS J 306 -3.31 -37.97 -31.89
N TYR J 307 -2.87 -37.43 -33.03
CA TYR J 307 -3.61 -36.39 -33.73
C TYR J 307 -4.28 -36.97 -34.97
N VAL J 308 -5.55 -36.62 -35.17
CA VAL J 308 -6.33 -37.10 -36.29
C VAL J 308 -6.90 -35.91 -37.04
N THR J 309 -6.87 -35.97 -38.37
CA THR J 309 -7.31 -34.88 -39.23
C THR J 309 -8.62 -35.25 -39.91
N SER J 310 -9.62 -34.40 -39.77
CA SER J 310 -10.92 -34.62 -40.40
C SER J 310 -10.84 -34.31 -41.89
N ALA J 311 -11.71 -34.96 -42.66
CA ALA J 311 -11.76 -34.74 -44.10
C ALA J 311 -12.33 -33.37 -44.41
N PRO J 312 -11.87 -32.73 -45.50
CA PRO J 312 -12.42 -31.43 -45.89
C PRO J 312 -13.89 -31.54 -46.29
N MET J 313 -14.64 -30.49 -46.01
CA MET J 313 -16.06 -30.43 -46.28
C MET J 313 -16.41 -29.03 -46.78
N PRO J 314 -17.48 -28.90 -47.58
CA PRO J 314 -17.86 -27.58 -48.09
C PRO J 314 -18.30 -26.62 -46.98
N GLU J 315 -18.03 -25.34 -47.20
CA GLU J 315 -18.35 -24.18 -46.37
C GLU J 315 -19.62 -23.50 -46.87
N PRO J 316 -20.51 -23.11 -45.95
CA PRO J 316 -21.78 -22.48 -46.38
C PRO J 316 -21.61 -21.19 -47.16
N GLN J 317 -20.60 -20.37 -46.83
CA GLN J 317 -20.45 -19.08 -47.49
C GLN J 317 -20.00 -19.26 -48.95
N ALA J 318 -18.98 -20.08 -49.19
CA ALA J 318 -18.43 -20.28 -50.51
C ALA J 318 -18.23 -21.76 -50.76
N PRO J 319 -18.80 -22.33 -51.83
CA PRO J 319 -18.53 -23.73 -52.14
C PRO J 319 -17.07 -24.02 -52.45
N GLY J 320 -16.34 -23.05 -52.98
CA GLY J 320 -14.93 -23.27 -53.28
C GLY J 320 -14.08 -23.50 -52.05
N ARG J 321 -14.31 -22.70 -51.00
CA ARG J 321 -13.54 -22.83 -49.77
C ARG J 321 -14.03 -24.00 -48.94
N TYR J 322 -13.10 -24.79 -48.43
CA TYR J 322 -13.40 -25.90 -47.54
C TYR J 322 -12.82 -25.65 -46.15
N PHE J 323 -13.19 -26.51 -45.21
CA PHE J 323 -12.67 -26.44 -43.85
C PHE J 323 -12.20 -27.81 -43.40
N ALA J 324 -11.14 -27.82 -42.60
CA ALA J 324 -10.58 -29.05 -42.05
C ALA J 324 -10.26 -28.84 -40.58
N HIS J 325 -10.16 -29.95 -39.85
CA HIS J 325 -9.93 -29.90 -38.41
C HIS J 325 -8.96 -30.99 -37.99
N SER J 326 -8.22 -30.71 -36.93
CA SER J 326 -7.36 -31.70 -36.27
C SER J 326 -7.62 -31.62 -34.78
N ILE J 327 -7.85 -32.78 -34.16
CA ILE J 327 -8.14 -32.87 -32.73
C ILE J 327 -7.02 -33.67 -32.07
N LEU J 328 -6.38 -33.07 -31.08
CA LEU J 328 -5.28 -33.69 -30.35
C LEU J 328 -5.74 -33.99 -28.92
N THR J 329 -5.50 -35.22 -28.47
CA THR J 329 -5.84 -35.66 -27.13
C THR J 329 -4.55 -35.78 -26.32
N VAL J 330 -4.36 -34.86 -25.37
CA VAL J 330 -3.16 -34.84 -24.54
C VAL J 330 -3.61 -34.68 -23.09
N SER J 331 -2.76 -35.15 -22.18
CA SER J 331 -3.04 -35.06 -20.75
C SER J 331 -3.05 -33.59 -20.30
N GLU J 332 -3.90 -33.32 -19.29
CA GLU J 332 -4.02 -31.96 -18.78
C GLU J 332 -2.75 -31.50 -18.09
N GLU J 333 -2.02 -32.42 -17.45
CA GLU J 333 -0.76 -32.07 -16.80
C GLU J 333 0.27 -31.58 -17.82
N GLU J 334 0.24 -32.15 -19.03
CA GLU J 334 1.12 -31.66 -20.09
C GLU J 334 0.68 -30.27 -20.57
N TRP J 335 -0.63 -30.00 -20.56
CA TRP J 335 -1.10 -28.66 -20.88
C TRP J 335 -0.65 -27.65 -19.84
N ASN J 336 -0.66 -28.03 -18.56
CA ASN J 336 -0.25 -27.12 -17.50
C ASN J 336 1.26 -26.82 -17.52
N THR J 337 2.05 -27.58 -18.28
CA THR J 337 3.48 -27.34 -18.38
C THR J 337 3.80 -26.20 -19.35
N GLY J 338 2.89 -25.88 -20.26
CA GLY J 338 3.08 -24.79 -21.19
C GLY J 338 3.93 -25.13 -22.40
N GLU J 339 3.55 -26.17 -23.13
CA GLU J 339 4.27 -26.57 -24.33
C GLU J 339 3.87 -25.71 -25.53
N THR J 340 4.60 -25.89 -26.63
CA THR J 340 4.32 -25.11 -27.83
C THR J 340 2.98 -25.51 -28.44
N TYR J 341 2.76 -26.82 -28.62
CA TYR J 341 1.50 -27.36 -29.12
C TYR J 341 1.12 -26.78 -30.48
N THR J 342 2.11 -26.67 -31.37
CA THR J 342 1.88 -26.06 -32.67
C THR J 342 1.04 -26.96 -33.56
N CYS J 343 0.18 -26.33 -34.36
CA CYS J 343 -0.66 -27.02 -35.34
C CYS J 343 -0.17 -26.63 -36.73
N VAL J 344 0.67 -27.47 -37.33
CA VAL J 344 1.22 -27.19 -38.65
C VAL J 344 0.21 -27.64 -39.69
N VAL J 345 -0.28 -26.68 -40.49
CA VAL J 345 -1.25 -26.96 -41.55
C VAL J 345 -0.54 -26.76 -42.88
N ALA J 346 -0.55 -27.80 -43.71
CA ALA J 346 0.14 -27.80 -45.00
C ALA J 346 -0.88 -27.69 -46.12
N HIS J 347 -0.65 -26.76 -47.04
CA HIS J 347 -1.56 -26.55 -48.16
C HIS J 347 -0.77 -26.04 -49.35
N GLU J 348 -1.33 -26.22 -50.54
CA GLU J 348 -0.68 -25.77 -51.76
C GLU J 348 -0.75 -24.25 -51.91
N ALA J 349 -1.87 -23.65 -51.49
CA ALA J 349 -2.06 -22.21 -51.67
C ALA J 349 -1.18 -21.37 -50.76
N LEU J 350 -0.64 -21.96 -49.70
CA LEU J 350 0.23 -21.22 -48.80
C LEU J 350 1.54 -20.85 -49.50
N PRO J 351 2.03 -19.62 -49.31
CA PRO J 351 3.30 -19.23 -49.95
C PRO J 351 4.48 -20.09 -49.54
N ASN J 352 4.52 -20.54 -48.29
CA ASN J 352 5.58 -21.40 -47.79
C ASN J 352 5.10 -22.84 -47.60
N ARG J 353 3.89 -23.16 -48.07
CA ARG J 353 3.31 -24.50 -48.12
C ARG J 353 2.98 -25.07 -46.74
N VAL J 354 3.34 -24.36 -45.66
CA VAL J 354 2.94 -24.72 -44.31
C VAL J 354 2.60 -23.43 -43.55
N THR J 355 1.85 -23.60 -42.46
CA THR J 355 1.50 -22.48 -41.58
C THR J 355 1.09 -23.07 -40.24
N GLU J 356 1.74 -22.62 -39.17
CA GLU J 356 1.46 -23.12 -37.83
C GLU J 356 1.23 -21.96 -36.87
N ARG J 357 0.46 -22.24 -35.81
CA ARG J 357 0.20 -21.29 -34.75
C ARG J 357 0.52 -21.94 -33.42
N THR J 358 0.89 -21.11 -32.44
CA THR J 358 1.34 -21.58 -31.13
C THR J 358 0.33 -21.18 -30.07
N VAL J 359 -0.13 -22.17 -29.30
CA VAL J 359 -1.00 -21.93 -28.15
C VAL J 359 -0.17 -22.16 -26.89
N ASP J 360 -0.53 -21.44 -25.83
CA ASP J 360 0.21 -21.50 -24.58
C ASP J 360 -0.76 -21.25 -23.42
N LYS J 361 -0.23 -21.28 -22.20
CA LYS J 361 -1.05 -21.03 -21.03
C LYS J 361 -1.55 -19.58 -20.98
N SER J 362 -0.76 -18.66 -21.51
CA SER J 362 -1.11 -17.24 -21.54
C SER J 362 -1.01 -16.68 -22.95
N THR J 363 -1.49 -17.45 -23.94
CA THR J 363 -1.40 -17.03 -25.33
C THR J 363 -2.45 -16.00 -25.71
N GLY J 364 -3.47 -15.81 -24.88
CA GLY J 364 -4.53 -14.86 -25.20
C GLY J 364 -4.25 -13.46 -24.70
N LYS J 365 -5.19 -12.92 -23.92
CA LYS J 365 -5.02 -11.59 -23.36
C LYS J 365 -3.92 -11.59 -22.29
N PRO J 366 -3.31 -10.44 -22.04
CA PRO J 366 -2.39 -10.33 -20.89
C PRO J 366 -3.06 -10.59 -19.56
N THR J 367 -4.39 -10.43 -19.47
CA THR J 367 -5.18 -10.74 -18.29
C THR J 367 -4.72 -9.93 -17.07
N LEU J 368 -4.94 -8.62 -17.18
CA LEU J 368 -4.67 -7.73 -16.07
C LEU J 368 -5.75 -7.87 -14.99
N TYR J 369 -5.32 -7.84 -13.73
CA TYR J 369 -6.23 -8.06 -12.61
C TYR J 369 -6.57 -6.75 -11.92
N ASN J 370 -7.87 -6.58 -11.64
CA ASN J 370 -8.42 -5.44 -10.92
C ASN J 370 -8.67 -5.77 -9.45
N VAL J 371 -7.86 -6.68 -8.89
CA VAL J 371 -8.20 -7.28 -7.60
C VAL J 371 -8.17 -6.23 -6.50
N SER J 372 -9.22 -6.22 -5.68
CA SER J 372 -9.36 -5.23 -4.62
C SER J 372 -9.80 -5.91 -3.34
N LEU J 373 -9.48 -5.28 -2.21
CA LEU J 373 -9.77 -5.85 -0.90
C LEU J 373 -10.21 -4.71 0.00
N VAL J 374 -11.49 -4.72 0.38
CA VAL J 374 -12.08 -3.66 1.19
C VAL J 374 -12.08 -4.08 2.65
N MET J 375 -11.75 -3.15 3.53
CA MET J 375 -11.72 -3.41 4.97
C MET J 375 -12.49 -2.33 5.72
N SER J 376 -13.60 -1.87 5.15
CA SER J 376 -14.42 -0.84 5.78
C SER J 376 -15.21 -1.41 6.96
N ILE K 152 -32.52 -54.30 -58.78
CA ILE K 152 -32.64 -55.59 -58.12
C ILE K 152 -31.52 -55.76 -57.09
N ARG K 153 -30.83 -54.66 -56.78
CA ARG K 153 -29.76 -54.70 -55.79
C ARG K 153 -30.33 -54.97 -54.41
N VAL K 154 -29.60 -55.75 -53.61
CA VAL K 154 -30.03 -56.14 -52.27
C VAL K 154 -29.10 -55.47 -51.25
N PHE K 155 -29.70 -54.68 -50.36
CA PHE K 155 -29.00 -54.02 -49.27
C PHE K 155 -30.04 -53.42 -48.33
N ALA K 156 -29.77 -53.51 -47.02
CA ALA K 156 -30.65 -52.96 -46.01
C ALA K 156 -29.91 -51.87 -45.24
N ILE K 157 -30.52 -50.69 -45.19
CA ILE K 157 -29.96 -49.54 -44.49
C ILE K 157 -30.88 -49.21 -43.32
N PRO K 158 -30.34 -48.99 -42.12
CA PRO K 158 -31.19 -48.62 -40.98
C PRO K 158 -31.40 -47.12 -40.92
N PRO K 159 -32.60 -46.67 -40.54
CA PRO K 159 -32.82 -45.23 -40.36
C PRO K 159 -31.95 -44.68 -39.23
N SER K 160 -31.50 -43.45 -39.40
CA SER K 160 -30.65 -42.83 -38.38
C SER K 160 -31.46 -42.52 -37.13
N PHE K 161 -30.79 -42.61 -35.98
CA PHE K 161 -31.42 -42.25 -34.72
C PHE K 161 -31.72 -40.76 -34.62
N ALA K 162 -31.09 -39.93 -35.46
CA ALA K 162 -31.42 -38.51 -35.50
C ALA K 162 -32.81 -38.26 -36.09
N SER K 163 -33.35 -39.21 -36.85
CA SER K 163 -34.68 -39.05 -37.43
C SER K 163 -35.75 -39.04 -36.36
N ILE K 164 -35.61 -39.90 -35.34
CA ILE K 164 -36.60 -39.96 -34.27
C ILE K 164 -36.53 -38.76 -33.33
N PHE K 165 -35.48 -37.94 -33.45
CA PHE K 165 -35.41 -36.70 -32.69
C PHE K 165 -35.80 -35.49 -33.51
N LEU K 166 -35.51 -35.50 -34.82
CA LEU K 166 -35.85 -34.36 -35.66
C LEU K 166 -37.36 -34.25 -35.89
N THR K 167 -38.01 -35.37 -36.21
CA THR K 167 -39.43 -35.37 -36.53
C THR K 167 -40.26 -36.22 -35.58
N LYS K 168 -39.66 -36.79 -34.53
CA LYS K 168 -40.36 -37.64 -33.57
C LYS K 168 -41.07 -38.81 -34.24
N SER K 169 -40.44 -39.38 -35.26
CA SER K 169 -41.01 -40.49 -35.99
C SER K 169 -39.89 -41.28 -36.64
N THR K 170 -40.21 -42.51 -37.05
CA THR K 170 -39.27 -43.41 -37.70
C THR K 170 -39.75 -43.69 -39.12
N LYS K 171 -38.85 -43.56 -40.09
CA LYS K 171 -39.14 -43.80 -41.50
C LYS K 171 -38.22 -44.89 -42.01
N LEU K 172 -38.79 -46.06 -42.27
CA LEU K 172 -38.00 -47.19 -42.75
C LEU K 172 -37.65 -47.02 -44.22
N THR K 173 -36.45 -47.45 -44.58
CA THR K 173 -35.97 -47.35 -45.95
C THR K 173 -35.07 -48.53 -46.26
N CYS K 174 -35.26 -49.13 -47.43
CA CYS K 174 -34.42 -50.21 -47.93
C CYS K 174 -33.56 -49.68 -49.07
N LEU K 175 -32.25 -49.93 -49.00
CA LEU K 175 -31.31 -49.39 -49.97
C LEU K 175 -31.28 -50.28 -51.21
N VAL K 176 -32.05 -49.91 -52.22
CA VAL K 176 -32.07 -50.59 -53.51
C VAL K 176 -31.73 -49.57 -54.58
N THR K 177 -30.79 -49.92 -55.45
CA THR K 177 -30.30 -49.01 -56.48
C THR K 177 -30.55 -49.58 -57.86
N ASP K 178 -31.07 -48.75 -58.76
CA ASP K 178 -31.24 -49.08 -60.18
C ASP K 178 -32.12 -50.31 -60.40
N LEU K 179 -33.20 -50.41 -59.63
CA LEU K 179 -34.18 -51.46 -59.84
C LEU K 179 -35.00 -51.13 -61.10
N THR K 180 -35.32 -52.17 -61.86
CA THR K 180 -35.99 -51.98 -63.14
C THR K 180 -37.41 -51.44 -62.96
N THR K 181 -37.78 -50.47 -63.79
CA THR K 181 -39.06 -49.79 -63.64
C THR K 181 -40.20 -50.74 -64.02
N TYR K 182 -41.06 -51.05 -63.07
CA TYR K 182 -42.22 -51.90 -63.28
C TYR K 182 -43.43 -51.24 -62.63
N ASP K 183 -44.59 -51.43 -63.25
CA ASP K 183 -45.81 -50.79 -62.76
C ASP K 183 -46.33 -51.51 -61.52
N SER K 184 -46.61 -50.73 -60.47
CA SER K 184 -47.18 -51.22 -59.21
C SER K 184 -46.31 -52.32 -58.60
N VAL K 185 -45.07 -51.95 -58.26
CA VAL K 185 -44.16 -52.87 -57.62
C VAL K 185 -44.57 -53.10 -56.18
N THR K 186 -44.25 -54.28 -55.66
CA THR K 186 -44.50 -54.63 -54.26
C THR K 186 -43.18 -54.90 -53.55
N ILE K 187 -43.09 -54.47 -52.29
CA ILE K 187 -41.89 -54.61 -51.49
C ILE K 187 -42.28 -55.16 -50.13
N SER K 188 -41.51 -56.14 -49.64
CA SER K 188 -41.74 -56.75 -48.34
C SER K 188 -40.60 -56.39 -47.40
N TRP K 189 -40.96 -55.84 -46.24
CA TRP K 189 -39.99 -55.45 -45.20
C TRP K 189 -40.48 -56.09 -43.91
N THR K 190 -40.05 -57.32 -43.65
CA THR K 190 -40.58 -58.14 -42.57
C THR K 190 -39.67 -58.09 -41.35
N ARG K 191 -40.27 -57.88 -40.19
CA ARG K 191 -39.57 -57.98 -38.91
C ARG K 191 -39.68 -59.41 -38.39
N GLN K 192 -39.32 -59.61 -37.11
CA GLN K 192 -39.43 -60.96 -36.53
C GLN K 192 -40.88 -61.43 -36.47
N ASN K 193 -41.83 -60.49 -36.37
CA ASN K 193 -43.24 -60.87 -36.38
C ASN K 193 -43.72 -61.26 -37.77
N GLY K 194 -43.01 -60.85 -38.83
CA GLY K 194 -43.40 -61.20 -40.18
C GLY K 194 -44.46 -60.34 -40.79
N GLU K 195 -44.85 -59.24 -40.15
CA GLU K 195 -45.88 -58.36 -40.70
C GLU K 195 -45.37 -57.63 -41.94
N ALA K 196 -46.29 -57.30 -42.83
CA ALA K 196 -45.96 -56.61 -44.07
C ALA K 196 -45.66 -55.13 -43.79
N VAL K 197 -45.21 -54.45 -44.85
CA VAL K 197 -44.83 -53.04 -44.75
C VAL K 197 -45.82 -52.22 -45.58
N LYS K 198 -46.03 -50.97 -45.14
CA LYS K 198 -46.92 -50.06 -45.85
C LYS K 198 -46.26 -49.64 -47.17
N THR K 199 -47.10 -49.36 -48.16
CA THR K 199 -46.62 -49.14 -49.53
C THR K 199 -45.76 -47.88 -49.63
N HIS K 200 -45.03 -47.79 -50.74
CA HIS K 200 -44.14 -46.66 -50.97
C HIS K 200 -44.94 -45.38 -51.16
N THR K 201 -44.47 -44.30 -50.54
CA THR K 201 -45.12 -43.00 -50.59
C THR K 201 -44.12 -41.96 -51.12
N ASN K 202 -44.61 -41.09 -52.01
CA ASN K 202 -43.81 -40.04 -52.63
C ASN K 202 -42.60 -40.62 -53.37
N ILE K 203 -42.89 -41.54 -54.30
CA ILE K 203 -41.85 -42.18 -55.08
C ILE K 203 -41.94 -41.68 -56.52
N SER K 204 -40.83 -41.81 -57.23
CA SER K 204 -40.73 -41.40 -58.64
C SER K 204 -40.87 -42.66 -59.50
N GLU K 205 -42.04 -42.82 -60.12
CA GLU K 205 -42.27 -43.98 -60.97
C GLU K 205 -41.39 -43.94 -62.21
N SER K 206 -41.24 -42.76 -62.81
CA SER K 206 -40.40 -42.58 -64.00
C SER K 206 -39.13 -41.85 -63.62
N HIS K 207 -37.98 -42.41 -63.98
CA HIS K 207 -36.69 -41.84 -63.67
C HIS K 207 -35.87 -41.70 -64.95
N PRO K 208 -35.36 -40.51 -65.26
CA PRO K 208 -34.50 -40.37 -66.46
C PRO K 208 -33.24 -41.21 -66.39
N ASN K 209 -32.68 -41.41 -65.20
CA ASN K 209 -31.49 -42.23 -65.02
C ASN K 209 -31.80 -43.67 -64.67
N ALA K 210 -33.08 -44.05 -64.67
CA ALA K 210 -33.54 -45.40 -64.35
C ALA K 210 -33.10 -45.84 -62.96
N THR K 211 -33.01 -44.89 -62.02
CA THR K 211 -32.65 -45.19 -60.64
C THR K 211 -33.94 -45.23 -59.82
N PHE K 212 -34.64 -46.36 -59.93
CA PHE K 212 -35.91 -46.56 -59.22
C PHE K 212 -35.61 -47.25 -57.90
N SER K 213 -35.44 -46.45 -56.85
CA SER K 213 -35.14 -46.98 -55.53
C SER K 213 -36.41 -47.56 -54.91
N ALA K 214 -36.32 -48.78 -54.39
CA ALA K 214 -37.43 -49.44 -53.72
C ALA K 214 -37.35 -49.11 -52.23
N VAL K 215 -38.23 -48.22 -51.77
CA VAL K 215 -38.22 -47.73 -50.39
C VAL K 215 -39.45 -48.30 -49.69
N GLY K 216 -39.22 -49.01 -48.59
CA GLY K 216 -40.30 -49.53 -47.77
C GLY K 216 -40.68 -48.55 -46.68
N GLU K 217 -41.30 -47.43 -47.06
CA GLU K 217 -41.63 -46.39 -46.10
C GLU K 217 -42.74 -46.84 -45.17
N ALA K 218 -42.51 -46.68 -43.86
CA ALA K 218 -43.50 -47.04 -42.85
C ALA K 218 -43.18 -46.27 -41.58
N SER K 219 -44.17 -46.21 -40.69
CA SER K 219 -44.03 -45.54 -39.40
C SER K 219 -44.26 -46.56 -38.30
N ILE K 220 -43.20 -46.87 -37.54
CA ILE K 220 -43.26 -47.82 -36.44
C ILE K 220 -42.66 -47.17 -35.21
N CYS K 221 -43.00 -47.75 -34.05
CA CYS K 221 -42.46 -47.25 -32.80
C CYS K 221 -40.98 -47.57 -32.68
N GLU K 222 -40.27 -46.71 -31.93
CA GLU K 222 -38.83 -46.91 -31.74
C GLU K 222 -38.52 -48.12 -30.88
N ASP K 223 -39.48 -48.58 -30.07
CA ASP K 223 -39.27 -49.76 -29.24
C ASP K 223 -39.03 -51.00 -30.10
N ASP K 224 -39.78 -51.12 -31.20
CA ASP K 224 -39.65 -52.30 -32.06
C ASP K 224 -38.26 -52.41 -32.65
N TRP K 225 -37.71 -51.29 -33.15
CA TRP K 225 -36.36 -51.33 -33.70
C TRP K 225 -35.30 -51.43 -32.60
N ASN K 226 -35.55 -50.81 -31.45
CA ASN K 226 -34.59 -50.89 -30.35
C ASN K 226 -34.53 -52.29 -29.74
N SER K 227 -35.56 -53.11 -29.96
CA SER K 227 -35.55 -54.48 -29.46
C SER K 227 -34.54 -55.37 -30.18
N GLY K 228 -33.97 -54.92 -31.29
CA GLY K 228 -33.00 -55.71 -32.00
C GLY K 228 -33.57 -56.79 -32.89
N GLU K 229 -34.80 -56.60 -33.38
CA GLU K 229 -35.41 -57.59 -34.25
C GLU K 229 -34.72 -57.62 -35.60
N ARG K 230 -34.66 -58.82 -36.19
CA ARG K 230 -34.06 -58.99 -37.50
C ARG K 230 -34.97 -58.40 -38.58
N PHE K 231 -34.40 -57.55 -39.43
CA PHE K 231 -35.13 -56.87 -40.49
C PHE K 231 -34.66 -57.44 -41.82
N THR K 232 -35.53 -58.22 -42.47
CA THR K 232 -35.23 -58.83 -43.77
C THR K 232 -35.98 -58.06 -44.85
N CYS K 233 -35.23 -57.59 -45.86
CA CYS K 233 -35.81 -56.84 -46.98
C CYS K 233 -36.02 -57.81 -48.13
N THR K 234 -37.23 -58.35 -48.22
CA THR K 234 -37.59 -59.27 -49.30
C THR K 234 -37.96 -58.46 -50.53
N VAL K 235 -37.08 -58.43 -51.52
CA VAL K 235 -37.29 -57.61 -52.73
C VAL K 235 -38.06 -58.48 -53.72
N THR K 236 -39.38 -58.47 -53.58
CA THR K 236 -40.23 -59.21 -54.49
C THR K 236 -40.32 -58.49 -55.82
N HIS K 237 -40.05 -59.22 -56.91
CA HIS K 237 -40.06 -58.63 -58.24
C HIS K 237 -40.31 -59.73 -59.26
N THR K 238 -40.74 -59.32 -60.45
CA THR K 238 -41.00 -60.28 -61.53
C THR K 238 -39.69 -60.92 -62.02
N ASP K 239 -38.62 -60.12 -62.10
CA ASP K 239 -37.35 -60.64 -62.60
C ASP K 239 -36.76 -61.70 -61.68
N LEU K 240 -36.84 -61.49 -60.37
CA LEU K 240 -36.26 -62.41 -59.41
C LEU K 240 -37.30 -63.43 -58.98
N PRO K 241 -37.11 -64.73 -59.28
CA PRO K 241 -38.09 -65.72 -58.80
C PRO K 241 -38.02 -65.94 -57.30
N SER K 242 -36.82 -66.03 -56.73
CA SER K 242 -36.64 -66.18 -55.29
C SER K 242 -35.94 -64.94 -54.76
N PRO K 243 -36.65 -64.03 -54.08
CA PRO K 243 -36.01 -62.82 -53.56
C PRO K 243 -34.97 -63.14 -52.49
N LEU K 244 -33.94 -62.30 -52.45
CA LEU K 244 -32.88 -62.44 -51.48
C LEU K 244 -33.22 -61.73 -50.19
N LYS K 245 -32.56 -62.13 -49.10
CA LYS K 245 -32.80 -61.57 -47.77
C LYS K 245 -31.54 -60.90 -47.27
N GLN K 246 -31.68 -59.66 -46.81
CA GLN K 246 -30.58 -58.92 -46.20
C GLN K 246 -31.01 -58.46 -44.81
N THR K 247 -30.10 -58.59 -43.85
CA THR K 247 -30.41 -58.34 -42.44
C THR K 247 -29.56 -57.19 -41.91
N ILE K 248 -30.18 -56.32 -41.12
CA ILE K 248 -29.49 -55.22 -40.46
C ILE K 248 -29.95 -55.17 -39.01
N SER K 249 -28.99 -55.01 -38.09
CA SER K 249 -29.30 -54.96 -36.67
C SER K 249 -28.23 -54.16 -35.96
N ARG K 250 -28.57 -53.68 -34.76
CA ARG K 250 -27.66 -52.93 -33.93
C ARG K 250 -27.36 -53.70 -32.65
N PRO K 251 -26.07 -53.99 -32.36
CA PRO K 251 -25.67 -54.73 -31.16
C PRO K 251 -25.98 -53.98 -29.88
N LEU K 256 -21.58 -47.70 -23.56
CA LEU K 256 -22.63 -46.69 -23.44
C LEU K 256 -22.21 -45.57 -22.49
N HIS K 257 -21.70 -44.47 -23.05
CA HIS K 257 -21.24 -43.33 -22.28
C HIS K 257 -22.01 -42.09 -22.69
N ARG K 258 -22.21 -41.18 -21.73
CA ARG K 258 -22.88 -39.93 -22.02
C ARG K 258 -22.02 -39.07 -22.93
N PRO K 259 -22.63 -38.27 -23.81
CA PRO K 259 -21.85 -37.40 -24.68
C PRO K 259 -21.06 -36.37 -23.88
N ASP K 260 -19.84 -36.10 -24.33
CA ASP K 260 -18.96 -35.11 -23.69
C ASP K 260 -19.00 -33.85 -24.56
N VAL K 261 -20.02 -33.02 -24.31
CA VAL K 261 -20.32 -31.87 -25.15
C VAL K 261 -19.92 -30.60 -24.41
N TYR K 262 -19.09 -29.78 -25.06
CA TYR K 262 -18.75 -28.47 -24.56
C TYR K 262 -18.65 -27.51 -25.74
N LEU K 263 -18.92 -26.23 -25.47
CA LEU K 263 -18.95 -25.20 -26.50
C LEU K 263 -17.70 -24.33 -26.38
N LEU K 264 -16.98 -24.18 -27.51
CA LEU K 264 -15.71 -23.47 -27.54
C LEU K 264 -15.88 -22.10 -28.18
N PRO K 265 -15.36 -21.03 -27.55
CA PRO K 265 -15.49 -19.71 -28.15
C PRO K 265 -14.59 -19.58 -29.37
N PRO K 266 -14.92 -18.68 -30.30
CA PRO K 266 -14.07 -18.48 -31.47
C PRO K 266 -12.74 -17.84 -31.11
N ALA K 267 -11.76 -18.02 -32.00
CA ALA K 267 -10.44 -17.45 -31.79
C ALA K 267 -10.46 -15.93 -31.98
N ARG K 268 -9.45 -15.27 -31.41
CA ARG K 268 -9.33 -13.82 -31.55
C ARG K 268 -8.78 -13.42 -32.92
N GLU K 269 -8.02 -14.30 -33.57
CA GLU K 269 -7.46 -13.96 -34.88
C GLU K 269 -8.56 -13.83 -35.92
N GLN K 270 -9.59 -14.67 -35.84
CA GLN K 270 -10.72 -14.56 -36.75
C GLN K 270 -11.45 -13.23 -36.57
N LEU K 271 -11.60 -12.79 -35.33
CA LEU K 271 -12.21 -11.48 -35.07
C LEU K 271 -11.31 -10.35 -35.55
N ASN K 272 -9.99 -10.53 -35.48
CA ASN K 272 -9.06 -9.53 -36.01
C ASN K 272 -9.18 -9.43 -37.52
N LEU K 273 -9.37 -10.57 -38.20
CA LEU K 273 -9.52 -10.56 -39.65
C LEU K 273 -10.81 -9.87 -40.10
N ARG K 274 -11.83 -9.83 -39.23
CA ARG K 274 -13.08 -9.11 -39.41
C ARG K 274 -13.95 -9.68 -40.53
N GLU K 275 -13.52 -10.73 -41.23
CA GLU K 275 -14.32 -11.26 -42.33
C GLU K 275 -15.55 -12.00 -41.81
N SER K 276 -15.38 -12.86 -40.82
CA SER K 276 -16.46 -13.66 -40.25
C SER K 276 -16.00 -14.24 -38.92
N ALA K 277 -16.85 -15.07 -38.33
CA ALA K 277 -16.52 -15.74 -37.08
C ALA K 277 -17.00 -17.18 -37.15
N THR K 278 -16.18 -18.09 -36.65
CA THR K 278 -16.47 -19.52 -36.68
C THR K 278 -16.45 -20.06 -35.25
N ILE K 279 -17.55 -20.66 -34.82
CA ILE K 279 -17.68 -21.25 -33.50
C ILE K 279 -17.93 -22.74 -33.65
N THR K 280 -17.26 -23.55 -32.83
CA THR K 280 -17.36 -25.00 -32.91
C THR K 280 -17.99 -25.56 -31.64
N CYS K 281 -18.65 -26.71 -31.79
CA CYS K 281 -19.30 -27.40 -30.68
C CYS K 281 -18.73 -28.83 -30.64
N LEU K 282 -17.84 -29.07 -29.68
CA LEU K 282 -17.13 -30.35 -29.61
C LEU K 282 -18.03 -31.39 -28.96
N VAL K 283 -18.31 -32.46 -29.69
CA VAL K 283 -19.10 -33.59 -29.19
C VAL K 283 -18.20 -34.81 -29.22
N THR K 284 -17.77 -35.25 -28.03
CA THR K 284 -16.85 -36.38 -27.89
C THR K 284 -17.43 -37.38 -26.90
N GLY K 285 -16.74 -38.52 -26.76
CA GLY K 285 -17.06 -39.49 -25.73
C GLY K 285 -18.42 -40.13 -25.84
N PHE K 286 -18.84 -40.47 -27.06
CA PHE K 286 -20.13 -41.13 -27.29
C PHE K 286 -19.92 -42.39 -28.11
N SER K 287 -20.47 -43.51 -27.62
CA SER K 287 -20.30 -44.81 -28.25
C SER K 287 -21.22 -45.09 -29.45
N PRO K 288 -22.51 -44.70 -29.46
CA PRO K 288 -23.29 -44.87 -30.68
C PRO K 288 -22.74 -44.04 -31.82
N ALA K 289 -22.84 -44.58 -33.04
CA ALA K 289 -22.24 -43.92 -34.19
C ALA K 289 -22.90 -42.59 -34.50
N ASP K 290 -24.23 -42.58 -34.62
CA ASP K 290 -24.93 -41.38 -35.06
C ASP K 290 -25.03 -40.35 -33.95
N VAL K 291 -25.09 -39.08 -34.35
CA VAL K 291 -25.24 -37.95 -33.43
C VAL K 291 -25.71 -36.76 -34.24
N PHE K 292 -26.64 -35.99 -33.67
CA PHE K 292 -27.14 -34.78 -34.32
C PHE K 292 -26.95 -33.59 -33.39
N VAL K 293 -26.51 -32.47 -33.97
CA VAL K 293 -26.29 -31.23 -33.24
C VAL K 293 -27.11 -30.14 -33.93
N GLN K 294 -27.91 -29.42 -33.14
CA GLN K 294 -28.73 -28.34 -33.64
C GLN K 294 -28.28 -27.02 -33.04
N TRP K 295 -28.32 -25.96 -33.85
CA TRP K 295 -27.92 -24.63 -33.41
C TRP K 295 -29.16 -23.75 -33.30
N MET K 296 -29.23 -22.98 -32.22
CA MET K 296 -30.45 -22.26 -31.90
C MET K 296 -30.08 -20.95 -31.23
N GLN K 297 -30.65 -19.84 -31.71
CA GLN K 297 -30.44 -18.53 -31.10
C GLN K 297 -31.77 -18.02 -30.55
N ARG K 298 -31.94 -18.11 -29.22
CA ARG K 298 -33.10 -17.58 -28.51
C ARG K 298 -34.42 -18.13 -29.05
N GLY K 299 -34.43 -19.42 -29.37
CA GLY K 299 -35.65 -20.06 -29.85
C GLY K 299 -35.95 -19.88 -31.32
N GLN K 300 -34.99 -19.41 -32.12
CA GLN K 300 -35.22 -19.17 -33.53
C GLN K 300 -34.53 -20.24 -34.36
N PRO K 301 -35.26 -21.06 -35.12
CA PRO K 301 -34.63 -22.03 -36.01
C PRO K 301 -33.92 -21.37 -37.17
N LEU K 302 -32.98 -22.10 -37.76
CA LEU K 302 -32.11 -21.59 -38.81
C LEU K 302 -32.28 -22.40 -40.09
N SER K 303 -31.53 -22.00 -41.12
CA SER K 303 -31.47 -22.80 -42.33
C SER K 303 -30.60 -24.03 -42.10
N PRO K 304 -30.94 -25.17 -42.70
CA PRO K 304 -30.13 -26.38 -42.49
C PRO K 304 -28.71 -26.27 -43.02
N GLU K 305 -28.49 -25.49 -44.08
CA GLU K 305 -27.17 -25.41 -44.71
C GLU K 305 -26.20 -24.49 -43.98
N LYS K 306 -26.68 -23.67 -43.05
CA LYS K 306 -25.79 -22.75 -42.34
C LYS K 306 -24.86 -23.48 -41.39
N TYR K 307 -25.33 -24.57 -40.79
CA TYR K 307 -24.52 -25.39 -39.89
C TYR K 307 -24.43 -26.81 -40.43
N VAL K 308 -23.23 -27.39 -40.35
CA VAL K 308 -22.98 -28.73 -40.85
C VAL K 308 -22.32 -29.56 -39.76
N THR K 309 -22.70 -30.83 -39.67
CA THR K 309 -22.14 -31.77 -38.72
C THR K 309 -21.12 -32.67 -39.41
N SER K 310 -20.27 -33.29 -38.60
CA SER K 310 -19.17 -34.10 -39.09
C SER K 310 -19.52 -35.58 -39.03
N ALA K 311 -18.87 -36.35 -39.90
CA ALA K 311 -19.04 -37.79 -39.90
C ALA K 311 -18.40 -38.41 -38.66
N PRO K 312 -18.97 -39.50 -38.14
CA PRO K 312 -18.40 -40.14 -36.95
C PRO K 312 -17.02 -40.71 -37.24
N MET K 313 -16.10 -40.48 -36.31
CA MET K 313 -14.73 -40.98 -36.39
C MET K 313 -14.35 -41.59 -35.06
N PRO K 314 -13.52 -42.63 -35.06
CA PRO K 314 -13.13 -43.28 -33.80
C PRO K 314 -12.19 -42.39 -32.98
N GLU K 315 -12.45 -42.35 -31.68
CA GLU K 315 -11.62 -41.55 -30.79
C GLU K 315 -10.24 -42.19 -30.63
N PRO K 316 -9.16 -41.41 -30.79
CA PRO K 316 -7.81 -42.01 -30.69
C PRO K 316 -7.52 -42.63 -29.33
N GLN K 317 -8.00 -42.04 -28.24
CA GLN K 317 -7.73 -42.59 -26.91
C GLN K 317 -8.53 -43.86 -26.68
N ALA K 318 -9.83 -43.84 -27.02
CA ALA K 318 -10.69 -45.00 -26.84
C ALA K 318 -11.33 -45.38 -28.16
N PRO K 319 -10.99 -46.54 -28.73
CA PRO K 319 -11.61 -46.94 -30.02
C PRO K 319 -13.13 -47.05 -29.95
N GLY K 320 -13.68 -47.46 -28.80
CA GLY K 320 -15.12 -47.55 -28.68
C GLY K 320 -15.82 -46.21 -28.76
N ARG K 321 -15.22 -45.19 -28.14
CA ARG K 321 -15.81 -43.85 -28.14
C ARG K 321 -15.61 -43.17 -29.49
N TYR K 322 -16.49 -42.22 -29.78
CA TYR K 322 -16.46 -41.46 -31.02
C TYR K 322 -16.49 -39.97 -30.71
N PHE K 323 -16.08 -39.16 -31.70
CA PHE K 323 -16.09 -37.72 -31.57
C PHE K 323 -16.69 -37.09 -32.83
N ALA K 324 -17.24 -35.90 -32.66
CA ALA K 324 -17.84 -35.16 -33.76
C ALA K 324 -17.76 -33.67 -33.48
N HIS K 325 -17.53 -32.89 -34.54
CA HIS K 325 -17.44 -31.44 -34.44
C HIS K 325 -18.54 -30.81 -35.29
N SER K 326 -19.24 -29.83 -34.72
CA SER K 326 -20.33 -29.12 -35.39
C SER K 326 -20.07 -27.62 -35.29
N ILE K 327 -20.33 -26.91 -36.39
CA ILE K 327 -20.02 -25.50 -36.51
C ILE K 327 -21.23 -24.74 -37.04
N LEU K 328 -21.53 -23.62 -36.41
CA LEU K 328 -22.42 -22.59 -36.97
C LEU K 328 -21.56 -21.37 -37.28
N THR K 329 -21.02 -21.31 -38.49
CA THR K 329 -20.24 -20.15 -38.88
C THR K 329 -21.16 -18.94 -39.09
N VAL K 330 -20.76 -17.80 -38.53
CA VAL K 330 -21.58 -16.60 -38.48
C VAL K 330 -20.71 -15.40 -38.83
N SER K 331 -21.31 -14.22 -38.75
CA SER K 331 -20.60 -12.97 -38.96
C SER K 331 -19.96 -12.48 -37.66
N GLU K 332 -19.00 -11.58 -37.81
CA GLU K 332 -18.27 -11.04 -36.66
C GLU K 332 -19.11 -10.05 -35.86
N GLU K 333 -19.94 -9.25 -36.54
CA GLU K 333 -20.75 -8.26 -35.85
C GLU K 333 -21.78 -8.93 -34.93
N GLU K 334 -22.42 -9.99 -35.40
CA GLU K 334 -23.38 -10.70 -34.56
C GLU K 334 -22.70 -11.32 -33.34
N TRP K 335 -21.44 -11.70 -33.47
CA TRP K 335 -20.70 -12.25 -32.34
C TRP K 335 -20.34 -11.16 -31.34
N ASN K 336 -19.84 -10.02 -31.82
CA ASN K 336 -19.30 -9.03 -30.89
C ASN K 336 -20.36 -8.07 -30.36
N THR K 337 -21.59 -8.10 -30.89
CA THR K 337 -22.68 -7.33 -30.27
C THR K 337 -23.34 -8.07 -29.12
N GLY K 338 -22.89 -9.28 -28.79
CA GLY K 338 -23.40 -9.99 -27.64
C GLY K 338 -24.60 -10.88 -27.90
N GLU K 339 -24.87 -11.24 -29.15
CA GLU K 339 -26.01 -12.09 -29.46
C GLU K 339 -25.78 -13.49 -28.92
N THR K 340 -26.84 -14.07 -28.34
CA THR K 340 -26.72 -15.34 -27.62
C THR K 340 -26.66 -16.51 -28.61
N TYR K 341 -25.72 -17.42 -28.37
CA TYR K 341 -25.55 -18.62 -29.16
C TYR K 341 -25.68 -19.84 -28.25
N THR K 342 -26.56 -20.78 -28.64
CA THR K 342 -26.78 -21.98 -27.85
C THR K 342 -26.52 -23.21 -28.71
N CYS K 343 -25.89 -24.22 -28.10
CA CYS K 343 -25.62 -25.50 -28.75
C CYS K 343 -26.37 -26.60 -28.01
N VAL K 344 -27.07 -27.44 -28.76
CA VAL K 344 -27.82 -28.55 -28.19
C VAL K 344 -27.48 -29.81 -28.97
N VAL K 345 -27.54 -30.95 -28.28
CA VAL K 345 -27.22 -32.25 -28.87
C VAL K 345 -28.39 -33.19 -28.62
N ALA K 346 -28.72 -33.98 -29.64
CA ALA K 346 -29.79 -34.99 -29.57
C ALA K 346 -29.12 -36.36 -29.68
N HIS K 347 -28.74 -36.92 -28.54
CA HIS K 347 -28.02 -38.19 -28.49
C HIS K 347 -28.57 -39.05 -27.36
N GLU K 348 -28.43 -40.36 -27.52
CA GLU K 348 -28.90 -41.30 -26.52
C GLU K 348 -27.86 -41.44 -25.41
N ALA K 349 -28.07 -42.43 -24.53
CA ALA K 349 -27.21 -42.68 -23.36
C ALA K 349 -27.07 -41.44 -22.49
N LEU K 350 -28.18 -40.73 -22.30
CA LEU K 350 -28.22 -39.48 -21.57
C LEU K 350 -29.33 -39.51 -20.54
N PRO K 351 -29.14 -38.89 -19.37
CA PRO K 351 -30.25 -38.82 -18.39
C PRO K 351 -31.47 -38.09 -18.92
N ASN K 352 -31.29 -36.86 -19.41
CA ASN K 352 -32.36 -36.11 -20.03
C ASN K 352 -32.33 -36.30 -21.55
N ARG K 353 -33.37 -35.80 -22.22
CA ARG K 353 -33.46 -35.95 -23.66
C ARG K 353 -32.41 -35.12 -24.38
N VAL K 354 -32.29 -33.83 -24.01
CA VAL K 354 -31.33 -32.93 -24.62
C VAL K 354 -30.67 -32.09 -23.53
N THR K 355 -29.47 -31.61 -23.81
CA THR K 355 -28.73 -30.72 -22.93
C THR K 355 -28.48 -29.40 -23.66
N GLU K 356 -28.83 -28.30 -23.01
CA GLU K 356 -28.68 -26.97 -23.59
C GLU K 356 -27.38 -26.35 -23.09
N ARG K 357 -26.49 -26.00 -24.02
CA ARG K 357 -25.22 -25.37 -23.71
C ARG K 357 -25.09 -24.10 -24.51
N THR K 358 -24.60 -23.04 -23.87
CA THR K 358 -24.49 -21.73 -24.50
C THR K 358 -23.18 -21.06 -24.09
N VAL K 359 -22.72 -20.16 -24.94
CA VAL K 359 -21.55 -19.33 -24.65
C VAL K 359 -21.78 -17.96 -25.28
N ASP K 360 -21.27 -16.93 -24.60
CA ASP K 360 -21.40 -15.54 -25.06
C ASP K 360 -20.05 -14.85 -24.91
N LYS K 361 -19.98 -13.61 -25.39
CA LYS K 361 -18.79 -12.81 -25.17
C LYS K 361 -18.60 -12.51 -23.69
N SER K 362 -19.69 -12.23 -22.98
CA SER K 362 -19.61 -12.02 -21.53
C SER K 362 -19.19 -13.30 -20.82
N THR K 363 -19.76 -14.43 -21.20
CA THR K 363 -19.36 -15.72 -20.65
C THR K 363 -18.29 -16.39 -21.50
N GLY K 364 -17.24 -15.63 -21.81
CA GLY K 364 -16.13 -16.14 -22.60
C GLY K 364 -14.85 -16.10 -21.81
N LYS K 365 -13.77 -15.63 -22.42
CA LYS K 365 -12.52 -15.44 -21.70
C LYS K 365 -12.50 -14.06 -21.07
N PRO K 366 -12.57 -13.95 -19.74
CA PRO K 366 -12.60 -12.63 -19.10
C PRO K 366 -11.20 -12.10 -18.80
N THR K 367 -10.96 -10.85 -19.14
CA THR K 367 -9.64 -10.23 -18.97
C THR K 367 -9.49 -9.55 -17.62
N LEU K 368 -10.55 -8.94 -17.09
CA LEU K 368 -10.48 -8.14 -15.88
C LEU K 368 -11.23 -8.84 -14.75
N TYR K 369 -10.77 -8.60 -13.52
CA TYR K 369 -11.35 -9.24 -12.34
C TYR K 369 -11.22 -8.24 -11.19
N ASN K 370 -12.29 -7.52 -10.85
CA ASN K 370 -12.28 -6.74 -9.62
C ASN K 370 -13.09 -7.49 -8.57
N VAL K 371 -12.42 -8.35 -7.80
CA VAL K 371 -13.08 -8.95 -6.66
C VAL K 371 -13.29 -7.85 -5.60
N SER K 372 -14.44 -7.89 -4.94
CA SER K 372 -14.81 -6.87 -3.97
C SER K 372 -15.16 -7.57 -2.66
N LEU K 373 -14.13 -7.79 -1.83
CA LEU K 373 -14.29 -8.47 -0.55
C LEU K 373 -14.22 -7.41 0.54
N VAL K 374 -15.34 -7.19 1.22
CA VAL K 374 -15.46 -6.14 2.23
C VAL K 374 -15.29 -6.78 3.60
N MET K 375 -14.22 -6.42 4.30
CA MET K 375 -13.94 -6.92 5.64
C MET K 375 -14.66 -6.02 6.64
N SER K 376 -15.94 -6.30 6.84
CA SER K 376 -16.79 -5.53 7.74
C SER K 376 -17.28 -6.42 8.87
N ASP K 377 -17.37 -5.85 10.07
CA ASP K 377 -17.85 -6.61 11.22
C ASP K 377 -19.33 -6.96 11.07
N THR K 378 -20.08 -6.16 10.33
CA THR K 378 -21.49 -6.46 10.08
C THR K 378 -21.61 -7.71 9.21
N ALA K 379 -22.46 -8.64 9.64
CA ALA K 379 -22.62 -9.92 8.94
C ALA K 379 -24.08 -10.31 8.95
N GLY K 380 -24.44 -11.21 8.03
CA GLY K 380 -25.80 -11.68 7.92
C GLY K 380 -26.79 -10.69 7.38
N THR K 381 -26.35 -9.73 6.57
CA THR K 381 -27.22 -8.69 6.03
C THR K 381 -27.52 -8.86 4.55
N CYS K 382 -26.53 -9.21 3.73
CA CYS K 382 -26.74 -9.37 2.29
C CYS K 382 -27.54 -10.63 1.99
N GLU L 3 -25.19 -2.46 -18.55
CA GLU L 3 -25.90 -3.73 -18.57
C GLU L 3 -25.11 -4.81 -17.86
N ARG L 4 -25.38 -4.99 -16.57
CA ARG L 4 -24.69 -5.98 -15.75
C ARG L 4 -25.58 -7.21 -15.61
N ILE L 5 -25.04 -8.37 -15.98
CA ILE L 5 -25.76 -9.63 -15.89
C ILE L 5 -25.21 -10.44 -14.72
N VAL L 6 -26.11 -11.07 -13.97
CA VAL L 6 -25.75 -11.85 -12.80
C VAL L 6 -25.72 -13.31 -13.20
N LEU L 7 -24.51 -13.89 -13.27
CA LEU L 7 -24.37 -15.30 -13.60
C LEU L 7 -24.99 -16.18 -12.54
N VAL L 8 -24.45 -16.16 -11.33
CA VAL L 8 -24.96 -16.92 -10.19
C VAL L 8 -24.92 -16.04 -8.96
N ASP L 9 -25.66 -16.46 -7.93
CA ASP L 9 -25.69 -15.73 -6.67
C ASP L 9 -26.10 -16.71 -5.56
N ASN L 10 -25.13 -17.10 -4.73
CA ASN L 10 -25.41 -17.95 -3.58
C ASN L 10 -25.76 -17.05 -2.41
N LYS L 11 -27.01 -17.19 -1.91
CA LYS L 11 -27.53 -16.24 -0.94
C LYS L 11 -26.82 -16.34 0.40
N CYS L 12 -26.61 -17.56 0.90
CA CYS L 12 -26.00 -17.73 2.21
C CYS L 12 -24.47 -17.71 2.16
N LYS L 13 -23.88 -17.64 0.97
CA LYS L 13 -22.45 -17.39 0.84
C LYS L 13 -22.12 -15.97 0.43
N CYS L 14 -23.07 -15.26 -0.18
CA CYS L 14 -22.93 -13.86 -0.57
C CYS L 14 -21.75 -13.68 -1.52
N ALA L 15 -21.81 -14.36 -2.66
CA ALA L 15 -20.75 -14.30 -3.66
C ALA L 15 -21.03 -13.26 -4.73
N ARG L 16 -22.20 -13.32 -5.37
CA ARG L 16 -22.66 -12.34 -6.35
C ARG L 16 -21.68 -12.25 -7.52
N ILE L 17 -21.62 -13.34 -8.27
CA ILE L 17 -20.80 -13.39 -9.48
C ILE L 17 -21.58 -12.74 -10.62
N THR L 18 -21.03 -11.67 -11.17
CA THR L 18 -21.65 -10.91 -12.24
C THR L 18 -20.66 -10.74 -13.39
N SER L 19 -21.14 -10.16 -14.49
CA SER L 19 -20.30 -9.90 -15.65
C SER L 19 -20.88 -8.76 -16.45
N ARG L 20 -20.01 -8.07 -17.18
CA ARG L 20 -20.43 -7.01 -18.10
C ARG L 20 -19.36 -6.84 -19.16
N ILE L 21 -19.79 -6.52 -20.37
CA ILE L 21 -18.88 -6.27 -21.49
C ILE L 21 -18.77 -4.75 -21.64
N ILE L 22 -17.62 -4.21 -21.22
CA ILE L 22 -17.37 -2.78 -21.39
C ILE L 22 -17.14 -2.50 -22.88
N ARG L 23 -17.63 -1.36 -23.35
CA ARG L 23 -17.60 -1.01 -24.75
C ARG L 23 -16.71 0.21 -24.97
N SER L 24 -15.66 0.03 -25.77
CA SER L 24 -14.80 1.12 -26.21
C SER L 24 -15.31 1.66 -27.54
N SER L 25 -14.50 2.47 -28.22
CA SER L 25 -14.85 2.94 -29.54
C SER L 25 -14.91 1.78 -30.53
N GLU L 26 -15.75 1.93 -31.55
CA GLU L 26 -15.98 0.85 -32.51
C GLU L 26 -14.71 0.60 -33.32
N ASP L 27 -14.24 -0.64 -33.29
CA ASP L 27 -12.98 -1.05 -33.90
C ASP L 27 -12.92 -2.58 -33.91
N PRO L 28 -11.88 -3.20 -34.46
CA PRO L 28 -11.67 -4.63 -34.21
C PRO L 28 -11.64 -4.91 -32.71
N ASN L 29 -12.20 -6.06 -32.32
CA ASN L 29 -12.58 -6.34 -30.94
C ASN L 29 -11.43 -6.22 -29.95
N GLU L 30 -11.51 -5.21 -29.09
CA GLU L 30 -10.59 -5.04 -27.97
C GLU L 30 -11.33 -4.86 -26.66
N ASP L 31 -12.63 -5.18 -26.62
CA ASP L 31 -13.43 -5.00 -25.41
C ASP L 31 -12.93 -5.93 -24.31
N ILE L 32 -12.93 -5.42 -23.08
CA ILE L 32 -12.42 -6.14 -21.93
C ILE L 32 -13.58 -6.86 -21.27
N VAL L 33 -13.55 -8.19 -21.30
CA VAL L 33 -14.54 -9.00 -20.60
C VAL L 33 -14.13 -9.12 -19.15
N GLU L 34 -15.07 -8.89 -18.24
CA GLU L 34 -14.79 -8.89 -16.82
C GLU L 34 -15.83 -9.72 -16.07
N ARG L 35 -15.36 -10.41 -15.04
CA ARG L 35 -16.25 -11.13 -14.12
C ARG L 35 -16.13 -10.44 -12.76
N ASN L 36 -17.24 -9.89 -12.29
CA ASN L 36 -17.24 -9.01 -11.12
C ASN L 36 -17.96 -9.72 -9.98
N ILE L 37 -17.24 -9.94 -8.88
CA ILE L 37 -17.81 -10.59 -7.71
C ILE L 37 -17.75 -9.63 -6.52
N ARG L 38 -18.64 -9.86 -5.56
CA ARG L 38 -18.72 -9.04 -4.34
C ARG L 38 -19.00 -9.98 -3.18
N ILE L 39 -17.94 -10.36 -2.46
CA ILE L 39 -18.03 -11.32 -1.36
C ILE L 39 -17.98 -10.57 -0.04
N ILE L 40 -18.95 -10.82 0.83
CA ILE L 40 -19.00 -10.21 2.15
C ILE L 40 -18.56 -11.24 3.18
N VAL L 41 -17.34 -11.09 3.69
CA VAL L 41 -16.83 -11.97 4.74
C VAL L 41 -17.48 -11.58 6.06
N PRO L 42 -17.88 -12.56 6.88
CA PRO L 42 -18.58 -12.21 8.12
C PRO L 42 -17.67 -11.63 9.20
N LEU L 43 -16.47 -12.20 9.37
CA LEU L 43 -15.47 -11.87 10.38
C LEU L 43 -15.90 -12.24 11.80
N ASN L 44 -17.12 -12.76 11.99
CA ASN L 44 -17.55 -13.16 13.32
C ASN L 44 -18.39 -14.44 13.35
N ASN L 45 -18.56 -15.13 12.22
CA ASN L 45 -19.41 -16.30 12.19
C ASN L 45 -18.61 -17.58 12.49
N ARG L 46 -19.33 -18.66 12.73
CA ARG L 46 -18.77 -19.91 13.21
C ARG L 46 -18.88 -20.98 12.12
N GLU L 47 -18.39 -22.19 12.43
CA GLU L 47 -18.53 -23.29 11.49
C GLU L 47 -20.00 -23.63 11.24
N ASN L 48 -20.80 -23.69 12.30
CA ASN L 48 -22.24 -23.55 12.20
C ASN L 48 -22.62 -22.14 12.62
N ILE L 49 -23.29 -21.40 11.71
CA ILE L 49 -23.87 -20.12 12.10
C ILE L 49 -25.09 -20.29 12.98
N SER L 50 -25.60 -21.52 13.10
CA SER L 50 -26.76 -21.81 13.93
C SER L 50 -26.38 -22.34 15.30
N ASP L 51 -25.32 -23.16 15.39
CA ASP L 51 -24.94 -23.77 16.66
C ASP L 51 -23.86 -22.91 17.33
N PRO L 52 -24.14 -22.27 18.47
CA PRO L 52 -23.13 -21.40 19.09
C PRO L 52 -21.91 -22.13 19.63
N THR L 53 -21.99 -23.44 19.84
CA THR L 53 -20.92 -24.16 20.53
C THR L 53 -19.63 -24.19 19.72
N SER L 54 -19.73 -24.25 18.39
CA SER L 54 -18.55 -24.31 17.56
C SER L 54 -17.74 -23.01 17.68
N PRO L 55 -16.42 -23.10 17.71
CA PRO L 55 -15.60 -21.88 17.87
C PRO L 55 -15.56 -21.01 16.64
N LEU L 56 -14.82 -19.90 16.70
CA LEU L 56 -14.66 -19.03 15.55
C LEU L 56 -13.92 -19.75 14.44
N ARG L 57 -14.41 -19.59 13.21
CA ARG L 57 -13.78 -20.21 12.05
C ARG L 57 -12.83 -19.21 11.40
N THR L 58 -11.58 -19.62 11.21
CA THR L 58 -10.60 -18.79 10.54
C THR L 58 -10.59 -19.03 9.04
N ARG L 59 -10.80 -20.29 8.63
CA ARG L 59 -10.69 -20.64 7.22
C ARG L 59 -11.86 -20.03 6.47
N PHE L 60 -11.57 -19.42 5.32
CA PHE L 60 -12.61 -18.87 4.45
C PHE L 60 -12.44 -19.47 3.06
N VAL L 61 -13.28 -20.44 2.73
CA VAL L 61 -13.19 -21.21 1.50
C VAL L 61 -14.23 -20.69 0.52
N TYR L 62 -13.78 -20.36 -0.70
CA TYR L 62 -14.67 -19.87 -1.75
C TYR L 62 -14.29 -20.57 -3.06
N HIS L 63 -14.97 -21.68 -3.34
CA HIS L 63 -14.86 -22.34 -4.64
C HIS L 63 -15.90 -21.74 -5.57
N LEU L 64 -15.44 -21.07 -6.63
CA LEU L 64 -16.37 -20.42 -7.56
C LEU L 64 -17.23 -21.43 -8.29
N SER L 65 -16.62 -22.51 -8.80
CA SER L 65 -17.36 -23.49 -9.57
C SER L 65 -18.35 -24.26 -8.69
N ASP L 66 -18.03 -24.45 -7.41
CA ASP L 66 -18.93 -25.17 -6.52
C ASP L 66 -20.21 -24.40 -6.26
N LEU L 67 -20.12 -23.06 -6.21
CA LEU L 67 -21.32 -22.25 -6.01
C LEU L 67 -21.98 -21.84 -7.31
N CYS L 68 -21.28 -21.95 -8.45
CA CYS L 68 -21.92 -21.68 -9.73
C CYS L 68 -22.93 -22.75 -10.10
N LYS L 69 -22.63 -24.02 -9.78
CA LYS L 69 -23.53 -25.11 -10.10
C LYS L 69 -24.73 -25.12 -9.17
N GLU L 98 -23.36 -29.47 3.23
CA GLU L 98 -22.76 -28.20 2.86
C GLU L 98 -22.92 -27.17 3.96
N THR L 99 -21.91 -26.30 4.11
CA THR L 99 -21.93 -25.23 5.08
C THR L 99 -21.58 -23.91 4.40
N CYS L 100 -22.06 -22.81 4.96
CA CYS L 100 -21.76 -21.48 4.45
C CYS L 100 -21.63 -20.51 5.62
N TYR L 101 -21.29 -19.27 5.29
CA TYR L 101 -20.84 -18.29 6.28
C TYR L 101 -21.87 -17.21 6.59
N THR L 102 -22.60 -16.72 5.59
CA THR L 102 -23.48 -15.58 5.78
C THR L 102 -24.90 -16.02 6.07
N TYR L 103 -25.54 -15.35 7.04
CA TYR L 103 -26.92 -15.63 7.36
C TYR L 103 -27.86 -15.16 6.25
N ASP L 104 -29.04 -15.75 6.21
CA ASP L 104 -30.07 -15.38 5.25
C ASP L 104 -31.18 -14.57 5.92
N ARG L 105 -31.80 -13.70 5.13
CA ARG L 105 -32.91 -12.88 5.61
C ARG L 105 -34.27 -13.53 5.39
N ASN L 106 -34.36 -14.53 4.52
CA ASN L 106 -35.63 -15.15 4.19
C ASN L 106 -35.90 -16.41 5.03
N LYS L 107 -35.02 -17.40 4.94
CA LYS L 107 -35.22 -18.63 5.68
C LYS L 107 -34.78 -18.47 7.13
N CYS L 108 -35.32 -19.34 7.98
CA CYS L 108 -35.07 -19.28 9.41
C CYS L 108 -33.91 -20.17 9.81
N TYR L 109 -33.12 -19.69 10.77
CA TYR L 109 -32.05 -20.48 11.39
C TYR L 109 -32.45 -20.72 12.84
N THR L 110 -32.92 -21.92 13.14
CA THR L 110 -33.39 -22.27 14.48
C THR L 110 -32.52 -23.38 15.05
N ALA L 111 -31.99 -23.15 16.24
CA ALA L 111 -31.21 -24.14 16.97
C ALA L 111 -31.88 -24.43 18.31
N VAL L 112 -31.77 -25.67 18.74
CA VAL L 112 -32.39 -26.11 19.98
C VAL L 112 -31.52 -25.64 21.15
N VAL L 113 -32.16 -25.09 22.18
CA VAL L 113 -31.44 -24.49 23.30
C VAL L 113 -32.09 -24.89 24.62
N PRO L 114 -31.31 -25.20 25.66
CA PRO L 114 -31.92 -25.54 26.95
C PRO L 114 -32.20 -24.32 27.82
N LEU L 115 -33.39 -24.27 28.40
CA LEU L 115 -33.77 -23.23 29.36
C LEU L 115 -34.28 -23.90 30.63
N VAL L 116 -33.75 -23.49 31.77
CA VAL L 116 -34.03 -24.14 33.06
C VAL L 116 -34.63 -23.11 34.00
N TYR L 117 -35.74 -23.48 34.64
CA TYR L 117 -36.35 -22.66 35.68
C TYR L 117 -35.97 -23.14 37.08
N GLY L 118 -36.21 -24.41 37.38
CA GLY L 118 -35.89 -24.96 38.68
C GLY L 118 -35.17 -26.29 38.60
N GLY L 119 -35.70 -27.30 39.29
CA GLY L 119 -35.10 -28.62 39.23
C GLY L 119 -35.20 -29.26 37.86
N GLU L 120 -36.34 -29.11 37.20
CA GLU L 120 -36.56 -29.68 35.89
C GLU L 120 -36.17 -28.68 34.80
N THR L 121 -36.04 -29.18 33.58
CA THR L 121 -35.69 -28.36 32.43
C THR L 121 -36.67 -28.61 31.29
N LYS L 122 -36.87 -27.59 30.46
CA LYS L 122 -37.73 -27.69 29.29
C LYS L 122 -36.91 -27.33 28.06
N MET L 123 -37.09 -28.10 26.99
CA MET L 123 -36.31 -27.94 25.78
C MET L 123 -37.04 -26.97 24.86
N VAL L 124 -36.39 -25.85 24.52
CA VAL L 124 -37.07 -24.74 23.85
C VAL L 124 -36.27 -24.34 22.61
N GLU L 125 -36.97 -23.75 21.65
CA GLU L 125 -36.36 -23.23 20.44
C GLU L 125 -35.87 -21.80 20.65
N THR L 126 -35.12 -21.29 19.68
CA THR L 126 -34.61 -19.93 19.72
C THR L 126 -34.34 -19.44 18.30
N ALA L 127 -34.14 -18.13 18.18
CA ALA L 127 -33.78 -17.49 16.92
C ALA L 127 -32.37 -16.93 17.05
N LEU L 128 -31.48 -17.35 16.15
CA LEU L 128 -30.09 -16.91 16.21
C LEU L 128 -29.96 -15.44 15.85
N THR L 129 -30.71 -14.98 14.86
CA THR L 129 -30.65 -13.59 14.44
C THR L 129 -32.03 -12.94 14.51
N PRO L 130 -32.10 -11.66 14.87
CA PRO L 130 -33.40 -10.99 14.94
C PRO L 130 -33.79 -10.33 13.62
N ASP L 131 -35.09 -10.05 13.52
CA ASP L 131 -35.71 -9.31 12.42
C ASP L 131 -35.60 -10.04 11.08
N ALA L 132 -35.13 -11.30 11.08
CA ALA L 132 -34.94 -12.02 9.83
C ALA L 132 -36.25 -12.62 9.33
N CYS L 133 -36.83 -13.54 10.10
CA CYS L 133 -38.05 -14.24 9.70
C CYS L 133 -39.03 -14.30 10.88
N TYR L 134 -39.24 -13.16 11.52
CA TYR L 134 -40.20 -13.08 12.60
C TYR L 134 -41.61 -13.35 12.08
N PRO L 135 -42.47 -13.97 12.90
CA PRO L 135 -43.84 -14.27 12.44
C PRO L 135 -44.61 -13.00 12.12
N ASP L 136 -45.44 -13.10 11.08
CA ASP L 136 -46.24 -11.96 10.63
C ASP L 136 -47.73 -12.27 10.69
#